data_3FZ6
#
_entry.id   3FZ6
#
_cell.length_a   116.729
_cell.length_b   116.729
_cell.length_c   208.423
_cell.angle_alpha   90.000
_cell.angle_beta   90.000
_cell.angle_gamma   120.000
#
_symmetry.space_group_name_H-M   'P 32'
#
loop_
_entity.id
_entity.type
_entity.pdbx_description
1 polymer 'Glutamate decarboxylase beta'
2 non-polymer "4'-DEOXY-4'-AMINOPYRIDOXAL-5'-PHOSPHATE"
3 non-polymer XENON
4 water water
#
_entity_poly.entity_id   1
_entity_poly.type   'polypeptide(L)'
_entity_poly.pdbx_seq_one_letter_code
;MDKKQVTDLRSELLDSRFGAKSISTIAESKRFPLHEMRDDVAFQIINDELYLDGNARQNLATFCQTWDDENVHKLMDLSI
NKNWIDKEEYPQSAAIDLRCVNMVADLWHAPAPKNGQAVGTNTIGSSEACMLGGMAMKWRWRKRMEAAGKPTDKPNLVCG
PVQICWHKFARYWDVELREIPMRPGQLFMDPKRMIEACDENTIGVVPTFGVTYTGNYEFPQPLHDALDKFQADTGIDIDM
HIDAASGGFLAPFVAPDIVWDFRLPRVKSISASGHKFGLAPLGCGWVIWRDEEALPQELVFNVDYLGGQIGTFAINFSRP
AGQVIAQYYEFLRLGREGYTKVQNASYQVAAYLADEIAKLGPYEFICTGRPDEGIPAVCFKLKDGEDPGYTLYDLSERLR
LRGWQVPAFTLGGEATDIVVMRIMCRRGFEMDFAELLLEDYKASLKYLSDHPKLQGIAQQNSFKHT
;
_entity_poly.pdbx_strand_id   A,B,C,D,E,F
#
loop_
_chem_comp.id
_chem_comp.type
_chem_comp.name
_chem_comp.formula
PMP non-polymer 4'-DEOXY-4'-AMINOPYRIDOXAL-5'-PHOSPHATE 'C8 H13 N2 O5 P'
XE non-polymer XENON Xe
#
# COMPACT_ATOMS: atom_id res chain seq x y z
N GLU A 12 -15.63 32.53 -8.38
CA GLU A 12 -15.37 33.41 -7.19
C GLU A 12 -15.51 32.61 -5.91
N LEU A 13 -16.43 31.65 -5.89
CA LEU A 13 -16.44 30.64 -4.83
C LEU A 13 -15.20 29.77 -4.93
N LEU A 14 -14.62 29.49 -3.77
CA LEU A 14 -13.40 28.75 -3.67
C LEU A 14 -13.61 27.47 -2.88
N ASP A 15 -12.77 26.46 -3.13
CA ASP A 15 -12.75 25.27 -2.30
C ASP A 15 -11.53 25.33 -1.37
N SER A 16 -11.71 25.07 -0.07
CA SER A 16 -10.58 25.19 0.86
C SER A 16 -9.68 23.99 0.73
N ARG A 17 -10.21 22.88 0.22
CA ARG A 17 -9.43 21.65 0.00
C ARG A 17 -8.40 21.85 -1.09
N PHE A 18 -8.79 22.45 -2.22
CA PHE A 18 -7.93 22.51 -3.40
C PHE A 18 -7.39 23.89 -3.67
N GLY A 19 -7.78 24.85 -2.83
CA GLY A 19 -7.39 26.25 -2.98
C GLY A 19 -7.60 26.69 -4.42
N ALA A 20 -8.75 26.34 -4.99
CA ALA A 20 -9.08 26.62 -6.38
C ALA A 20 -10.58 26.91 -6.50
N LYS A 21 -10.99 27.37 -7.70
CA LYS A 21 -12.39 27.64 -8.00
C LYS A 21 -13.27 26.43 -7.66
N SER A 22 -14.30 26.69 -6.86
CA SER A 22 -15.14 25.63 -6.34
C SER A 22 -15.90 24.85 -7.41
N ILE A 23 -15.79 23.53 -7.39
CA ILE A 23 -16.82 22.69 -8.02
C ILE A 23 -17.88 22.11 -7.03
N SER A 24 -19.15 22.48 -7.23
CA SER A 24 -20.26 21.86 -6.48
C SER A 24 -20.87 20.63 -7.23
N THR A 25 -21.04 19.51 -6.54
CA THR A 25 -21.70 18.33 -7.13
C THR A 25 -23.20 18.52 -7.14
N ILE A 26 -23.67 19.28 -6.17
CA ILE A 26 -25.08 19.65 -6.07
C ILE A 26 -25.55 20.57 -7.21
N ALA A 27 -24.69 21.45 -7.72
CA ALA A 27 -24.94 22.10 -9.03
C ALA A 27 -24.33 21.26 -10.16
N GLU A 28 -25.16 20.94 -11.16
CA GLU A 28 -24.86 19.85 -12.14
C GLU A 28 -25.04 18.50 -11.44
N SER A 29 -26.12 18.42 -10.67
CA SER A 29 -26.70 17.15 -10.27
C SER A 29 -27.97 17.04 -11.08
N LYS A 30 -28.21 18.10 -11.85
CA LYS A 30 -29.43 18.24 -12.63
C LYS A 30 -29.25 17.78 -14.07
N ARG A 31 -28.15 18.21 -14.69
CA ARG A 31 -27.79 17.77 -16.04
C ARG A 31 -26.40 17.13 -16.12
N PHE A 32 -26.18 16.36 -17.19
CA PHE A 32 -24.89 15.73 -17.42
C PHE A 32 -23.91 16.85 -17.50
N PRO A 33 -22.76 16.70 -16.85
CA PRO A 33 -21.73 17.76 -16.77
C PRO A 33 -21.09 18.11 -18.11
N LEU A 34 -20.79 19.38 -18.34
CA LEU A 34 -20.20 19.76 -19.62
C LEU A 34 -18.73 19.47 -19.67
N HIS A 35 -18.00 19.75 -18.59
CA HIS A 35 -16.51 19.81 -18.61
C HIS A 35 -15.78 18.67 -17.90
N GLU A 36 -14.56 18.43 -18.38
CA GLU A 36 -13.58 17.64 -17.65
C GLU A 36 -13.20 18.34 -16.35
N MET A 37 -12.78 17.53 -15.41
CA MET A 37 -12.21 17.98 -14.18
C MET A 37 -10.92 17.13 -14.05
N ARG A 38 -10.00 17.44 -13.14
CA ARG A 38 -8.85 16.53 -12.91
C ARG A 38 -9.30 15.24 -12.22
N ASP A 39 -8.81 14.07 -12.67
CA ASP A 39 -9.26 12.79 -12.09
C ASP A 39 -9.11 12.81 -10.56
N ASP A 40 -7.98 13.32 -10.06
CA ASP A 40 -7.70 13.18 -8.64
C ASP A 40 -8.62 14.08 -7.83
N VAL A 41 -9.03 15.19 -8.43
CA VAL A 41 -9.96 16.11 -7.80
C VAL A 41 -11.36 15.45 -7.76
N ALA A 42 -11.79 14.92 -8.90
CA ALA A 42 -13.05 14.22 -8.91
C ALA A 42 -13.07 13.19 -7.81
N PHE A 43 -11.99 12.40 -7.73
CA PHE A 43 -11.93 11.33 -6.77
C PHE A 43 -12.02 11.87 -5.35
N GLN A 44 -11.28 12.93 -5.06
CA GLN A 44 -11.35 13.48 -3.73
C GLN A 44 -12.72 14.01 -3.39
N ILE A 45 -13.36 14.71 -4.32
CA ILE A 45 -14.70 15.21 -4.07
C ILE A 45 -15.61 14.05 -3.65
N ILE A 46 -15.56 12.94 -4.39
CA ILE A 46 -16.50 11.85 -4.12
C ILE A 46 -16.19 11.21 -2.77
N ASN A 47 -14.90 10.95 -2.57
CA ASN A 47 -14.42 10.28 -1.41
C ASN A 47 -14.88 11.07 -0.20
N ASP A 48 -14.71 12.38 -0.27
CA ASP A 48 -15.17 13.24 0.80
C ASP A 48 -16.65 13.08 1.11
N GLU A 49 -17.52 12.99 0.10
CA GLU A 49 -18.96 12.87 0.35
C GLU A 49 -19.29 11.53 1.03
N LEU A 50 -18.47 10.52 0.75
CA LEU A 50 -18.80 9.20 1.22
C LEU A 50 -18.66 9.08 2.71
N TYR A 51 -17.94 10.05 3.29
CA TYR A 51 -17.68 10.02 4.72
C TYR A 51 -18.98 10.19 5.44
N LEU A 52 -19.98 10.75 4.72
CA LEU A 52 -21.36 10.91 5.25
C LEU A 52 -22.15 9.62 5.34
N ASP A 53 -21.69 8.54 4.71
CA ASP A 53 -22.32 7.23 4.86
C ASP A 53 -21.96 6.65 6.22
N GLY A 54 -22.88 5.95 6.85
CA GLY A 54 -22.53 5.18 8.06
C GLY A 54 -21.49 4.10 7.75
N ASN A 55 -20.88 3.54 8.77
CA ASN A 55 -20.05 2.36 8.60
C ASN A 55 -20.76 1.07 9.04
N ALA A 56 -22.03 1.14 9.42
CA ALA A 56 -22.81 -0.07 9.73
C ALA A 56 -22.41 -0.89 10.95
N ARG A 57 -21.35 -0.55 11.64
CA ARG A 57 -20.93 -1.37 12.78
C ARG A 57 -21.91 -1.31 13.94
N GLN A 58 -22.64 -0.21 14.06
CA GLN A 58 -23.64 -0.01 15.07
C GLN A 58 -25.03 -0.19 14.44
N ASN A 59 -25.11 -0.62 13.19
CA ASN A 59 -26.42 -0.81 12.57
C ASN A 59 -26.86 -2.20 12.95
N LEU A 60 -27.96 -2.35 13.69
CA LEU A 60 -28.37 -3.68 14.08
C LEU A 60 -29.70 -4.07 13.42
N ALA A 61 -30.01 -3.36 12.35
CA ALA A 61 -31.20 -3.60 11.58
C ALA A 61 -30.89 -4.54 10.45
N THR A 62 -29.63 -4.60 9.99
CA THR A 62 -29.29 -5.31 8.74
C THR A 62 -28.74 -6.74 8.86
N PHE A 63 -28.79 -7.45 7.74
CA PHE A 63 -28.52 -8.87 7.68
C PHE A 63 -27.19 -9.11 6.97
N CYS A 64 -26.77 -8.19 6.11
CA CYS A 64 -25.63 -8.38 5.22
C CYS A 64 -24.33 -8.12 5.93
N GLN A 65 -23.25 -8.70 5.42
CA GLN A 65 -21.95 -8.62 6.04
C GLN A 65 -21.47 -7.21 6.01
N THR A 66 -20.99 -6.76 7.16
CA THR A 66 -20.46 -5.41 7.32
C THR A 66 -19.07 -5.43 7.96
N TRP A 67 -18.53 -6.62 8.23
CA TRP A 67 -17.18 -6.73 8.76
C TRP A 67 -16.20 -6.81 7.61
N ASP A 68 -15.02 -6.23 7.79
CA ASP A 68 -13.91 -6.24 6.81
C ASP A 68 -12.76 -7.16 7.21
N ASP A 69 -12.28 -7.95 6.24
CA ASP A 69 -11.13 -8.85 6.39
C ASP A 69 -10.23 -8.46 5.25
N GLU A 70 -8.95 -8.30 5.54
CA GLU A 70 -7.97 -7.92 4.51
C GLU A 70 -7.95 -8.84 3.27
N ASN A 71 -8.04 -10.15 3.46
CA ASN A 71 -7.96 -11.05 2.30
C ASN A 71 -9.13 -10.87 1.39
N VAL A 72 -10.29 -10.60 1.98
CA VAL A 72 -11.48 -10.43 1.18
C VAL A 72 -11.36 -9.18 0.33
N HIS A 73 -10.88 -8.10 0.91
CA HIS A 73 -10.54 -6.88 0.16
C HIS A 73 -9.58 -7.14 -1.01
N LYS A 74 -8.52 -7.92 -0.80
CA LYS A 74 -7.60 -8.19 -1.90
C LYS A 74 -8.28 -9.00 -3.01
N LEU A 75 -9.00 -10.07 -2.64
CA LEU A 75 -9.66 -10.91 -3.64
C LEU A 75 -10.62 -10.08 -4.46
N MET A 76 -11.51 -9.36 -3.80
CA MET A 76 -12.48 -8.55 -4.50
C MET A 76 -11.77 -7.59 -5.41
N ASP A 77 -10.61 -7.10 -5.01
CA ASP A 77 -9.94 -6.06 -5.77
C ASP A 77 -9.30 -6.71 -6.98
N LEU A 78 -8.89 -7.97 -6.83
CA LEU A 78 -8.34 -8.73 -7.96
C LEU A 78 -9.36 -9.02 -9.01
N SER A 79 -10.63 -8.91 -8.61
CA SER A 79 -11.72 -9.48 -9.38
C SER A 79 -12.63 -8.44 -9.99
N ILE A 80 -12.22 -7.19 -9.89
CA ILE A 80 -13.03 -6.06 -10.35
C ILE A 80 -13.46 -6.20 -11.80
N ASN A 81 -12.62 -6.79 -12.64
CA ASN A 81 -12.92 -6.95 -14.08
C ASN A 81 -13.32 -8.38 -14.47
N LYS A 82 -13.41 -9.28 -13.47
CA LYS A 82 -13.61 -10.68 -13.74
C LYS A 82 -15.10 -10.96 -14.01
N ASN A 83 -15.42 -11.27 -15.27
CA ASN A 83 -16.81 -11.49 -15.71
C ASN A 83 -17.38 -12.94 -15.55
N TRP A 84 -18.33 -13.09 -14.63
CA TRP A 84 -18.83 -14.38 -14.26
C TRP A 84 -19.41 -15.17 -15.44
N ILE A 85 -19.96 -14.43 -16.40
CA ILE A 85 -20.63 -15.02 -17.56
C ILE A 85 -19.59 -15.48 -18.60
N ASP A 86 -18.42 -14.84 -18.58
CA ASP A 86 -17.41 -15.09 -19.60
C ASP A 86 -16.49 -16.25 -19.19
N LYS A 87 -17.08 -17.44 -19.27
CA LYS A 87 -16.43 -18.73 -19.03
C LYS A 87 -15.15 -19.01 -19.83
N GLU A 88 -15.03 -18.44 -21.01
CA GLU A 88 -13.87 -18.57 -21.89
C GLU A 88 -12.63 -17.80 -21.39
N GLU A 89 -12.82 -16.51 -21.06
CA GLU A 89 -11.71 -15.64 -20.64
C GLU A 89 -11.24 -15.85 -19.21
N TYR A 90 -12.17 -16.25 -18.34
CA TYR A 90 -11.92 -16.50 -16.92
C TYR A 90 -12.37 -17.91 -16.55
N PRO A 91 -11.69 -18.93 -17.12
CA PRO A 91 -12.02 -20.31 -16.90
C PRO A 91 -11.88 -20.75 -15.41
N GLN A 92 -11.02 -20.07 -14.65
CA GLN A 92 -10.72 -20.50 -13.29
C GLN A 92 -11.78 -19.97 -12.34
N SER A 93 -12.22 -18.74 -12.58
CA SER A 93 -13.38 -18.20 -11.88
C SER A 93 -14.61 -19.09 -12.12
N ALA A 94 -14.82 -19.55 -13.36
CA ALA A 94 -15.86 -20.54 -13.70
C ALA A 94 -15.75 -21.85 -12.90
N ALA A 95 -14.52 -22.37 -12.80
CA ALA A 95 -14.25 -23.57 -12.06
C ALA A 95 -14.62 -23.38 -10.59
N ILE A 96 -14.16 -22.28 -9.99
CA ILE A 96 -14.46 -21.98 -8.59
C ILE A 96 -15.98 -21.84 -8.35
N ASP A 97 -16.68 -21.13 -9.24
CA ASP A 97 -18.14 -20.98 -9.18
C ASP A 97 -18.78 -22.34 -9.00
N LEU A 98 -18.32 -23.28 -9.85
CA LEU A 98 -18.85 -24.62 -9.93
C LEU A 98 -18.57 -25.41 -8.66
N ARG A 99 -17.41 -25.20 -8.05
CA ARG A 99 -17.11 -25.89 -6.81
C ARG A 99 -18.11 -25.43 -5.74
N CYS A 100 -18.41 -24.13 -5.76
CA CYS A 100 -19.31 -23.57 -4.75
C CYS A 100 -20.69 -24.18 -4.87
N VAL A 101 -21.16 -24.34 -6.12
CA VAL A 101 -22.44 -25.00 -6.35
C VAL A 101 -22.40 -26.39 -5.70
N ASN A 102 -21.34 -27.11 -5.96
CA ASN A 102 -21.18 -28.44 -5.33
C ASN A 102 -21.10 -28.51 -3.81
N MET A 103 -20.41 -27.54 -3.21
CA MET A 103 -20.27 -27.49 -1.79
C MET A 103 -21.59 -27.13 -1.15
N VAL A 104 -22.34 -26.21 -1.75
CA VAL A 104 -23.66 -25.82 -1.17
C VAL A 104 -24.69 -26.95 -1.29
N ALA A 105 -24.81 -27.52 -2.50
CA ALA A 105 -25.58 -28.74 -2.72
C ALA A 105 -25.29 -29.73 -1.59
N ASP A 106 -24.02 -30.08 -1.36
CA ASP A 106 -23.69 -31.05 -0.31
C ASP A 106 -24.15 -30.58 1.04
N LEU A 107 -23.82 -29.35 1.38
CA LEU A 107 -24.26 -28.74 2.65
C LEU A 107 -25.71 -28.99 2.97
N TRP A 108 -26.59 -28.81 1.98
CA TRP A 108 -28.03 -28.93 2.14
C TRP A 108 -28.59 -30.33 1.88
N HIS A 109 -27.73 -31.36 1.82
CA HIS A 109 -28.11 -32.77 1.64
C HIS A 109 -28.81 -33.06 0.34
N ALA A 110 -28.49 -32.31 -0.71
CA ALA A 110 -28.91 -32.72 -2.06
C ALA A 110 -28.41 -34.14 -2.39
N PRO A 111 -29.22 -34.93 -3.11
CA PRO A 111 -28.74 -36.22 -3.63
C PRO A 111 -27.51 -36.05 -4.51
N ALA A 112 -26.52 -36.89 -4.25
CA ALA A 112 -25.26 -36.89 -4.96
C ALA A 112 -25.63 -36.90 -6.41
N PRO A 113 -25.12 -35.90 -7.18
CA PRO A 113 -25.46 -35.76 -8.60
C PRO A 113 -24.77 -36.80 -9.45
N LYS A 114 -25.48 -37.25 -10.47
CA LYS A 114 -25.09 -38.35 -11.37
C LYS A 114 -23.70 -38.18 -12.02
N ASN A 115 -23.53 -37.03 -12.69
CA ASN A 115 -22.40 -36.71 -13.56
C ASN A 115 -21.26 -35.93 -12.86
N GLY A 116 -21.42 -35.69 -11.56
CA GLY A 116 -20.41 -35.00 -10.72
C GLY A 116 -20.65 -33.50 -10.49
N GLN A 117 -21.76 -32.97 -11.03
CA GLN A 117 -22.07 -31.55 -10.92
C GLN A 117 -23.51 -31.32 -10.51
N ALA A 118 -23.71 -30.77 -9.33
CA ALA A 118 -25.06 -30.48 -8.85
C ALA A 118 -25.74 -29.35 -9.59
N VAL A 119 -27.07 -29.38 -9.57
CA VAL A 119 -27.88 -28.44 -10.34
C VAL A 119 -28.16 -27.20 -9.50
N GLY A 120 -27.49 -26.10 -9.83
CA GLY A 120 -27.64 -24.87 -9.08
C GLY A 120 -26.93 -23.71 -9.73
N THR A 121 -27.07 -22.53 -9.13
CA THR A 121 -26.41 -21.38 -9.66
C THR A 121 -26.22 -20.32 -8.59
N ASN A 122 -25.11 -19.61 -8.71
CA ASN A 122 -24.88 -18.43 -7.94
C ASN A 122 -25.78 -17.34 -8.48
N THR A 123 -26.14 -16.38 -7.64
CA THR A 123 -26.96 -15.27 -8.08
C THR A 123 -26.43 -14.05 -7.37
N ILE A 124 -26.94 -12.88 -7.71
CA ILE A 124 -26.57 -11.66 -7.02
C ILE A 124 -27.14 -11.61 -5.62
N GLY A 125 -28.21 -12.33 -5.32
CA GLY A 125 -28.70 -12.30 -3.95
C GLY A 125 -29.84 -13.25 -3.74
N SER A 126 -30.48 -13.21 -2.57
CA SER A 126 -31.66 -14.07 -2.40
C SER A 126 -32.77 -13.71 -3.37
N SER A 127 -32.93 -12.43 -3.67
CA SER A 127 -34.02 -11.97 -4.52
C SER A 127 -34.03 -12.70 -5.88
N GLU A 128 -32.91 -12.74 -6.59
CA GLU A 128 -32.89 -13.41 -7.88
C GLU A 128 -33.08 -14.93 -7.66
N ALA A 129 -32.49 -15.47 -6.60
CA ALA A 129 -32.55 -16.90 -6.37
C ALA A 129 -33.99 -17.33 -6.15
N CYS A 130 -34.72 -16.53 -5.39
CA CYS A 130 -36.16 -16.71 -5.26
C CYS A 130 -36.94 -16.61 -6.59
N MET A 131 -36.73 -15.54 -7.35
CA MET A 131 -37.28 -15.48 -8.69
C MET A 131 -37.06 -16.80 -9.42
N LEU A 132 -35.82 -17.27 -9.50
CA LEU A 132 -35.49 -18.48 -10.27
C LEU A 132 -36.24 -19.73 -9.74
N GLY A 133 -36.19 -19.98 -8.44
CA GLY A 133 -36.96 -21.09 -7.88
C GLY A 133 -38.44 -20.94 -8.14
N GLY A 134 -38.91 -19.71 -8.10
CA GLY A 134 -40.29 -19.43 -8.40
C GLY A 134 -40.68 -19.77 -9.82
N MET A 135 -39.82 -19.45 -10.79
CA MET A 135 -40.16 -19.70 -12.16
C MET A 135 -40.17 -21.18 -12.32
N ALA A 136 -39.17 -21.85 -11.77
CA ALA A 136 -39.10 -23.29 -11.95
C ALA A 136 -40.32 -24.00 -11.37
N MET A 137 -40.80 -23.54 -10.22
CA MET A 137 -42.07 -24.01 -9.67
C MET A 137 -43.21 -23.81 -10.65
N LYS A 138 -43.40 -22.58 -11.09
CA LYS A 138 -44.49 -22.25 -12.01
C LYS A 138 -44.46 -23.08 -13.30
N TRP A 139 -43.28 -23.42 -13.79
CA TRP A 139 -43.15 -24.30 -14.96
C TRP A 139 -43.47 -25.73 -14.64
N ARG A 140 -42.94 -26.24 -13.54
CA ARG A 140 -43.20 -27.64 -13.23
C ARG A 140 -44.70 -27.93 -13.13
N TRP A 141 -45.44 -27.03 -12.51
CA TRP A 141 -46.88 -27.15 -12.36
C TRP A 141 -47.51 -27.00 -13.72
N ARG A 142 -47.10 -25.98 -14.45
CA ARG A 142 -47.56 -25.84 -15.84
C ARG A 142 -47.43 -27.10 -16.69
N LYS A 143 -46.30 -27.78 -16.63
CA LYS A 143 -46.04 -28.92 -17.48
C LYS A 143 -46.91 -30.10 -17.05
N ARG A 144 -46.99 -30.32 -15.73
CA ARG A 144 -47.81 -31.38 -15.14
C ARG A 144 -49.23 -31.15 -15.53
N MET A 145 -49.74 -29.95 -15.26
CA MET A 145 -51.12 -29.66 -15.55
C MET A 145 -51.46 -29.83 -17.04
N GLU A 146 -50.60 -29.35 -17.93
CA GLU A 146 -50.84 -29.53 -19.37
C GLU A 146 -50.99 -30.99 -19.76
N ALA A 147 -50.13 -31.84 -19.18
CA ALA A 147 -50.09 -33.24 -19.50
C ALA A 147 -51.39 -33.87 -19.12
N ALA A 148 -52.03 -33.33 -18.09
CA ALA A 148 -53.26 -33.89 -17.53
C ALA A 148 -54.47 -33.25 -18.20
N GLY A 149 -54.20 -32.41 -19.20
CA GLY A 149 -55.22 -31.67 -19.93
C GLY A 149 -56.09 -30.77 -19.09
N LYS A 150 -55.46 -29.96 -18.21
CA LYS A 150 -56.18 -29.06 -17.30
C LYS A 150 -55.70 -27.61 -17.42
N PRO A 151 -56.57 -26.62 -17.08
CA PRO A 151 -56.27 -25.17 -17.16
C PRO A 151 -55.00 -24.80 -16.41
N THR A 152 -54.16 -24.00 -17.06
CA THR A 152 -52.93 -23.50 -16.43
C THR A 152 -52.89 -21.98 -16.25
N ASP A 153 -54.06 -21.36 -16.19
CA ASP A 153 -54.11 -19.90 -16.27
C ASP A 153 -54.29 -19.21 -14.93
N LYS A 154 -54.60 -19.97 -13.88
CA LYS A 154 -54.86 -19.42 -12.54
C LYS A 154 -53.94 -19.92 -11.38
N PRO A 155 -52.58 -19.92 -11.59
CA PRO A 155 -51.62 -20.44 -10.60
C PRO A 155 -51.56 -19.66 -9.28
N ASN A 156 -51.40 -20.37 -8.17
CA ASN A 156 -51.22 -19.66 -6.89
C ASN A 156 -49.99 -20.11 -6.12
N LEU A 157 -49.59 -19.33 -5.12
CA LEU A 157 -48.42 -19.63 -4.28
C LEU A 157 -48.88 -19.53 -2.82
N VAL A 158 -48.50 -20.48 -1.99
CA VAL A 158 -48.91 -20.49 -0.59
C VAL A 158 -47.66 -20.31 0.25
N CYS A 159 -47.74 -19.43 1.24
CA CYS A 159 -46.53 -19.01 1.93
C CYS A 159 -46.87 -18.23 3.18
N GLY A 160 -45.91 -18.05 4.06
CA GLY A 160 -46.14 -17.34 5.31
C GLY A 160 -45.73 -15.88 5.16
N PRO A 161 -45.36 -15.24 6.30
CA PRO A 161 -44.91 -13.84 6.24
C PRO A 161 -43.59 -13.69 5.44
N VAL A 162 -43.67 -13.71 4.10
CA VAL A 162 -42.51 -13.70 3.19
C VAL A 162 -41.84 -12.34 3.04
N GLN A 163 -40.57 -12.36 2.67
CA GLN A 163 -39.80 -11.17 2.28
C GLN A 163 -40.35 -10.59 0.99
N ILE A 164 -40.16 -9.31 0.79
CA ILE A 164 -40.74 -8.61 -0.34
C ILE A 164 -40.47 -9.25 -1.70
N CYS A 165 -39.36 -9.95 -1.86
CA CYS A 165 -39.13 -10.58 -3.18
C CYS A 165 -40.30 -11.52 -3.58
N TRP A 166 -40.99 -12.14 -2.64
CA TRP A 166 -42.09 -12.99 -3.01
C TRP A 166 -43.33 -12.19 -3.48
N HIS A 167 -43.49 -10.98 -2.96
CA HIS A 167 -44.56 -10.12 -3.44
C HIS A 167 -44.21 -9.70 -4.84
N LYS A 168 -42.92 -9.43 -5.05
CA LYS A 168 -42.43 -9.06 -6.38
C LYS A 168 -42.69 -10.25 -7.29
N PHE A 169 -42.18 -11.42 -6.91
CA PHE A 169 -42.36 -12.58 -7.74
C PHE A 169 -43.80 -12.73 -8.24
N ALA A 170 -44.75 -12.62 -7.32
CA ALA A 170 -46.14 -12.79 -7.64
C ALA A 170 -46.67 -11.76 -8.65
N ARG A 171 -46.42 -10.48 -8.43
CA ARG A 171 -46.77 -9.43 -9.43
C ARG A 171 -46.08 -9.62 -10.80
N TYR A 172 -44.78 -9.85 -10.78
CA TYR A 172 -44.06 -9.94 -12.03
C TYR A 172 -44.54 -11.11 -12.90
N TRP A 173 -44.81 -12.26 -12.29
CA TRP A 173 -45.14 -13.51 -13.01
C TRP A 173 -46.61 -13.94 -12.97
N ASP A 174 -47.53 -13.03 -12.64
CA ASP A 174 -48.96 -13.35 -12.61
C ASP A 174 -49.36 -14.60 -11.82
N VAL A 175 -48.89 -14.70 -10.58
CA VAL A 175 -49.27 -15.75 -9.65
C VAL A 175 -49.99 -15.10 -8.47
N GLU A 176 -51.07 -15.72 -8.03
CA GLU A 176 -51.86 -15.20 -6.95
C GLU A 176 -51.10 -15.53 -5.69
N LEU A 177 -50.75 -14.52 -4.90
CA LEU A 177 -50.04 -14.77 -3.64
C LEU A 177 -51.06 -15.09 -2.54
N ARG A 178 -51.02 -16.31 -2.00
CA ARG A 178 -51.88 -16.60 -0.85
C ARG A 178 -51.00 -16.62 0.38
N GLU A 179 -50.78 -15.43 0.92
CA GLU A 179 -49.97 -15.24 2.12
C GLU A 179 -50.83 -15.53 3.34
N ILE A 180 -50.40 -16.54 4.13
CA ILE A 180 -51.05 -16.82 5.41
C ILE A 180 -50.62 -15.68 6.34
N PRO A 181 -51.59 -14.91 6.77
CA PRO A 181 -51.35 -13.69 7.54
C PRO A 181 -50.83 -14.00 8.94
N MET A 182 -50.01 -13.10 9.50
CA MET A 182 -49.58 -13.20 10.89
C MET A 182 -50.74 -12.78 11.79
N ARG A 183 -50.81 -13.35 12.99
CA ARG A 183 -51.81 -12.90 13.94
C ARG A 183 -51.30 -13.17 15.36
N PRO A 184 -51.65 -12.33 16.35
CA PRO A 184 -50.97 -12.51 17.65
C PRO A 184 -51.05 -13.95 18.16
N GLY A 185 -49.97 -14.47 18.76
CA GLY A 185 -49.94 -15.85 19.21
C GLY A 185 -49.76 -16.87 18.07
N GLN A 186 -50.05 -16.44 16.83
CA GLN A 186 -49.76 -17.23 15.62
C GLN A 186 -49.13 -16.43 14.48
N LEU A 187 -47.82 -16.23 14.60
CA LEU A 187 -47.09 -15.34 13.70
C LEU A 187 -46.52 -15.98 12.41
N PHE A 188 -46.70 -17.28 12.24
N PHE A 188 -46.66 -17.29 12.28
CA PHE A 188 -46.07 -17.97 11.12
CA PHE A 188 -46.06 -18.06 11.19
C PHE A 188 -47.04 -18.98 10.48
C PHE A 188 -47.12 -18.78 10.35
N MET A 189 -46.67 -19.47 9.30
CA MET A 189 -47.51 -20.42 8.54
C MET A 189 -47.49 -21.76 9.23
N ASP A 190 -48.68 -22.19 9.66
CA ASP A 190 -48.88 -23.43 10.38
C ASP A 190 -49.60 -24.39 9.41
N PRO A 191 -49.45 -25.72 9.63
CA PRO A 191 -50.02 -26.69 8.69
C PRO A 191 -51.53 -26.54 8.48
N LYS A 192 -52.27 -26.13 9.50
CA LYS A 192 -53.72 -26.10 9.35
C LYS A 192 -54.11 -25.09 8.27
N ARG A 193 -53.70 -23.83 8.47
CA ARG A 193 -54.00 -22.74 7.53
C ARG A 193 -53.34 -22.95 6.18
N MET A 194 -52.13 -23.50 6.15
CA MET A 194 -51.49 -23.80 4.88
C MET A 194 -52.44 -24.65 4.02
N ILE A 195 -52.91 -25.77 4.58
CA ILE A 195 -53.76 -26.71 3.86
C ILE A 195 -55.04 -26.05 3.39
N GLU A 196 -55.65 -25.18 4.19
CA GLU A 196 -56.88 -24.48 3.73
C GLU A 196 -56.69 -23.70 2.44
N ALA A 197 -55.46 -23.22 2.23
CA ALA A 197 -55.18 -22.38 1.08
C ALA A 197 -54.75 -23.17 -0.14
N CYS A 198 -54.51 -24.47 0.03
CA CYS A 198 -53.93 -25.25 -1.05
C CYS A 198 -54.97 -25.83 -2.00
N ASP A 199 -54.67 -25.86 -3.30
CA ASP A 199 -55.50 -26.56 -4.27
C ASP A 199 -54.71 -27.00 -5.46
N GLU A 200 -55.40 -27.37 -6.52
CA GLU A 200 -54.76 -27.89 -7.72
C GLU A 200 -54.05 -26.80 -8.55
N ASN A 201 -54.21 -25.56 -8.15
CA ASN A 201 -53.58 -24.46 -8.85
C ASN A 201 -52.39 -23.94 -8.06
N THR A 202 -52.15 -24.56 -6.91
CA THR A 202 -51.02 -24.21 -6.06
C THR A 202 -49.72 -24.69 -6.70
N ILE A 203 -48.85 -23.76 -7.07
CA ILE A 203 -47.65 -24.16 -7.78
C ILE A 203 -46.68 -24.69 -6.78
N GLY A 204 -46.86 -24.29 -5.52
CA GLY A 204 -46.01 -24.77 -4.43
C GLY A 204 -46.19 -24.01 -3.14
N VAL A 205 -45.67 -24.58 -2.07
CA VAL A 205 -45.62 -23.92 -0.77
C VAL A 205 -44.19 -23.42 -0.53
N VAL A 206 -44.04 -22.19 -0.03
CA VAL A 206 -42.74 -21.67 0.32
C VAL A 206 -42.65 -21.36 1.82
N PRO A 207 -42.10 -22.30 2.64
CA PRO A 207 -41.71 -21.93 4.02
C PRO A 207 -40.50 -20.95 4.04
N THR A 208 -40.47 -20.01 4.99
CA THR A 208 -39.35 -19.10 5.15
C THR A 208 -38.53 -19.58 6.33
N PHE A 209 -37.27 -19.92 6.04
CA PHE A 209 -36.39 -20.56 7.02
C PHE A 209 -35.56 -19.55 7.72
N GLY A 210 -36.23 -18.74 8.53
CA GLY A 210 -35.65 -17.55 9.09
C GLY A 210 -36.45 -16.35 8.60
N VAL A 211 -37.58 -16.08 9.27
CA VAL A 211 -38.48 -15.00 8.92
C VAL A 211 -37.85 -13.66 9.21
N THR A 212 -37.90 -12.75 8.22
CA THR A 212 -37.24 -11.45 8.24
C THR A 212 -37.73 -10.63 9.43
N TYR A 213 -39.03 -10.55 9.59
CA TYR A 213 -39.62 -9.70 10.60
C TYR A 213 -39.27 -10.10 12.01
N THR A 214 -39.05 -11.39 12.24
CA THR A 214 -38.91 -11.88 13.62
C THR A 214 -37.66 -12.67 13.94
N GLY A 215 -37.06 -13.30 12.95
CA GLY A 215 -35.95 -14.17 13.23
C GLY A 215 -36.27 -15.65 13.42
N ASN A 216 -37.55 -15.97 13.60
CA ASN A 216 -37.95 -17.37 13.77
C ASN A 216 -37.92 -18.22 12.49
N TYR A 217 -37.74 -19.52 12.66
CA TYR A 217 -37.82 -20.47 11.56
C TYR A 217 -39.25 -20.92 11.36
N GLU A 218 -39.73 -20.87 10.13
CA GLU A 218 -40.85 -21.69 9.75
C GLU A 218 -40.34 -23.12 9.50
N PHE A 219 -40.79 -24.08 10.31
CA PHE A 219 -40.28 -25.45 10.22
C PHE A 219 -40.89 -26.26 9.07
N PRO A 220 -40.04 -26.64 8.10
CA PRO A 220 -40.62 -27.31 6.94
C PRO A 220 -41.31 -28.66 7.22
N GLN A 221 -40.72 -29.50 8.07
CA GLN A 221 -41.25 -30.87 8.28
C GLN A 221 -42.73 -31.00 8.67
N PRO A 222 -43.20 -30.24 9.69
CA PRO A 222 -44.61 -30.40 9.94
C PRO A 222 -45.48 -30.01 8.73
N LEU A 223 -45.06 -29.03 7.93
CA LEU A 223 -45.79 -28.69 6.71
C LEU A 223 -45.73 -29.84 5.72
N HIS A 224 -44.54 -30.45 5.57
CA HIS A 224 -44.34 -31.60 4.69
C HIS A 224 -45.31 -32.73 5.03
N ASP A 225 -45.58 -32.96 6.31
CA ASP A 225 -46.50 -34.01 6.68
C ASP A 225 -47.87 -33.62 6.25
N ALA A 226 -48.23 -32.35 6.44
CA ALA A 226 -49.55 -31.89 6.05
C ALA A 226 -49.75 -32.10 4.55
N LEU A 227 -48.72 -31.80 3.75
CA LEU A 227 -48.74 -32.00 2.31
C LEU A 227 -48.79 -33.48 1.85
N ASP A 228 -48.15 -34.39 2.60
CA ASP A 228 -48.28 -35.84 2.38
C ASP A 228 -49.68 -36.37 2.62
N LYS A 229 -50.25 -35.99 3.76
CA LYS A 229 -51.64 -36.28 4.08
C LYS A 229 -52.55 -35.69 3.02
N PHE A 230 -52.20 -34.50 2.54
CA PHE A 230 -53.09 -33.81 1.61
C PHE A 230 -53.16 -34.59 0.32
N GLN A 231 -52.01 -35.02 -0.18
CA GLN A 231 -51.96 -35.77 -1.42
C GLN A 231 -52.73 -37.11 -1.31
N ALA A 232 -52.73 -37.71 -0.10
CA ALA A 232 -53.45 -38.96 0.14
C ALA A 232 -54.96 -38.72 0.02
N ASP A 233 -55.47 -37.62 0.56
CA ASP A 233 -56.91 -37.40 0.54
C ASP A 233 -57.40 -37.01 -0.84
N THR A 234 -56.56 -36.28 -1.59
CA THR A 234 -57.05 -35.60 -2.81
C THR A 234 -56.34 -35.93 -4.10
N GLY A 235 -55.15 -36.49 -4.01
CA GLY A 235 -54.40 -36.80 -5.19
C GLY A 235 -53.53 -35.65 -5.66
N ILE A 236 -53.69 -34.47 -5.07
CA ILE A 236 -52.91 -33.30 -5.45
C ILE A 236 -51.52 -33.35 -4.86
N ASP A 237 -50.52 -33.30 -5.74
CA ASP A 237 -49.09 -33.39 -5.34
C ASP A 237 -48.35 -32.02 -5.27
N ILE A 238 -48.02 -31.56 -4.07
CA ILE A 238 -47.54 -30.19 -3.93
C ILE A 238 -46.10 -30.14 -3.51
N ASP A 239 -45.28 -29.45 -4.32
CA ASP A 239 -43.84 -29.28 -4.09
C ASP A 239 -43.54 -28.13 -3.14
N MET A 240 -42.30 -28.09 -2.63
CA MET A 240 -41.85 -26.97 -1.77
C MET A 240 -40.56 -26.35 -2.31
N HIS A 241 -40.42 -25.05 -2.06
CA HIS A 241 -39.17 -24.33 -2.22
C HIS A 241 -38.86 -23.72 -0.89
N ILE A 242 -37.65 -23.91 -0.37
CA ILE A 242 -37.39 -23.27 0.90
C ILE A 242 -36.72 -21.95 0.66
N ASP A 243 -37.27 -20.90 1.25
CA ASP A 243 -36.54 -19.65 1.31
C ASP A 243 -35.60 -19.69 2.49
N ALA A 244 -34.33 -20.00 2.30
CA ALA A 244 -33.43 -20.09 3.47
C ALA A 244 -32.43 -18.97 3.49
N ALA A 245 -32.91 -17.75 3.21
CA ALA A 245 -32.07 -16.58 2.97
C ALA A 245 -31.05 -16.47 4.05
N SER A 246 -31.52 -16.65 5.28
CA SER A 246 -30.64 -16.56 6.40
C SER A 246 -30.40 -17.93 7.04
N GLY A 247 -31.48 -18.69 7.29
CA GLY A 247 -31.37 -20.05 7.90
C GLY A 247 -30.39 -21.00 7.19
N GLY A 248 -30.20 -20.82 5.88
CA GLY A 248 -29.47 -21.79 5.07
C GLY A 248 -28.01 -22.02 5.47
N PHE A 249 -27.39 -21.01 6.08
CA PHE A 249 -25.98 -21.14 6.46
C PHE A 249 -25.86 -21.11 7.97
N LEU A 250 -26.92 -21.52 8.67
CA LEU A 250 -26.94 -21.50 10.12
C LEU A 250 -27.23 -22.89 10.62
N ALA A 251 -28.41 -23.40 10.29
CA ALA A 251 -28.86 -24.69 10.81
C ALA A 251 -27.90 -25.83 10.45
N PRO A 252 -27.43 -25.90 9.18
CA PRO A 252 -26.53 -27.05 8.93
C PRO A 252 -25.35 -27.12 9.91
N PHE A 253 -24.94 -26.00 10.54
CA PHE A 253 -23.79 -26.01 11.45
C PHE A 253 -24.12 -26.14 12.94
N VAL A 254 -25.15 -25.44 13.41
CA VAL A 254 -25.49 -25.42 14.82
C VAL A 254 -26.75 -26.22 15.19
N ALA A 255 -27.44 -26.75 14.22
CA ALA A 255 -28.70 -27.46 14.44
C ALA A 255 -28.92 -28.44 13.29
N PRO A 256 -27.97 -29.37 13.09
CA PRO A 256 -28.07 -30.28 11.93
C PRO A 256 -29.25 -31.25 12.02
N ASP A 257 -29.92 -31.26 13.16
CA ASP A 257 -31.03 -32.16 13.37
C ASP A 257 -32.35 -31.68 12.82
N ILE A 258 -32.51 -30.37 12.70
CA ILE A 258 -33.70 -29.79 12.11
C ILE A 258 -33.75 -30.29 10.67
N VAL A 259 -34.82 -31.00 10.34
CA VAL A 259 -34.96 -31.55 9.00
C VAL A 259 -35.73 -30.52 8.19
N TRP A 260 -35.00 -29.80 7.34
CA TRP A 260 -35.58 -28.71 6.59
C TRP A 260 -35.23 -28.72 5.12
N ASP A 261 -34.22 -29.49 4.72
CA ASP A 261 -33.60 -29.35 3.38
C ASP A 261 -33.99 -30.49 2.44
N PHE A 262 -33.04 -30.90 1.58
CA PHE A 262 -33.30 -31.93 0.57
C PHE A 262 -33.54 -33.31 1.12
N ARG A 263 -33.38 -33.50 2.42
CA ARG A 263 -33.78 -34.76 3.09
C ARG A 263 -35.30 -34.95 2.96
N LEU A 264 -36.07 -33.86 2.89
CA LEU A 264 -37.52 -33.94 2.68
C LEU A 264 -37.84 -34.05 1.19
N PRO A 265 -38.50 -35.13 0.78
CA PRO A 265 -38.54 -35.34 -0.66
C PRO A 265 -39.28 -34.26 -1.41
N ARG A 266 -40.20 -33.57 -0.76
CA ARG A 266 -40.98 -32.58 -1.48
C ARG A 266 -40.22 -31.29 -1.72
N VAL A 267 -39.14 -31.07 -0.98
CA VAL A 267 -38.27 -29.93 -1.28
C VAL A 267 -37.58 -30.14 -2.63
N LYS A 268 -37.84 -29.25 -3.56
CA LYS A 268 -37.33 -29.39 -4.91
C LYS A 268 -36.24 -28.37 -5.19
N SER A 269 -36.18 -27.34 -4.34
CA SER A 269 -35.22 -26.29 -4.52
C SER A 269 -35.08 -25.50 -3.25
N ILE A 270 -33.89 -24.95 -3.03
CA ILE A 270 -33.60 -24.15 -1.84
C ILE A 270 -32.80 -22.94 -2.24
N SER A 271 -33.00 -21.81 -1.56
CA SER A 271 -32.26 -20.56 -1.82
C SER A 271 -31.80 -19.92 -0.51
N ALA A 272 -30.66 -19.26 -0.58
CA ALA A 272 -30.00 -18.65 0.59
C ALA A 272 -29.18 -17.45 0.10
N SER A 273 -28.91 -16.49 0.99
CA SER A 273 -27.98 -15.37 0.76
C SER A 273 -26.55 -15.70 1.24
N GLY A 274 -25.58 -15.62 0.33
CA GLY A 274 -24.19 -15.76 0.70
C GLY A 274 -23.80 -14.59 1.59
N HIS A 275 -24.27 -13.41 1.21
CA HIS A 275 -23.84 -12.21 1.89
C HIS A 275 -24.57 -11.96 3.20
N LYS A 276 -25.39 -12.93 3.64
CA LYS A 276 -25.91 -12.90 5.02
C LYS A 276 -25.01 -13.78 5.81
N PHE A 277 -25.52 -14.89 6.33
CA PHE A 277 -24.74 -15.75 7.22
C PHE A 277 -23.79 -16.67 6.52
N GLY A 278 -23.86 -16.65 5.20
CA GLY A 278 -22.86 -17.34 4.38
C GLY A 278 -21.51 -16.68 4.43
N LEU A 279 -21.48 -15.42 4.86
CA LEU A 279 -20.27 -14.66 5.14
C LEU A 279 -19.63 -14.03 3.92
N ALA A 280 -20.19 -14.23 2.75
CA ALA A 280 -19.71 -13.55 1.52
C ALA A 280 -19.98 -12.04 1.57
N PRO A 281 -19.20 -11.22 0.83
CA PRO A 281 -19.55 -9.78 0.68
C PRO A 281 -20.86 -9.54 -0.13
N LEU A 282 -21.42 -8.33 -0.09
CA LEU A 282 -22.72 -8.06 -0.79
C LEU A 282 -22.60 -8.44 -2.21
N GLY A 283 -23.67 -9.06 -2.71
CA GLY A 283 -23.79 -9.49 -4.08
C GLY A 283 -23.54 -10.97 -4.26
N CYS A 284 -24.08 -11.79 -3.37
CA CYS A 284 -23.89 -13.22 -3.54
C CYS A 284 -25.03 -14.03 -3.00
N GLY A 285 -25.71 -14.77 -3.87
CA GLY A 285 -26.80 -15.63 -3.44
C GLY A 285 -26.65 -16.98 -4.12
N TRP A 286 -27.41 -17.95 -3.62
CA TRP A 286 -27.40 -19.31 -4.12
C TRP A 286 -28.81 -19.86 -4.33
N VAL A 287 -28.99 -20.65 -5.39
CA VAL A 287 -30.18 -21.48 -5.50
C VAL A 287 -29.69 -22.81 -6.07
N ILE A 288 -30.12 -23.90 -5.42
CA ILE A 288 -29.78 -25.27 -5.75
C ILE A 288 -31.07 -26.05 -5.98
N TRP A 289 -31.10 -26.82 -7.06
CA TRP A 289 -32.21 -27.73 -7.32
C TRP A 289 -31.85 -29.12 -6.80
N ARG A 290 -32.86 -29.96 -6.52
CA ARG A 290 -32.64 -31.33 -6.04
C ARG A 290 -31.91 -32.26 -7.03
N ASP A 291 -32.28 -32.13 -8.30
CA ASP A 291 -31.64 -32.88 -9.41
C ASP A 291 -32.06 -32.28 -10.72
N GLU A 292 -31.49 -32.75 -11.81
CA GLU A 292 -31.90 -32.38 -13.15
C GLU A 292 -33.40 -32.13 -13.32
N GLU A 293 -34.21 -33.06 -12.84
CA GLU A 293 -35.63 -33.05 -13.14
C GLU A 293 -36.36 -31.90 -12.47
N ALA A 294 -35.77 -31.40 -11.39
CA ALA A 294 -36.32 -30.25 -10.68
C ALA A 294 -36.27 -28.96 -11.50
N LEU A 295 -35.48 -28.94 -12.57
CA LEU A 295 -35.24 -27.71 -13.32
C LEU A 295 -35.64 -27.84 -14.78
N PRO A 296 -36.82 -27.37 -15.16
CA PRO A 296 -37.30 -27.55 -16.51
C PRO A 296 -36.32 -26.98 -17.51
N GLN A 297 -35.86 -27.77 -18.47
CA GLN A 297 -34.93 -27.31 -19.53
C GLN A 297 -35.39 -26.08 -20.38
N GLU A 298 -36.68 -25.80 -20.42
CA GLU A 298 -37.15 -24.57 -21.06
C GLU A 298 -36.47 -23.32 -20.45
N LEU A 299 -36.21 -23.35 -19.17
CA LEU A 299 -35.71 -22.19 -18.47
C LEU A 299 -34.23 -22.00 -18.68
N VAL A 300 -33.54 -23.00 -19.21
CA VAL A 300 -32.08 -22.95 -19.32
C VAL A 300 -31.67 -22.45 -20.71
N PHE A 301 -30.72 -21.53 -20.74
CA PHE A 301 -30.18 -21.08 -22.01
C PHE A 301 -28.75 -21.52 -22.24
N ASN A 302 -28.54 -22.09 -23.42
CA ASN A 302 -27.22 -22.45 -23.88
C ASN A 302 -26.56 -21.34 -24.71
N VAL A 303 -25.43 -20.86 -24.20
CA VAL A 303 -24.55 -19.98 -24.97
C VAL A 303 -23.29 -20.72 -25.45
N ASP A 304 -22.86 -20.38 -26.65
CA ASP A 304 -21.66 -20.96 -27.24
C ASP A 304 -20.43 -20.29 -26.69
N TYR A 305 -19.50 -21.14 -26.25
CA TYR A 305 -18.13 -20.67 -26.01
CA TYR A 305 -18.13 -20.76 -25.90
C TYR A 305 -17.19 -21.64 -26.75
N LEU A 306 -15.88 -21.44 -26.63
CA LEU A 306 -14.92 -22.29 -27.34
C LEU A 306 -14.82 -23.74 -26.82
N GLY A 307 -14.80 -23.93 -25.50
CA GLY A 307 -14.59 -25.27 -24.91
C GLY A 307 -15.80 -26.19 -24.96
N GLY A 308 -16.76 -25.83 -25.82
CA GLY A 308 -18.11 -26.39 -25.80
C GLY A 308 -19.14 -25.30 -25.54
N GLN A 309 -20.28 -25.65 -24.95
CA GLN A 309 -21.29 -24.66 -24.65
C GLN A 309 -21.85 -24.82 -23.24
N ILE A 310 -22.23 -23.72 -22.59
CA ILE A 310 -22.73 -23.86 -21.23
C ILE A 310 -24.16 -23.33 -21.06
N GLY A 311 -24.89 -24.01 -20.19
CA GLY A 311 -26.24 -23.62 -19.82
C GLY A 311 -26.37 -22.68 -18.63
N THR A 312 -26.96 -21.50 -18.84
CA THR A 312 -27.23 -20.59 -17.73
C THR A 312 -28.69 -20.47 -17.36
N PHE A 313 -28.98 -20.51 -16.06
CA PHE A 313 -30.28 -20.05 -15.63
C PHE A 313 -30.12 -18.87 -14.70
N ALA A 314 -30.14 -17.67 -15.25
CA ALA A 314 -29.90 -16.50 -14.46
C ALA A 314 -30.74 -15.37 -15.01
N ILE A 315 -31.13 -14.44 -14.15
CA ILE A 315 -31.75 -13.24 -14.67
C ILE A 315 -30.66 -12.31 -15.18
N ASN A 316 -29.60 -12.16 -14.40
CA ASN A 316 -28.48 -11.31 -14.81
C ASN A 316 -27.56 -11.97 -15.88
N PHE A 317 -26.71 -11.18 -16.51
CA PHE A 317 -25.83 -11.75 -17.52
C PHE A 317 -24.42 -11.38 -17.08
N SER A 318 -23.83 -10.33 -17.64
CA SER A 318 -22.53 -9.88 -17.20
C SER A 318 -22.58 -9.42 -15.75
N ARG A 319 -21.59 -9.84 -14.96
CA ARG A 319 -21.46 -9.35 -13.58
C ARG A 319 -20.17 -9.84 -12.93
N PRO A 320 -19.69 -9.12 -11.90
CA PRO A 320 -18.36 -9.42 -11.31
C PRO A 320 -18.35 -10.80 -10.67
N ALA A 321 -17.24 -11.51 -10.80
CA ALA A 321 -17.07 -12.80 -10.14
C ALA A 321 -16.43 -12.68 -8.72
N GLY A 322 -16.08 -11.45 -8.32
CA GLY A 322 -15.47 -11.22 -7.02
C GLY A 322 -16.13 -11.92 -5.85
N GLN A 323 -17.46 -11.85 -5.77
CA GLN A 323 -18.15 -12.35 -4.59
C GLN A 323 -18.12 -13.89 -4.45
N VAL A 324 -18.21 -14.61 -5.59
CA VAL A 324 -18.15 -16.09 -5.61
C VAL A 324 -16.79 -16.52 -5.09
N ILE A 325 -15.76 -15.88 -5.65
CA ILE A 325 -14.37 -16.07 -5.22
C ILE A 325 -14.32 -15.82 -3.71
N ALA A 326 -14.84 -14.69 -3.24
CA ALA A 326 -14.83 -14.40 -1.81
C ALA A 326 -15.61 -15.47 -1.04
N GLN A 327 -16.73 -15.93 -1.58
CA GLN A 327 -17.48 -16.97 -0.92
C GLN A 327 -16.62 -18.23 -0.73
N TYR A 328 -15.99 -18.65 -1.82
CA TYR A 328 -15.08 -19.80 -1.82
C TYR A 328 -14.04 -19.71 -0.70
N TYR A 329 -13.41 -18.53 -0.57
CA TYR A 329 -12.40 -18.27 0.47
C TYR A 329 -12.97 -18.53 1.87
N GLU A 330 -14.18 -18.03 2.11
CA GLU A 330 -14.84 -18.27 3.37
C GLU A 330 -15.06 -19.76 3.60
N PHE A 331 -15.53 -20.48 2.57
CA PHE A 331 -15.78 -21.92 2.68
C PHE A 331 -14.51 -22.65 2.99
N LEU A 332 -13.51 -22.44 2.13
CA LEU A 332 -12.20 -23.08 2.27
C LEU A 332 -11.54 -22.82 3.59
N ARG A 333 -11.46 -21.57 4.02
CA ARG A 333 -10.72 -21.24 5.22
C ARG A 333 -11.43 -21.75 6.49
N LEU A 334 -12.76 -21.81 6.45
CA LEU A 334 -13.53 -22.12 7.65
C LEU A 334 -13.90 -23.58 7.72
N GLY A 335 -14.59 -24.12 6.72
CA GLY A 335 -15.08 -25.50 6.74
C GLY A 335 -16.24 -25.56 7.71
N ARG A 336 -16.72 -26.77 7.99
CA ARG A 336 -17.82 -27.01 8.91
C ARG A 336 -17.44 -26.58 10.33
N GLU A 337 -16.20 -26.85 10.69
CA GLU A 337 -15.77 -26.71 12.05
C GLU A 337 -15.62 -25.21 12.31
N GLY A 338 -15.16 -24.49 11.31
CA GLY A 338 -15.05 -23.05 11.43
C GLY A 338 -16.42 -22.42 11.45
N TYR A 339 -17.29 -22.89 10.55
CA TYR A 339 -18.60 -22.28 10.46
C TYR A 339 -19.34 -22.51 11.76
N THR A 340 -19.25 -23.72 12.30
CA THR A 340 -19.87 -23.98 13.60
C THR A 340 -19.43 -22.97 14.70
N LYS A 341 -18.15 -22.61 14.70
CA LYS A 341 -17.60 -21.67 15.68
C LYS A 341 -18.07 -20.24 15.48
N VAL A 342 -17.99 -19.77 14.24
CA VAL A 342 -18.46 -18.47 13.84
C VAL A 342 -19.95 -18.37 14.15
N GLN A 343 -20.76 -19.27 13.60
CA GLN A 343 -22.18 -19.15 13.90
C GLN A 343 -22.55 -19.22 15.40
N ASN A 344 -21.87 -20.05 16.19
CA ASN A 344 -22.24 -20.19 17.61
C ASN A 344 -21.98 -18.91 18.34
N ALA A 345 -20.88 -18.25 17.97
CA ALA A 345 -20.50 -17.04 18.65
C ALA A 345 -21.59 -16.00 18.51
N SER A 346 -22.26 -15.97 17.37
CA SER A 346 -23.33 -14.99 17.13
C SER A 346 -24.56 -15.31 17.95
N TYR A 347 -24.85 -16.62 18.04
CA TYR A 347 -25.94 -17.12 18.87
C TYR A 347 -25.65 -16.80 20.33
N GLN A 348 -24.38 -16.89 20.72
CA GLN A 348 -24.01 -16.56 22.10
C GLN A 348 -24.35 -15.11 22.41
N VAL A 349 -24.06 -14.23 21.45
CA VAL A 349 -24.40 -12.82 21.60
C VAL A 349 -25.91 -12.57 21.70
N ALA A 350 -26.69 -13.14 20.79
CA ALA A 350 -28.10 -12.89 20.79
C ALA A 350 -28.78 -13.48 21.99
N ALA A 351 -28.32 -14.64 22.46
CA ALA A 351 -28.85 -15.26 23.71
C ALA A 351 -28.61 -14.35 24.93
N TYR A 352 -27.44 -13.74 24.96
CA TYR A 352 -27.06 -12.86 26.02
C TYR A 352 -27.90 -11.59 26.06
N LEU A 353 -28.01 -10.94 24.92
CA LEU A 353 -28.85 -9.76 24.81
C LEU A 353 -30.28 -10.05 25.28
N ALA A 354 -30.80 -11.22 24.90
CA ALA A 354 -32.16 -11.63 25.22
C ALA A 354 -32.36 -11.82 26.74
N ASP A 355 -31.39 -12.39 27.42
CA ASP A 355 -31.51 -12.53 28.86
C ASP A 355 -31.37 -11.18 29.51
N GLU A 356 -30.54 -10.31 28.95
CA GLU A 356 -30.23 -9.08 29.65
C GLU A 356 -31.25 -7.97 29.46
N ILE A 357 -31.76 -7.84 28.24
CA ILE A 357 -32.87 -6.94 27.95
C ILE A 357 -34.10 -7.35 28.77
N ALA A 358 -34.31 -8.65 28.90
CA ALA A 358 -35.51 -9.18 29.57
C ALA A 358 -35.63 -8.55 30.93
N LYS A 359 -34.51 -8.24 31.55
CA LYS A 359 -34.49 -7.72 32.90
C LYS A 359 -34.78 -6.24 32.93
N LEU A 360 -34.92 -5.59 31.77
CA LEU A 360 -34.91 -4.14 31.75
C LEU A 360 -36.26 -3.47 31.59
N GLY A 361 -37.30 -4.24 31.29
CA GLY A 361 -38.66 -3.69 31.20
C GLY A 361 -39.76 -4.72 31.02
N PRO A 362 -41.00 -4.27 30.89
CA PRO A 362 -42.07 -5.24 30.71
C PRO A 362 -42.17 -5.74 29.26
N TYR A 363 -41.28 -6.65 28.87
CA TYR A 363 -41.22 -7.12 27.47
C TYR A 363 -41.73 -8.54 27.27
N GLU A 364 -42.29 -8.82 26.10
CA GLU A 364 -42.66 -10.18 25.68
C GLU A 364 -41.79 -10.53 24.47
N PHE A 365 -41.13 -11.68 24.52
CA PHE A 365 -40.20 -12.04 23.46
C PHE A 365 -40.81 -12.91 22.41
N ILE A 366 -40.58 -12.57 21.16
CA ILE A 366 -40.97 -13.39 20.04
C ILE A 366 -39.84 -14.32 19.58
N CYS A 367 -38.60 -13.92 19.87
CA CYS A 367 -37.40 -14.62 19.42
C CYS A 367 -36.24 -14.26 20.30
N THR A 368 -35.56 -15.25 20.85
CA THR A 368 -34.54 -15.02 21.88
C THR A 368 -33.19 -15.60 21.45
N GLY A 369 -33.01 -15.88 20.16
CA GLY A 369 -31.70 -16.31 19.62
C GLY A 369 -31.24 -17.72 19.91
N ARG A 370 -32.18 -18.64 19.99
CA ARG A 370 -31.82 -20.01 20.23
C ARG A 370 -31.63 -20.69 18.87
N PRO A 371 -30.56 -21.51 18.72
CA PRO A 371 -30.27 -22.22 17.49
C PRO A 371 -31.43 -23.07 16.98
N ASP A 372 -32.27 -23.59 17.87
CA ASP A 372 -33.31 -24.52 17.43
C ASP A 372 -34.63 -23.84 17.09
N GLU A 373 -34.60 -22.51 17.00
CA GLU A 373 -35.81 -21.76 16.83
C GLU A 373 -35.70 -20.71 15.73
N GLY A 374 -34.49 -20.32 15.39
CA GLY A 374 -34.33 -19.18 14.53
C GLY A 374 -32.90 -18.76 14.35
N ILE A 375 -32.74 -17.51 13.89
CA ILE A 375 -31.43 -16.96 13.54
C ILE A 375 -30.92 -16.14 14.75
N PRO A 376 -29.65 -15.66 14.74
CA PRO A 376 -29.17 -14.93 15.91
C PRO A 376 -29.78 -13.53 16.02
N ALA A 377 -31.04 -13.50 16.44
CA ALA A 377 -31.80 -12.27 16.52
C ALA A 377 -32.61 -12.26 17.82
N VAL A 378 -32.75 -11.07 18.40
CA VAL A 378 -33.65 -10.84 19.51
C VAL A 378 -34.82 -10.00 19.00
N CYS A 379 -36.03 -10.50 19.19
CA CYS A 379 -37.24 -9.76 18.80
C CYS A 379 -38.27 -9.74 19.95
N PHE A 380 -38.67 -8.56 20.38
CA PHE A 380 -39.58 -8.43 21.51
C PHE A 380 -40.53 -7.27 21.32
N LYS A 381 -41.61 -7.29 22.09
CA LYS A 381 -42.61 -6.25 22.11
C LYS A 381 -42.88 -5.91 23.56
N LEU A 382 -43.43 -4.72 23.79
CA LEU A 382 -43.89 -4.34 25.11
C LEU A 382 -45.02 -5.27 25.55
N LYS A 383 -45.00 -5.72 26.80
CA LYS A 383 -46.12 -6.49 27.37
C LYS A 383 -47.46 -5.79 27.23
N ASP A 384 -48.45 -6.53 26.76
CA ASP A 384 -49.82 -6.00 26.63
C ASP A 384 -50.33 -5.24 27.91
N GLY A 385 -51.10 -4.17 27.69
CA GLY A 385 -51.59 -3.35 28.79
C GLY A 385 -50.56 -3.15 29.90
N GLU A 386 -49.49 -2.48 29.55
CA GLU A 386 -48.40 -2.22 30.48
C GLU A 386 -47.74 -1.03 29.85
N ASP A 387 -47.35 -0.08 30.67
CA ASP A 387 -46.84 1.18 30.14
C ASP A 387 -45.67 1.58 31.02
N PRO A 388 -44.44 1.30 30.55
CA PRO A 388 -43.21 1.67 31.28
C PRO A 388 -42.89 3.16 31.12
N GLY A 389 -43.71 3.86 30.36
CA GLY A 389 -43.49 5.26 30.11
C GLY A 389 -42.70 5.55 28.85
N TYR A 390 -42.73 4.65 27.85
CA TYR A 390 -42.13 4.91 26.54
C TYR A 390 -42.68 3.95 25.52
N THR A 391 -42.57 4.29 24.25
CA THR A 391 -42.81 3.28 23.23
C THR A 391 -41.48 2.79 22.68
N LEU A 392 -41.53 1.69 21.94
CA LEU A 392 -40.31 1.16 21.37
C LEU A 392 -39.77 2.19 20.38
N TYR A 393 -40.68 2.93 19.73
CA TYR A 393 -40.27 3.99 18.80
C TYR A 393 -39.38 5.02 19.53
N ASP A 394 -39.89 5.50 20.65
CA ASP A 394 -39.12 6.36 21.53
C ASP A 394 -37.76 5.74 21.91
N LEU A 395 -37.76 4.49 22.36
CA LEU A 395 -36.52 3.83 22.72
C LEU A 395 -35.58 3.75 21.52
N SER A 396 -36.11 3.40 20.37
CA SER A 396 -35.29 3.40 19.17
C SER A 396 -34.64 4.77 18.86
N GLU A 397 -35.35 5.85 19.12
CA GLU A 397 -34.82 7.19 18.82
C GLU A 397 -33.69 7.62 19.79
N ARG A 398 -33.92 7.46 21.10
CA ARG A 398 -32.87 7.57 22.10
C ARG A 398 -31.61 6.78 21.69
N LEU A 399 -31.77 5.55 21.26
CA LEU A 399 -30.64 4.74 20.84
C LEU A 399 -29.89 5.29 19.64
N ARG A 400 -30.61 5.77 18.61
CA ARG A 400 -29.96 6.51 17.49
C ARG A 400 -29.04 7.67 17.95
N LEU A 401 -29.50 8.42 18.95
CA LEU A 401 -28.69 9.53 19.43
C LEU A 401 -27.33 9.08 19.87
N ARG A 402 -27.22 7.85 20.35
CA ARG A 402 -25.96 7.35 20.88
C ARG A 402 -25.25 6.45 19.86
N GLY A 403 -25.57 6.66 18.57
CA GLY A 403 -24.94 5.95 17.43
C GLY A 403 -25.54 4.63 16.91
N TRP A 404 -26.56 4.09 17.58
CA TRP A 404 -27.01 2.77 17.21
C TRP A 404 -28.26 2.80 16.36
N GLN A 405 -28.37 1.86 15.43
CA GLN A 405 -29.61 1.68 14.70
C GLN A 405 -30.33 0.41 15.17
N VAL A 406 -31.36 0.57 15.99
CA VAL A 406 -32.11 -0.56 16.43
C VAL A 406 -33.54 -0.32 16.01
N PRO A 407 -34.00 -1.04 14.97
CA PRO A 407 -35.32 -0.80 14.35
C PRO A 407 -36.54 -1.19 15.22
N ALA A 408 -37.48 -0.25 15.31
CA ALA A 408 -38.81 -0.50 15.84
C ALA A 408 -39.80 -0.41 14.67
N PHE A 409 -40.63 -1.43 14.48
CA PHE A 409 -41.63 -1.44 13.41
C PHE A 409 -42.85 -2.25 13.83
N THR A 410 -43.87 -2.23 12.97
CA THR A 410 -45.12 -3.00 13.13
C THR A 410 -45.10 -4.22 12.20
N LEU A 411 -45.66 -5.33 12.67
CA LEU A 411 -45.81 -6.54 11.84
C LEU A 411 -46.96 -6.43 10.84
N GLY A 412 -46.87 -7.17 9.74
CA GLY A 412 -47.98 -7.24 8.79
C GLY A 412 -49.35 -7.83 9.23
N GLY A 413 -50.10 -8.30 8.21
CA GLY A 413 -51.39 -9.00 8.36
C GLY A 413 -52.37 -8.54 9.43
N GLU A 414 -52.67 -9.45 10.37
CA GLU A 414 -53.59 -9.18 11.47
C GLU A 414 -52.86 -8.89 12.80
N ALA A 415 -51.56 -8.65 12.74
CA ALA A 415 -50.78 -8.24 13.93
C ALA A 415 -50.37 -6.77 13.80
N THR A 416 -51.20 -6.02 13.09
CA THR A 416 -50.89 -4.63 12.68
C THR A 416 -50.89 -3.70 13.91
N ASP A 417 -51.59 -4.16 14.94
CA ASP A 417 -51.54 -3.61 16.29
C ASP A 417 -50.18 -3.71 17.02
N ILE A 418 -49.23 -4.48 16.50
CA ILE A 418 -48.03 -4.81 17.26
C ILE A 418 -46.76 -4.11 16.79
N VAL A 419 -46.07 -3.49 17.76
CA VAL A 419 -44.75 -2.90 17.53
C VAL A 419 -43.69 -3.79 18.14
N VAL A 420 -42.69 -4.13 17.34
CA VAL A 420 -41.54 -4.85 17.84
C VAL A 420 -40.26 -4.08 17.65
N MET A 421 -39.30 -4.38 18.51
CA MET A 421 -37.93 -4.07 18.26
C MET A 421 -37.29 -5.39 17.79
N ARG A 422 -36.39 -5.32 16.81
CA ARG A 422 -35.68 -6.51 16.33
C ARG A 422 -34.15 -6.29 16.16
N ILE A 423 -33.35 -7.03 16.93
CA ILE A 423 -31.90 -6.89 16.88
C ILE A 423 -31.22 -8.02 16.12
N MET A 424 -30.49 -7.70 15.05
CA MET A 424 -29.74 -8.70 14.28
C MET A 424 -28.30 -8.81 14.75
N CYS A 425 -27.87 -10.01 15.09
CA CYS A 425 -26.51 -10.20 15.56
C CYS A 425 -25.70 -10.85 14.46
N ARG A 426 -24.85 -10.08 13.79
CA ARG A 426 -24.13 -10.64 12.68
C ARG A 426 -22.62 -10.67 13.02
N ARG A 427 -21.78 -11.18 12.10
CA ARG A 427 -20.38 -11.34 12.42
C ARG A 427 -19.76 -9.97 12.69
N GLY A 428 -18.98 -9.85 13.76
CA GLY A 428 -18.29 -8.60 14.09
C GLY A 428 -18.96 -7.83 15.24
N PHE A 429 -20.22 -8.19 15.51
CA PHE A 429 -20.94 -7.70 16.67
C PHE A 429 -20.74 -8.69 17.80
N GLU A 430 -19.56 -8.56 18.40
CA GLU A 430 -19.08 -9.44 19.44
C GLU A 430 -19.52 -9.04 20.84
N MET A 431 -19.45 -10.00 21.75
CA MET A 431 -19.79 -9.79 23.15
C MET A 431 -19.51 -8.38 23.66
N ASP A 432 -18.27 -7.91 23.52
CA ASP A 432 -17.97 -6.51 23.89
C ASP A 432 -18.93 -5.41 23.34
N PHE A 433 -19.42 -5.58 22.12
CA PHE A 433 -20.28 -4.55 21.59
C PHE A 433 -21.70 -4.66 22.14
N ALA A 434 -22.14 -5.90 22.37
CA ALA A 434 -23.42 -6.13 23.03
C ALA A 434 -23.43 -5.44 24.39
N GLU A 435 -22.31 -5.62 25.14
CA GLU A 435 -22.12 -5.01 26.45
C GLU A 435 -22.36 -3.53 26.36
N LEU A 436 -21.83 -2.93 25.32
CA LEU A 436 -21.88 -1.50 25.23
C LEU A 436 -23.27 -1.04 24.78
N LEU A 437 -23.91 -1.80 23.92
CA LEU A 437 -25.28 -1.51 23.60
C LEU A 437 -26.13 -1.53 24.86
N LEU A 438 -25.84 -2.46 25.76
CA LEU A 438 -26.64 -2.58 26.95
C LEU A 438 -26.46 -1.34 27.81
N GLU A 439 -25.24 -0.84 27.88
CA GLU A 439 -25.04 0.34 28.65
C GLU A 439 -25.84 1.49 28.09
N ASP A 440 -25.88 1.60 26.77
CA ASP A 440 -26.57 2.70 26.09
C ASP A 440 -28.09 2.50 26.21
N TYR A 441 -28.48 1.24 26.21
CA TYR A 441 -29.86 0.90 26.35
C TYR A 441 -30.30 1.42 27.72
N LYS A 442 -29.50 1.18 28.76
CA LYS A 442 -29.93 1.52 30.12
C LYS A 442 -29.98 3.02 30.29
N ALA A 443 -28.99 3.71 29.73
CA ALA A 443 -28.97 5.16 29.77
C ALA A 443 -30.19 5.76 29.06
N SER A 444 -30.67 5.13 27.99
CA SER A 444 -31.77 5.73 27.25
C SER A 444 -33.05 5.62 28.07
N LEU A 445 -33.25 4.45 28.67
CA LEU A 445 -34.38 4.20 29.56
C LEU A 445 -34.32 5.19 30.74
N LYS A 446 -33.11 5.51 31.20
CA LYS A 446 -32.98 6.43 32.31
C LYS A 446 -33.41 7.84 31.85
N TYR A 447 -32.96 8.23 30.65
CA TYR A 447 -33.37 9.49 30.03
C TYR A 447 -34.89 9.57 29.78
N LEU A 448 -35.47 8.54 29.16
CA LEU A 448 -36.92 8.51 29.04
C LEU A 448 -37.61 8.62 30.42
N SER A 449 -37.02 8.05 31.45
CA SER A 449 -37.64 8.09 32.76
C SER A 449 -37.62 9.52 33.30
N ASP A 450 -36.48 10.17 33.21
CA ASP A 450 -36.35 11.57 33.63
C ASP A 450 -37.06 12.61 32.75
N HIS A 451 -37.53 12.21 31.57
CA HIS A 451 -38.12 13.17 30.64
C HIS A 451 -39.40 12.61 30.05
N PRO A 452 -40.46 12.58 30.86
CA PRO A 452 -41.70 11.88 30.54
C PRO A 452 -42.41 12.46 29.33
N LYS A 453 -42.12 13.72 29.01
CA LYS A 453 -42.74 14.39 27.86
C LYS A 453 -42.43 13.69 26.54
N LEU A 454 -41.24 13.09 26.48
CA LEU A 454 -40.78 12.40 25.29
C LEU A 454 -41.71 11.28 24.84
N GLN A 455 -42.45 10.68 25.78
CA GLN A 455 -43.30 9.50 25.52
C GLN A 455 -44.40 9.68 24.48
N GLY A 456 -44.44 8.76 23.52
CA GLY A 456 -45.47 8.74 22.50
C GLY A 456 -45.20 9.60 21.28
N ILE A 457 -44.16 10.44 21.32
CA ILE A 457 -43.86 11.38 20.22
C ILE A 457 -43.37 10.73 18.91
N ALA A 458 -42.39 9.83 18.98
CA ALA A 458 -41.79 9.28 17.78
C ALA A 458 -42.74 8.26 17.19
N GLN A 459 -42.95 8.29 15.89
CA GLN A 459 -43.79 7.23 15.27
C GLN A 459 -43.49 6.73 13.85
N GLN A 460 -42.27 6.91 13.36
CA GLN A 460 -41.94 6.44 12.03
C GLN A 460 -41.35 5.01 12.09
N ASN A 461 -41.90 4.10 11.28
CA ASN A 461 -41.35 2.75 11.20
C ASN A 461 -39.92 2.80 10.69
N SER A 462 -39.02 2.00 11.24
CA SER A 462 -37.68 1.88 10.62
C SER A 462 -37.69 0.92 9.41
N PHE A 463 -36.67 1.01 8.56
CA PHE A 463 -36.37 -0.03 7.58
C PHE A 463 -36.25 -1.39 8.28
N LYS A 464 -36.98 -2.38 7.76
CA LYS A 464 -37.08 -3.70 8.39
C LYS A 464 -36.76 -4.89 7.47
N HIS A 465 -36.38 -4.65 6.22
CA HIS A 465 -36.49 -5.72 5.23
C HIS A 465 -35.23 -6.54 5.03
N THR A 466 -34.07 -5.98 5.33
CA THR A 466 -32.83 -6.73 5.22
C THR A 466 -31.70 -5.94 5.80
N LYS B 4 19.80 -50.02 -3.76
CA LYS B 4 20.44 -49.10 -2.75
C LYS B 4 19.94 -47.68 -2.88
N GLN B 5 19.31 -47.20 -1.82
CA GLN B 5 18.74 -45.86 -1.87
C GLN B 5 19.77 -44.75 -1.70
N VAL B 6 19.43 -43.57 -2.19
CA VAL B 6 20.34 -42.42 -2.06
C VAL B 6 19.58 -41.17 -1.61
N THR B 7 18.28 -41.36 -1.46
CA THR B 7 17.35 -40.30 -1.28
C THR B 7 17.00 -40.18 0.18
N ASP B 8 16.16 -39.18 0.48
CA ASP B 8 15.68 -38.84 1.79
C ASP B 8 14.31 -38.24 1.52
N LEU B 9 13.27 -39.07 1.53
CA LEU B 9 11.96 -38.59 1.12
C LEU B 9 10.95 -38.66 2.23
N ARG B 10 9.98 -37.77 2.19
CA ARG B 10 8.88 -37.79 3.16
C ARG B 10 7.72 -38.64 2.58
N SER B 11 6.96 -39.29 3.45
CA SER B 11 5.90 -40.21 3.04
C SER B 11 4.55 -39.55 3.14
N GLU B 12 4.47 -38.33 2.68
CA GLU B 12 3.20 -37.66 2.51
C GLU B 12 3.31 -36.57 1.46
N LEU B 13 2.20 -36.32 0.77
CA LEU B 13 2.11 -35.28 -0.25
C LEU B 13 2.43 -33.84 0.27
N LEU B 14 3.36 -33.12 -0.36
CA LEU B 14 3.77 -31.78 0.10
C LEU B 14 3.45 -30.66 -0.86
N ASP B 15 3.48 -29.43 -0.37
CA ASP B 15 3.28 -28.31 -1.23
C ASP B 15 4.56 -27.51 -1.27
N SER B 16 5.08 -27.22 -2.46
CA SER B 16 6.35 -26.44 -2.56
C SER B 16 6.24 -24.95 -2.12
N ARG B 17 5.04 -24.42 -2.14
CA ARG B 17 4.81 -23.07 -1.69
C ARG B 17 4.94 -23.00 -0.22
N PHE B 18 4.33 -23.93 0.51
CA PHE B 18 4.21 -23.78 1.96
C PHE B 18 5.10 -24.71 2.83
N GLY B 19 5.90 -25.54 2.18
CA GLY B 19 6.71 -26.53 2.84
C GLY B 19 5.95 -27.32 3.86
N ALA B 20 4.67 -27.55 3.63
CA ALA B 20 3.82 -28.32 4.54
C ALA B 20 2.96 -29.38 3.79
N LYS B 21 2.22 -30.21 4.52
CA LYS B 21 1.34 -31.18 3.88
C LYS B 21 0.43 -30.47 2.86
N SER B 22 0.25 -31.13 1.70
CA SER B 22 -0.57 -30.63 0.62
C SER B 22 -2.04 -30.56 0.97
N ILE B 23 -2.67 -29.42 0.66
CA ILE B 23 -4.13 -29.29 0.58
C ILE B 23 -4.56 -29.06 -0.87
N SER B 24 -5.40 -29.97 -1.39
CA SER B 24 -5.90 -29.88 -2.77
C SER B 24 -7.25 -29.20 -2.86
N THR B 25 -7.42 -28.28 -3.80
CA THR B 25 -8.75 -27.69 -3.97
C THR B 25 -9.62 -28.61 -4.75
N ILE B 26 -9.01 -29.44 -5.59
CA ILE B 26 -9.78 -30.29 -6.51
C ILE B 26 -10.48 -31.52 -5.88
N ALA B 27 -9.79 -32.37 -5.12
CA ALA B 27 -10.50 -33.35 -4.27
C ALA B 27 -10.72 -32.63 -2.96
N GLU B 28 -11.93 -32.65 -2.40
CA GLU B 28 -12.34 -31.62 -1.41
C GLU B 28 -13.05 -30.48 -2.14
N SER B 29 -13.44 -30.75 -3.39
CA SER B 29 -14.23 -29.81 -4.20
C SER B 29 -15.63 -30.40 -4.33
N LYS B 30 -15.81 -31.53 -3.65
CA LYS B 30 -16.95 -32.35 -3.93
C LYS B 30 -17.98 -32.27 -2.83
N ARG B 31 -17.50 -32.21 -1.59
CA ARG B 31 -18.36 -31.90 -0.47
C ARG B 31 -17.89 -30.61 0.16
N PHE B 32 -18.75 -30.02 0.99
CA PHE B 32 -18.37 -28.91 1.86
C PHE B 32 -17.19 -29.38 2.74
N PRO B 33 -16.13 -28.53 2.86
CA PRO B 33 -14.92 -28.92 3.59
C PRO B 33 -15.20 -29.07 5.07
N LEU B 34 -14.49 -29.97 5.73
CA LEU B 34 -14.77 -30.20 7.16
C LEU B 34 -13.91 -29.34 8.14
N HIS B 35 -12.70 -28.96 7.73
CA HIS B 35 -11.74 -28.35 8.66
C HIS B 35 -11.33 -26.88 8.40
N GLU B 36 -10.97 -26.19 9.46
CA GLU B 36 -10.36 -24.88 9.25
C GLU B 36 -8.99 -25.05 8.62
N MET B 37 -8.56 -24.03 7.93
CA MET B 37 -7.27 -23.97 7.33
C MET B 37 -6.75 -22.55 7.68
N ARG B 38 -5.45 -22.31 7.61
CA ARG B 38 -4.95 -20.93 7.89
C ARG B 38 -5.47 -19.93 6.85
N ASP B 39 -6.00 -18.78 7.29
CA ASP B 39 -6.54 -17.78 6.35
C ASP B 39 -5.62 -17.40 5.20
N ASP B 40 -4.38 -17.08 5.52
CA ASP B 40 -3.40 -16.64 4.53
C ASP B 40 -3.04 -17.74 3.54
N VAL B 41 -3.16 -18.99 3.96
CA VAL B 41 -2.93 -20.13 3.09
C VAL B 41 -4.15 -20.27 2.17
N ALA B 42 -5.34 -20.18 2.73
CA ALA B 42 -6.54 -20.18 1.87
C ALA B 42 -6.39 -19.10 0.82
N PHE B 43 -6.06 -17.91 1.28
CA PHE B 43 -5.89 -16.80 0.35
C PHE B 43 -4.84 -17.07 -0.76
N GLN B 44 -3.68 -17.58 -0.38
CA GLN B 44 -2.65 -17.84 -1.36
C GLN B 44 -3.05 -18.93 -2.37
N ILE B 45 -3.66 -20.01 -1.86
CA ILE B 45 -4.14 -21.08 -2.73
C ILE B 45 -5.06 -20.51 -3.80
N ILE B 46 -6.01 -19.67 -3.39
CA ILE B 46 -6.97 -19.13 -4.31
C ILE B 46 -6.30 -18.14 -5.23
N ASN B 47 -5.51 -17.22 -4.69
CA ASN B 47 -4.87 -16.18 -5.50
C ASN B 47 -4.04 -16.83 -6.60
N ASP B 48 -3.28 -17.85 -6.20
CA ASP B 48 -2.50 -18.67 -7.11
C ASP B 48 -3.30 -19.26 -8.29
N GLU B 49 -4.49 -19.79 -8.00
CA GLU B 49 -5.32 -20.37 -9.07
C GLU B 49 -5.77 -19.31 -10.02
N LEU B 50 -6.05 -18.11 -9.50
CA LEU B 50 -6.58 -17.05 -10.31
C LEU B 50 -5.60 -16.50 -11.36
N TYR B 51 -4.33 -16.86 -11.28
CA TYR B 51 -3.39 -16.47 -12.33
C TYR B 51 -3.71 -17.20 -13.64
N LEU B 52 -4.54 -18.23 -13.56
CA LEU B 52 -4.95 -18.95 -14.75
C LEU B 52 -6.05 -18.23 -15.52
N ASP B 53 -6.64 -17.18 -14.93
CA ASP B 53 -7.63 -16.35 -15.64
C ASP B 53 -6.90 -15.44 -16.59
N GLY B 54 -7.58 -15.02 -17.65
CA GLY B 54 -6.96 -14.10 -18.60
C GLY B 54 -7.06 -12.70 -18.03
N ASN B 55 -6.32 -11.75 -18.58
CA ASN B 55 -6.45 -10.39 -18.08
C ASN B 55 -7.30 -9.53 -18.97
N ALA B 56 -7.75 -10.15 -20.07
CA ALA B 56 -8.69 -9.58 -21.04
C ALA B 56 -8.15 -8.46 -21.92
N ARG B 57 -6.89 -8.09 -21.73
CA ARG B 57 -6.34 -7.00 -22.54
C ARG B 57 -6.29 -7.33 -24.03
N GLN B 58 -6.03 -8.58 -24.37
CA GLN B 58 -6.04 -8.97 -25.78
C GLN B 58 -7.35 -9.65 -26.16
N ASN B 59 -8.35 -9.57 -25.29
CA ASN B 59 -9.63 -10.11 -25.68
C ASN B 59 -10.45 -9.03 -26.41
N LEU B 60 -10.66 -9.23 -27.72
CA LEU B 60 -11.37 -8.25 -28.55
C LEU B 60 -12.81 -8.73 -28.90
N ALA B 61 -13.26 -9.70 -28.10
CA ALA B 61 -14.59 -10.24 -28.22
C ALA B 61 -15.54 -9.57 -27.28
N THR B 62 -15.05 -9.02 -26.17
CA THR B 62 -15.93 -8.43 -25.13
C THR B 62 -16.17 -6.91 -25.22
N PHE B 63 -17.32 -6.51 -24.69
CA PHE B 63 -17.79 -5.14 -24.67
C PHE B 63 -17.46 -4.49 -23.32
N CYS B 64 -17.31 -5.33 -22.29
CA CYS B 64 -17.22 -4.86 -20.92
C CYS B 64 -15.90 -4.16 -20.57
N GLN B 65 -15.90 -3.27 -19.57
CA GLN B 65 -14.69 -2.52 -19.20
C GLN B 65 -13.56 -3.43 -18.69
N THR B 66 -12.37 -3.27 -19.25
CA THR B 66 -11.25 -4.09 -18.82
C THR B 66 -10.02 -3.28 -18.44
N TRP B 67 -10.12 -1.96 -18.55
CA TRP B 67 -8.99 -1.12 -18.23
C TRP B 67 -9.00 -0.81 -16.74
N ASP B 68 -7.83 -0.68 -16.11
CA ASP B 68 -7.73 -0.35 -14.68
C ASP B 68 -7.30 1.08 -14.43
N ASP B 69 -7.98 1.72 -13.49
CA ASP B 69 -7.66 3.12 -13.10
C ASP B 69 -7.65 3.14 -11.58
N GLU B 70 -6.55 3.59 -11.01
CA GLU B 70 -6.34 3.53 -9.56
C GLU B 70 -7.52 4.07 -8.77
N ASN B 71 -8.13 5.14 -9.24
CA ASN B 71 -9.23 5.72 -8.49
C ASN B 71 -10.49 4.86 -8.49
N VAL B 72 -10.75 4.14 -9.55
CA VAL B 72 -11.88 3.25 -9.55
C VAL B 72 -11.66 2.12 -8.54
N HIS B 73 -10.44 1.60 -8.49
CA HIS B 73 -10.10 0.59 -7.47
C HIS B 73 -10.34 1.06 -6.02
N LYS B 74 -9.87 2.26 -5.69
CA LYS B 74 -10.11 2.81 -4.37
C LYS B 74 -11.61 2.99 -4.05
N LEU B 75 -12.35 3.63 -4.95
CA LEU B 75 -13.78 3.80 -4.75
C LEU B 75 -14.46 2.45 -4.53
N MET B 76 -14.20 1.48 -5.42
CA MET B 76 -14.76 0.11 -5.25
C MET B 76 -14.33 -0.43 -3.90
N ASP B 77 -13.05 -0.27 -3.57
CA ASP B 77 -12.59 -0.82 -2.31
C ASP B 77 -13.26 -0.19 -1.07
N LEU B 78 -13.61 1.12 -1.13
CA LEU B 78 -14.37 1.76 -0.06
C LEU B 78 -15.79 1.31 -0.01
N SER B 79 -16.29 0.66 -1.05
CA SER B 79 -17.72 0.47 -1.17
C SER B 79 -18.17 -0.96 -0.99
N ILE B 80 -17.22 -1.86 -0.76
CA ILE B 80 -17.47 -3.28 -0.70
C ILE B 80 -18.73 -3.57 0.13
N ASN B 81 -18.91 -2.89 1.25
CA ASN B 81 -20.03 -3.15 2.15
C ASN B 81 -21.22 -2.22 1.98
N LYS B 82 -21.10 -1.23 1.11
CA LYS B 82 -22.15 -0.24 0.96
C LYS B 82 -23.37 -0.81 0.21
N ASN B 83 -24.48 -0.99 0.93
CA ASN B 83 -25.68 -1.64 0.36
C ASN B 83 -26.58 -0.63 -0.37
N TRP B 84 -26.59 -0.72 -1.69
CA TRP B 84 -27.47 0.08 -2.53
C TRP B 84 -28.91 0.27 -2.01
N ILE B 85 -29.48 -0.77 -1.41
CA ILE B 85 -30.88 -0.79 -1.07
C ILE B 85 -31.12 -0.10 0.27
N ASP B 86 -30.05 0.11 1.02
CA ASP B 86 -30.19 0.56 2.40
C ASP B 86 -29.98 2.08 2.41
N LYS B 87 -31.04 2.78 2.03
CA LYS B 87 -31.07 4.23 1.94
C LYS B 87 -30.80 4.88 3.33
N GLU B 88 -31.13 4.18 4.38
CA GLU B 88 -31.03 4.69 5.75
C GLU B 88 -29.59 4.89 6.22
N GLU B 89 -28.78 3.84 6.11
CA GLU B 89 -27.40 3.81 6.52
C GLU B 89 -26.45 4.49 5.53
N TYR B 90 -26.80 4.50 4.25
CA TYR B 90 -25.86 5.02 3.26
C TYR B 90 -26.52 6.14 2.49
N PRO B 91 -26.98 7.17 3.22
CA PRO B 91 -27.73 8.25 2.58
C PRO B 91 -26.93 8.99 1.51
N GLN B 92 -25.61 8.98 1.63
CA GLN B 92 -24.79 9.66 0.66
C GLN B 92 -24.65 8.85 -0.63
N SER B 93 -24.60 7.52 -0.52
CA SER B 93 -24.67 6.65 -1.70
C SER B 93 -26.03 6.74 -2.42
N ALA B 94 -27.09 6.87 -1.63
CA ALA B 94 -28.43 7.07 -2.14
C ALA B 94 -28.50 8.34 -2.90
N ALA B 95 -27.93 9.40 -2.37
CA ALA B 95 -27.91 10.67 -3.08
C ALA B 95 -27.18 10.52 -4.42
N ILE B 96 -26.02 9.87 -4.40
CA ILE B 96 -25.23 9.78 -5.61
C ILE B 96 -25.95 9.01 -6.72
N ASP B 97 -26.67 7.97 -6.34
CA ASP B 97 -27.39 7.10 -7.27
C ASP B 97 -28.46 7.93 -7.94
N LEU B 98 -29.14 8.77 -7.16
CA LEU B 98 -30.22 9.58 -7.69
C LEU B 98 -29.69 10.59 -8.70
N ARG B 99 -28.47 11.07 -8.49
CA ARG B 99 -27.85 12.03 -9.39
C ARG B 99 -27.51 11.40 -10.74
N CYS B 100 -27.01 10.18 -10.68
CA CYS B 100 -26.72 9.46 -11.89
C CYS B 100 -28.00 9.31 -12.71
N VAL B 101 -29.12 9.01 -12.03
CA VAL B 101 -30.36 8.76 -12.76
C VAL B 101 -30.73 10.02 -13.51
N ASN B 102 -30.68 11.18 -12.85
CA ASN B 102 -30.92 12.46 -13.55
C ASN B 102 -29.95 12.68 -14.70
N MET B 103 -28.66 12.42 -14.47
CA MET B 103 -27.70 12.78 -15.49
C MET B 103 -27.93 11.95 -16.73
N VAL B 104 -28.35 10.70 -16.50
CA VAL B 104 -28.60 9.80 -17.61
C VAL B 104 -29.87 10.25 -18.34
N ALA B 105 -30.99 10.30 -17.64
CA ALA B 105 -32.16 10.91 -18.20
C ALA B 105 -31.80 12.13 -19.02
N ASP B 106 -30.93 13.00 -18.51
CA ASP B 106 -30.73 14.29 -19.16
C ASP B 106 -30.03 14.07 -20.47
N LEU B 107 -29.08 13.16 -20.43
CA LEU B 107 -28.25 12.82 -21.58
C LEU B 107 -29.10 12.27 -22.70
N TRP B 108 -30.17 11.57 -22.35
CA TRP B 108 -31.11 11.01 -23.33
C TRP B 108 -32.37 11.83 -23.66
N HIS B 109 -32.40 13.11 -23.23
CA HIS B 109 -33.47 14.08 -23.59
C HIS B 109 -34.81 13.73 -22.98
N ALA B 110 -34.79 12.96 -21.91
CA ALA B 110 -36.00 12.70 -21.14
C ALA B 110 -36.64 14.02 -20.85
N PRO B 111 -37.98 14.11 -20.97
CA PRO B 111 -38.66 15.35 -20.58
C PRO B 111 -38.35 15.77 -19.15
N ALA B 112 -38.02 17.05 -18.97
CA ALA B 112 -37.62 17.62 -17.67
C ALA B 112 -38.63 17.24 -16.59
N PRO B 113 -38.17 16.64 -15.48
CA PRO B 113 -39.17 16.08 -14.56
C PRO B 113 -39.85 17.21 -13.79
N LYS B 114 -41.11 16.98 -13.42
CA LYS B 114 -41.91 17.92 -12.63
C LYS B 114 -41.29 18.20 -11.21
N ASN B 115 -40.98 17.12 -10.50
CA ASN B 115 -40.47 17.13 -9.11
C ASN B 115 -38.92 17.23 -8.91
N GLY B 116 -38.17 17.42 -10.00
CA GLY B 116 -36.70 17.47 -9.96
C GLY B 116 -36.01 16.11 -9.98
N GLN B 117 -36.79 15.02 -10.06
CA GLN B 117 -36.26 13.66 -10.06
C GLN B 117 -36.75 12.80 -11.21
N ALA B 118 -35.89 12.54 -12.20
CA ALA B 118 -36.25 11.63 -13.27
C ALA B 118 -36.74 10.22 -12.83
N VAL B 119 -37.45 9.55 -13.73
CA VAL B 119 -38.04 8.24 -13.43
C VAL B 119 -37.21 7.13 -14.04
N GLY B 120 -36.42 6.46 -13.22
CA GLY B 120 -35.47 5.50 -13.75
C GLY B 120 -34.79 4.82 -12.61
N THR B 121 -33.99 3.80 -12.92
CA THR B 121 -33.29 3.07 -11.87
C THR B 121 -31.98 2.52 -12.37
N ASN B 122 -31.06 2.31 -11.45
CA ASN B 122 -29.84 1.62 -11.73
C ASN B 122 -30.12 0.12 -11.66
N THR B 123 -29.34 -0.68 -12.38
CA THR B 123 -29.52 -2.11 -12.38
C THR B 123 -28.15 -2.74 -12.43
N ILE B 124 -28.08 -4.08 -12.31
CA ILE B 124 -26.83 -4.84 -12.32
C ILE B 124 -26.13 -4.86 -13.70
N GLY B 125 -26.87 -4.62 -14.78
CA GLY B 125 -26.37 -4.71 -16.17
C GLY B 125 -27.57 -4.54 -17.09
N SER B 126 -27.38 -4.68 -18.39
CA SER B 126 -28.51 -4.37 -19.28
C SER B 126 -29.60 -5.44 -19.18
N SER B 127 -29.18 -6.67 -18.87
CA SER B 127 -30.09 -7.77 -18.74
C SER B 127 -31.27 -7.28 -17.86
N GLU B 128 -30.98 -6.92 -16.60
CA GLU B 128 -32.03 -6.48 -15.69
C GLU B 128 -32.83 -5.27 -16.24
N ALA B 129 -32.11 -4.29 -16.78
CA ALA B 129 -32.73 -3.13 -17.44
C ALA B 129 -33.83 -3.52 -18.44
N CYS B 130 -33.48 -4.41 -19.35
CA CYS B 130 -34.37 -4.86 -20.38
C CYS B 130 -35.62 -5.58 -19.84
N MET B 131 -35.45 -6.49 -18.87
CA MET B 131 -36.60 -7.15 -18.27
C MET B 131 -37.50 -6.08 -17.68
N LEU B 132 -36.92 -5.13 -16.98
CA LEU B 132 -37.74 -4.05 -16.45
C LEU B 132 -38.49 -3.29 -17.55
N GLY B 133 -37.82 -2.94 -18.66
CA GLY B 133 -38.47 -2.22 -19.75
C GLY B 133 -39.58 -3.08 -20.34
N GLY B 134 -39.27 -4.37 -20.53
CA GLY B 134 -40.22 -5.35 -21.04
C GLY B 134 -41.43 -5.50 -20.14
N MET B 135 -41.20 -5.57 -18.83
CA MET B 135 -42.29 -5.70 -17.88
C MET B 135 -43.21 -4.49 -18.01
N ALA B 136 -42.64 -3.29 -17.96
CA ALA B 136 -43.46 -2.10 -17.99
C ALA B 136 -44.23 -2.00 -19.31
N MET B 137 -43.59 -2.37 -20.42
CA MET B 137 -44.27 -2.43 -21.71
C MET B 137 -45.49 -3.36 -21.68
N LYS B 138 -45.27 -4.55 -21.11
CA LYS B 138 -46.32 -5.56 -21.01
C LYS B 138 -47.49 -5.00 -20.19
N TRP B 139 -47.19 -4.37 -19.06
CA TRP B 139 -48.19 -3.82 -18.19
C TRP B 139 -48.97 -2.69 -18.84
N ARG B 140 -48.27 -1.75 -19.48
CA ARG B 140 -49.00 -0.72 -20.22
C ARG B 140 -50.03 -1.31 -21.22
N TRP B 141 -49.55 -2.19 -22.09
CA TRP B 141 -50.35 -2.81 -23.10
C TRP B 141 -51.53 -3.56 -22.47
N ARG B 142 -51.27 -4.40 -21.47
CA ARG B 142 -52.35 -5.09 -20.75
C ARG B 142 -53.46 -4.19 -20.26
N LYS B 143 -53.09 -3.03 -19.73
CA LYS B 143 -54.07 -2.10 -19.19
C LYS B 143 -54.88 -1.43 -20.30
N ARG B 144 -54.22 -1.06 -21.41
CA ARG B 144 -54.93 -0.43 -22.55
C ARG B 144 -56.00 -1.33 -23.16
N MET B 145 -55.71 -2.64 -23.20
CA MET B 145 -56.65 -3.63 -23.71
C MET B 145 -57.77 -3.91 -22.71
N GLU B 146 -57.42 -4.07 -21.43
CA GLU B 146 -58.44 -4.24 -20.40
C GLU B 146 -59.46 -3.09 -20.42
N ALA B 147 -58.95 -1.87 -20.54
CA ALA B 147 -59.78 -0.68 -20.74
C ALA B 147 -60.71 -0.90 -21.95
N ALA B 148 -60.13 -1.36 -23.06
CA ALA B 148 -60.90 -1.61 -24.28
C ALA B 148 -61.63 -2.98 -24.26
N GLY B 149 -61.79 -3.55 -23.07
CA GLY B 149 -62.34 -4.89 -22.92
C GLY B 149 -61.92 -5.93 -23.96
N LYS B 150 -60.62 -6.05 -24.21
CA LYS B 150 -60.07 -7.02 -25.17
C LYS B 150 -59.26 -8.13 -24.49
N PRO B 151 -59.02 -9.28 -25.19
CA PRO B 151 -58.34 -10.37 -24.52
C PRO B 151 -56.85 -10.06 -24.42
N THR B 152 -56.24 -10.40 -23.29
CA THR B 152 -54.83 -10.05 -23.01
C THR B 152 -53.90 -11.28 -22.92
N ASP B 153 -54.36 -12.44 -23.38
CA ASP B 153 -53.55 -13.65 -23.18
C ASP B 153 -52.50 -13.97 -24.26
N LYS B 154 -52.47 -13.20 -25.36
CA LYS B 154 -51.58 -13.50 -26.48
C LYS B 154 -50.65 -12.34 -26.91
N PRO B 155 -49.89 -11.72 -25.95
CA PRO B 155 -48.98 -10.63 -26.30
C PRO B 155 -47.76 -11.08 -27.12
N ASN B 156 -47.31 -10.20 -28.02
CA ASN B 156 -46.08 -10.36 -28.81
C ASN B 156 -45.17 -9.10 -28.75
N LEU B 157 -43.91 -9.29 -29.15
CA LEU B 157 -42.87 -8.27 -29.06
C LEU B 157 -42.15 -8.33 -30.39
N VAL B 158 -42.03 -7.19 -31.04
CA VAL B 158 -41.37 -7.08 -32.34
C VAL B 158 -39.98 -6.48 -32.16
N CYS B 159 -38.97 -7.10 -32.74
CA CYS B 159 -37.60 -6.72 -32.49
C CYS B 159 -36.73 -7.35 -33.57
N GLY B 160 -35.44 -7.01 -33.57
CA GLY B 160 -34.53 -7.50 -34.60
C GLY B 160 -33.59 -8.53 -34.04
N PRO B 161 -32.35 -8.60 -34.56
CA PRO B 161 -31.48 -9.61 -33.97
C PRO B 161 -31.01 -9.15 -32.59
N VAL B 162 -31.78 -9.46 -31.53
CA VAL B 162 -31.56 -8.92 -30.20
C VAL B 162 -30.63 -9.78 -29.38
N GLN B 163 -30.16 -9.24 -28.26
CA GLN B 163 -29.33 -10.04 -27.34
C GLN B 163 -30.19 -11.02 -26.56
N ILE B 164 -29.50 -12.01 -26.01
CA ILE B 164 -30.14 -13.10 -25.39
C ILE B 164 -31.14 -12.67 -24.34
N CYS B 165 -30.92 -11.54 -23.73
CA CYS B 165 -31.82 -11.15 -22.64
C CYS B 165 -33.25 -11.04 -23.12
N TRP B 166 -33.46 -10.67 -24.37
CA TRP B 166 -34.83 -10.59 -24.85
C TRP B 166 -35.46 -11.96 -25.07
N HIS B 167 -34.65 -12.93 -25.49
CA HIS B 167 -35.07 -14.32 -25.57
C HIS B 167 -35.47 -14.85 -24.21
N LYS B 168 -34.65 -14.51 -23.20
CA LYS B 168 -35.01 -14.77 -21.80
C LYS B 168 -36.32 -14.07 -21.38
N PHE B 169 -36.36 -12.74 -21.43
CA PHE B 169 -37.60 -12.03 -21.17
C PHE B 169 -38.82 -12.68 -21.87
N ALA B 170 -38.69 -13.03 -23.14
CA ALA B 170 -39.86 -13.55 -23.85
C ALA B 170 -40.35 -14.85 -23.24
N ARG B 171 -39.40 -15.75 -22.95
CA ARG B 171 -39.72 -17.01 -22.28
C ARG B 171 -40.23 -16.83 -20.87
N TYR B 172 -39.50 -16.09 -20.06
CA TYR B 172 -39.84 -15.99 -18.67
C TYR B 172 -41.22 -15.39 -18.47
N TRP B 173 -41.60 -14.48 -19.37
CA TRP B 173 -42.82 -13.65 -19.19
C TRP B 173 -44.03 -13.99 -20.09
N ASP B 174 -43.93 -15.10 -20.82
CA ASP B 174 -44.96 -15.57 -21.76
C ASP B 174 -45.35 -14.53 -22.75
N VAL B 175 -44.38 -14.00 -23.48
CA VAL B 175 -44.61 -13.07 -24.58
C VAL B 175 -44.06 -13.76 -25.82
N GLU B 176 -44.81 -13.69 -26.91
CA GLU B 176 -44.35 -14.21 -28.18
C GLU B 176 -43.26 -13.29 -28.82
N LEU B 177 -42.12 -13.91 -29.17
CA LEU B 177 -40.98 -13.19 -29.75
C LEU B 177 -41.09 -13.16 -31.28
N ARG B 178 -41.44 -12.03 -31.85
CA ARG B 178 -41.44 -11.95 -33.30
C ARG B 178 -40.12 -11.33 -33.69
N GLU B 179 -39.10 -12.16 -33.83
CA GLU B 179 -37.78 -11.65 -34.21
C GLU B 179 -37.76 -11.60 -35.73
N ILE B 180 -37.56 -10.42 -36.27
CA ILE B 180 -37.27 -10.25 -37.69
C ILE B 180 -35.90 -10.89 -37.99
N PRO B 181 -35.90 -11.94 -38.81
CA PRO B 181 -34.70 -12.73 -38.99
C PRO B 181 -33.65 -11.97 -39.76
N MET B 182 -32.38 -12.13 -39.40
CA MET B 182 -31.31 -11.64 -40.26
C MET B 182 -31.32 -12.41 -41.56
N ARG B 183 -31.04 -11.73 -42.65
CA ARG B 183 -30.79 -12.42 -43.90
C ARG B 183 -29.87 -11.62 -44.81
N PRO B 184 -29.10 -12.30 -45.68
CA PRO B 184 -28.08 -11.60 -46.49
C PRO B 184 -28.61 -10.29 -47.08
N GLY B 185 -27.83 -9.22 -46.98
CA GLY B 185 -28.23 -7.92 -47.52
C GLY B 185 -29.47 -7.28 -46.90
N GLN B 186 -29.93 -7.83 -45.78
CA GLN B 186 -30.83 -7.10 -44.89
C GLN B 186 -30.74 -7.73 -43.52
N LEU B 187 -29.76 -7.24 -42.77
CA LEU B 187 -29.37 -7.86 -41.52
C LEU B 187 -30.15 -7.35 -40.32
N PHE B 188 -31.03 -6.38 -40.54
CA PHE B 188 -31.61 -5.63 -39.45
C PHE B 188 -33.12 -5.47 -39.57
N MET B 189 -33.78 -5.29 -38.43
CA MET B 189 -35.18 -4.92 -38.44
C MET B 189 -35.35 -3.62 -39.24
N ASP B 190 -36.01 -3.76 -40.40
CA ASP B 190 -36.32 -2.66 -41.32
C ASP B 190 -37.81 -2.34 -41.17
N PRO B 191 -38.22 -1.12 -41.59
CA PRO B 191 -39.58 -0.67 -41.35
C PRO B 191 -40.61 -1.56 -42.00
N LYS B 192 -40.39 -1.92 -43.26
CA LYS B 192 -41.32 -2.79 -43.95
C LYS B 192 -41.65 -4.10 -43.19
N ARG B 193 -40.63 -4.92 -42.89
CA ARG B 193 -40.83 -6.16 -42.14
C ARG B 193 -41.32 -6.01 -40.69
N MET B 194 -41.06 -4.86 -40.07
CA MET B 194 -41.51 -4.58 -38.71
C MET B 194 -43.03 -4.44 -38.76
N ILE B 195 -43.51 -3.59 -39.64
CA ILE B 195 -44.95 -3.40 -39.81
C ILE B 195 -45.72 -4.70 -39.98
N GLU B 196 -45.15 -5.64 -40.74
CA GLU B 196 -45.84 -6.91 -40.98
C GLU B 196 -46.05 -7.72 -39.72
N ALA B 197 -45.10 -7.59 -38.80
CA ALA B 197 -45.11 -8.36 -37.58
C ALA B 197 -46.04 -7.75 -36.55
N CYS B 198 -46.41 -6.47 -36.76
CA CYS B 198 -47.20 -5.69 -35.80
C CYS B 198 -48.71 -5.89 -35.89
N ASP B 199 -49.35 -6.21 -34.77
CA ASP B 199 -50.81 -6.34 -34.68
C ASP B 199 -51.28 -5.75 -33.34
N GLU B 200 -52.51 -6.02 -32.92
CA GLU B 200 -53.00 -5.39 -31.69
C GLU B 200 -52.62 -6.16 -30.42
N ASN B 201 -51.72 -7.13 -30.52
CA ASN B 201 -51.16 -7.75 -29.33
C ASN B 201 -49.68 -7.41 -29.13
N THR B 202 -49.16 -6.58 -30.03
CA THR B 202 -47.81 -6.08 -29.93
C THR B 202 -47.66 -5.09 -28.77
N ILE B 203 -46.85 -5.44 -27.77
CA ILE B 203 -46.73 -4.64 -26.58
C ILE B 203 -45.74 -3.52 -26.87
N GLY B 204 -44.82 -3.81 -27.80
CA GLY B 204 -43.81 -2.82 -28.18
C GLY B 204 -42.87 -3.30 -29.28
N VAL B 205 -42.06 -2.38 -29.78
CA VAL B 205 -41.05 -2.70 -30.73
C VAL B 205 -39.75 -2.33 -30.08
N VAL B 206 -38.75 -3.17 -30.19
CA VAL B 206 -37.45 -2.95 -29.55
C VAL B 206 -36.33 -2.83 -30.58
N PRO B 207 -35.98 -1.58 -30.96
CA PRO B 207 -34.80 -1.37 -31.75
C PRO B 207 -33.59 -1.65 -30.88
N THR B 208 -32.54 -2.22 -31.47
CA THR B 208 -31.32 -2.45 -30.73
C THR B 208 -30.32 -1.41 -31.24
N PHE B 209 -30.01 -0.45 -30.37
CA PHE B 209 -29.11 0.63 -30.74
C PHE B 209 -27.65 0.21 -30.52
N GLY B 210 -27.16 -0.68 -31.40
CA GLY B 210 -25.85 -1.30 -31.25
C GLY B 210 -26.01 -2.81 -31.15
N VAL B 211 -26.01 -3.48 -32.31
CA VAL B 211 -26.33 -4.92 -32.40
C VAL B 211 -25.17 -5.73 -31.91
N THR B 212 -25.44 -6.69 -31.05
CA THR B 212 -24.36 -7.45 -30.40
C THR B 212 -23.48 -8.18 -31.41
N TYR B 213 -24.11 -8.77 -32.43
CA TYR B 213 -23.44 -9.60 -33.44
C TYR B 213 -22.56 -8.80 -34.36
N THR B 214 -22.93 -7.58 -34.69
CA THR B 214 -22.18 -6.91 -35.74
C THR B 214 -21.68 -5.51 -35.38
N GLY B 215 -22.38 -4.83 -34.47
CA GLY B 215 -22.00 -3.48 -34.11
C GLY B 215 -22.79 -2.37 -34.78
N ASN B 216 -23.71 -2.71 -35.68
CA ASN B 216 -24.54 -1.68 -36.36
C ASN B 216 -25.69 -1.15 -35.50
N TYR B 217 -26.10 0.10 -35.79
CA TYR B 217 -27.28 0.68 -35.18
C TYR B 217 -28.50 0.28 -35.95
N GLU B 218 -29.57 -0.10 -35.27
CA GLU B 218 -30.88 -0.04 -35.87
C GLU B 218 -31.40 1.34 -35.54
N PHE B 219 -31.66 2.12 -36.58
CA PHE B 219 -32.04 3.50 -36.43
C PHE B 219 -33.51 3.64 -36.08
N PRO B 220 -33.80 4.14 -34.87
CA PRO B 220 -35.20 4.18 -34.48
C PRO B 220 -36.09 5.17 -35.21
N GLN B 221 -35.55 6.23 -35.80
CA GLN B 221 -36.43 7.21 -36.42
C GLN B 221 -37.20 6.66 -37.65
N PRO B 222 -36.51 6.00 -38.63
CA PRO B 222 -37.36 5.46 -39.70
C PRO B 222 -38.50 4.55 -39.16
N LEU B 223 -38.15 3.60 -38.28
CA LEU B 223 -39.13 2.77 -37.62
C LEU B 223 -40.22 3.63 -37.00
N HIS B 224 -39.83 4.72 -36.33
CA HIS B 224 -40.80 5.56 -35.63
C HIS B 224 -41.82 6.10 -36.61
N ASP B 225 -41.36 6.46 -37.80
CA ASP B 225 -42.20 6.98 -38.88
C ASP B 225 -43.22 5.95 -39.34
N ALA B 226 -42.74 4.71 -39.57
CA ALA B 226 -43.62 3.61 -39.90
C ALA B 226 -44.69 3.43 -38.82
N LEU B 227 -44.30 3.44 -37.55
CA LEU B 227 -45.24 3.26 -36.48
C LEU B 227 -46.26 4.38 -36.40
N ASP B 228 -45.86 5.61 -36.72
CA ASP B 228 -46.82 6.71 -36.90
C ASP B 228 -47.82 6.40 -38.05
N LYS B 229 -47.30 6.09 -39.24
CA LYS B 229 -48.15 5.78 -40.40
C LYS B 229 -49.09 4.61 -40.07
N PHE B 230 -48.58 3.63 -39.34
CA PHE B 230 -49.36 2.46 -38.90
C PHE B 230 -50.53 2.85 -37.98
N GLN B 231 -50.35 3.83 -37.11
CA GLN B 231 -51.48 4.30 -36.29
C GLN B 231 -52.53 4.97 -37.16
N ALA B 232 -52.09 5.81 -38.08
CA ALA B 232 -52.99 6.49 -38.99
C ALA B 232 -53.88 5.50 -39.78
N ASP B 233 -53.32 4.35 -40.15
CA ASP B 233 -54.08 3.35 -40.92
C ASP B 233 -54.97 2.43 -40.07
N THR B 234 -54.52 2.07 -38.88
CA THR B 234 -55.22 1.01 -38.14
C THR B 234 -55.79 1.47 -36.82
N GLY B 235 -55.33 2.63 -36.34
CA GLY B 235 -55.65 3.08 -34.97
C GLY B 235 -54.92 2.35 -33.84
N ILE B 236 -54.03 1.42 -34.19
CA ILE B 236 -53.23 0.70 -33.21
C ILE B 236 -52.01 1.54 -32.83
N ASP B 237 -51.80 1.71 -31.53
CA ASP B 237 -50.82 2.67 -31.03
C ASP B 237 -49.67 1.96 -30.35
N ILE B 238 -48.56 1.80 -31.07
CA ILE B 238 -47.46 0.99 -30.56
C ILE B 238 -46.29 1.79 -29.96
N ASP B 239 -45.89 1.38 -28.75
CA ASP B 239 -44.76 1.98 -28.04
C ASP B 239 -43.38 1.41 -28.48
N MET B 240 -42.29 2.15 -28.22
CA MET B 240 -40.97 1.53 -28.42
C MET B 240 -40.19 1.48 -27.12
N HIS B 241 -39.22 0.56 -27.03
CA HIS B 241 -38.19 0.66 -25.97
C HIS B 241 -36.84 0.44 -26.60
N ILE B 242 -35.89 1.33 -26.32
CA ILE B 242 -34.61 1.24 -27.00
C ILE B 242 -33.63 0.46 -26.15
N ASP B 243 -33.19 -0.68 -26.65
CA ASP B 243 -32.07 -1.38 -26.04
C ASP B 243 -30.83 -0.70 -26.57
N ALA B 244 -30.32 0.24 -25.79
CA ALA B 244 -29.18 0.97 -26.20
C ALA B 244 -27.95 0.52 -25.39
N ALA B 245 -27.97 -0.77 -24.99
CA ALA B 245 -26.87 -1.42 -24.24
C ALA B 245 -25.50 -0.79 -24.49
N SER B 246 -25.12 -0.62 -25.74
CA SER B 246 -23.83 -0.05 -26.00
C SER B 246 -23.86 1.35 -26.64
N GLY B 247 -24.79 1.57 -27.56
CA GLY B 247 -24.92 2.83 -28.28
C GLY B 247 -25.35 3.94 -27.37
N GLY B 248 -25.98 3.56 -26.25
CA GLY B 248 -26.49 4.54 -25.27
C GLY B 248 -25.48 5.55 -24.73
N PHE B 249 -24.20 5.18 -24.69
CA PHE B 249 -23.17 6.06 -24.16
C PHE B 249 -22.20 6.47 -25.22
N LEU B 250 -22.58 6.22 -26.46
CA LEU B 250 -21.74 6.58 -27.60
C LEU B 250 -22.38 7.71 -28.38
N ALA B 251 -23.51 7.47 -29.03
CA ALA B 251 -24.10 8.51 -29.88
C ALA B 251 -24.23 9.93 -29.26
N PRO B 252 -24.67 10.04 -27.98
CA PRO B 252 -24.88 11.38 -27.47
C PRO B 252 -23.62 12.20 -27.53
N PHE B 253 -22.45 11.58 -27.59
CA PHE B 253 -21.23 12.38 -27.63
C PHE B 253 -20.66 12.54 -29.03
N VAL B 254 -20.71 11.51 -29.87
CA VAL B 254 -20.04 11.57 -31.17
C VAL B 254 -21.02 11.79 -32.38
N ALA B 255 -22.31 11.67 -32.10
CA ALA B 255 -23.33 11.76 -33.12
C ALA B 255 -24.63 12.26 -32.47
N PRO B 256 -24.61 13.48 -31.91
CA PRO B 256 -25.82 14.02 -31.23
C PRO B 256 -27.03 14.24 -32.16
N ASP B 257 -26.82 14.25 -33.49
CA ASP B 257 -27.89 14.44 -34.49
C ASP B 257 -28.71 13.20 -34.84
N ILE B 258 -28.16 12.02 -34.59
CA ILE B 258 -28.97 10.83 -34.74
C ILE B 258 -30.11 10.83 -33.70
N VAL B 259 -31.34 10.94 -34.18
CA VAL B 259 -32.51 11.02 -33.34
C VAL B 259 -33.03 9.60 -33.03
N TRP B 260 -32.79 9.18 -31.79
CA TRP B 260 -32.94 7.81 -31.34
C TRP B 260 -33.54 7.71 -29.94
N ASP B 261 -33.62 8.82 -29.21
CA ASP B 261 -33.93 8.76 -27.79
C ASP B 261 -35.30 9.35 -27.50
N PHE B 262 -35.48 9.91 -26.30
CA PHE B 262 -36.76 10.44 -25.89
C PHE B 262 -37.25 11.61 -26.76
N ARG B 263 -36.42 12.00 -27.72
CA ARG B 263 -36.79 13.03 -28.67
C ARG B 263 -37.96 12.56 -29.52
N LEU B 264 -38.08 11.23 -29.63
CA LEU B 264 -39.16 10.56 -30.33
C LEU B 264 -40.23 10.18 -29.31
N PRO B 265 -41.48 10.68 -29.50
CA PRO B 265 -42.59 10.47 -28.52
C PRO B 265 -42.97 9.00 -28.24
N ARG B 266 -42.75 8.11 -29.18
CA ARG B 266 -43.07 6.72 -28.91
C ARG B 266 -42.08 6.01 -28.01
N VAL B 267 -40.86 6.53 -27.92
CA VAL B 267 -39.85 5.95 -27.06
C VAL B 267 -40.24 6.22 -25.62
N LYS B 268 -40.57 5.15 -24.89
CA LYS B 268 -41.19 5.25 -23.56
C LYS B 268 -40.19 4.88 -22.49
N SER B 269 -39.13 4.19 -22.90
CA SER B 269 -38.01 3.91 -22.00
C SER B 269 -36.82 3.45 -22.81
N ILE B 270 -35.63 3.73 -22.28
CA ILE B 270 -34.35 3.33 -22.84
C ILE B 270 -33.52 2.60 -21.76
N SER B 271 -32.73 1.61 -22.19
CA SER B 271 -31.80 0.94 -21.28
C SER B 271 -30.42 0.97 -21.90
N ALA B 272 -29.36 0.84 -21.09
CA ALA B 272 -27.97 0.78 -21.61
C ALA B 272 -27.09 0.18 -20.53
N SER B 273 -25.85 -0.18 -20.87
CA SER B 273 -24.86 -0.66 -19.87
C SER B 273 -23.81 0.40 -19.55
N GLY B 274 -23.75 0.81 -18.28
CA GLY B 274 -22.65 1.63 -17.77
C GLY B 274 -21.33 0.90 -17.91
N HIS B 275 -21.34 -0.40 -17.59
CA HIS B 275 -20.10 -1.21 -17.69
C HIS B 275 -19.73 -1.61 -19.11
N LYS B 276 -20.40 -1.04 -20.11
CA LYS B 276 -19.89 -1.06 -21.48
C LYS B 276 -19.32 0.33 -21.74
N PHE B 277 -19.77 1.03 -22.77
CA PHE B 277 -19.21 2.32 -23.11
C PHE B 277 -19.57 3.43 -22.13
N GLY B 278 -20.41 3.10 -21.15
CA GLY B 278 -20.54 3.96 -19.98
C GLY B 278 -19.23 4.12 -19.17
N LEU B 279 -18.33 3.14 -19.26
CA LEU B 279 -17.02 3.15 -18.58
C LEU B 279 -17.09 2.81 -17.08
N ALA B 280 -18.23 2.36 -16.59
CA ALA B 280 -18.30 1.92 -15.20
C ALA B 280 -17.68 0.54 -15.11
N PRO B 281 -17.31 0.10 -13.89
CA PRO B 281 -16.81 -1.28 -13.77
C PRO B 281 -17.95 -2.28 -13.72
N LEU B 282 -17.67 -3.55 -14.05
CA LEU B 282 -18.68 -4.61 -14.17
C LEU B 282 -19.76 -4.50 -13.13
N GLY B 283 -21.01 -4.67 -13.55
CA GLY B 283 -22.12 -4.65 -12.60
C GLY B 283 -22.87 -3.34 -12.50
N CYS B 284 -23.13 -2.69 -13.63
CA CYS B 284 -23.81 -1.42 -13.63
C CYS B 284 -24.61 -1.22 -14.93
N GLY B 285 -25.93 -1.15 -14.81
CA GLY B 285 -26.83 -0.80 -15.92
C GLY B 285 -27.75 0.37 -15.57
N TRP B 286 -28.50 0.87 -16.56
CA TRP B 286 -29.45 1.95 -16.37
C TRP B 286 -30.74 1.67 -17.15
N VAL B 287 -31.88 2.07 -16.58
CA VAL B 287 -33.12 2.14 -17.36
C VAL B 287 -33.85 3.44 -17.00
N ILE B 288 -34.25 4.19 -18.04
CA ILE B 288 -34.97 5.45 -17.84
C ILE B 288 -36.35 5.41 -18.51
N TRP B 289 -37.38 5.84 -17.79
CA TRP B 289 -38.67 6.02 -18.42
C TRP B 289 -38.90 7.47 -18.74
N ARG B 290 -39.54 7.71 -19.87
CA ARG B 290 -39.91 9.06 -20.31
C ARG B 290 -40.55 9.93 -19.19
N ASP B 291 -41.43 9.31 -18.40
CA ASP B 291 -42.15 9.97 -17.31
C ASP B 291 -42.87 9.00 -16.37
N GLU B 292 -43.51 9.57 -15.34
CA GLU B 292 -44.34 8.83 -14.35
C GLU B 292 -45.34 7.88 -14.99
N GLU B 293 -45.96 8.32 -16.08
CA GLU B 293 -47.00 7.55 -16.79
C GLU B 293 -46.46 6.34 -17.54
N ALA B 294 -45.18 6.34 -17.90
CA ALA B 294 -44.60 5.24 -18.62
C ALA B 294 -44.26 4.05 -17.69
N LEU B 295 -44.22 4.30 -16.40
CA LEU B 295 -43.97 3.25 -15.45
C LEU B 295 -45.20 2.95 -14.65
N PRO B 296 -45.92 1.87 -14.99
CA PRO B 296 -47.14 1.52 -14.29
C PRO B 296 -46.91 1.35 -12.80
N GLN B 297 -47.72 2.02 -11.99
CA GLN B 297 -47.58 1.98 -10.54
C GLN B 297 -47.56 0.58 -9.94
N GLU B 298 -48.23 -0.39 -10.57
CA GLU B 298 -48.30 -1.80 -10.08
C GLU B 298 -46.91 -2.48 -9.90
N LEU B 299 -45.92 -1.95 -10.60
CA LEU B 299 -44.63 -2.56 -10.63
C LEU B 299 -43.73 -1.99 -9.51
N VAL B 300 -44.12 -0.84 -8.97
CA VAL B 300 -43.31 -0.14 -7.97
C VAL B 300 -43.63 -0.66 -6.59
N PHE B 301 -42.61 -1.06 -5.86
CA PHE B 301 -42.86 -1.49 -4.52
C PHE B 301 -42.34 -0.48 -3.53
N ASN B 302 -43.22 -0.15 -2.57
CA ASN B 302 -42.90 0.79 -1.51
C ASN B 302 -42.42 0.15 -0.22
N VAL B 303 -41.26 0.62 0.23
CA VAL B 303 -40.61 0.15 1.44
C VAL B 303 -40.40 1.29 2.44
N ASP B 304 -40.77 1.03 3.69
CA ASP B 304 -40.59 1.95 4.81
C ASP B 304 -39.12 2.19 5.22
N TYR B 305 -38.71 3.46 5.23
CA TYR B 305 -37.45 3.82 5.87
CA TYR B 305 -37.42 3.93 5.74
C TYR B 305 -37.66 4.98 6.84
N LEU B 306 -36.62 5.40 7.56
CA LEU B 306 -36.81 6.45 8.57
C LEU B 306 -37.20 7.79 7.98
N GLY B 307 -36.72 8.09 6.79
CA GLY B 307 -37.10 9.35 6.13
C GLY B 307 -38.36 9.31 5.26
N GLY B 308 -39.36 8.52 5.65
CA GLY B 308 -40.56 8.25 4.81
C GLY B 308 -40.38 6.96 4.00
N GLN B 309 -41.14 6.75 2.94
CA GLN B 309 -40.91 5.55 2.13
C GLN B 309 -40.42 5.83 0.70
N ILE B 310 -39.56 4.98 0.13
CA ILE B 310 -39.22 5.12 -1.29
C ILE B 310 -39.66 3.90 -2.12
N GLY B 311 -40.13 4.17 -3.35
CA GLY B 311 -40.54 3.10 -4.28
C GLY B 311 -39.42 2.52 -5.11
N THR B 312 -39.39 1.18 -5.25
CA THR B 312 -38.37 0.49 -6.07
C THR B 312 -38.91 -0.30 -7.24
N PHE B 313 -38.24 -0.18 -8.37
CA PHE B 313 -38.47 -1.11 -9.46
C PHE B 313 -37.16 -1.83 -9.77
N ALA B 314 -36.90 -2.87 -9.02
CA ALA B 314 -35.72 -3.62 -9.26
C ALA B 314 -36.05 -5.10 -9.13
N ILE B 315 -35.37 -5.91 -9.91
CA ILE B 315 -35.42 -7.33 -9.67
C ILE B 315 -34.57 -7.68 -8.45
N ASN B 316 -33.38 -7.09 -8.35
CA ASN B 316 -32.49 -7.34 -7.21
C ASN B 316 -32.87 -6.50 -5.96
N PHE B 317 -32.45 -6.92 -4.77
CA PHE B 317 -32.69 -6.12 -3.57
C PHE B 317 -31.35 -5.63 -3.09
N SER B 318 -30.76 -6.29 -2.09
CA SER B 318 -29.46 -5.89 -1.55
C SER B 318 -28.42 -6.09 -2.62
N ARG B 319 -27.46 -5.18 -2.67
CA ARG B 319 -26.38 -5.19 -3.67
C ARG B 319 -25.41 -4.03 -3.46
N PRO B 320 -24.14 -4.20 -3.84
CA PRO B 320 -23.16 -3.17 -3.52
C PRO B 320 -23.37 -1.91 -4.32
N ALA B 321 -23.07 -0.78 -3.70
CA ALA B 321 -23.16 0.50 -4.36
C ALA B 321 -21.87 0.94 -5.12
N GLY B 322 -20.84 0.08 -5.15
CA GLY B 322 -19.54 0.49 -5.71
C GLY B 322 -19.61 1.03 -7.13
N GLN B 323 -20.19 0.23 -8.00
CA GLN B 323 -20.32 0.56 -9.39
C GLN B 323 -21.03 1.90 -9.67
N VAL B 324 -22.06 2.22 -8.86
CA VAL B 324 -22.81 3.49 -9.00
C VAL B 324 -21.91 4.70 -8.71
N ILE B 325 -21.14 4.56 -7.62
CA ILE B 325 -20.21 5.55 -7.19
C ILE B 325 -19.14 5.65 -8.27
N ALA B 326 -18.71 4.50 -8.78
CA ALA B 326 -17.67 4.47 -9.81
C ALA B 326 -18.18 5.14 -11.08
N GLN B 327 -19.45 4.86 -11.39
CA GLN B 327 -20.07 5.43 -12.57
C GLN B 327 -20.13 6.93 -12.39
N TYR B 328 -20.48 7.35 -11.19
CA TYR B 328 -20.59 8.76 -10.87
C TYR B 328 -19.24 9.49 -11.09
N TYR B 329 -18.17 8.92 -10.55
CA TYR B 329 -16.80 9.35 -10.85
C TYR B 329 -16.52 9.57 -12.34
N GLU B 330 -16.91 8.58 -13.16
CA GLU B 330 -16.71 8.70 -14.60
C GLU B 330 -17.42 9.94 -15.13
N PHE B 331 -18.70 10.08 -14.78
CA PHE B 331 -19.50 11.19 -15.27
C PHE B 331 -18.87 12.52 -14.89
N LEU B 332 -18.57 12.64 -13.59
CA LEU B 332 -18.00 13.85 -13.03
C LEU B 332 -16.65 14.21 -13.60
N ARG B 333 -15.75 13.24 -13.70
CA ARG B 333 -14.41 13.59 -14.14
C ARG B 333 -14.39 13.89 -15.63
N LEU B 334 -15.27 13.22 -16.42
CA LEU B 334 -15.25 13.40 -17.89
C LEU B 334 -16.12 14.49 -18.46
N GLY B 335 -17.38 14.55 -18.07
CA GLY B 335 -18.36 15.42 -18.74
C GLY B 335 -18.63 15.05 -20.21
N ARG B 336 -19.52 15.80 -20.87
CA ARG B 336 -19.70 15.65 -22.33
C ARG B 336 -18.38 15.74 -23.08
N GLU B 337 -17.63 16.80 -22.76
CA GLU B 337 -16.31 17.07 -23.30
C GLU B 337 -15.34 15.86 -23.17
N GLY B 338 -15.24 15.25 -21.99
CA GLY B 338 -14.38 14.10 -21.85
C GLY B 338 -14.84 12.83 -22.60
N TYR B 339 -16.10 12.48 -22.42
CA TYR B 339 -16.68 11.34 -23.11
C TYR B 339 -16.45 11.48 -24.63
N THR B 340 -16.86 12.60 -25.22
CA THR B 340 -16.60 12.86 -26.62
C THR B 340 -15.16 12.51 -26.99
N LYS B 341 -14.19 12.89 -26.18
CA LYS B 341 -12.83 12.53 -26.54
C LYS B 341 -12.57 10.98 -26.47
N VAL B 342 -12.93 10.38 -25.33
CA VAL B 342 -12.68 8.97 -25.01
C VAL B 342 -13.36 8.14 -26.07
N GLN B 343 -14.63 8.43 -26.31
CA GLN B 343 -15.36 7.74 -27.37
C GLN B 343 -14.76 7.92 -28.74
N ASN B 344 -14.39 9.15 -29.14
CA ASN B 344 -13.71 9.37 -30.42
C ASN B 344 -12.47 8.52 -30.57
N ALA B 345 -11.68 8.42 -29.50
CA ALA B 345 -10.46 7.63 -29.56
C ALA B 345 -10.74 6.21 -30.01
N SER B 346 -11.83 5.63 -29.50
CA SER B 346 -12.14 4.23 -29.78
C SER B 346 -12.56 4.03 -31.22
N TYR B 347 -13.39 4.95 -31.72
CA TYR B 347 -13.79 5.01 -33.15
C TYR B 347 -12.61 5.20 -34.12
N GLN B 348 -11.61 5.99 -33.71
CA GLN B 348 -10.39 6.11 -34.45
C GLN B 348 -9.70 4.74 -34.58
N VAL B 349 -9.64 3.98 -33.49
CA VAL B 349 -9.01 2.67 -33.59
C VAL B 349 -9.75 1.79 -34.59
N ALA B 350 -11.09 1.77 -34.48
CA ALA B 350 -11.92 0.87 -35.29
C ALA B 350 -11.75 1.24 -36.76
N ALA B 351 -11.74 2.53 -37.05
CA ALA B 351 -11.66 3.01 -38.44
C ALA B 351 -10.33 2.61 -39.02
N TYR B 352 -9.28 2.67 -38.23
CA TYR B 352 -7.98 2.36 -38.77
C TYR B 352 -7.88 0.86 -38.95
N LEU B 353 -8.41 0.07 -38.01
CA LEU B 353 -8.39 -1.39 -38.21
C LEU B 353 -9.11 -1.76 -39.50
N ALA B 354 -10.29 -1.17 -39.68
CA ALA B 354 -11.10 -1.51 -40.82
C ALA B 354 -10.40 -1.14 -42.15
N ASP B 355 -9.67 -0.03 -42.19
CA ASP B 355 -9.07 0.42 -43.43
C ASP B 355 -7.87 -0.39 -43.74
N GLU B 356 -7.27 -0.94 -42.68
CA GLU B 356 -6.04 -1.68 -42.81
C GLU B 356 -6.29 -3.13 -43.19
N ILE B 357 -7.29 -3.74 -42.54
CA ILE B 357 -7.65 -5.14 -42.70
C ILE B 357 -8.20 -5.34 -44.07
N ALA B 358 -8.86 -4.30 -44.60
CA ALA B 358 -9.48 -4.35 -45.95
C ALA B 358 -8.45 -4.70 -47.03
N LYS B 359 -7.20 -4.28 -46.81
CA LYS B 359 -6.09 -4.51 -47.73
C LYS B 359 -5.50 -5.93 -47.67
N LEU B 360 -5.98 -6.77 -46.76
CA LEU B 360 -5.26 -8.02 -46.50
C LEU B 360 -5.91 -9.27 -47.04
N GLY B 361 -7.16 -9.14 -47.45
CA GLY B 361 -7.85 -10.24 -48.06
C GLY B 361 -9.17 -9.79 -48.66
N PRO B 362 -9.92 -10.75 -49.22
CA PRO B 362 -11.17 -10.53 -49.89
C PRO B 362 -12.33 -10.48 -48.88
N TYR B 363 -12.50 -9.33 -48.24
CA TYR B 363 -13.52 -9.22 -47.21
C TYR B 363 -14.62 -8.24 -47.61
N GLU B 364 -15.87 -8.59 -47.28
CA GLU B 364 -17.02 -7.71 -47.42
C GLU B 364 -17.26 -7.28 -45.98
N PHE B 365 -17.41 -5.97 -45.76
CA PHE B 365 -17.59 -5.40 -44.42
C PHE B 365 -19.05 -5.14 -44.01
N ILE B 366 -19.47 -5.74 -42.89
CA ILE B 366 -20.79 -5.41 -42.34
C ILE B 366 -20.80 -4.12 -41.49
N CYS B 367 -19.70 -3.88 -40.79
CA CYS B 367 -19.57 -2.70 -39.92
C CYS B 367 -18.12 -2.18 -39.90
N THR B 368 -17.91 -0.91 -40.26
CA THR B 368 -16.54 -0.37 -40.41
C THR B 368 -16.23 0.67 -39.34
N GLY B 369 -16.95 0.62 -38.21
CA GLY B 369 -16.66 1.44 -37.02
C GLY B 369 -16.73 2.94 -37.24
N ARG B 370 -17.87 3.41 -37.75
CA ARG B 370 -18.02 4.80 -38.16
C ARG B 370 -19.05 5.31 -37.22
N PRO B 371 -18.84 6.49 -36.63
CA PRO B 371 -19.75 6.98 -35.58
C PRO B 371 -21.21 7.11 -36.01
N ASP B 372 -21.48 7.24 -37.29
CA ASP B 372 -22.85 7.45 -37.75
C ASP B 372 -23.62 6.18 -38.13
N GLU B 373 -22.99 5.02 -37.93
CA GLU B 373 -23.51 3.68 -38.32
C GLU B 373 -23.62 2.66 -37.15
N GLY B 374 -22.87 2.93 -36.08
CA GLY B 374 -22.86 2.03 -34.93
C GLY B 374 -21.77 2.31 -33.94
N ILE B 375 -21.30 1.23 -33.31
CA ILE B 375 -20.41 1.33 -32.17
C ILE B 375 -18.95 1.16 -32.70
N PRO B 376 -17.90 1.34 -31.87
CA PRO B 376 -16.56 1.15 -32.43
C PRO B 376 -16.25 -0.33 -32.63
N ALA B 377 -16.76 -0.90 -33.71
CA ALA B 377 -16.61 -2.31 -34.02
C ALA B 377 -16.30 -2.53 -35.50
N VAL B 378 -15.45 -3.52 -35.77
CA VAL B 378 -15.18 -3.97 -37.13
C VAL B 378 -15.72 -5.38 -37.28
N CYS B 379 -16.55 -5.60 -38.29
CA CYS B 379 -17.24 -6.87 -38.53
C CYS B 379 -17.20 -7.13 -40.01
N PHE B 380 -16.70 -8.28 -40.40
CA PHE B 380 -16.59 -8.57 -41.82
C PHE B 380 -16.75 -10.05 -42.05
N LYS B 381 -16.95 -10.40 -43.31
CA LYS B 381 -17.08 -11.79 -43.71
C LYS B 381 -16.23 -11.89 -44.95
N LEU B 382 -15.91 -13.13 -45.36
CA LEU B 382 -15.30 -13.38 -46.66
C LEU B 382 -16.28 -12.99 -47.76
N LYS B 383 -15.79 -12.36 -48.83
CA LYS B 383 -16.60 -12.13 -50.05
C LYS B 383 -17.16 -13.46 -50.58
N ASP B 384 -18.38 -13.45 -51.13
CA ASP B 384 -19.00 -14.70 -51.57
C ASP B 384 -18.28 -15.37 -52.72
N GLY B 385 -18.06 -16.68 -52.59
CA GLY B 385 -17.31 -17.43 -53.58
C GLY B 385 -15.85 -17.03 -53.78
N GLU B 386 -15.25 -16.41 -52.76
CA GLU B 386 -13.78 -16.33 -52.73
C GLU B 386 -13.16 -17.35 -51.79
N ASP B 387 -12.04 -17.94 -52.21
CA ASP B 387 -11.33 -18.87 -51.36
C ASP B 387 -9.89 -18.38 -51.20
N PRO B 388 -9.62 -17.57 -50.16
CA PRO B 388 -8.29 -17.01 -49.99
C PRO B 388 -7.28 -18.03 -49.43
N GLY B 389 -7.79 -19.20 -49.02
CA GLY B 389 -6.95 -20.29 -48.52
C GLY B 389 -7.17 -20.60 -47.04
N TYR B 390 -8.29 -20.15 -46.47
CA TYR B 390 -8.53 -20.28 -45.05
C TYR B 390 -9.94 -19.82 -44.72
N THR B 391 -10.48 -20.21 -43.58
CA THR B 391 -11.71 -19.59 -43.15
C THR B 391 -11.40 -18.61 -42.04
N LEU B 392 -12.38 -17.78 -41.67
CA LEU B 392 -12.20 -16.93 -40.50
C LEU B 392 -12.07 -17.72 -39.21
N TYR B 393 -12.56 -18.96 -39.18
CA TYR B 393 -12.31 -19.86 -38.02
C TYR B 393 -10.81 -20.14 -37.81
N ASP B 394 -10.11 -20.46 -38.91
CA ASP B 394 -8.69 -20.76 -38.95
C ASP B 394 -7.88 -19.53 -38.60
N LEU B 395 -8.35 -18.39 -39.08
CA LEU B 395 -7.63 -17.14 -38.85
C LEU B 395 -7.77 -16.76 -37.36
N SER B 396 -8.97 -16.97 -36.83
CA SER B 396 -9.17 -16.87 -35.41
C SER B 396 -8.20 -17.75 -34.58
N GLU B 397 -7.90 -18.96 -35.09
CA GLU B 397 -7.12 -19.88 -34.28
C GLU B 397 -5.69 -19.43 -34.24
N ARG B 398 -5.17 -19.03 -35.40
CA ARG B 398 -3.81 -18.58 -35.46
C ARG B 398 -3.64 -17.36 -34.61
N LEU B 399 -4.66 -16.51 -34.55
CA LEU B 399 -4.64 -15.33 -33.71
C LEU B 399 -4.60 -15.62 -32.20
N ARG B 400 -5.36 -16.62 -31.73
CA ARG B 400 -5.28 -17.04 -30.33
C ARG B 400 -3.87 -17.44 -29.90
N LEU B 401 -3.13 -18.05 -30.82
CA LEU B 401 -1.78 -18.57 -30.55
C LEU B 401 -0.84 -17.42 -30.35
N ARG B 402 -1.21 -16.25 -30.84
CA ARG B 402 -0.37 -15.09 -30.61
C ARG B 402 -0.88 -14.23 -29.44
N GLY B 403 -1.90 -14.72 -28.73
CA GLY B 403 -2.43 -14.11 -27.50
C GLY B 403 -3.79 -13.44 -27.65
N TRP B 404 -4.26 -13.31 -28.89
CA TRP B 404 -5.47 -12.54 -29.19
C TRP B 404 -6.76 -13.34 -29.25
N GLN B 405 -7.84 -12.77 -28.76
CA GLN B 405 -9.13 -13.41 -28.90
C GLN B 405 -9.99 -12.55 -29.80
N VAL B 406 -10.09 -12.97 -31.05
CA VAL B 406 -10.85 -12.29 -32.09
C VAL B 406 -11.86 -13.32 -32.55
N PRO B 407 -13.13 -13.10 -32.22
CA PRO B 407 -14.10 -14.16 -32.49
C PRO B 407 -14.54 -14.22 -33.95
N ALA B 408 -14.88 -15.45 -34.35
CA ALA B 408 -15.58 -15.74 -35.60
C ALA B 408 -16.72 -16.64 -35.20
N PHE B 409 -17.90 -16.29 -35.67
CA PHE B 409 -19.10 -17.02 -35.32
C PHE B 409 -20.09 -16.82 -36.46
N THR B 410 -21.17 -17.59 -36.45
CA THR B 410 -22.17 -17.54 -37.52
C THR B 410 -23.27 -16.64 -37.06
N LEU B 411 -23.88 -15.93 -38.00
CA LEU B 411 -25.00 -15.04 -37.68
C LEU B 411 -26.28 -15.86 -37.50
N GLY B 412 -27.34 -15.21 -37.02
CA GLY B 412 -28.63 -15.86 -36.77
C GLY B 412 -29.59 -15.92 -37.95
N GLY B 413 -30.86 -16.21 -37.62
CA GLY B 413 -31.97 -16.26 -38.58
C GLY B 413 -31.66 -16.99 -39.86
N GLU B 414 -31.90 -16.32 -40.98
CA GLU B 414 -31.67 -16.89 -42.29
C GLU B 414 -30.20 -16.72 -42.79
N ALA B 415 -29.37 -16.03 -41.99
CA ALA B 415 -27.96 -15.79 -42.34
C ALA B 415 -27.01 -16.73 -41.60
N THR B 416 -27.61 -17.74 -41.01
CA THR B 416 -26.97 -18.80 -40.25
C THR B 416 -25.87 -19.51 -41.06
N ASP B 417 -25.81 -19.18 -42.34
CA ASP B 417 -24.87 -19.71 -43.31
C ASP B 417 -23.57 -18.89 -43.41
N ILE B 418 -23.54 -17.73 -42.74
CA ILE B 418 -22.43 -16.75 -42.83
C ILE B 418 -21.55 -16.74 -41.58
N VAL B 419 -20.25 -16.83 -41.80
CA VAL B 419 -19.28 -16.75 -40.73
C VAL B 419 -18.73 -15.35 -40.80
N VAL B 420 -18.83 -14.63 -39.69
CA VAL B 420 -18.24 -13.30 -39.58
C VAL B 420 -17.13 -13.32 -38.54
N MET B 421 -16.19 -12.39 -38.68
CA MET B 421 -15.22 -12.05 -37.62
C MET B 421 -15.52 -10.65 -37.08
N ARG B 422 -15.68 -10.51 -35.77
CA ARG B 422 -15.96 -9.19 -35.17
C ARG B 422 -14.91 -8.69 -34.16
N ILE B 423 -14.46 -7.45 -34.31
CA ILE B 423 -13.49 -6.88 -33.42
C ILE B 423 -14.08 -5.74 -32.60
N MET B 424 -14.14 -5.89 -31.27
CA MET B 424 -14.65 -4.82 -30.40
C MET B 424 -13.52 -3.89 -29.95
N CYS B 425 -13.70 -2.60 -30.12
CA CYS B 425 -12.70 -1.65 -29.70
C CYS B 425 -13.11 -0.87 -28.47
N ARG B 426 -12.65 -1.28 -27.30
CA ARG B 426 -13.08 -0.56 -26.11
C ARG B 426 -11.91 0.20 -25.48
N ARG B 427 -12.20 0.98 -24.44
CA ARG B 427 -11.18 1.77 -23.74
C ARG B 427 -9.96 0.93 -23.35
N GLY B 428 -8.80 1.44 -23.70
CA GLY B 428 -7.60 0.73 -23.38
C GLY B 428 -6.98 0.05 -24.58
N PHE B 429 -7.78 -0.17 -25.61
CA PHE B 429 -7.26 -0.79 -26.81
C PHE B 429 -6.80 0.30 -27.78
N GLU B 430 -5.60 0.82 -27.54
CA GLU B 430 -5.21 2.02 -28.23
C GLU B 430 -4.50 1.73 -29.55
N MET B 431 -4.27 2.78 -30.31
CA MET B 431 -3.63 2.66 -31.61
C MET B 431 -2.43 1.72 -31.62
N ASP B 432 -1.51 1.88 -30.68
CA ASP B 432 -0.33 1.00 -30.64
C ASP B 432 -0.66 -0.50 -30.57
N PHE B 433 -1.65 -0.86 -29.75
CA PHE B 433 -2.11 -2.23 -29.65
C PHE B 433 -2.81 -2.68 -30.91
N ALA B 434 -3.56 -1.79 -31.55
CA ALA B 434 -4.09 -2.08 -32.88
C ALA B 434 -2.97 -2.33 -33.92
N GLU B 435 -1.85 -1.60 -33.83
CA GLU B 435 -0.69 -1.83 -34.72
C GLU B 435 -0.13 -3.24 -34.56
N LEU B 436 -0.15 -3.72 -33.34
CA LEU B 436 0.45 -4.97 -33.00
C LEU B 436 -0.47 -6.12 -33.42
N LEU B 437 -1.79 -5.89 -33.35
CA LEU B 437 -2.78 -6.85 -33.83
C LEU B 437 -2.58 -7.02 -35.33
N LEU B 438 -2.45 -5.90 -36.03
CA LEU B 438 -2.21 -5.92 -37.47
C LEU B 438 -0.99 -6.72 -37.85
N GLU B 439 0.08 -6.61 -37.06
CA GLU B 439 1.27 -7.37 -37.34
C GLU B 439 1.04 -8.86 -37.15
N ASP B 440 0.32 -9.21 -36.09
CA ASP B 440 0.00 -10.60 -35.81
C ASP B 440 -1.01 -11.16 -36.82
N TYR B 441 -1.94 -10.34 -37.26
CA TYR B 441 -2.88 -10.74 -38.27
C TYR B 441 -2.09 -11.07 -39.54
N LYS B 442 -1.20 -10.19 -39.96
CA LYS B 442 -0.42 -10.41 -41.16
C LYS B 442 0.42 -11.67 -41.04
N ALA B 443 1.08 -11.83 -39.90
CA ALA B 443 1.88 -13.01 -39.62
C ALA B 443 1.07 -14.33 -39.73
N SER B 444 -0.17 -14.30 -39.26
CA SER B 444 -1.04 -15.44 -39.34
C SER B 444 -1.37 -15.75 -40.78
N LEU B 445 -1.63 -14.72 -41.58
CA LEU B 445 -2.00 -14.95 -42.98
C LEU B 445 -0.85 -15.68 -43.65
N LYS B 446 0.36 -15.17 -43.39
CA LYS B 446 1.55 -15.74 -43.96
C LYS B 446 1.69 -17.16 -43.47
N TYR B 447 1.36 -17.43 -42.20
CA TYR B 447 1.46 -18.81 -41.72
C TYR B 447 0.44 -19.73 -42.40
N LEU B 448 -0.76 -19.23 -42.62
CA LEU B 448 -1.83 -20.00 -43.22
C LEU B 448 -1.51 -20.29 -44.68
N SER B 449 -0.80 -19.38 -45.33
CA SER B 449 -0.50 -19.54 -46.75
C SER B 449 0.67 -20.51 -47.00
N ASP B 450 1.61 -20.59 -46.06
CA ASP B 450 2.71 -21.55 -46.11
C ASP B 450 2.31 -22.93 -45.59
N HIS B 451 1.11 -23.07 -45.02
CA HIS B 451 0.68 -24.30 -44.33
C HIS B 451 -0.79 -24.59 -44.67
N PRO B 452 -1.05 -24.85 -45.96
CA PRO B 452 -2.39 -25.01 -46.56
C PRO B 452 -3.23 -26.10 -45.94
N LYS B 453 -2.60 -27.05 -45.25
CA LYS B 453 -3.37 -28.17 -44.68
C LYS B 453 -4.31 -27.70 -43.58
N LEU B 454 -3.99 -26.54 -42.99
CA LEU B 454 -4.75 -25.96 -41.89
C LEU B 454 -6.16 -25.54 -42.32
N GLN B 455 -6.33 -25.25 -43.62
CA GLN B 455 -7.61 -24.80 -44.15
C GLN B 455 -8.78 -25.71 -43.80
N GLY B 456 -9.85 -25.16 -43.26
CA GLY B 456 -11.07 -25.93 -43.05
C GLY B 456 -11.12 -26.69 -41.73
N ILE B 457 -10.00 -26.82 -41.03
CA ILE B 457 -10.00 -27.64 -39.80
C ILE B 457 -10.84 -27.10 -38.64
N ALA B 458 -10.56 -25.86 -38.24
CA ALA B 458 -11.23 -25.18 -37.11
C ALA B 458 -12.68 -24.85 -37.43
N GLN B 459 -13.59 -25.21 -36.51
CA GLN B 459 -15.03 -24.90 -36.71
C GLN B 459 -15.90 -24.75 -35.44
N GLN B 460 -15.30 -24.32 -34.34
CA GLN B 460 -16.13 -24.00 -33.18
C GLN B 460 -16.34 -22.49 -33.11
N ASN B 461 -17.60 -22.11 -32.89
CA ASN B 461 -17.99 -20.72 -32.60
C ASN B 461 -17.40 -20.21 -31.29
N SER B 462 -16.88 -18.98 -31.33
CA SER B 462 -16.40 -18.31 -30.12
C SER B 462 -17.53 -17.56 -29.43
N PHE B 463 -17.46 -17.49 -28.11
CA PHE B 463 -18.31 -16.58 -27.30
C PHE B 463 -18.62 -15.25 -28.03
N LYS B 464 -19.91 -15.01 -28.29
CA LYS B 464 -20.36 -13.87 -29.11
C LYS B 464 -21.21 -12.79 -28.43
N HIS B 465 -21.64 -13.05 -27.19
CA HIS B 465 -22.80 -12.35 -26.61
C HIS B 465 -22.56 -11.06 -25.82
N THR B 466 -21.32 -10.78 -25.43
CA THR B 466 -21.01 -9.58 -24.64
C THR B 466 -19.56 -9.50 -24.33
N GLU C 12 -7.46 14.72 -35.54
CA GLU C 12 -6.18 14.39 -34.84
C GLU C 12 -6.37 13.38 -33.69
N LEU C 13 -5.42 12.44 -33.59
CA LEU C 13 -5.55 11.19 -32.84
C LEU C 13 -5.58 11.30 -31.31
N LEU C 14 -6.66 10.78 -30.73
CA LEU C 14 -6.84 10.79 -29.28
C LEU C 14 -6.59 9.41 -28.61
N ASP C 15 -6.42 9.41 -27.29
CA ASP C 15 -6.20 8.18 -26.53
C ASP C 15 -7.30 8.04 -25.49
N SER C 16 -7.97 6.89 -25.44
CA SER C 16 -9.20 6.80 -24.62
C SER C 16 -8.94 6.67 -23.11
N ARG C 17 -7.73 6.30 -22.76
CA ARG C 17 -7.30 6.24 -21.35
C ARG C 17 -7.13 7.62 -20.79
N PHE C 18 -6.53 8.52 -21.57
CA PHE C 18 -6.14 9.85 -21.09
C PHE C 18 -7.01 10.99 -21.58
N GLY C 19 -7.98 10.68 -22.43
CA GLY C 19 -8.78 11.73 -23.07
C GLY C 19 -7.94 12.88 -23.58
N ALA C 20 -6.78 12.58 -24.17
CA ALA C 20 -5.88 13.61 -24.69
C ALA C 20 -5.23 13.20 -26.01
N LYS C 21 -4.56 14.14 -26.68
CA LYS C 21 -3.74 13.80 -27.83
C LYS C 21 -2.91 12.53 -27.58
N SER C 22 -2.94 11.63 -28.57
CA SER C 22 -2.24 10.37 -28.51
C SER C 22 -0.72 10.47 -28.58
N ILE C 23 -0.05 9.68 -27.74
CA ILE C 23 1.37 9.43 -27.92
C ILE C 23 1.52 7.94 -28.24
N SER C 24 2.06 7.67 -29.42
CA SER C 24 2.44 6.34 -29.85
C SER C 24 3.90 5.98 -29.51
N THR C 25 4.09 4.93 -28.69
CA THR C 25 5.43 4.40 -28.44
C THR C 25 6.02 3.68 -29.65
N ILE C 26 5.17 3.28 -30.59
CA ILE C 26 5.60 2.60 -31.82
C ILE C 26 6.03 3.55 -32.97
N ALA C 27 5.40 4.73 -33.07
CA ALA C 27 5.88 5.82 -33.96
C ALA C 27 7.24 6.42 -33.55
N GLU C 28 7.32 7.07 -32.39
CA GLU C 28 8.59 7.67 -31.94
C GLU C 28 9.51 6.62 -31.28
N SER C 29 9.63 5.46 -31.96
CA SER C 29 10.37 4.31 -31.45
C SER C 29 11.77 4.18 -32.04
N LYS C 30 12.07 4.97 -33.05
CA LYS C 30 13.30 4.73 -33.76
C LYS C 30 14.39 5.66 -33.31
N ARG C 31 13.99 6.88 -32.94
CA ARG C 31 14.96 7.82 -32.42
C ARG C 31 14.67 8.16 -30.97
N PHE C 32 15.67 8.75 -30.31
CA PHE C 32 15.53 9.26 -28.97
C PHE C 32 14.46 10.39 -28.90
N PRO C 33 13.53 10.31 -27.94
CA PRO C 33 12.44 11.26 -27.96
C PRO C 33 12.90 12.68 -27.68
N LEU C 34 12.24 13.66 -28.29
CA LEU C 34 12.63 15.05 -28.15
C LEU C 34 11.97 15.75 -26.98
N HIS C 35 10.75 15.36 -26.65
CA HIS C 35 9.96 16.10 -25.66
C HIS C 35 9.68 15.36 -24.34
N GLU C 36 9.41 16.14 -23.28
CA GLU C 36 9.05 15.56 -22.00
C GLU C 36 7.62 15.11 -22.12
N MET C 37 7.21 14.31 -21.16
CA MET C 37 5.86 13.85 -21.11
C MET C 37 5.64 13.79 -19.62
N ARG C 38 4.39 13.75 -19.17
CA ARG C 38 4.08 13.69 -17.73
C ARG C 38 4.49 12.33 -17.17
N ASP C 39 5.23 12.33 -16.05
CA ASP C 39 5.71 11.04 -15.51
C ASP C 39 4.63 9.96 -15.42
N ASP C 40 3.44 10.33 -14.91
CA ASP C 40 2.40 9.36 -14.60
C ASP C 40 1.73 8.82 -15.89
N VAL C 41 1.91 9.54 -16.98
CA VAL C 41 1.46 9.09 -18.29
C VAL C 41 2.49 8.12 -18.90
N ALA C 42 3.76 8.45 -18.84
CA ALA C 42 4.74 7.48 -19.27
C ALA C 42 4.50 6.21 -18.46
N PHE C 43 4.27 6.35 -17.16
CA PHE C 43 4.15 5.13 -16.35
C PHE C 43 2.98 4.26 -16.81
N GLN C 44 1.80 4.85 -16.96
CA GLN C 44 0.64 4.13 -17.51
C GLN C 44 0.88 3.56 -18.90
N ILE C 45 1.57 4.30 -19.77
CA ILE C 45 1.80 3.83 -21.15
C ILE C 45 2.60 2.53 -21.09
N ILE C 46 3.64 2.50 -20.27
CA ILE C 46 4.49 1.35 -20.12
C ILE C 46 3.79 0.23 -19.36
N ASN C 47 3.07 0.61 -18.30
CA ASN C 47 2.39 -0.39 -17.50
C ASN C 47 1.42 -1.17 -18.35
N ASP C 48 0.52 -0.49 -19.03
CA ASP C 48 -0.35 -1.12 -20.03
C ASP C 48 0.34 -2.02 -21.11
N GLU C 49 1.52 -1.67 -21.60
CA GLU C 49 2.18 -2.58 -22.56
C GLU C 49 2.60 -3.88 -21.88
N LEU C 50 2.98 -3.79 -20.62
CA LEU C 50 3.51 -4.98 -19.95
C LEU C 50 2.43 -6.02 -19.63
N TYR C 51 1.16 -5.64 -19.73
CA TYR C 51 0.06 -6.63 -19.61
C TYR C 51 0.07 -7.70 -20.71
N LEU C 52 0.83 -7.44 -21.78
CA LEU C 52 0.98 -8.34 -22.89
C LEU C 52 2.04 -9.39 -22.65
N ASP C 53 2.91 -9.18 -21.67
CA ASP C 53 3.86 -10.20 -21.26
C ASP C 53 3.08 -11.33 -20.60
N GLY C 54 3.60 -12.55 -20.70
CA GLY C 54 3.03 -13.64 -19.94
C GLY C 54 3.36 -13.57 -18.45
N ASN C 55 2.60 -14.29 -17.65
CA ASN C 55 2.88 -14.35 -16.21
C ASN C 55 3.57 -15.66 -15.81
N ALA C 56 3.88 -16.49 -16.82
CA ALA C 56 4.73 -17.69 -16.70
C ALA C 56 4.20 -18.81 -15.80
N ARG C 57 3.04 -18.62 -15.21
CA ARG C 57 2.56 -19.59 -14.27
C ARG C 57 2.12 -20.86 -15.00
N GLN C 58 1.87 -20.77 -16.31
CA GLN C 58 1.49 -21.95 -17.14
C GLN C 58 2.64 -22.31 -18.06
N ASN C 59 3.70 -21.55 -17.94
CA ASN C 59 4.86 -21.90 -18.64
C ASN C 59 5.66 -23.01 -17.92
N LEU C 60 5.77 -24.18 -18.57
CA LEU C 60 6.52 -25.32 -18.04
C LEU C 60 7.82 -25.50 -18.82
N ALA C 61 8.25 -24.40 -19.44
CA ALA C 61 9.48 -24.42 -20.20
C ALA C 61 10.66 -23.88 -19.42
N THR C 62 10.43 -23.25 -18.29
CA THR C 62 11.51 -22.45 -17.67
C THR C 62 11.93 -23.00 -16.33
N PHE C 63 13.18 -22.72 -16.00
CA PHE C 63 13.80 -23.13 -14.72
C PHE C 63 13.64 -22.05 -13.60
N CYS C 64 13.52 -20.81 -14.01
CA CYS C 64 13.59 -19.69 -13.08
C CYS C 64 12.37 -19.47 -12.22
N GLN C 65 12.56 -18.89 -11.05
CA GLN C 65 11.48 -18.73 -10.12
C GLN C 65 10.49 -17.76 -10.73
N THR C 66 9.20 -18.09 -10.63
CA THR C 66 8.12 -17.32 -11.18
C THR C 66 7.04 -17.28 -10.11
N TRP C 67 7.30 -17.90 -8.96
CA TRP C 67 6.34 -17.79 -7.85
C TRP C 67 6.57 -16.46 -7.16
N ASP C 68 5.51 -15.87 -6.61
CA ASP C 68 5.58 -14.60 -5.86
C ASP C 68 5.29 -14.79 -4.38
N ASP C 69 6.09 -14.13 -3.55
CA ASP C 69 6.04 -14.17 -2.07
C ASP C 69 6.25 -12.72 -1.65
N GLU C 70 5.30 -12.22 -0.86
CA GLU C 70 5.23 -10.81 -0.45
C GLU C 70 6.50 -10.29 0.22
N ASN C 71 7.15 -11.12 1.06
CA ASN C 71 8.37 -10.73 1.72
C ASN C 71 9.55 -10.53 0.77
N VAL C 72 9.65 -11.39 -0.24
CA VAL C 72 10.68 -11.18 -1.27
C VAL C 72 10.48 -9.84 -2.01
N HIS C 73 9.24 -9.50 -2.32
CA HIS C 73 8.97 -8.26 -3.02
C HIS C 73 9.41 -7.10 -2.14
N LYS C 74 9.19 -7.24 -0.84
CA LYS C 74 9.56 -6.15 0.06
C LYS C 74 11.08 -6.03 0.09
N LEU C 75 11.77 -7.17 0.24
CA LEU C 75 13.23 -7.18 0.37
C LEU C 75 13.84 -6.61 -0.88
N MET C 76 13.29 -7.00 -2.05
CA MET C 76 13.78 -6.50 -3.33
C MET C 76 13.57 -5.00 -3.41
N ASP C 77 12.42 -4.57 -2.95
CA ASP C 77 12.09 -3.20 -3.13
C ASP C 77 12.95 -2.27 -2.32
N LEU C 78 13.31 -2.66 -1.09
CA LEU C 78 14.23 -1.92 -0.21
C LEU C 78 15.63 -1.93 -0.74
N SER C 79 15.90 -2.83 -1.66
CA SER C 79 17.24 -3.11 -2.03
C SER C 79 17.61 -2.52 -3.40
N ILE C 80 16.68 -1.79 -3.99
CA ILE C 80 16.76 -1.31 -5.38
C ILE C 80 18.07 -0.56 -5.67
N ASN C 81 18.58 0.17 -4.67
CA ASN C 81 19.78 1.00 -4.80
C ASN C 81 20.99 0.41 -4.07
N LYS C 82 20.81 -0.72 -3.38
CA LYS C 82 21.92 -1.32 -2.65
C LYS C 82 22.98 -1.85 -3.63
N ASN C 83 24.18 -1.27 -3.58
CA ASN C 83 25.20 -1.67 -4.55
C ASN C 83 26.10 -2.79 -4.04
N TRP C 84 25.98 -3.95 -4.66
CA TRP C 84 26.71 -5.09 -4.19
C TRP C 84 28.22 -4.81 -4.07
N ILE C 85 28.76 -3.92 -4.89
CA ILE C 85 30.20 -3.77 -4.95
C ILE C 85 30.65 -2.71 -3.98
N ASP C 86 29.71 -1.97 -3.42
CA ASP C 86 30.08 -0.86 -2.57
C ASP C 86 30.03 -1.31 -1.10
N LYS C 87 31.05 -2.04 -0.72
CA LYS C 87 31.12 -2.58 0.61
C LYS C 87 31.13 -1.50 1.71
N GLU C 88 31.48 -0.27 1.37
CA GLU C 88 31.66 0.82 2.34
C GLU C 88 30.31 1.35 2.79
N GLU C 89 29.44 1.65 1.83
CA GLU C 89 28.16 2.24 2.11
C GLU C 89 27.15 1.17 2.52
N TYR C 90 27.23 -0.01 1.93
CA TYR C 90 26.33 -1.10 2.28
C TYR C 90 27.04 -2.26 3.02
N PRO C 91 27.59 -2.00 4.24
CA PRO C 91 28.35 -3.03 4.95
C PRO C 91 27.47 -4.18 5.42
N GLN C 92 26.17 -3.94 5.66
CA GLN C 92 25.32 -5.05 6.10
C GLN C 92 24.97 -5.99 4.97
N SER C 93 24.68 -5.43 3.79
CA SER C 93 24.54 -6.21 2.58
C SER C 93 25.83 -6.99 2.30
N ALA C 94 26.97 -6.33 2.38
CA ALA C 94 28.24 -7.02 2.28
C ALA C 94 28.28 -8.22 3.24
N ALA C 95 27.84 -8.03 4.48
CA ALA C 95 27.91 -9.11 5.44
C ALA C 95 26.98 -10.28 5.04
N ILE C 96 25.77 -9.96 4.56
CA ILE C 96 24.79 -11.00 4.22
C ILE C 96 25.29 -11.84 3.04
N ASP C 97 26.01 -11.18 2.12
CA ASP C 97 26.58 -11.81 0.95
C ASP C 97 27.60 -12.88 1.40
N LEU C 98 28.50 -12.49 2.31
CA LEU C 98 29.58 -13.39 2.74
C LEU C 98 29.03 -14.59 3.48
N ARG C 99 27.91 -14.39 4.18
CA ARG C 99 27.27 -15.43 4.94
C ARG C 99 26.80 -16.45 3.98
N CYS C 100 26.20 -16.02 2.88
CA CYS C 100 25.65 -16.95 1.89
C CYS C 100 26.76 -17.76 1.26
N VAL C 101 27.88 -17.12 1.00
CA VAL C 101 29.01 -17.80 0.39
C VAL C 101 29.37 -18.97 1.29
N ASN C 102 29.52 -18.71 2.59
CA ASN C 102 29.81 -19.77 3.55
C ASN C 102 28.73 -20.85 3.57
N MET C 103 27.48 -20.43 3.53
CA MET C 103 26.38 -21.38 3.62
C MET C 103 26.34 -22.34 2.41
N VAL C 104 26.65 -21.80 1.24
CA VAL C 104 26.60 -22.62 0.04
C VAL C 104 27.79 -23.58 0.11
N ALA C 105 28.95 -23.05 0.45
CA ALA C 105 30.17 -23.86 0.57
C ALA C 105 29.90 -25.04 1.47
N ASP C 106 29.19 -24.78 2.57
CA ASP C 106 28.93 -25.79 3.58
C ASP C 106 28.00 -26.79 2.99
N LEU C 107 27.01 -26.33 2.26
CA LEU C 107 26.06 -27.24 1.66
C LEU C 107 26.71 -28.26 0.74
N TRP C 108 27.80 -27.86 0.07
CA TRP C 108 28.43 -28.69 -0.93
C TRP C 108 29.63 -29.45 -0.40
N HIS C 109 29.82 -29.35 0.93
CA HIS C 109 30.86 -30.09 1.68
C HIS C 109 32.24 -29.59 1.43
N ALA C 110 32.38 -28.29 1.23
CA ALA C 110 33.69 -27.64 1.07
C ALA C 110 34.42 -27.81 2.38
N PRO C 111 35.76 -28.08 2.30
CA PRO C 111 36.62 -28.05 3.48
C PRO C 111 36.29 -26.81 4.28
N ALA C 112 35.93 -27.00 5.55
CA ALA C 112 35.69 -25.89 6.47
C ALA C 112 36.89 -24.95 6.38
N PRO C 113 36.64 -23.65 6.18
CA PRO C 113 37.74 -22.76 5.78
C PRO C 113 38.61 -22.35 6.96
N LYS C 114 39.92 -22.28 6.69
CA LYS C 114 40.97 -21.83 7.66
C LYS C 114 40.54 -20.56 8.48
N ASN C 115 40.44 -19.43 7.76
CA ASN C 115 40.15 -18.10 8.31
C ASN C 115 38.68 -17.78 8.57
N GLY C 116 37.80 -18.78 8.51
CA GLY C 116 36.37 -18.56 8.70
C GLY C 116 35.59 -18.06 7.48
N GLN C 117 36.23 -18.01 6.29
CA GLN C 117 35.57 -17.48 5.07
C GLN C 117 35.81 -18.29 3.79
N ALA C 118 34.77 -18.94 3.29
CA ALA C 118 34.99 -19.83 2.15
C ALA C 118 35.36 -19.06 0.90
N VAL C 119 35.77 -19.76 -0.14
CA VAL C 119 36.25 -19.11 -1.35
C VAL C 119 35.20 -19.24 -2.41
N GLY C 120 34.46 -18.19 -2.63
CA GLY C 120 33.45 -18.22 -3.67
C GLY C 120 32.92 -16.84 -3.87
N THR C 121 31.99 -16.70 -4.80
CA THR C 121 31.42 -15.40 -5.04
C THR C 121 30.00 -15.57 -5.51
N ASN C 122 29.19 -14.54 -5.34
CA ASN C 122 27.86 -14.52 -5.90
C ASN C 122 28.03 -14.04 -7.33
N THR C 123 27.09 -14.40 -8.20
CA THR C 123 27.12 -13.93 -9.56
C THR C 123 25.69 -13.62 -9.96
N ILE C 124 25.54 -13.03 -11.16
CA ILE C 124 24.26 -12.69 -11.75
C ILE C 124 23.43 -13.89 -12.11
N GLY C 125 24.11 -15.00 -12.44
CA GLY C 125 23.48 -16.26 -12.80
C GLY C 125 24.57 -17.30 -13.04
N SER C 126 24.18 -18.48 -13.55
CA SER C 126 25.13 -19.56 -13.71
C SER C 126 26.02 -19.27 -14.89
N SER C 127 25.58 -18.44 -15.84
CA SER C 127 26.44 -18.11 -16.97
C SER C 127 27.78 -17.53 -16.47
N GLU C 128 27.75 -16.44 -15.71
CA GLU C 128 28.97 -15.83 -15.16
C GLU C 128 29.72 -16.80 -14.25
N ALA C 129 28.97 -17.52 -13.39
CA ALA C 129 29.56 -18.54 -12.53
C ALA C 129 30.41 -19.57 -13.30
N CYS C 130 29.88 -20.07 -14.41
CA CYS C 130 30.60 -21.01 -15.24
C CYS C 130 31.82 -20.38 -15.92
N MET C 131 31.71 -19.15 -16.44
CA MET C 131 32.90 -18.54 -17.02
C MET C 131 33.97 -18.40 -15.94
N LEU C 132 33.56 -18.07 -14.72
CA LEU C 132 34.54 -17.84 -13.66
C LEU C 132 35.27 -19.15 -13.37
N GLY C 133 34.49 -20.21 -13.12
CA GLY C 133 35.05 -21.53 -12.92
C GLY C 133 35.86 -21.97 -14.12
N GLY C 134 35.43 -21.59 -15.32
CA GLY C 134 36.07 -21.98 -16.56
C GLY C 134 37.40 -21.29 -16.64
N MET C 135 37.42 -20.02 -16.28
CA MET C 135 38.66 -19.28 -16.33
C MET C 135 39.64 -19.87 -15.33
N ALA C 136 39.16 -20.28 -14.14
CA ALA C 136 40.08 -20.79 -13.14
C ALA C 136 40.66 -22.13 -13.57
N MET C 137 39.86 -22.95 -14.22
CA MET C 137 40.41 -24.20 -14.76
C MET C 137 41.55 -23.90 -15.71
N LYS C 138 41.32 -22.97 -16.62
CA LYS C 138 42.31 -22.65 -17.62
C LYS C 138 43.61 -22.23 -16.94
N TRP C 139 43.55 -21.30 -15.98
CA TRP C 139 44.77 -20.82 -15.34
C TRP C 139 45.51 -21.90 -14.56
N ARG C 140 44.78 -22.70 -13.79
CA ARG C 140 45.39 -23.83 -13.09
C ARG C 140 46.10 -24.77 -14.04
N TRP C 141 45.47 -25.06 -15.17
CA TRP C 141 46.06 -25.95 -16.19
C TRP C 141 47.28 -25.27 -16.78
N ARG C 142 47.17 -23.97 -17.08
CA ARG C 142 48.31 -23.24 -17.65
C ARG C 142 49.49 -23.37 -16.73
N LYS C 143 49.31 -22.98 -15.47
CA LYS C 143 50.40 -22.92 -14.47
C LYS C 143 51.10 -24.24 -14.37
N ARG C 144 50.31 -25.31 -14.45
CA ARG C 144 50.80 -26.67 -14.36
C ARG C 144 51.63 -27.07 -15.60
N MET C 145 51.20 -26.70 -16.80
CA MET C 145 52.00 -26.93 -18.02
C MET C 145 53.31 -26.12 -18.09
N GLU C 146 53.26 -24.87 -17.69
CA GLU C 146 54.42 -23.98 -17.73
C GLU C 146 55.55 -24.48 -16.83
N ALA C 147 55.16 -25.10 -15.72
CA ALA C 147 56.06 -25.74 -14.80
C ALA C 147 56.70 -26.99 -15.43
N ALA C 148 55.90 -27.78 -16.14
CA ALA C 148 56.41 -28.94 -16.86
C ALA C 148 57.09 -28.53 -18.19
N GLY C 149 57.27 -27.22 -18.38
CA GLY C 149 57.89 -26.70 -19.59
C GLY C 149 57.23 -27.12 -20.90
N LYS C 150 55.91 -27.31 -20.88
CA LYS C 150 55.17 -27.70 -22.08
C LYS C 150 54.34 -26.55 -22.68
N PRO C 151 53.92 -26.68 -23.97
CA PRO C 151 53.17 -25.61 -24.65
C PRO C 151 51.78 -25.46 -24.08
N THR C 152 51.21 -24.27 -24.18
CA THR C 152 49.90 -24.00 -23.60
C THR C 152 48.93 -23.43 -24.63
N ASP C 153 49.25 -23.57 -25.91
CA ASP C 153 48.50 -22.91 -26.98
C ASP C 153 47.23 -23.64 -27.48
N LYS C 154 47.02 -24.91 -27.09
CA LYS C 154 45.83 -25.68 -27.55
C LYS C 154 45.01 -26.29 -26.40
N PRO C 155 44.45 -25.47 -25.50
CA PRO C 155 43.61 -26.03 -24.45
C PRO C 155 42.28 -26.63 -24.98
N ASN C 156 41.86 -27.74 -24.39
CA ASN C 156 40.54 -28.24 -24.67
C ASN C 156 39.78 -28.48 -23.38
N LEU C 157 38.46 -28.47 -23.49
CA LEU C 157 37.56 -28.73 -22.36
C LEU C 157 36.65 -29.91 -22.72
N VAL C 158 36.49 -30.87 -21.80
CA VAL C 158 35.76 -32.09 -22.15
C VAL C 158 34.47 -32.10 -21.38
N CYS C 159 33.37 -32.41 -22.07
CA CYS C 159 32.02 -32.28 -21.48
C CYS C 159 30.92 -32.96 -22.32
N GLY C 160 29.72 -33.07 -21.76
CA GLY C 160 28.59 -33.69 -22.43
C GLY C 160 27.69 -32.59 -22.96
N PRO C 161 26.37 -32.86 -23.05
CA PRO C 161 25.43 -31.92 -23.65
C PRO C 161 25.22 -30.65 -22.79
N VAL C 162 26.23 -29.79 -22.70
CA VAL C 162 26.20 -28.59 -21.84
C VAL C 162 25.27 -27.51 -22.31
N GLN C 163 24.90 -26.63 -21.39
CA GLN C 163 24.14 -25.43 -21.67
C GLN C 163 24.98 -24.42 -22.41
N ILE C 164 24.33 -23.60 -23.23
CA ILE C 164 25.02 -22.69 -24.14
C ILE C 164 26.09 -21.87 -23.46
N CYS C 165 25.93 -21.52 -22.18
CA CYS C 165 27.05 -20.81 -21.56
C CYS C 165 28.45 -21.46 -21.78
N TRP C 166 28.54 -22.80 -21.85
CA TRP C 166 29.85 -23.40 -22.08
C TRP C 166 30.33 -23.25 -23.52
N HIS C 167 29.43 -23.10 -24.48
CA HIS C 167 29.86 -22.84 -25.86
C HIS C 167 30.44 -21.46 -25.94
N LYS C 168 29.85 -20.56 -25.15
CA LYS C 168 30.26 -19.17 -25.09
C LYS C 168 31.62 -19.14 -24.48
N PHE C 169 31.73 -19.70 -23.28
CA PHE C 169 33.05 -19.82 -22.66
C PHE C 169 34.16 -20.26 -23.64
N ALA C 170 33.95 -21.39 -24.32
CA ALA C 170 35.02 -21.92 -25.19
C ALA C 170 35.40 -20.95 -26.31
N ARG C 171 34.40 -20.34 -26.98
CA ARG C 171 34.63 -19.28 -27.96
C ARG C 171 35.42 -18.06 -27.40
N TYR C 172 34.84 -17.43 -26.38
CA TYR C 172 35.39 -16.24 -25.79
C TYR C 172 36.82 -16.43 -25.27
N TRP C 173 37.17 -17.62 -24.77
CA TRP C 173 38.45 -17.78 -24.07
C TRP C 173 39.40 -18.68 -24.80
N ASP C 174 39.08 -19.01 -26.06
CA ASP C 174 39.97 -19.77 -26.95
C ASP C 174 40.28 -21.17 -26.49
N VAL C 175 39.26 -21.84 -26.00
CA VAL C 175 39.42 -23.22 -25.59
C VAL C 175 38.63 -24.09 -26.55
N GLU C 176 39.19 -25.23 -26.91
CA GLU C 176 38.52 -26.17 -27.78
C GLU C 176 37.50 -26.93 -26.96
N LEU C 177 36.26 -26.90 -27.43
CA LEU C 177 35.17 -27.61 -26.78
C LEU C 177 35.05 -29.04 -27.29
N ARG C 178 35.39 -30.02 -26.47
CA ARG C 178 35.16 -31.40 -26.88
C ARG C 178 33.84 -31.94 -26.30
N GLU C 179 32.74 -31.62 -26.97
CA GLU C 179 31.45 -32.01 -26.48
C GLU C 179 31.15 -33.42 -26.92
N ILE C 180 31.04 -34.31 -25.96
CA ILE C 180 30.64 -35.68 -26.26
C ILE C 180 29.20 -35.63 -26.80
N PRO C 181 29.00 -36.08 -28.03
CA PRO C 181 27.72 -35.80 -28.71
C PRO C 181 26.58 -36.64 -28.19
N MET C 182 25.38 -36.07 -28.01
CA MET C 182 24.22 -36.96 -27.70
C MET C 182 24.00 -37.90 -28.85
N ARG C 183 23.73 -39.15 -28.52
CA ARG C 183 23.35 -40.12 -29.53
C ARG C 183 22.31 -41.10 -28.97
N PRO C 184 21.56 -41.83 -29.83
CA PRO C 184 20.52 -42.68 -29.27
C PRO C 184 21.05 -43.79 -28.36
N GLY C 185 20.44 -43.92 -27.19
CA GLY C 185 20.83 -44.94 -26.24
C GLY C 185 22.14 -44.53 -25.60
N GLN C 186 22.52 -43.28 -25.86
CA GLN C 186 23.74 -42.72 -25.32
C GLN C 186 23.71 -41.19 -25.22
N LEU C 187 22.89 -40.65 -24.31
CA LEU C 187 22.63 -39.23 -24.33
C LEU C 187 23.64 -38.38 -23.61
N PHE C 188 24.39 -38.98 -22.71
CA PHE C 188 25.19 -38.24 -21.77
C PHE C 188 26.66 -38.59 -21.83
N MET C 189 27.47 -37.76 -21.22
CA MET C 189 28.88 -38.07 -21.08
C MET C 189 29.06 -39.35 -20.26
N ASP C 190 29.52 -40.40 -20.93
CA ASP C 190 29.85 -41.66 -20.26
C ASP C 190 31.34 -41.72 -19.98
N PRO C 191 31.79 -42.51 -18.98
CA PRO C 191 33.25 -42.58 -18.68
C PRO C 191 34.10 -43.00 -19.87
N LYS C 192 33.64 -43.98 -20.63
CA LYS C 192 34.43 -44.49 -21.77
C LYS C 192 34.66 -43.42 -22.85
N ARG C 193 33.59 -42.76 -23.30
CA ARG C 193 33.74 -41.66 -24.23
C ARG C 193 34.48 -40.42 -23.71
N MET C 194 34.30 -40.11 -22.44
CA MET C 194 35.05 -39.03 -21.74
C MET C 194 36.58 -39.25 -21.84
N ILE C 195 37.00 -40.48 -21.49
CA ILE C 195 38.41 -40.83 -21.52
C ILE C 195 39.01 -40.75 -22.93
N GLU C 196 38.32 -41.22 -23.96
CA GLU C 196 38.88 -41.02 -25.31
C GLU C 196 39.10 -39.54 -25.68
N ALA C 197 38.34 -38.62 -25.08
CA ALA C 197 38.50 -37.25 -25.46
C ALA C 197 39.51 -36.51 -24.64
N CYS C 198 40.05 -37.16 -23.59
CA CYS C 198 41.04 -36.55 -22.70
C CYS C 198 42.48 -36.67 -23.20
N ASP C 199 43.28 -35.64 -22.95
CA ASP C 199 44.71 -35.69 -23.17
C ASP C 199 45.38 -34.65 -22.29
N GLU C 200 46.69 -34.47 -22.42
CA GLU C 200 47.41 -33.50 -21.61
C GLU C 200 47.03 -32.05 -21.83
N ASN C 201 46.20 -31.75 -22.83
CA ASN C 201 45.72 -30.38 -23.00
C ASN C 201 44.33 -30.10 -22.46
N THR C 202 43.66 -31.17 -22.02
CA THR C 202 42.38 -31.03 -21.36
C THR C 202 42.49 -30.18 -20.08
N ILE C 203 41.81 -29.04 -20.05
CA ILE C 203 41.89 -28.19 -18.88
C ILE C 203 41.07 -28.74 -17.69
N GLY C 204 40.10 -29.59 -17.99
CA GLY C 204 39.18 -30.07 -16.98
C GLY C 204 38.03 -30.76 -17.65
N VAL C 205 37.23 -31.48 -16.87
CA VAL C 205 36.02 -32.10 -17.37
C VAL C 205 34.87 -31.49 -16.58
N VAL C 206 33.77 -31.21 -17.28
CA VAL C 206 32.63 -30.59 -16.67
C VAL C 206 31.44 -31.51 -16.88
N PRO C 207 31.03 -32.21 -15.81
CA PRO C 207 29.71 -32.83 -15.77
C PRO C 207 28.60 -31.79 -15.56
N THR C 208 27.44 -32.08 -16.14
CA THR C 208 26.32 -31.17 -15.96
C THR C 208 25.33 -31.84 -15.03
N PHE C 209 25.23 -31.30 -13.81
CA PHE C 209 24.46 -31.94 -12.75
C PHE C 209 23.00 -31.56 -12.82
N GLY C 210 22.41 -31.96 -13.94
CA GLY C 210 21.05 -31.57 -14.29
C GLY C 210 21.13 -30.98 -15.68
N VAL C 211 21.06 -31.87 -16.67
CA VAL C 211 21.18 -31.53 -18.07
C VAL C 211 19.99 -30.74 -18.53
N THR C 212 20.24 -29.56 -19.12
CA THR C 212 19.19 -28.61 -19.51
C THR C 212 18.17 -29.23 -20.46
N TYR C 213 18.68 -29.93 -21.46
CA TYR C 213 17.81 -30.48 -22.47
C TYR C 213 16.86 -31.58 -21.95
N THR C 214 17.29 -32.38 -20.98
CA THR C 214 16.47 -33.54 -20.59
C THR C 214 16.13 -33.69 -19.11
N GLY C 215 16.93 -33.12 -18.21
CA GLY C 215 16.64 -33.19 -16.77
C GLY C 215 17.51 -34.15 -15.97
N ASN C 216 18.24 -35.01 -16.67
CA ASN C 216 18.97 -36.07 -16.00
C ASN C 216 20.24 -35.55 -15.42
N TYR C 217 20.72 -36.25 -14.40
CA TYR C 217 22.02 -35.98 -13.85
C TYR C 217 23.11 -36.67 -14.64
N GLU C 218 24.23 -35.98 -14.85
CA GLU C 218 25.46 -36.67 -15.21
C GLU C 218 26.20 -36.92 -13.92
N PHE C 219 26.51 -38.15 -13.63
CA PHE C 219 26.96 -38.46 -12.30
C PHE C 219 28.43 -38.27 -12.23
N PRO C 220 28.89 -37.37 -11.35
CA PRO C 220 30.34 -37.18 -11.28
C PRO C 220 31.14 -38.36 -10.82
N GLN C 221 30.60 -39.23 -9.94
CA GLN C 221 31.48 -40.26 -9.32
C GLN C 221 32.10 -41.29 -10.32
N PRO C 222 31.29 -41.91 -11.19
CA PRO C 222 31.91 -42.83 -12.15
C PRO C 222 32.89 -42.14 -13.11
N LEU C 223 32.60 -40.88 -13.48
CA LEU C 223 33.58 -40.07 -14.24
C LEU C 223 34.88 -39.87 -13.46
N HIS C 224 34.71 -39.60 -12.15
CA HIS C 224 35.84 -39.43 -11.25
C HIS C 224 36.72 -40.68 -11.17
N ASP C 225 36.09 -41.85 -11.09
CA ASP C 225 36.81 -43.09 -11.11
C ASP C 225 37.58 -43.22 -12.39
N ALA C 226 36.96 -42.90 -13.52
CA ALA C 226 37.71 -43.00 -14.78
C ALA C 226 38.92 -42.09 -14.85
N LEU C 227 38.77 -40.85 -14.39
CA LEU C 227 39.93 -39.97 -14.31
C LEU C 227 41.01 -40.43 -13.32
N ASP C 228 40.65 -41.16 -12.26
CA ASP C 228 41.64 -41.71 -11.35
C ASP C 228 42.49 -42.77 -12.05
N LYS C 229 41.80 -43.62 -12.80
CA LYS C 229 42.41 -44.67 -13.60
C LYS C 229 43.24 -44.03 -14.69
N PHE C 230 42.74 -42.93 -15.25
CA PHE C 230 43.43 -42.25 -16.30
C PHE C 230 44.77 -41.67 -15.86
N GLN C 231 44.87 -41.23 -14.63
CA GLN C 231 46.12 -40.65 -14.14
C GLN C 231 47.11 -41.74 -13.78
N ALA C 232 46.59 -42.83 -13.24
CA ALA C 232 47.36 -44.04 -12.98
C ALA C 232 48.05 -44.51 -14.27
N ASP C 233 47.32 -44.52 -15.39
CA ASP C 233 47.81 -44.99 -16.68
C ASP C 233 48.70 -44.03 -17.46
N THR C 234 48.50 -42.72 -17.33
CA THR C 234 49.26 -41.74 -18.10
C THR C 234 50.03 -40.68 -17.29
N GLY C 235 49.72 -40.55 -16.00
CA GLY C 235 50.31 -39.48 -15.19
C GLY C 235 49.57 -38.17 -15.40
N ILE C 236 48.50 -38.19 -16.19
CA ILE C 236 47.75 -36.96 -16.45
C ILE C 236 46.67 -36.74 -15.37
N ASP C 237 46.72 -35.56 -14.74
CA ASP C 237 45.93 -35.28 -13.55
C ASP C 237 44.87 -34.24 -13.88
N ILE C 238 43.70 -34.72 -14.28
CA ILE C 238 42.61 -33.87 -14.72
C ILE C 238 41.59 -33.55 -13.59
N ASP C 239 41.30 -32.24 -13.43
CA ASP C 239 40.35 -31.69 -12.46
C ASP C 239 38.93 -31.66 -13.03
N MET C 240 37.94 -31.45 -12.17
CA MET C 240 36.54 -31.28 -12.62
C MET C 240 35.95 -29.98 -12.10
N HIS C 241 34.94 -29.46 -12.78
CA HIS C 241 34.13 -28.37 -12.25
C HIS C 241 32.76 -28.81 -12.52
N ILE C 242 31.89 -28.78 -11.52
CA ILE C 242 30.54 -29.32 -11.72
C ILE C 242 29.60 -28.18 -12.02
N ASP C 243 28.92 -28.25 -13.17
CA ASP C 243 27.91 -27.28 -13.51
C ASP C 243 26.65 -27.83 -12.92
N ALA C 244 26.35 -27.41 -11.68
CA ALA C 244 25.14 -27.86 -10.98
C ALA C 244 24.09 -26.75 -10.97
N ALA C 245 24.02 -26.02 -12.09
CA ALA C 245 22.97 -25.01 -12.32
C ALA C 245 21.65 -25.34 -11.67
N SER C 246 21.11 -26.52 -11.99
CA SER C 246 19.89 -26.94 -11.32
C SER C 246 20.11 -27.92 -10.17
N GLY C 247 20.96 -28.94 -10.31
CA GLY C 247 21.08 -29.97 -9.27
C GLY C 247 21.64 -29.47 -7.94
N GLY C 248 22.42 -28.41 -8.01
CA GLY C 248 23.11 -27.91 -6.84
C GLY C 248 22.27 -27.57 -5.63
N PHE C 249 20.99 -27.26 -5.83
CA PHE C 249 20.05 -27.03 -4.70
C PHE C 249 18.93 -28.08 -4.55
N LEU C 250 19.08 -29.17 -5.31
CA LEU C 250 18.23 -30.32 -5.19
C LEU C 250 18.90 -31.45 -4.44
N ALA C 251 19.97 -32.00 -5.00
CA ALA C 251 20.53 -33.24 -4.45
C ALA C 251 20.95 -33.18 -2.99
N PRO C 252 21.53 -32.07 -2.51
CA PRO C 252 21.94 -32.02 -1.13
C PRO C 252 20.82 -32.27 -0.17
N PHE C 253 19.59 -32.09 -0.62
CA PHE C 253 18.41 -32.19 0.24
C PHE C 253 17.68 -33.50 0.06
N VAL C 254 17.42 -33.93 -1.18
CA VAL C 254 16.54 -35.09 -1.38
C VAL C 254 17.32 -36.31 -1.81
N ALA C 255 18.62 -36.12 -2.05
CA ALA C 255 19.50 -37.24 -2.41
C ALA C 255 20.89 -37.00 -1.87
N PRO C 256 21.01 -36.82 -0.55
CA PRO C 256 22.28 -36.56 0.07
C PRO C 256 23.36 -37.62 -0.22
N ASP C 257 22.97 -38.86 -0.45
CA ASP C 257 23.92 -39.94 -0.68
C ASP C 257 24.58 -40.04 -2.07
N ILE C 258 24.08 -39.29 -3.07
CA ILE C 258 24.79 -39.12 -4.33
C ILE C 258 26.04 -38.29 -4.09
N VAL C 259 27.21 -38.91 -4.25
CA VAL C 259 28.50 -38.24 -4.09
C VAL C 259 28.91 -37.50 -5.38
N TRP C 260 28.77 -36.16 -5.39
CA TRP C 260 28.94 -35.34 -6.60
C TRP C 260 29.69 -34.06 -6.30
N ASP C 261 29.95 -33.79 -5.04
CA ASP C 261 30.39 -32.45 -4.66
C ASP C 261 31.82 -32.45 -4.17
N PHE C 262 32.17 -31.55 -3.25
CA PHE C 262 33.56 -31.46 -2.85
C PHE C 262 34.00 -32.66 -2.08
N ARG C 263 33.11 -33.60 -1.82
CA ARG C 263 33.52 -34.88 -1.18
C ARG C 263 34.54 -35.62 -2.06
N LEU C 264 34.48 -35.34 -3.38
CA LEU C 264 35.39 -35.86 -4.41
C LEU C 264 36.61 -34.98 -4.62
N PRO C 265 37.81 -35.52 -4.43
CA PRO C 265 39.03 -34.72 -4.52
C PRO C 265 39.26 -33.94 -5.83
N ARG C 266 38.78 -34.47 -6.95
CA ARG C 266 39.07 -33.83 -8.22
C ARG C 266 38.24 -32.58 -8.48
N VAL C 267 37.12 -32.46 -7.77
CA VAL C 267 36.17 -31.41 -8.00
C VAL C 267 36.72 -30.17 -7.32
N LYS C 268 37.15 -29.23 -8.13
CA LYS C 268 37.84 -28.07 -7.61
C LYS C 268 36.89 -26.90 -7.48
N SER C 269 35.73 -26.99 -8.14
CA SER C 269 34.77 -25.90 -8.06
C SER C 269 33.39 -26.30 -8.57
N ILE C 270 32.36 -25.64 -8.06
CA ILE C 270 30.98 -25.96 -8.39
C ILE C 270 30.25 -24.67 -8.57
N SER C 271 29.30 -24.66 -9.46
CA SER C 271 28.46 -23.49 -9.65
C SER C 271 26.98 -23.92 -9.63
N ALA C 272 26.08 -23.02 -9.23
CA ALA C 272 24.64 -23.29 -9.37
C ALA C 272 23.85 -22.00 -9.56
N SER C 273 22.57 -22.12 -9.90
CA SER C 273 21.71 -20.94 -9.96
C SER C 273 20.83 -20.84 -8.73
N GLY C 274 21.00 -19.72 -8.02
CA GLY C 274 20.09 -19.36 -6.92
C GLY C 274 18.66 -19.13 -7.43
N HIS C 275 18.56 -18.59 -8.64
CA HIS C 275 17.28 -18.26 -9.16
C HIS C 275 16.60 -19.46 -9.84
N LYS C 276 17.24 -20.62 -9.85
CA LYS C 276 16.50 -21.82 -10.22
C LYS C 276 16.01 -22.45 -8.96
N PHE C 277 16.56 -23.61 -8.55
CA PHE C 277 16.05 -24.32 -7.39
C PHE C 277 16.50 -23.82 -6.04
N GLY C 278 17.40 -22.86 -6.02
CA GLY C 278 17.81 -22.27 -4.78
C GLY C 278 16.77 -21.27 -4.37
N LEU C 279 15.73 -21.14 -5.20
CA LEU C 279 14.53 -20.32 -4.92
C LEU C 279 14.75 -18.83 -4.86
N ALA C 280 15.95 -18.32 -5.15
CA ALA C 280 16.14 -16.86 -5.16
C ALA C 280 15.39 -16.23 -6.33
N PRO C 281 15.13 -14.91 -6.32
CA PRO C 281 14.54 -14.30 -7.50
C PRO C 281 15.55 -14.13 -8.66
N LEU C 282 15.08 -13.82 -9.87
CA LEU C 282 15.99 -13.71 -11.00
C LEU C 282 17.20 -12.82 -10.73
N GLY C 283 18.38 -13.32 -11.07
CA GLY C 283 19.61 -12.54 -10.99
C GLY C 283 20.51 -12.97 -9.84
N CYS C 284 20.58 -14.28 -9.61
CA CYS C 284 21.39 -14.80 -8.54
C CYS C 284 22.09 -16.10 -8.90
N GLY C 285 23.41 -16.12 -8.83
CA GLY C 285 24.13 -17.38 -9.09
C GLY C 285 25.27 -17.54 -8.11
N TRP C 286 25.83 -18.75 -8.03
CA TRP C 286 26.89 -19.00 -7.08
C TRP C 286 27.98 -19.84 -7.69
N VAL C 287 29.23 -19.55 -7.30
CA VAL C 287 30.32 -20.45 -7.61
C VAL C 287 31.18 -20.59 -6.37
N ILE C 288 31.54 -21.81 -6.01
CA ILE C 288 32.42 -22.01 -4.88
C ILE C 288 33.68 -22.76 -5.32
N TRP C 289 34.85 -22.37 -4.83
CA TRP C 289 36.05 -23.16 -5.05
C TRP C 289 36.35 -23.97 -3.81
N ARG C 290 36.86 -25.19 -4.01
CA ARG C 290 37.29 -26.07 -2.91
C ARG C 290 38.17 -25.42 -1.80
N ASP C 291 39.06 -24.52 -2.19
CA ASP C 291 39.97 -23.89 -1.24
C ASP C 291 40.81 -22.84 -1.95
N GLU C 292 41.59 -22.08 -1.18
CA GLU C 292 42.35 -20.95 -1.68
C GLU C 292 43.20 -21.32 -2.89
N GLU C 293 43.70 -22.54 -2.92
CA GLU C 293 44.57 -22.92 -4.03
C GLU C 293 43.84 -23.27 -5.29
N ALA C 294 42.55 -23.57 -5.22
CA ALA C 294 41.81 -23.80 -6.44
C ALA C 294 41.62 -22.51 -7.25
N LEU C 295 41.86 -21.36 -6.64
CA LEU C 295 41.61 -20.11 -7.31
C LEU C 295 42.90 -19.37 -7.57
N PRO C 296 43.37 -19.36 -8.82
CA PRO C 296 44.64 -18.62 -8.99
C PRO C 296 44.55 -17.13 -8.58
N GLN C 297 45.46 -16.66 -7.74
CA GLN C 297 45.43 -15.25 -7.34
C GLN C 297 45.46 -14.20 -8.48
N GLU C 298 46.07 -14.55 -9.61
CA GLU C 298 46.17 -13.62 -10.72
C GLU C 298 44.79 -13.18 -11.16
N LEU C 299 43.76 -13.92 -10.75
CA LEU C 299 42.41 -13.62 -11.20
C LEU C 299 41.66 -12.74 -10.23
N VAL C 300 42.17 -12.62 -9.02
CA VAL C 300 41.50 -11.86 -8.00
C VAL C 300 41.90 -10.37 -8.02
N PHE C 301 40.91 -9.50 -7.97
CA PHE C 301 41.18 -8.06 -7.96
C PHE C 301 40.77 -7.44 -6.66
N ASN C 302 41.74 -6.75 -6.06
CA ASN C 302 41.57 -6.04 -4.81
C ASN C 302 41.18 -4.60 -5.07
N VAL C 303 40.01 -4.25 -4.56
CA VAL C 303 39.59 -2.87 -4.53
C VAL C 303 39.88 -2.32 -3.13
N ASP C 304 40.48 -1.13 -3.08
CA ASP C 304 40.66 -0.31 -1.86
C ASP C 304 39.37 0.25 -1.30
N TYR C 305 39.12 0.05 0.00
CA TYR C 305 38.07 0.79 0.74
C TYR C 305 38.55 1.27 2.13
N LEU C 306 37.68 1.91 2.93
CA LEU C 306 38.08 2.47 4.24
C LEU C 306 38.56 1.42 5.27
N GLY C 307 37.84 0.31 5.36
CA GLY C 307 38.11 -0.72 6.36
C GLY C 307 39.17 -1.70 5.95
N GLY C 308 39.95 -1.33 4.93
CA GLY C 308 40.94 -2.21 4.32
C GLY C 308 40.66 -2.45 2.84
N GLN C 309 40.63 -3.71 2.43
CA GLN C 309 40.42 -4.04 1.03
C GLN C 309 39.94 -5.47 0.90
N ILE C 310 38.94 -5.67 0.03
CA ILE C 310 38.43 -7.04 -0.23
C ILE C 310 38.65 -7.41 -1.70
N GLY C 311 38.89 -8.70 -1.93
CA GLY C 311 39.22 -9.17 -3.26
C GLY C 311 38.03 -9.74 -4.00
N THR C 312 37.76 -9.24 -5.20
CA THR C 312 36.69 -9.79 -6.04
C THR C 312 37.19 -10.61 -7.21
N PHE C 313 36.41 -11.62 -7.57
CA PHE C 313 36.56 -12.32 -8.83
C PHE C 313 35.18 -12.34 -9.49
N ALA C 314 34.99 -11.43 -10.43
CA ALA C 314 33.65 -11.16 -10.92
C ALA C 314 33.71 -10.41 -12.22
N ILE C 315 32.89 -10.80 -13.18
CA ILE C 315 32.86 -10.07 -14.44
C ILE C 315 32.11 -8.78 -14.28
N ASN C 316 31.00 -8.82 -13.54
CA ASN C 316 30.19 -7.62 -13.32
C ASN C 316 30.80 -6.77 -12.21
N PHE C 317 30.55 -5.47 -12.16
CA PHE C 317 31.05 -4.69 -11.02
C PHE C 317 29.79 -4.26 -10.20
N SER C 318 29.43 -2.97 -10.21
CA SER C 318 28.15 -2.50 -9.67
C SER C 318 26.95 -3.29 -10.19
N ARG C 319 25.98 -3.49 -9.30
CA ARG C 319 24.80 -4.33 -9.50
C ARG C 319 24.07 -4.42 -8.18
N PRO C 320 22.73 -4.49 -8.23
CA PRO C 320 21.90 -4.53 -7.04
C PRO C 320 22.21 -5.71 -6.12
N ALA C 321 22.07 -5.51 -4.83
CA ALA C 321 22.25 -6.54 -3.83
C ALA C 321 20.94 -7.23 -3.40
N GLY C 322 19.77 -6.83 -3.94
CA GLY C 322 18.52 -7.47 -3.50
C GLY C 322 18.48 -9.00 -3.57
N GLN C 323 18.88 -9.54 -4.71
CA GLN C 323 18.83 -10.96 -4.93
C GLN C 323 19.60 -11.75 -3.85
N VAL C 324 20.80 -11.31 -3.51
CA VAL C 324 21.56 -11.97 -2.47
C VAL C 324 20.77 -11.92 -1.18
N ILE C 325 20.15 -10.76 -0.92
CA ILE C 325 19.44 -10.53 0.32
C ILE C 325 18.23 -11.42 0.31
N ALA C 326 17.59 -11.56 -0.83
CA ALA C 326 16.42 -12.44 -0.91
C ALA C 326 16.82 -13.90 -0.79
N GLN C 327 17.97 -14.26 -1.35
CA GLN C 327 18.46 -15.63 -1.26
C GLN C 327 18.67 -15.95 0.22
N TYR C 328 19.25 -14.97 0.93
CA TYR C 328 19.51 -15.15 2.34
C TYR C 328 18.20 -15.43 3.09
N TYR C 329 17.14 -14.77 2.66
CA TYR C 329 15.83 -14.94 3.26
C TYR C 329 15.36 -16.38 3.12
N GLU C 330 15.45 -16.89 1.90
CA GLU C 330 15.10 -18.29 1.66
C GLU C 330 15.93 -19.22 2.54
N PHE C 331 17.26 -19.01 2.60
CA PHE C 331 18.12 -19.89 3.40
C PHE C 331 17.67 -19.88 4.85
N LEU C 332 17.47 -18.69 5.39
CA LEU C 332 17.12 -18.53 6.79
C LEU C 332 15.78 -19.13 7.10
N ARG C 333 14.78 -18.88 6.28
CA ARG C 333 13.46 -19.27 6.63
C ARG C 333 13.21 -20.78 6.47
N LEU C 334 13.92 -21.43 5.54
CA LEU C 334 13.67 -22.85 5.27
C LEU C 334 14.67 -23.77 5.94
N GLY C 335 15.97 -23.45 5.84
CA GLY C 335 17.05 -24.35 6.24
C GLY C 335 16.97 -25.65 5.47
N ARG C 336 17.61 -26.67 6.01
CA ARG C 336 17.62 -28.01 5.42
C ARG C 336 16.34 -28.72 5.51
N GLU C 337 15.61 -28.48 6.57
CA GLU C 337 14.40 -29.22 6.82
C GLU C 337 13.35 -28.64 5.86
N GLY C 338 13.34 -27.31 5.72
CA GLY C 338 12.47 -26.62 4.78
C GLY C 338 12.75 -26.96 3.34
N TYR C 339 14.01 -26.86 2.92
CA TYR C 339 14.35 -27.16 1.54
C TYR C 339 14.05 -28.59 1.16
N THR C 340 14.33 -29.54 2.04
CA THR C 340 13.93 -30.91 1.76
C THR C 340 12.43 -31.01 1.47
N LYS C 341 11.57 -30.40 2.29
CA LYS C 341 10.13 -30.38 2.05
C LYS C 341 9.76 -29.76 0.72
N VAL C 342 10.22 -28.54 0.50
CA VAL C 342 10.02 -27.84 -0.77
C VAL C 342 10.42 -28.65 -2.03
N GLN C 343 11.63 -29.21 -2.08
CA GLN C 343 12.06 -29.96 -3.26
C GLN C 343 11.30 -31.27 -3.42
N ASN C 344 11.00 -31.92 -2.30
CA ASN C 344 10.27 -33.15 -2.34
C ASN C 344 8.97 -32.92 -3.04
N ALA C 345 8.32 -31.80 -2.73
CA ALA C 345 7.03 -31.46 -3.32
C ALA C 345 7.11 -31.43 -4.86
N SER C 346 8.14 -30.77 -5.39
CA SER C 346 8.31 -30.67 -6.83
C SER C 346 8.55 -32.05 -7.44
N TYR C 347 9.37 -32.85 -6.74
CA TYR C 347 9.63 -34.20 -7.19
C TYR C 347 8.36 -35.09 -7.27
N GLN C 348 7.45 -34.88 -6.33
CA GLN C 348 6.26 -35.67 -6.24
C GLN C 348 5.40 -35.32 -7.44
N VAL C 349 5.38 -34.04 -7.78
CA VAL C 349 4.61 -33.59 -8.92
C VAL C 349 5.12 -34.23 -10.21
N ALA C 350 6.43 -34.21 -10.40
CA ALA C 350 6.98 -34.57 -11.68
C ALA C 350 6.77 -36.05 -11.87
N ALA C 351 6.90 -36.80 -10.77
CA ALA C 351 6.85 -38.25 -10.84
C ALA C 351 5.40 -38.62 -11.12
N TYR C 352 4.46 -37.88 -10.54
CA TYR C 352 3.09 -38.14 -10.83
C TYR C 352 2.82 -37.92 -12.34
N LEU C 353 3.29 -36.81 -12.87
CA LEU C 353 3.04 -36.45 -14.24
C LEU C 353 3.59 -37.50 -15.16
N ALA C 354 4.83 -37.93 -14.91
CA ALA C 354 5.46 -38.92 -15.73
C ALA C 354 4.65 -40.23 -15.77
N ASP C 355 4.14 -40.65 -14.61
CA ASP C 355 3.37 -41.88 -14.52
C ASP C 355 2.06 -41.71 -15.22
N GLU C 356 1.40 -40.58 -15.03
CA GLU C 356 0.10 -40.41 -15.65
C GLU C 356 0.16 -40.28 -17.17
N ILE C 357 1.10 -39.47 -17.67
CA ILE C 357 1.34 -39.28 -19.12
C ILE C 357 1.72 -40.59 -19.84
N ALA C 358 2.50 -41.43 -19.17
CA ALA C 358 2.93 -42.68 -19.79
C ALA C 358 1.75 -43.54 -20.20
N LYS C 359 0.58 -43.31 -19.58
CA LYS C 359 -0.60 -44.15 -19.83
C LYS C 359 -1.42 -43.61 -20.98
N LEU C 360 -0.94 -42.53 -21.58
CA LEU C 360 -1.77 -41.77 -22.50
C LEU C 360 -1.33 -41.85 -23.96
N GLY C 361 -0.23 -42.52 -24.23
CA GLY C 361 0.29 -42.56 -25.57
C GLY C 361 1.46 -43.52 -25.66
N PRO C 362 1.95 -43.77 -26.88
CA PRO C 362 3.11 -44.64 -27.04
C PRO C 362 4.46 -43.93 -26.78
N TYR C 363 4.75 -43.60 -25.52
CA TYR C 363 5.89 -42.74 -25.16
C TYR C 363 7.11 -43.50 -24.61
N GLU C 364 8.33 -43.00 -24.87
CA GLU C 364 9.55 -43.63 -24.30
C GLU C 364 10.19 -42.55 -23.47
N PHE C 365 10.52 -42.87 -22.22
CA PHE C 365 10.88 -41.81 -21.29
C PHE C 365 12.35 -41.72 -21.08
N ILE C 366 12.89 -40.55 -21.36
CA ILE C 366 14.25 -40.24 -21.02
C ILE C 366 14.42 -39.81 -19.56
N CYS C 367 13.38 -39.18 -18.99
CA CYS C 367 13.48 -38.68 -17.59
C CYS C 367 12.14 -38.71 -16.98
N THR C 368 12.05 -39.31 -15.80
CA THR C 368 10.75 -39.59 -15.20
C THR C 368 10.62 -38.90 -13.86
N GLY C 369 11.50 -37.94 -13.59
CA GLY C 369 11.33 -37.04 -12.47
C GLY C 369 11.59 -37.67 -11.12
N ARG C 370 12.55 -38.58 -11.02
CA ARG C 370 12.87 -39.20 -9.76
C ARG C 370 14.10 -38.47 -9.19
N PRO C 371 14.15 -38.31 -7.86
CA PRO C 371 15.24 -37.55 -7.28
C PRO C 371 16.60 -38.22 -7.43
N ASP C 372 16.68 -39.50 -7.69
CA ASP C 372 17.98 -40.15 -7.79
C ASP C 372 18.46 -40.18 -9.22
N GLU C 373 17.65 -39.63 -10.12
CA GLU C 373 18.01 -39.61 -11.52
C GLU C 373 18.29 -38.21 -12.11
N GLY C 374 17.71 -37.19 -11.50
CA GLY C 374 17.82 -35.86 -12.03
C GLY C 374 16.92 -34.86 -11.35
N ILE C 375 16.53 -33.83 -12.10
CA ILE C 375 15.82 -32.74 -11.50
C ILE C 375 14.29 -32.99 -11.62
N PRO C 376 13.45 -32.20 -10.96
CA PRO C 376 12.02 -32.43 -11.23
C PRO C 376 11.57 -32.08 -12.67
N ALA C 377 11.75 -33.02 -13.59
CA ALA C 377 11.39 -32.81 -15.00
C ALA C 377 10.95 -34.08 -15.58
N VAL C 378 9.95 -34.02 -16.43
CA VAL C 378 9.57 -35.19 -17.20
C VAL C 378 10.06 -34.92 -18.62
N CYS C 379 10.78 -35.86 -19.20
CA CYS C 379 11.23 -35.71 -20.58
C CYS C 379 10.97 -37.00 -21.37
N PHE C 380 10.28 -36.87 -22.50
CA PHE C 380 9.91 -38.06 -23.28
C PHE C 380 9.87 -37.81 -24.80
N LYS C 381 9.81 -38.90 -25.56
CA LYS C 381 9.70 -38.90 -27.02
C LYS C 381 8.72 -39.99 -27.42
N LEU C 382 8.27 -39.97 -28.68
CA LEU C 382 7.44 -41.04 -29.23
C LEU C 382 8.32 -42.27 -29.39
N LYS C 383 7.76 -43.43 -29.04
CA LYS C 383 8.46 -44.70 -29.23
C LYS C 383 8.77 -44.85 -30.68
N ASP C 384 9.97 -45.32 -30.97
CA ASP C 384 10.42 -45.53 -32.34
C ASP C 384 9.41 -46.34 -33.17
N GLY C 385 9.14 -45.88 -34.39
CA GLY C 385 8.21 -46.56 -35.31
C GLY C 385 6.77 -46.74 -34.83
N GLU C 386 6.35 -45.88 -33.91
CA GLU C 386 4.98 -45.88 -33.49
C GLU C 386 4.41 -44.54 -33.92
N ASP C 387 3.16 -44.54 -34.36
CA ASP C 387 2.59 -43.32 -34.89
C ASP C 387 1.12 -43.20 -34.51
N PRO C 388 0.85 -42.40 -33.47
CA PRO C 388 -0.43 -42.27 -32.80
C PRO C 388 -1.34 -41.23 -33.43
N GLY C 389 -0.92 -40.71 -34.59
CA GLY C 389 -1.68 -39.73 -35.37
C GLY C 389 -1.30 -38.27 -35.14
N TYR C 390 -0.18 -38.03 -34.43
CA TYR C 390 0.33 -36.69 -34.15
C TYR C 390 1.84 -36.67 -33.81
N THR C 391 2.46 -35.49 -33.85
CA THR C 391 3.81 -35.32 -33.37
C THR C 391 3.80 -34.54 -32.05
N LEU C 392 4.93 -34.49 -31.37
CA LEU C 392 4.98 -33.74 -30.13
C LEU C 392 4.88 -32.26 -30.38
N TYR C 393 5.27 -31.81 -31.59
CA TYR C 393 5.07 -30.40 -31.96
C TYR C 393 3.56 -30.16 -32.05
N ASP C 394 2.85 -31.09 -32.67
CA ASP C 394 1.42 -30.94 -32.77
C ASP C 394 0.72 -30.81 -31.44
N LEU C 395 1.06 -31.71 -30.49
CA LEU C 395 0.47 -31.73 -29.16
C LEU C 395 0.84 -30.47 -28.40
N SER C 396 2.10 -30.04 -28.54
CA SER C 396 2.50 -28.77 -27.96
C SER C 396 1.66 -27.57 -28.41
N GLU C 397 1.32 -27.49 -29.70
CA GLU C 397 0.52 -26.37 -30.17
C GLU C 397 -0.91 -26.42 -29.65
N ARG C 398 -1.48 -27.61 -29.56
CA ARG C 398 -2.80 -27.78 -28.97
C ARG C 398 -2.74 -27.32 -27.53
N LEU C 399 -1.69 -27.68 -26.80
CA LEU C 399 -1.57 -27.22 -25.45
C LEU C 399 -1.45 -25.70 -25.33
N ARG C 400 -0.68 -25.03 -26.18
CA ARG C 400 -0.58 -23.54 -26.12
C ARG C 400 -1.95 -22.91 -26.17
N LEU C 401 -2.89 -23.56 -26.87
CA LEU C 401 -4.20 -22.95 -27.05
C LEU C 401 -5.00 -23.01 -25.81
N ARG C 402 -4.58 -23.83 -24.86
CA ARG C 402 -5.28 -23.91 -23.61
C ARG C 402 -4.40 -23.24 -22.56
N GLY C 403 -3.55 -22.33 -23.02
CA GLY C 403 -2.70 -21.54 -22.11
C GLY C 403 -1.34 -22.09 -21.67
N TRP C 404 -1.03 -23.36 -21.91
CA TRP C 404 0.21 -23.92 -21.38
C TRP C 404 1.32 -23.76 -22.37
N GLN C 405 2.55 -23.64 -21.87
CA GLN C 405 3.72 -23.72 -22.71
C GLN C 405 4.52 -24.98 -22.35
N VAL C 406 4.39 -25.99 -23.20
CA VAL C 406 5.08 -27.24 -22.96
C VAL C 406 5.94 -27.50 -24.18
N PRO C 407 7.24 -27.26 -24.06
CA PRO C 407 8.10 -27.18 -25.25
C PRO C 407 8.36 -28.53 -25.93
N ALA C 408 8.45 -28.54 -27.26
CA ALA C 408 8.90 -29.72 -27.99
C ALA C 408 10.07 -29.26 -28.84
N PHE C 409 11.15 -30.02 -28.86
CA PHE C 409 12.37 -29.66 -29.59
C PHE C 409 13.17 -30.91 -29.89
N THR C 410 14.28 -30.73 -30.58
CA THR C 410 15.06 -31.84 -31.06
C THR C 410 16.30 -31.78 -30.24
N LEU C 411 16.89 -32.92 -29.95
CA LEU C 411 18.11 -32.98 -29.18
C LEU C 411 19.32 -32.66 -30.05
N GLY C 412 20.44 -32.27 -29.42
CA GLY C 412 21.69 -31.91 -30.11
C GLY C 412 22.51 -33.12 -30.57
N GLY C 413 23.77 -32.88 -30.95
CA GLY C 413 24.70 -33.93 -31.42
C GLY C 413 24.17 -34.86 -32.50
N GLU C 414 24.29 -36.17 -32.29
CA GLU C 414 23.72 -37.16 -33.24
C GLU C 414 22.20 -37.40 -33.05
N ALA C 415 21.68 -37.10 -31.86
CA ALA C 415 20.25 -37.31 -31.57
C ALA C 415 19.39 -36.14 -32.08
N THR C 416 19.98 -35.40 -33.02
CA THR C 416 19.37 -34.32 -33.82
C THR C 416 18.02 -34.72 -34.47
N ASP C 417 17.90 -36.00 -34.72
CA ASP C 417 16.75 -36.58 -35.35
C ASP C 417 15.59 -36.69 -34.35
N ILE C 418 15.92 -36.62 -33.05
CA ILE C 418 14.97 -36.97 -31.98
C ILE C 418 14.18 -35.78 -31.47
N VAL C 419 12.86 -35.88 -31.51
CA VAL C 419 12.04 -34.80 -30.99
C VAL C 419 11.64 -35.22 -29.59
N VAL C 420 11.70 -34.30 -28.63
CA VAL C 420 11.19 -34.58 -27.31
C VAL C 420 10.28 -33.47 -26.79
N MET C 421 9.49 -33.82 -25.79
CA MET C 421 8.70 -32.88 -25.01
C MET C 421 9.28 -32.92 -23.60
N ARG C 422 9.53 -31.76 -22.98
CA ARG C 422 10.15 -31.72 -21.64
C ARG C 422 9.40 -30.80 -20.71
N ILE C 423 8.79 -31.35 -19.65
CA ILE C 423 8.07 -30.54 -18.68
C ILE C 423 8.92 -30.21 -17.45
N MET C 424 9.01 -28.91 -17.11
CA MET C 424 9.76 -28.47 -15.95
C MET C 424 8.80 -28.22 -14.79
N CYS C 425 9.02 -28.90 -13.66
CA CYS C 425 8.25 -28.64 -12.44
C CYS C 425 8.92 -27.70 -11.44
N ARG C 426 8.56 -26.44 -11.44
CA ARG C 426 9.14 -25.60 -10.42
C ARG C 426 8.16 -25.20 -9.31
N ARG C 427 8.66 -24.47 -8.32
CA ARG C 427 7.83 -24.08 -7.19
C ARG C 427 6.65 -23.26 -7.68
N GLY C 428 5.46 -23.67 -7.28
CA GLY C 428 4.24 -22.97 -7.60
C GLY C 428 3.41 -23.86 -8.49
N PHE C 429 4.08 -24.73 -9.25
CA PHE C 429 3.38 -25.69 -10.07
C PHE C 429 3.03 -26.88 -9.21
N GLU C 430 1.94 -26.76 -8.47
CA GLU C 430 1.58 -27.80 -7.52
C GLU C 430 0.66 -28.88 -8.11
N MET C 431 0.47 -29.92 -7.32
CA MET C 431 -0.32 -31.06 -7.70
C MET C 431 -1.63 -30.66 -8.45
N ASP C 432 -2.45 -29.76 -7.88
CA ASP C 432 -3.69 -29.33 -8.56
C ASP C 432 -3.42 -28.81 -9.96
N PHE C 433 -2.32 -28.08 -10.13
CA PHE C 433 -2.05 -27.55 -11.44
C PHE C 433 -1.69 -28.68 -12.33
N ALA C 434 -1.00 -29.66 -11.79
CA ALA C 434 -0.60 -30.75 -12.61
C ALA C 434 -1.84 -31.50 -13.06
N GLU C 435 -2.78 -31.75 -12.14
CA GLU C 435 -4.10 -32.34 -12.49
C GLU C 435 -4.78 -31.61 -13.67
N LEU C 436 -4.73 -30.29 -13.66
CA LEU C 436 -5.38 -29.52 -14.68
C LEU C 436 -4.72 -29.71 -16.03
N LEU C 437 -3.40 -29.63 -16.08
CA LEU C 437 -2.60 -29.93 -17.28
C LEU C 437 -2.94 -31.29 -17.84
N LEU C 438 -3.08 -32.27 -16.95
CA LEU C 438 -3.47 -33.60 -17.33
C LEU C 438 -4.83 -33.62 -17.99
N GLU C 439 -5.76 -32.83 -17.51
CA GLU C 439 -7.04 -32.74 -18.22
C GLU C 439 -6.86 -32.17 -19.65
N ASP C 440 -6.07 -31.11 -19.76
CA ASP C 440 -5.87 -30.40 -21.02
C ASP C 440 -5.10 -31.25 -22.02
N TYR C 441 -4.26 -32.11 -21.50
CA TYR C 441 -3.48 -32.98 -22.32
C TYR C 441 -4.45 -33.99 -22.94
N LYS C 442 -5.26 -34.62 -22.11
CA LYS C 442 -6.30 -35.52 -22.60
C LYS C 442 -7.21 -34.78 -23.60
N ALA C 443 -7.53 -33.53 -23.33
CA ALA C 443 -8.49 -32.85 -24.18
C ALA C 443 -7.85 -32.65 -25.56
N SER C 444 -6.56 -32.33 -25.58
CA SER C 444 -5.78 -32.14 -26.81
C SER C 444 -5.64 -33.46 -27.57
N LEU C 445 -5.40 -34.57 -26.83
CA LEU C 445 -5.23 -35.88 -27.46
C LEU C 445 -6.44 -36.21 -28.31
N LYS C 446 -7.60 -35.93 -27.71
CA LYS C 446 -8.88 -36.17 -28.34
C LYS C 446 -9.09 -35.29 -29.56
N TYR C 447 -8.80 -33.99 -29.42
CA TYR C 447 -9.05 -33.10 -30.52
C TYR C 447 -8.19 -33.47 -31.73
N LEU C 448 -6.95 -33.94 -31.47
CA LEU C 448 -6.02 -34.41 -32.52
C LEU C 448 -6.48 -35.70 -33.19
N SER C 449 -7.08 -36.57 -32.42
CA SER C 449 -7.65 -37.80 -32.96
C SER C 449 -8.93 -37.51 -33.79
N ASP C 450 -9.64 -36.43 -33.43
CA ASP C 450 -10.85 -36.04 -34.16
C ASP C 450 -10.50 -35.22 -35.39
N HIS C 451 -9.28 -34.69 -35.45
CA HIS C 451 -8.89 -33.85 -36.57
C HIS C 451 -7.54 -34.34 -37.12
N PRO C 452 -7.54 -35.47 -37.84
CA PRO C 452 -6.27 -36.06 -38.24
C PRO C 452 -5.47 -35.21 -39.24
N LYS C 453 -6.13 -34.30 -39.92
CA LYS C 453 -5.42 -33.48 -40.89
C LYS C 453 -4.32 -32.65 -40.21
N LEU C 454 -4.48 -32.38 -38.91
CA LEU C 454 -3.53 -31.57 -38.14
C LEU C 454 -2.12 -32.16 -38.00
N GLN C 455 -1.99 -33.49 -38.11
CA GLN C 455 -0.72 -34.17 -37.87
C GLN C 455 0.29 -33.63 -38.82
N GLY C 456 1.39 -33.14 -38.25
CA GLY C 456 2.63 -32.90 -38.97
C GLY C 456 2.83 -31.47 -39.40
N ILE C 457 1.86 -30.62 -39.14
CA ILE C 457 1.89 -29.29 -39.68
C ILE C 457 2.89 -28.40 -38.95
N ALA C 458 2.85 -28.45 -37.62
CA ALA C 458 3.73 -27.62 -36.80
C ALA C 458 5.14 -28.20 -36.70
N GLN C 459 6.13 -27.36 -36.96
CA GLN C 459 7.52 -27.81 -36.94
C GLN C 459 8.59 -26.84 -36.45
N GLN C 460 8.20 -25.87 -35.64
CA GLN C 460 9.18 -24.99 -35.06
C GLN C 460 9.52 -25.47 -33.64
N ASN C 461 10.82 -25.56 -33.35
CA ASN C 461 11.32 -25.88 -32.00
C ASN C 461 10.96 -24.78 -30.99
N SER C 462 10.61 -25.14 -29.75
CA SER C 462 10.35 -24.12 -28.69
C SER C 462 11.64 -23.70 -27.94
N PHE C 463 11.55 -22.57 -27.21
CA PHE C 463 12.63 -22.14 -26.33
C PHE C 463 12.93 -23.29 -25.37
N LYS C 464 14.20 -23.68 -25.33
CA LYS C 464 14.66 -24.84 -24.60
C LYS C 464 15.72 -24.56 -23.52
N HIS C 465 16.31 -23.37 -23.55
CA HIS C 465 17.63 -23.20 -22.97
C HIS C 465 17.65 -22.82 -21.51
N THR C 466 16.48 -22.54 -20.93
CA THR C 466 16.33 -22.25 -19.49
C THR C 466 15.04 -21.58 -19.10
N GLU D 12 19.16 -18.67 28.78
CA GLU D 12 18.01 -18.63 27.81
C GLU D 12 17.83 -17.25 27.21
N LEU D 13 18.48 -17.00 26.08
CA LEU D 13 18.44 -15.72 25.40
C LEU D 13 17.12 -15.42 24.72
N LEU D 14 16.60 -14.23 24.99
CA LEU D 14 15.35 -13.81 24.42
C LEU D 14 15.58 -12.68 23.41
N ASP D 15 14.56 -12.41 22.59
CA ASP D 15 14.58 -11.31 21.65
C ASP D 15 13.51 -10.28 22.01
N SER D 16 13.88 -9.04 22.20
CA SER D 16 12.88 -8.05 22.65
C SER D 16 11.84 -7.72 21.58
N ARG D 17 12.14 -8.14 20.35
CA ARG D 17 11.29 -7.90 19.22
C ARG D 17 10.21 -8.93 19.26
N PHE D 18 10.58 -10.17 19.44
CA PHE D 18 9.60 -11.21 19.23
C PHE D 18 9.03 -11.78 20.51
N GLY D 19 9.46 -11.25 21.66
CA GLY D 19 9.06 -11.81 22.93
C GLY D 19 9.25 -13.31 22.95
N ALA D 20 10.32 -13.81 22.32
CA ALA D 20 10.59 -15.25 22.21
C ALA D 20 12.07 -15.64 22.26
N LYS D 21 12.36 -16.94 22.14
CA LYS D 21 13.74 -17.44 22.13
C LYS D 21 14.51 -16.79 20.97
N SER D 22 15.67 -16.25 21.29
CA SER D 22 16.58 -15.58 20.34
C SER D 22 17.14 -16.51 19.26
N ILE D 23 16.97 -16.11 18.01
CA ILE D 23 17.72 -16.73 16.96
C ILE D 23 18.77 -15.70 16.63
N SER D 24 20.03 -16.09 16.74
CA SER D 24 21.13 -15.23 16.32
C SER D 24 21.40 -15.47 14.84
N THR D 25 21.71 -14.43 14.05
CA THR D 25 22.14 -14.64 12.63
C THR D 25 23.64 -14.91 12.54
N ILE D 26 24.36 -14.53 13.59
CA ILE D 26 25.81 -14.64 13.61
C ILE D 26 26.22 -16.03 14.07
N ALA D 27 25.58 -16.53 15.12
CA ALA D 27 25.78 -17.92 15.49
C ALA D 27 25.25 -18.79 14.33
N GLU D 28 26.07 -19.73 13.85
CA GLU D 28 25.58 -20.65 12.81
C GLU D 28 25.19 -19.80 11.55
N SER D 29 26.07 -18.83 11.28
CA SER D 29 26.10 -18.13 10.01
C SER D 29 27.26 -18.75 9.24
N LYS D 30 27.73 -19.89 9.74
CA LYS D 30 28.89 -20.51 9.16
C LYS D 30 28.50 -21.84 8.56
N ARG D 31 27.29 -22.28 8.89
CA ARG D 31 26.76 -23.55 8.40
C ARG D 31 25.43 -23.25 7.71
N PHE D 32 24.98 -24.14 6.84
CA PHE D 32 23.70 -23.96 6.22
C PHE D 32 22.71 -24.20 7.34
N PRO D 33 21.63 -23.39 7.45
CA PRO D 33 20.75 -23.57 8.60
C PRO D 33 19.99 -24.90 8.63
N LEU D 34 19.82 -25.45 9.83
CA LEU D 34 19.19 -26.75 9.94
C LEU D 34 17.69 -26.70 9.88
N HIS D 35 17.06 -25.62 10.38
CA HIS D 35 15.62 -25.60 10.68
C HIS D 35 14.82 -24.51 10.00
N GLU D 36 13.52 -24.72 9.88
CA GLU D 36 12.62 -23.67 9.43
C GLU D 36 12.45 -22.70 10.56
N MET D 37 11.95 -21.52 10.23
CA MET D 37 11.74 -20.43 11.13
C MET D 37 10.55 -19.70 10.47
N ARG D 38 9.74 -18.96 11.21
CA ARG D 38 8.55 -18.41 10.56
C ARG D 38 8.99 -17.37 9.54
N ASP D 39 8.38 -17.41 8.35
CA ASP D 39 8.76 -16.48 7.28
C ASP D 39 8.83 -15.03 7.73
N ASP D 40 7.81 -14.56 8.43
CA ASP D 40 7.73 -13.15 8.85
C ASP D 40 8.80 -12.76 9.87
N VAL D 41 9.18 -13.72 10.72
CA VAL D 41 10.30 -13.51 11.61
C VAL D 41 11.58 -13.40 10.78
N ALA D 42 11.79 -14.31 9.82
CA ALA D 42 12.97 -14.21 8.96
C ALA D 42 13.01 -12.89 8.26
N PHE D 43 11.84 -12.42 7.78
CA PHE D 43 11.83 -11.15 7.10
C PHE D 43 12.25 -9.99 8.00
N GLN D 44 11.70 -9.95 9.21
CA GLN D 44 12.01 -8.88 10.15
C GLN D 44 13.48 -8.86 10.56
N ILE D 45 14.07 -10.04 10.74
CA ILE D 45 15.44 -10.12 11.26
C ILE D 45 16.41 -9.48 10.25
N ILE D 46 16.13 -9.74 8.97
CA ILE D 46 16.90 -9.26 7.86
C ILE D 46 16.60 -7.80 7.70
N ASN D 47 15.32 -7.46 7.66
CA ASN D 47 14.90 -6.07 7.55
C ASN D 47 15.61 -5.15 8.56
N ASP D 48 15.61 -5.58 9.81
CA ASP D 48 16.30 -4.90 10.89
C ASP D 48 17.82 -4.79 10.70
N GLU D 49 18.43 -5.81 10.13
CA GLU D 49 19.86 -5.75 9.84
C GLU D 49 20.16 -4.65 8.84
N LEU D 50 19.27 -4.52 7.87
CA LEU D 50 19.47 -3.61 6.79
C LEU D 50 19.37 -2.17 7.18
N TYR D 51 18.90 -1.88 8.39
CA TYR D 51 18.94 -0.49 8.80
C TYR D 51 20.36 0.00 8.96
N LEU D 52 21.31 -0.94 9.10
CA LEU D 52 22.70 -0.61 9.27
C LEU D 52 23.37 -0.19 7.97
N ASP D 53 22.72 -0.41 6.84
CA ASP D 53 23.23 0.05 5.56
C ASP D 53 23.04 1.55 5.45
N GLY D 54 23.92 2.26 4.76
CA GLY D 54 23.70 3.69 4.49
C GLY D 54 22.61 3.94 3.45
N ASN D 55 22.09 5.17 3.34
CA ASN D 55 21.13 5.45 2.26
C ASN D 55 21.75 6.14 1.05
N ALA D 56 23.03 6.47 1.14
CA ALA D 56 23.83 7.07 0.06
C ALA D 56 23.48 8.50 -0.31
N ARG D 57 22.41 9.06 0.23
CA ARG D 57 22.08 10.44 -0.08
C ARG D 57 23.19 11.43 0.29
N GLN D 58 23.98 11.12 1.32
CA GLN D 58 25.10 12.01 1.71
C GLN D 58 26.40 11.47 1.19
N ASN D 59 26.30 10.46 0.32
CA ASN D 59 27.47 9.80 -0.25
C ASN D 59 27.83 10.50 -1.52
N LEU D 60 28.98 11.18 -1.54
CA LEU D 60 29.35 11.91 -2.71
C LEU D 60 30.43 11.24 -3.47
N ALA D 61 30.67 9.95 -3.16
CA ALA D 61 31.67 9.18 -3.91
C ALA D 61 31.07 8.44 -5.04
N THR D 62 29.79 8.14 -5.00
CA THR D 62 29.35 7.20 -5.98
C THR D 62 28.72 7.88 -7.15
N PHE D 63 28.76 7.17 -8.25
CA PHE D 63 28.23 7.63 -9.50
C PHE D 63 26.79 7.15 -9.70
N CYS D 64 26.45 6.03 -9.07
CA CYS D 64 25.20 5.30 -9.37
C CYS D 64 23.96 5.92 -8.78
N GLN D 65 22.82 5.74 -9.45
CA GLN D 65 21.56 6.35 -9.04
C GLN D 65 21.21 5.99 -7.61
N THR D 66 20.94 6.99 -6.81
CA THR D 66 20.58 6.77 -5.45
C THR D 66 19.22 7.40 -5.14
N TRP D 67 18.69 8.22 -6.05
CA TRP D 67 17.39 8.88 -5.83
C TRP D 67 16.25 7.90 -6.07
N ASP D 68 15.09 8.11 -5.44
CA ASP D 68 13.93 7.22 -5.61
C ASP D 68 12.76 7.98 -6.22
N ASP D 69 12.07 7.29 -7.14
CA ASP D 69 10.91 7.77 -7.87
C ASP D 69 9.92 6.61 -7.72
N GLU D 70 8.75 6.89 -7.15
CA GLU D 70 7.73 5.89 -6.92
C GLU D 70 7.41 5.05 -8.18
N ASN D 71 7.42 5.71 -9.35
CA ASN D 71 7.11 5.01 -10.60
C ASN D 71 8.18 3.99 -10.90
N VAL D 72 9.42 4.28 -10.55
CA VAL D 72 10.49 3.32 -10.84
C VAL D 72 10.38 2.08 -9.91
N HIS D 73 10.02 2.31 -8.65
CA HIS D 73 9.74 1.22 -7.76
C HIS D 73 8.60 0.31 -8.25
N LYS D 74 7.53 0.92 -8.77
CA LYS D 74 6.44 0.12 -9.31
C LYS D 74 6.88 -0.71 -10.53
N LEU D 75 7.54 -0.09 -11.50
CA LEU D 75 8.03 -0.85 -12.66
C LEU D 75 8.97 -1.95 -12.24
N MET D 76 9.88 -1.64 -11.33
CA MET D 76 10.81 -2.67 -10.93
C MET D 76 10.03 -3.81 -10.31
N ASP D 77 9.02 -3.52 -9.51
CA ASP D 77 8.34 -4.56 -8.74
C ASP D 77 7.42 -5.47 -9.57
N LEU D 78 6.85 -4.90 -10.63
CA LEU D 78 6.14 -5.65 -11.66
C LEU D 78 7.10 -6.58 -12.36
N SER D 79 8.37 -6.23 -12.39
CA SER D 79 9.32 -6.89 -13.28
C SER D 79 10.24 -7.89 -12.58
N ILE D 80 10.06 -8.11 -11.28
CA ILE D 80 10.85 -9.04 -10.51
C ILE D 80 11.10 -10.45 -11.18
N ASN D 81 10.14 -10.97 -11.94
CA ASN D 81 10.30 -12.30 -12.49
C ASN D 81 10.47 -12.30 -13.99
N LYS D 82 10.52 -11.10 -14.57
CA LYS D 82 10.52 -10.99 -16.01
C LYS D 82 11.94 -11.24 -16.52
N ASN D 83 12.08 -12.36 -17.22
CA ASN D 83 13.38 -12.82 -17.74
C ASN D 83 13.80 -12.19 -19.11
N TRP D 84 14.78 -11.31 -19.09
CA TRP D 84 15.25 -10.65 -20.28
C TRP D 84 15.56 -11.60 -21.45
N ILE D 85 16.10 -12.79 -21.13
CA ILE D 85 16.52 -13.77 -22.13
C ILE D 85 15.38 -14.56 -22.77
N ASP D 86 14.23 -14.54 -22.11
CA ASP D 86 13.09 -15.35 -22.48
C ASP D 86 12.17 -14.50 -23.31
N LYS D 87 12.49 -14.43 -24.58
CA LYS D 87 11.79 -13.59 -25.52
C LYS D 87 10.38 -14.10 -25.80
N GLU D 88 10.14 -15.37 -25.58
CA GLU D 88 8.90 -16.02 -25.92
C GLU D 88 7.84 -15.62 -24.89
N GLU D 89 8.16 -15.83 -23.63
CA GLU D 89 7.21 -15.57 -22.59
C GLU D 89 7.02 -14.09 -22.32
N TYR D 90 8.03 -13.28 -22.61
CA TYR D 90 7.94 -11.86 -22.27
C TYR D 90 8.21 -11.01 -23.50
N PRO D 91 7.30 -11.08 -24.48
CA PRO D 91 7.61 -10.52 -25.80
C PRO D 91 7.54 -9.00 -25.81
N GLN D 92 6.82 -8.41 -24.86
CA GLN D 92 6.72 -6.96 -24.77
C GLN D 92 7.94 -6.31 -24.11
N SER D 93 8.42 -6.91 -23.02
CA SER D 93 9.75 -6.57 -22.47
C SER D 93 10.84 -6.64 -23.56
N ALA D 94 10.88 -7.77 -24.29
CA ALA D 94 11.73 -7.92 -25.49
C ALA D 94 11.61 -6.75 -26.50
N ALA D 95 10.39 -6.32 -26.79
CA ALA D 95 10.17 -5.19 -27.68
C ALA D 95 10.81 -3.92 -27.10
N ILE D 96 10.58 -3.69 -25.81
CA ILE D 96 11.02 -2.49 -25.11
C ILE D 96 12.55 -2.40 -25.12
N ASP D 97 13.22 -3.53 -24.83
CA ASP D 97 14.67 -3.63 -24.89
C ASP D 97 15.24 -3.18 -26.25
N LEU D 98 14.62 -3.64 -27.34
CA LEU D 98 15.07 -3.28 -28.64
C LEU D 98 14.87 -1.80 -28.92
N ARG D 99 13.78 -1.21 -28.44
CA ARG D 99 13.64 0.24 -28.63
C ARG D 99 14.78 0.95 -27.92
N CYS D 100 15.01 0.66 -26.66
CA CYS D 100 16.14 1.28 -26.00
C CYS D 100 17.41 1.18 -26.86
N VAL D 101 17.71 -0.01 -27.42
CA VAL D 101 18.94 -0.19 -28.19
C VAL D 101 19.02 0.84 -29.32
N ASN D 102 17.92 0.97 -30.04
CA ASN D 102 17.82 1.96 -31.11
C ASN D 102 17.97 3.38 -30.65
N MET D 103 17.33 3.70 -29.53
CA MET D 103 17.32 5.06 -29.02
C MET D 103 18.73 5.46 -28.60
N VAL D 104 19.40 4.60 -27.85
CA VAL D 104 20.80 4.86 -27.46
C VAL D 104 21.71 5.02 -28.70
N ALA D 105 21.58 4.09 -29.65
CA ALA D 105 22.27 4.19 -30.95
C ALA D 105 22.03 5.54 -31.63
N ASP D 106 20.78 5.95 -31.79
CA ASP D 106 20.49 7.27 -32.32
C ASP D 106 21.24 8.37 -31.56
N LEU D 107 21.18 8.34 -30.25
CA LEU D 107 21.71 9.40 -29.45
C LEU D 107 23.18 9.65 -29.80
N TRP D 108 23.88 8.58 -30.20
CA TRP D 108 25.35 8.63 -30.40
C TRP D 108 25.77 8.69 -31.88
N HIS D 109 24.80 9.06 -32.72
CA HIS D 109 24.98 9.24 -34.16
C HIS D 109 25.37 7.96 -34.90
N ALA D 110 24.82 6.84 -34.48
CA ALA D 110 25.06 5.60 -35.18
C ALA D 110 24.51 5.73 -36.59
N PRO D 111 25.30 5.30 -37.60
CA PRO D 111 24.73 5.32 -38.95
C PRO D 111 23.41 4.56 -38.96
N ALA D 112 22.37 5.14 -39.55
CA ALA D 112 21.05 4.50 -39.57
C ALA D 112 21.18 3.05 -40.08
N PRO D 113 20.64 2.08 -39.30
CA PRO D 113 20.81 0.66 -39.58
C PRO D 113 20.01 0.25 -40.79
N LYS D 114 20.60 -0.63 -41.63
CA LYS D 114 19.94 -1.14 -42.87
C LYS D 114 18.53 -1.77 -42.71
N ASN D 115 18.36 -2.61 -41.69
CA ASN D 115 17.10 -3.34 -41.42
C ASN D 115 16.14 -2.70 -40.37
N GLY D 116 16.40 -1.46 -39.99
CA GLY D 116 15.61 -0.78 -38.94
C GLY D 116 15.98 -1.13 -37.49
N GLN D 117 17.09 -1.84 -37.27
CA GLN D 117 17.44 -2.28 -35.92
C GLN D 117 18.95 -2.18 -35.71
N ALA D 118 19.34 -1.35 -34.75
CA ALA D 118 20.74 -1.08 -34.49
C ALA D 118 21.43 -2.28 -33.84
N VAL D 119 22.74 -2.42 -34.13
CA VAL D 119 23.56 -3.49 -33.52
C VAL D 119 24.09 -3.13 -32.11
N GLY D 120 23.45 -3.66 -31.08
CA GLY D 120 23.85 -3.37 -29.72
C GLY D 120 23.15 -4.26 -28.73
N THR D 121 23.49 -4.10 -27.46
CA THR D 121 22.87 -4.91 -26.46
C THR D 121 22.86 -4.22 -25.11
N ASN D 122 21.87 -4.58 -24.33
CA ASN D 122 21.78 -4.18 -22.96
C ASN D 122 22.77 -5.02 -22.17
N THR D 123 23.27 -4.52 -21.06
CA THR D 123 24.20 -5.30 -20.27
C THR D 123 23.89 -5.07 -18.81
N ILE D 124 24.56 -5.79 -17.93
CA ILE D 124 24.37 -5.57 -16.48
C ILE D 124 24.97 -4.27 -15.97
N GLY D 125 26.08 -3.84 -16.56
CA GLY D 125 26.65 -2.56 -16.22
C GLY D 125 27.67 -2.23 -17.28
N SER D 126 28.45 -1.16 -17.07
CA SER D 126 29.52 -0.83 -18.00
C SER D 126 30.57 -1.91 -18.04
N SER D 127 30.75 -2.64 -16.93
CA SER D 127 31.76 -3.69 -16.90
C SER D 127 31.54 -4.73 -18.04
N GLU D 128 30.38 -5.37 -18.09
CA GLU D 128 30.10 -6.30 -19.18
C GLU D 128 30.30 -5.59 -20.53
N ALA D 129 29.62 -4.45 -20.70
CA ALA D 129 29.66 -3.68 -21.91
C ALA D 129 31.11 -3.45 -22.38
N CYS D 130 32.05 -3.18 -21.48
CA CYS D 130 33.45 -3.07 -21.85
C CYS D 130 34.06 -4.37 -22.30
N MET D 131 33.98 -5.45 -21.52
CA MET D 131 34.48 -6.75 -22.01
C MET D 131 33.93 -7.10 -23.38
N LEU D 132 32.69 -6.76 -23.66
CA LEU D 132 32.07 -7.11 -24.91
C LEU D 132 32.71 -6.29 -26.03
N GLY D 133 32.78 -4.97 -25.85
CA GLY D 133 33.55 -4.10 -26.75
C GLY D 133 34.98 -4.58 -26.91
N GLY D 134 35.56 -5.03 -25.80
CA GLY D 134 36.94 -5.48 -25.81
C GLY D 134 37.14 -6.71 -26.68
N MET D 135 36.21 -7.68 -26.55
CA MET D 135 36.31 -8.96 -27.27
C MET D 135 36.20 -8.70 -28.78
N ALA D 136 35.27 -7.84 -29.16
CA ALA D 136 35.05 -7.59 -30.55
C ALA D 136 36.27 -6.88 -31.14
N MET D 137 36.90 -5.97 -30.41
CA MET D 137 38.16 -5.41 -30.87
C MET D 137 39.17 -6.51 -31.13
N LYS D 138 39.44 -7.33 -30.13
CA LYS D 138 40.39 -8.40 -30.27
C LYS D 138 40.10 -9.26 -31.52
N TRP D 139 38.84 -9.62 -31.73
CA TRP D 139 38.53 -10.55 -32.80
C TRP D 139 38.78 -9.89 -34.15
N ARG D 140 38.41 -8.61 -34.26
CA ARG D 140 38.64 -7.86 -35.50
C ARG D 140 40.13 -7.76 -35.78
N TRP D 141 40.92 -7.39 -34.78
CA TRP D 141 42.36 -7.37 -34.91
C TRP D 141 42.95 -8.76 -35.24
N ARG D 142 42.45 -9.82 -34.58
CA ARG D 142 42.88 -11.21 -34.86
C ARG D 142 42.55 -11.69 -36.26
N LYS D 143 41.37 -11.34 -36.77
CA LYS D 143 40.95 -11.75 -38.11
C LYS D 143 41.85 -11.13 -39.15
N ARG D 144 42.11 -9.84 -38.97
CA ARG D 144 42.84 -9.04 -39.95
C ARG D 144 44.27 -9.54 -39.98
N MET D 145 44.83 -9.78 -38.81
CA MET D 145 46.21 -10.25 -38.72
C MET D 145 46.45 -11.68 -39.26
N GLU D 146 45.47 -12.57 -39.12
CA GLU D 146 45.58 -13.91 -39.71
C GLU D 146 45.45 -13.86 -41.21
N ALA D 147 44.45 -13.12 -41.71
CA ALA D 147 44.37 -12.83 -43.13
C ALA D 147 45.74 -12.39 -43.73
N ALA D 148 46.49 -11.55 -43.00
CA ALA D 148 47.81 -11.06 -43.47
C ALA D 148 48.97 -11.98 -43.06
N GLY D 149 48.66 -13.16 -42.55
CA GLY D 149 49.69 -14.15 -42.19
C GLY D 149 50.62 -13.85 -41.02
N LYS D 150 50.20 -13.01 -40.05
CA LYS D 150 51.09 -12.59 -38.95
C LYS D 150 50.76 -13.22 -37.57
N PRO D 151 51.73 -13.18 -36.61
CA PRO D 151 51.50 -13.66 -35.25
C PRO D 151 50.38 -12.90 -34.57
N THR D 152 49.51 -13.64 -33.90
CA THR D 152 48.34 -13.07 -33.26
C THR D 152 48.32 -13.36 -31.79
N ASP D 153 49.45 -13.83 -31.27
CA ASP D 153 49.55 -14.19 -29.85
C ASP D 153 49.90 -13.01 -28.89
N LYS D 154 50.31 -11.85 -29.42
CA LYS D 154 50.68 -10.72 -28.54
C LYS D 154 49.88 -9.40 -28.68
N PRO D 155 48.53 -9.45 -28.51
CA PRO D 155 47.77 -8.20 -28.67
C PRO D 155 47.93 -7.26 -27.50
N ASN D 156 48.01 -5.97 -27.77
CA ASN D 156 48.05 -4.97 -26.71
C ASN D 156 46.91 -3.98 -26.87
N LEU D 157 46.54 -3.32 -25.78
CA LEU D 157 45.49 -2.30 -25.72
C LEU D 157 46.11 -1.00 -25.23
N VAL D 158 45.81 0.10 -25.90
CA VAL D 158 46.36 1.40 -25.54
C VAL D 158 45.24 2.26 -24.97
N CYS D 159 45.47 2.84 -23.78
CA CYS D 159 44.44 3.60 -23.04
C CYS D 159 45.04 4.53 -21.97
N GLY D 160 44.17 5.33 -21.37
CA GLY D 160 44.58 6.29 -20.34
C GLY D 160 44.32 5.72 -18.96
N PRO D 161 44.04 6.58 -17.99
CA PRO D 161 43.74 6.08 -16.63
C PRO D 161 42.35 5.44 -16.58
N VAL D 162 42.28 4.17 -16.95
CA VAL D 162 41.00 3.46 -17.17
C VAL D 162 40.40 2.92 -15.91
N GLN D 163 39.09 2.66 -15.97
CA GLN D 163 38.43 2.07 -14.82
C GLN D 163 38.90 0.65 -14.73
N ILE D 164 38.72 0.04 -13.58
CA ILE D 164 39.18 -1.33 -13.32
C ILE D 164 38.63 -2.41 -14.27
N CYS D 165 37.50 -2.20 -14.91
CA CYS D 165 37.04 -3.22 -15.83
C CYS D 165 38.06 -3.53 -16.87
N TRP D 166 38.84 -2.53 -17.30
CA TRP D 166 39.88 -2.68 -18.35
C TRP D 166 41.05 -3.51 -17.89
N HIS D 167 41.36 -3.48 -16.59
CA HIS D 167 42.47 -4.27 -16.03
C HIS D 167 42.10 -5.75 -16.01
N LYS D 168 40.82 -5.99 -15.68
CA LYS D 168 40.18 -7.30 -15.72
C LYS D 168 40.16 -7.83 -17.15
N PHE D 169 39.59 -7.06 -18.09
CA PHE D 169 39.58 -7.47 -19.50
C PHE D 169 40.98 -7.86 -20.01
N ALA D 170 41.96 -7.00 -19.76
CA ALA D 170 43.34 -7.29 -20.13
C ALA D 170 43.81 -8.60 -19.48
N ARG D 171 43.56 -8.79 -18.19
CA ARG D 171 44.03 -10.01 -17.52
C ARG D 171 43.31 -11.24 -18.06
N TYR D 172 41.97 -11.20 -18.06
CA TYR D 172 41.13 -12.32 -18.46
C TYR D 172 41.24 -12.74 -19.93
N TRP D 173 41.61 -11.80 -20.80
CA TRP D 173 41.71 -12.12 -22.22
C TRP D 173 43.11 -12.10 -22.73
N ASP D 174 44.11 -12.08 -21.84
CA ASP D 174 45.51 -12.14 -22.31
C ASP D 174 45.84 -11.10 -23.36
N VAL D 175 45.57 -9.84 -23.03
CA VAL D 175 45.94 -8.72 -23.85
C VAL D 175 46.88 -7.89 -22.97
N GLU D 176 47.84 -7.23 -23.57
CA GLU D 176 48.83 -6.51 -22.80
C GLU D 176 48.28 -5.12 -22.61
N LEU D 177 48.16 -4.64 -21.38
CA LEU D 177 47.62 -3.29 -21.12
C LEU D 177 48.71 -2.20 -21.20
N ARG D 178 48.72 -1.44 -22.28
CA ARG D 178 49.58 -0.27 -22.32
C ARG D 178 48.81 0.96 -21.82
N GLU D 179 48.84 1.16 -20.51
CA GLU D 179 48.11 2.27 -19.93
C GLU D 179 49.09 3.47 -19.82
N ILE D 180 48.71 4.58 -20.43
CA ILE D 180 49.58 5.76 -20.44
C ILE D 180 49.50 6.33 -19.04
N PRO D 181 50.63 6.44 -18.35
CA PRO D 181 50.51 6.73 -16.95
C PRO D 181 50.09 8.17 -16.70
N MET D 182 49.35 8.37 -15.61
CA MET D 182 49.00 9.70 -15.15
C MET D 182 50.27 10.33 -14.65
N ARG D 183 50.47 11.60 -14.94
CA ARG D 183 51.62 12.30 -14.38
C ARG D 183 51.31 13.77 -14.14
N PRO D 184 51.99 14.39 -13.15
CA PRO D 184 51.66 15.75 -12.82
C PRO D 184 51.59 16.63 -14.05
N GLY D 185 50.56 17.48 -14.13
CA GLY D 185 50.38 18.36 -15.29
C GLY D 185 50.24 17.67 -16.64
N GLN D 186 50.13 16.34 -16.62
CA GLN D 186 49.57 15.56 -17.75
C GLN D 186 48.84 14.30 -17.28
N LEU D 187 47.58 14.46 -16.89
CA LEU D 187 46.89 13.40 -16.18
C LEU D 187 46.17 12.37 -17.06
N PHE D 188 46.13 12.62 -18.36
CA PHE D 188 45.29 11.84 -19.27
C PHE D 188 46.04 11.33 -20.49
N MET D 189 45.37 10.61 -21.37
CA MET D 189 46.05 10.11 -22.54
C MET D 189 46.06 11.20 -23.56
N ASP D 190 47.24 11.70 -23.89
CA ASP D 190 47.41 12.69 -24.95
C ASP D 190 47.82 11.98 -26.23
N PRO D 191 47.72 12.68 -27.38
CA PRO D 191 48.03 12.06 -28.69
C PRO D 191 49.46 11.56 -28.80
N LYS D 192 50.41 12.33 -28.26
CA LYS D 192 51.83 11.99 -28.36
C LYS D 192 52.11 10.62 -27.73
N ARG D 193 51.74 10.46 -26.46
CA ARG D 193 52.02 9.24 -25.73
C ARG D 193 51.22 8.09 -26.20
N MET D 194 50.07 8.37 -26.79
CA MET D 194 49.24 7.37 -27.36
C MET D 194 50.00 6.74 -28.52
N ILE D 195 50.44 7.59 -29.46
CA ILE D 195 51.17 7.11 -30.66
C ILE D 195 52.40 6.31 -30.28
N GLU D 196 53.16 6.80 -29.32
CA GLU D 196 54.34 6.07 -28.91
C GLU D 196 54.05 4.64 -28.46
N ALA D 197 52.87 4.42 -27.85
CA ALA D 197 52.49 3.12 -27.36
C ALA D 197 51.85 2.19 -28.39
N CYS D 198 51.63 2.66 -29.63
CA CYS D 198 50.94 1.86 -30.66
C CYS D 198 51.87 1.15 -31.61
N ASP D 199 51.50 -0.05 -32.02
CA ASP D 199 52.14 -0.77 -33.15
C ASP D 199 51.11 -1.69 -33.86
N GLU D 200 51.57 -2.63 -34.68
CA GLU D 200 50.60 -3.52 -35.34
C GLU D 200 50.01 -4.63 -34.51
N ASN D 201 50.30 -4.62 -33.21
CA ASN D 201 49.66 -5.54 -32.28
C ASN D 201 48.63 -4.87 -31.42
N THR D 202 48.50 -3.55 -31.56
CA THR D 202 47.46 -2.80 -30.87
C THR D 202 46.13 -3.15 -31.50
N ILE D 203 45.24 -3.70 -30.69
CA ILE D 203 43.88 -4.04 -31.13
C ILE D 203 42.94 -2.84 -31.21
N GLY D 204 43.20 -1.82 -30.41
CA GLY D 204 42.44 -0.61 -30.46
C GLY D 204 43.01 0.37 -29.44
N VAL D 205 42.40 1.56 -29.42
CA VAL D 205 42.71 2.57 -28.48
C VAL D 205 41.41 2.89 -27.76
N VAL D 206 41.45 3.00 -26.44
CA VAL D 206 40.26 3.22 -25.61
C VAL D 206 40.31 4.53 -24.81
N PRO D 207 39.71 5.61 -25.34
CA PRO D 207 39.62 6.84 -24.57
C PRO D 207 38.54 6.73 -23.52
N THR D 208 38.74 7.39 -22.37
CA THR D 208 37.72 7.37 -21.36
C THR D 208 36.92 8.67 -21.33
N PHE D 209 35.65 8.58 -21.73
CA PHE D 209 34.82 9.77 -21.81
C PHE D 209 34.20 10.12 -20.46
N GLY D 210 35.07 10.45 -19.53
CA GLY D 210 34.67 10.71 -18.17
C GLY D 210 35.53 9.87 -17.26
N VAL D 211 36.78 10.29 -17.07
CA VAL D 211 37.73 9.62 -16.17
C VAL D 211 37.20 9.51 -14.74
N THR D 212 37.15 8.27 -14.22
CA THR D 212 36.61 7.95 -12.88
C THR D 212 37.29 8.77 -11.78
N TYR D 213 38.61 8.88 -11.88
CA TYR D 213 39.43 9.44 -10.85
C TYR D 213 39.19 10.92 -10.69
N THR D 214 38.90 11.61 -11.79
CA THR D 214 38.93 13.06 -11.75
C THR D 214 37.71 13.73 -12.33
N GLY D 215 37.00 13.05 -13.22
CA GLY D 215 35.80 13.59 -13.81
C GLY D 215 36.00 14.25 -15.16
N ASN D 216 37.25 14.35 -15.61
CA ASN D 216 37.58 14.99 -16.90
C ASN D 216 37.29 14.09 -18.07
N TYR D 217 37.00 14.69 -19.21
CA TYR D 217 36.90 13.96 -20.46
C TYR D 217 38.27 13.76 -21.14
N GLU D 218 38.44 12.57 -21.72
CA GLU D 218 39.50 12.35 -22.68
C GLU D 218 38.92 12.51 -24.10
N PHE D 219 39.27 13.62 -24.75
CA PHE D 219 38.64 13.99 -26.00
C PHE D 219 39.10 13.09 -27.15
N PRO D 220 38.17 12.30 -27.69
CA PRO D 220 38.58 11.37 -28.73
C PRO D 220 39.02 12.02 -30.03
N GLN D 221 38.58 13.25 -30.30
CA GLN D 221 38.92 13.83 -31.61
C GLN D 221 40.43 14.01 -31.85
N PRO D 222 41.12 14.80 -31.01
CA PRO D 222 42.56 15.00 -31.21
C PRO D 222 43.29 13.66 -31.30
N LEU D 223 42.79 12.64 -30.58
CA LEU D 223 43.37 11.30 -30.65
C LEU D 223 43.05 10.65 -31.98
N HIS D 224 41.83 10.88 -32.47
CA HIS D 224 41.41 10.36 -33.75
C HIS D 224 42.33 10.92 -34.83
N ASP D 225 42.59 12.22 -34.82
CA ASP D 225 43.48 12.87 -35.83
C ASP D 225 44.86 12.28 -35.86
N ALA D 226 45.43 12.06 -34.66
CA ALA D 226 46.72 11.38 -34.55
C ALA D 226 46.70 9.96 -35.20
N LEU D 227 45.62 9.19 -35.00
CA LEU D 227 45.51 7.85 -35.60
C LEU D 227 45.38 7.83 -37.13
N ASP D 228 44.72 8.85 -37.68
CA ASP D 228 44.66 9.08 -39.12
C ASP D 228 46.06 9.32 -39.65
N LYS D 229 46.78 10.21 -38.98
CA LYS D 229 48.13 10.56 -39.36
C LYS D 229 49.00 9.30 -39.28
N PHE D 230 48.83 8.55 -38.21
CA PHE D 230 49.58 7.34 -37.98
C PHE D 230 49.36 6.35 -39.12
N GLN D 231 48.12 6.21 -39.58
CA GLN D 231 47.85 5.31 -40.73
C GLN D 231 48.58 5.81 -41.98
N ALA D 232 48.54 7.10 -42.21
CA ALA D 232 49.25 7.71 -43.29
C ALA D 232 50.72 7.30 -43.26
N ASP D 233 51.38 7.48 -42.12
CA ASP D 233 52.83 7.22 -41.99
C ASP D 233 53.22 5.75 -41.94
N THR D 234 52.35 4.90 -41.41
CA THR D 234 52.77 3.53 -41.17
C THR D 234 51.90 2.48 -41.80
N GLY D 235 50.67 2.84 -42.20
CA GLY D 235 49.77 1.90 -42.88
C GLY D 235 48.95 1.06 -41.90
N ILE D 236 49.23 1.25 -40.61
CA ILE D 236 48.58 0.53 -39.50
C ILE D 236 47.30 1.25 -39.20
N ASP D 237 46.18 0.53 -39.33
CA ASP D 237 44.84 1.15 -39.21
C ASP D 237 44.27 0.77 -37.84
N ILE D 238 44.14 1.74 -36.95
CA ILE D 238 43.71 1.44 -35.59
C ILE D 238 42.30 1.91 -35.28
N ASP D 239 41.48 1.02 -34.74
CA ASP D 239 40.13 1.40 -34.29
C ASP D 239 40.11 1.94 -32.85
N MET D 240 39.03 2.62 -32.49
CA MET D 240 38.83 3.08 -31.13
C MET D 240 37.52 2.54 -30.57
N HIS D 241 37.47 2.36 -29.26
CA HIS D 241 36.22 2.09 -28.57
C HIS D 241 36.16 3.11 -27.47
N ILE D 242 35.04 3.80 -27.34
CA ILE D 242 34.92 4.85 -26.31
C ILE D 242 34.27 4.29 -25.06
N ASP D 243 35.07 4.18 -24.00
CA ASP D 243 34.47 3.98 -22.70
C ASP D 243 33.76 5.25 -22.26
N ALA D 244 32.46 5.29 -22.45
CA ALA D 244 31.72 6.51 -22.08
C ALA D 244 30.81 6.27 -20.86
N ALA D 245 31.35 5.52 -19.88
CA ALA D 245 30.57 5.03 -18.76
C ALA D 245 29.72 6.14 -18.24
N SER D 246 30.28 7.33 -18.09
CA SER D 246 29.45 8.43 -17.62
C SER D 246 29.17 9.49 -18.66
N GLY D 247 30.17 9.92 -19.40
CA GLY D 247 29.92 10.88 -20.46
C GLY D 247 28.79 10.54 -21.43
N GLY D 248 28.63 9.26 -21.78
CA GLY D 248 27.67 8.83 -22.80
C GLY D 248 26.26 9.40 -22.66
N PHE D 249 25.81 9.70 -21.44
CA PHE D 249 24.50 10.30 -21.24
C PHE D 249 24.58 11.74 -20.72
N LEU D 250 25.72 12.37 -20.92
CA LEU D 250 25.94 13.76 -20.54
C LEU D 250 26.16 14.63 -21.75
N ALA D 251 27.22 14.39 -22.47
CA ALA D 251 27.54 15.27 -23.59
C ALA D 251 26.45 15.40 -24.70
N PRO D 252 25.71 14.31 -25.06
CA PRO D 252 24.73 14.50 -26.11
C PRO D 252 23.69 15.54 -25.81
N PHE D 253 23.54 15.88 -24.53
CA PHE D 253 22.47 16.80 -24.14
C PHE D 253 22.98 18.23 -23.86
N VAL D 254 24.08 18.34 -23.12
CA VAL D 254 24.58 19.62 -22.66
C VAL D 254 25.77 20.11 -23.44
N ALA D 255 26.32 19.29 -24.35
CA ALA D 255 27.50 19.66 -25.16
C ALA D 255 27.51 18.93 -26.53
N PRO D 256 26.41 19.07 -27.29
CA PRO D 256 26.32 18.34 -28.57
C PRO D 256 27.45 18.62 -29.57
N ASP D 257 28.28 19.64 -29.30
CA ASP D 257 29.35 20.06 -30.21
C ASP D 257 30.57 19.20 -30.11
N ILE D 258 30.79 18.58 -28.96
CA ILE D 258 31.95 17.74 -28.80
C ILE D 258 31.78 16.50 -29.65
N VAL D 259 32.73 16.22 -30.54
CA VAL D 259 32.64 15.08 -31.43
C VAL D 259 33.45 13.98 -30.80
N TRP D 260 32.79 12.89 -30.40
CA TRP D 260 33.40 11.90 -29.54
C TRP D 260 32.75 10.53 -29.84
N ASP D 261 31.65 10.55 -30.57
CA ASP D 261 30.86 9.36 -30.80
C ASP D 261 31.04 8.81 -32.23
N PHE D 262 30.02 8.10 -32.75
CA PHE D 262 30.05 7.53 -34.06
C PHE D 262 30.29 8.55 -35.17
N ARG D 263 30.09 9.83 -34.91
CA ARG D 263 30.45 10.85 -35.90
C ARG D 263 31.90 10.70 -36.36
N LEU D 264 32.71 10.04 -35.54
CA LEU D 264 34.11 9.74 -35.86
C LEU D 264 34.27 8.34 -36.50
N PRO D 265 34.73 8.27 -37.77
CA PRO D 265 34.82 6.97 -38.47
C PRO D 265 35.55 5.85 -37.73
N ARG D 266 36.60 6.17 -36.98
CA ARG D 266 37.35 5.13 -36.29
C ARG D 266 36.63 4.55 -35.07
N VAL D 267 35.64 5.26 -34.55
CA VAL D 267 34.89 4.77 -33.40
C VAL D 267 33.97 3.65 -33.87
N LYS D 268 34.26 2.44 -33.39
CA LYS D 268 33.59 1.24 -33.86
C LYS D 268 32.57 0.74 -32.83
N SER D 269 32.66 1.25 -31.61
CA SER D 269 31.69 0.91 -30.58
C SER D 269 31.83 1.81 -29.34
N ILE D 270 30.74 1.95 -28.61
CA ILE D 270 30.71 2.83 -27.46
C ILE D 270 29.96 2.06 -26.37
N SER D 271 30.34 2.27 -25.11
CA SER D 271 29.56 1.75 -23.98
C SER D 271 29.33 2.81 -22.91
N ALA D 272 28.31 2.62 -22.09
CA ALA D 272 27.97 3.58 -21.03
C ALA D 272 27.16 2.90 -19.94
N SER D 273 26.96 3.54 -18.80
CA SER D 273 26.12 2.99 -17.76
C SER D 273 24.74 3.65 -17.73
N GLY D 274 23.68 2.85 -17.87
CA GLY D 274 22.34 3.36 -17.67
C GLY D 274 22.21 3.89 -16.24
N HIS D 275 22.81 3.16 -15.30
CA HIS D 275 22.62 3.41 -13.89
C HIS D 275 23.61 4.44 -13.33
N LYS D 276 24.35 5.10 -14.22
CA LYS D 276 24.96 6.39 -13.83
C LYS D 276 24.09 7.50 -14.41
N PHE D 277 24.66 8.39 -15.22
CA PHE D 277 23.83 9.49 -15.74
C PHE D 277 22.73 9.14 -16.78
N GLY D 278 22.52 7.88 -17.09
CA GLY D 278 21.33 7.54 -17.89
C GLY D 278 20.11 7.48 -17.01
N LEU D 279 20.33 7.52 -15.70
CA LEU D 279 19.26 7.60 -14.72
C LEU D 279 18.50 6.28 -14.49
N ALA D 280 18.89 5.20 -15.17
CA ALA D 280 18.34 3.89 -14.83
C ALA D 280 18.75 3.42 -13.43
N PRO D 281 17.97 2.50 -12.87
CA PRO D 281 18.34 1.92 -11.57
C PRO D 281 19.47 0.93 -11.71
N LEU D 282 20.23 0.68 -10.63
CA LEU D 282 21.36 -0.30 -10.65
C LEU D 282 21.06 -1.58 -11.43
N GLY D 283 21.96 -1.95 -12.31
CA GLY D 283 21.74 -3.15 -13.12
C GLY D 283 21.48 -2.87 -14.58
N CYS D 284 22.05 -1.79 -15.14
CA CYS D 284 21.79 -1.46 -16.52
C CYS D 284 22.97 -0.79 -17.19
N GLY D 285 23.49 -1.44 -18.23
CA GLY D 285 24.46 -0.78 -19.16
C GLY D 285 24.15 -0.97 -20.67
N TRP D 286 24.91 -0.28 -21.50
CA TRP D 286 24.68 -0.35 -22.94
C TRP D 286 25.99 -0.40 -23.69
N VAL D 287 26.03 -1.20 -24.74
CA VAL D 287 27.11 -1.14 -25.69
C VAL D 287 26.47 -1.07 -27.09
N ILE D 288 26.98 -0.24 -27.98
CA ILE D 288 26.43 -0.11 -29.35
C ILE D 288 27.55 -0.23 -30.34
N TRP D 289 27.39 -1.01 -31.38
CA TRP D 289 28.38 -1.01 -32.45
C TRP D 289 27.94 -0.16 -33.63
N ARG D 290 28.90 0.44 -34.33
CA ARG D 290 28.60 1.26 -35.51
C ARG D 290 27.68 0.58 -36.55
N ASP D 291 27.85 -0.73 -36.71
CA ASP D 291 27.18 -1.49 -37.78
C ASP D 291 27.56 -3.01 -37.77
N GLU D 292 26.88 -3.81 -38.61
CA GLU D 292 27.06 -5.26 -38.66
C GLU D 292 28.52 -5.64 -38.78
N GLU D 293 29.32 -4.79 -39.39
CA GLU D 293 30.71 -5.17 -39.58
C GLU D 293 31.56 -4.94 -38.36
N ALA D 294 31.10 -4.09 -37.45
CA ALA D 294 31.87 -3.82 -36.25
C ALA D 294 31.87 -5.05 -35.31
N LEU D 295 30.88 -5.91 -35.48
CA LEU D 295 30.65 -7.04 -34.59
C LEU D 295 30.88 -8.41 -35.26
N PRO D 296 32.05 -9.03 -35.02
CA PRO D 296 32.38 -10.38 -35.52
C PRO D 296 31.28 -11.41 -35.30
N GLN D 297 30.79 -12.05 -36.37
CA GLN D 297 29.74 -13.07 -36.27
C GLN D 297 30.05 -14.24 -35.34
N GLU D 298 31.32 -14.65 -35.27
CA GLU D 298 31.78 -15.69 -34.36
C GLU D 298 31.38 -15.41 -32.90
N LEU D 299 31.15 -14.13 -32.57
CA LEU D 299 30.81 -13.75 -31.19
C LEU D 299 29.30 -13.85 -30.86
N VAL D 300 28.47 -13.93 -31.89
CA VAL D 300 27.02 -13.94 -31.73
C VAL D 300 26.46 -15.36 -31.60
N PHE D 301 25.66 -15.62 -30.60
CA PHE D 301 25.08 -16.96 -30.44
C PHE D 301 23.58 -16.87 -30.66
N ASN D 302 23.08 -17.72 -31.56
CA ASN D 302 21.67 -17.70 -31.93
C ASN D 302 20.94 -18.71 -31.06
N VAL D 303 19.86 -18.27 -30.43
CA VAL D 303 19.07 -19.16 -29.62
C VAL D 303 17.64 -19.34 -30.22
N ASP D 304 17.22 -20.61 -30.37
CA ASP D 304 15.90 -21.02 -30.93
C ASP D 304 14.68 -20.59 -30.07
N TYR D 305 13.77 -19.79 -30.64
CA TYR D 305 12.47 -19.48 -29.99
CA TYR D 305 12.49 -19.38 -30.04
C TYR D 305 11.29 -19.77 -30.95
N LEU D 306 10.05 -19.57 -30.51
CA LEU D 306 8.89 -19.94 -31.37
C LEU D 306 8.79 -19.08 -32.64
N GLY D 307 9.04 -17.78 -32.49
CA GLY D 307 8.93 -16.85 -33.62
C GLY D 307 10.13 -16.90 -34.55
N GLY D 308 10.94 -17.95 -34.43
CA GLY D 308 12.23 -18.05 -35.11
C GLY D 308 13.34 -17.67 -34.13
N GLN D 309 14.59 -17.60 -34.57
CA GLN D 309 15.70 -17.42 -33.64
C GLN D 309 16.27 -16.01 -33.58
N ILE D 310 16.84 -15.65 -32.43
CA ILE D 310 17.57 -14.37 -32.26
C ILE D 310 19.00 -14.59 -31.77
N GLY D 311 19.89 -13.69 -32.17
CA GLY D 311 21.29 -13.74 -31.77
C GLY D 311 21.54 -12.90 -30.53
N THR D 312 22.40 -13.40 -29.65
CA THR D 312 22.85 -12.61 -28.50
C THR D 312 24.35 -12.58 -28.41
N PHE D 313 24.86 -11.42 -28.02
CA PHE D 313 26.20 -11.31 -27.57
C PHE D 313 26.07 -10.80 -26.17
N ALA D 314 26.08 -11.66 -25.17
CA ALA D 314 26.15 -11.16 -23.83
C ALA D 314 26.83 -12.18 -22.94
N ILE D 315 27.42 -11.72 -21.84
CA ILE D 315 28.02 -12.69 -20.93
C ILE D 315 26.92 -13.34 -20.12
N ASN D 316 25.93 -12.55 -19.74
CA ASN D 316 24.85 -13.09 -18.96
C ASN D 316 23.77 -13.79 -19.79
N PHE D 317 23.08 -14.77 -19.20
CA PHE D 317 21.93 -15.35 -19.85
C PHE D 317 20.62 -14.86 -19.16
N SER D 318 20.05 -15.66 -18.26
CA SER D 318 18.88 -15.26 -17.54
C SER D 318 19.17 -14.07 -16.67
N ARG D 319 18.26 -13.10 -16.67
CA ARG D 319 18.38 -12.00 -15.75
C ARG D 319 17.20 -11.08 -15.83
N PRO D 320 17.00 -10.25 -14.80
CA PRO D 320 15.76 -9.49 -14.74
C PRO D 320 15.71 -8.42 -15.80
N ALA D 321 14.52 -8.22 -16.37
CA ALA D 321 14.31 -7.19 -17.35
C ALA D 321 13.87 -5.84 -16.74
N GLY D 322 13.75 -5.78 -15.42
CA GLY D 322 13.31 -4.57 -14.74
C GLY D 322 14.03 -3.30 -15.14
N GLN D 323 15.36 -3.35 -15.18
CA GLN D 323 16.19 -2.15 -15.38
C GLN D 323 16.09 -1.54 -16.78
N VAL D 324 15.79 -2.37 -17.77
CA VAL D 324 15.60 -1.92 -19.15
C VAL D 324 14.26 -1.17 -19.25
N ILE D 325 13.23 -1.76 -18.64
CA ILE D 325 11.91 -1.15 -18.58
C ILE D 325 11.99 0.19 -17.84
N ALA D 326 12.72 0.22 -16.73
CA ALA D 326 12.92 1.50 -16.01
C ALA D 326 13.71 2.50 -16.87
N GLN D 327 14.67 1.99 -17.64
CA GLN D 327 15.48 2.83 -18.48
C GLN D 327 14.56 3.42 -19.50
N TYR D 328 13.68 2.59 -20.04
CA TYR D 328 12.77 3.05 -21.07
C TYR D 328 11.89 4.18 -20.53
N TYR D 329 11.42 4.00 -19.29
CA TYR D 329 10.67 5.03 -18.59
C TYR D 329 11.39 6.36 -18.47
N GLU D 330 12.65 6.35 -18.03
CA GLU D 330 13.41 7.58 -18.05
C GLU D 330 13.40 8.14 -19.47
N PHE D 331 13.71 7.33 -20.49
CA PHE D 331 13.84 7.88 -21.87
C PHE D 331 12.53 8.54 -22.31
N LEU D 332 11.43 7.80 -22.18
CA LEU D 332 10.13 8.32 -22.59
C LEU D 332 9.71 9.64 -21.90
N ARG D 333 9.94 9.76 -20.59
CA ARG D 333 9.34 10.82 -19.83
C ARG D 333 10.14 12.10 -19.93
N LEU D 334 11.44 11.94 -20.19
CA LEU D 334 12.31 13.08 -20.32
C LEU D 334 12.54 13.50 -21.76
N GLY D 335 12.86 12.57 -22.64
CA GLY D 335 13.40 12.93 -23.97
C GLY D 335 14.66 13.80 -23.90
N ARG D 336 15.06 14.42 -25.02
CA ARG D 336 16.27 15.26 -25.01
C ARG D 336 16.01 16.47 -24.17
N GLU D 337 14.83 17.04 -24.34
CA GLU D 337 14.43 18.28 -23.67
C GLU D 337 14.53 18.08 -22.18
N GLY D 338 14.04 16.92 -21.70
CA GLY D 338 14.05 16.57 -20.30
C GLY D 338 15.41 16.25 -19.75
N TYR D 339 16.18 15.45 -20.46
CA TYR D 339 17.50 15.06 -19.97
C TYR D 339 18.41 16.28 -19.89
N THR D 340 18.22 17.23 -20.81
CA THR D 340 19.06 18.42 -20.87
C THR D 340 18.88 19.21 -19.57
N LYS D 341 17.63 19.47 -19.21
CA LYS D 341 17.36 20.14 -17.95
C LYS D 341 17.89 19.35 -16.73
N VAL D 342 17.75 18.04 -16.71
CA VAL D 342 18.30 17.27 -15.60
C VAL D 342 19.81 17.43 -15.50
N GLN D 343 20.54 17.13 -16.58
CA GLN D 343 22.00 17.21 -16.46
C GLN D 343 22.51 18.64 -16.21
N ASN D 344 21.85 19.65 -16.78
CA ASN D 344 22.23 21.02 -16.45
C ASN D 344 22.09 21.29 -14.96
N ALA D 345 21.02 20.76 -14.36
CA ALA D 345 20.84 20.93 -12.92
C ALA D 345 22.10 20.47 -12.15
N SER D 346 22.57 19.25 -12.45
CA SER D 346 23.78 18.71 -11.83
C SER D 346 25.04 19.55 -12.08
N TYR D 347 25.26 19.93 -13.33
CA TYR D 347 26.39 20.79 -13.67
C TYR D 347 26.35 22.06 -12.90
N GLN D 348 25.15 22.62 -12.75
CA GLN D 348 24.94 23.85 -12.00
C GLN D 348 25.39 23.71 -10.56
N VAL D 349 25.04 22.59 -9.93
CA VAL D 349 25.52 22.28 -8.58
C VAL D 349 27.05 22.12 -8.51
N ALA D 350 27.63 21.40 -9.49
CA ALA D 350 29.07 21.13 -9.49
C ALA D 350 29.84 22.42 -9.61
N ALA D 351 29.50 23.22 -10.63
CA ALA D 351 30.07 24.57 -10.82
C ALA D 351 30.03 25.40 -9.53
N TYR D 352 28.87 25.42 -8.86
CA TYR D 352 28.69 26.27 -7.72
C TYR D 352 29.60 25.83 -6.56
N LEU D 353 29.69 24.51 -6.34
CA LEU D 353 30.56 23.96 -5.30
C LEU D 353 31.98 24.27 -5.60
N ALA D 354 32.30 24.26 -6.89
CA ALA D 354 33.68 24.45 -7.33
C ALA D 354 34.12 25.86 -7.01
N ASP D 355 33.28 26.85 -7.33
CA ASP D 355 33.64 28.23 -7.04
C ASP D 355 33.74 28.49 -5.56
N GLU D 356 32.81 27.94 -4.78
CA GLU D 356 32.74 28.22 -3.35
C GLU D 356 33.87 27.61 -2.52
N ILE D 357 34.29 26.42 -2.92
CA ILE D 357 35.34 25.67 -2.26
C ILE D 357 36.69 26.31 -2.58
N ALA D 358 36.80 26.90 -3.78
CA ALA D 358 38.06 27.57 -4.16
C ALA D 358 38.40 28.71 -3.22
N LYS D 359 37.36 29.31 -2.62
CA LYS D 359 37.52 30.42 -1.70
C LYS D 359 37.94 30.02 -0.29
N LEU D 360 38.01 28.73 0.01
CA LEU D 360 38.15 28.35 1.41
C LEU D 360 39.52 27.79 1.78
N GLY D 361 40.42 27.65 0.80
CA GLY D 361 41.77 27.15 1.06
C GLY D 361 42.59 27.30 -0.21
N PRO D 362 43.91 27.02 -0.14
CA PRO D 362 44.83 27.12 -1.28
C PRO D 362 44.75 25.83 -2.07
N TYR D 363 43.75 25.74 -2.94
CA TYR D 363 43.46 24.53 -3.70
C TYR D 363 43.83 24.69 -5.16
N GLU D 364 44.20 23.60 -5.82
CA GLU D 364 44.41 23.60 -7.28
C GLU D 364 43.44 22.59 -7.84
N PHE D 365 42.68 23.01 -8.85
CA PHE D 365 41.52 22.25 -9.35
C PHE D 365 41.83 21.49 -10.61
N ILE D 366 41.63 20.17 -10.57
CA ILE D 366 41.78 19.34 -11.74
C ILE D 366 40.50 19.31 -12.54
N CYS D 367 39.36 19.47 -11.88
CA CYS D 367 38.06 19.42 -12.57
C CYS D 367 37.06 20.33 -11.86
N THR D 368 36.33 21.17 -12.60
CA THR D 368 35.48 22.17 -11.92
C THR D 368 34.05 22.13 -12.39
N GLY D 369 33.66 20.98 -12.93
CA GLY D 369 32.27 20.78 -13.36
C GLY D 369 31.71 21.61 -14.50
N ARG D 370 32.56 21.95 -15.47
CA ARG D 370 32.12 22.60 -16.68
C ARG D 370 31.71 21.49 -17.68
N PRO D 371 30.58 21.68 -18.39
CA PRO D 371 29.99 20.69 -19.31
C PRO D 371 30.87 20.33 -20.49
N ASP D 372 31.75 21.23 -20.88
CA ASP D 372 32.59 21.07 -22.07
C ASP D 372 33.97 20.47 -21.71
N GLU D 373 34.19 20.18 -20.42
CA GLU D 373 35.44 19.58 -19.95
C GLU D 373 35.28 18.18 -19.36
N GLY D 374 34.09 17.88 -18.81
CA GLY D 374 33.86 16.60 -18.16
C GLY D 374 32.45 16.43 -17.56
N ILE D 375 32.37 15.59 -16.55
CA ILE D 375 31.11 15.23 -15.94
C ILE D 375 30.82 16.16 -14.73
N PRO D 376 29.63 16.04 -14.11
CA PRO D 376 29.45 17.02 -13.08
C PRO D 376 30.17 16.62 -11.80
N ALA D 377 31.42 17.05 -11.69
CA ALA D 377 32.34 16.60 -10.64
C ALA D 377 33.31 17.68 -10.26
N VAL D 378 33.56 17.85 -8.97
CA VAL D 378 34.61 18.74 -8.53
C VAL D 378 35.76 17.90 -8.02
N CYS D 379 36.97 18.21 -8.49
CA CYS D 379 38.17 17.49 -8.11
C CYS D 379 39.35 18.42 -7.90
N PHE D 380 39.89 18.46 -6.69
CA PHE D 380 40.96 19.38 -6.35
C PHE D 380 42.00 18.71 -5.47
N LYS D 381 43.17 19.33 -5.40
CA LYS D 381 44.28 18.89 -4.56
C LYS D 381 44.78 20.13 -3.84
N LEU D 382 45.65 19.96 -2.85
CA LEU D 382 46.30 21.11 -2.22
C LEU D 382 47.33 21.67 -3.19
N LYS D 383 47.54 22.98 -3.16
CA LYS D 383 48.63 23.58 -3.94
C LYS D 383 49.95 23.00 -3.49
N ASP D 384 50.82 22.73 -4.45
CA ASP D 384 52.15 22.17 -4.19
C ASP D 384 52.93 23.03 -3.20
N GLY D 385 53.43 22.38 -2.15
CA GLY D 385 54.17 23.05 -1.05
C GLY D 385 53.45 24.20 -0.37
N GLU D 386 52.17 24.03 -0.09
CA GLU D 386 51.44 24.92 0.79
C GLU D 386 50.87 24.03 1.88
N ASP D 387 50.61 24.60 3.06
CA ASP D 387 50.27 23.81 4.22
C ASP D 387 49.31 24.57 5.10
N PRO D 388 48.02 24.38 4.86
CA PRO D 388 46.97 25.12 5.56
C PRO D 388 46.67 24.51 6.95
N GLY D 389 47.40 23.45 7.31
CA GLY D 389 47.24 22.78 8.60
C GLY D 389 46.44 21.50 8.64
N TYR D 390 46.13 20.92 7.47
CA TYR D 390 45.41 19.66 7.43
C TYR D 390 45.68 19.05 6.08
N THR D 391 45.44 17.76 5.95
CA THR D 391 45.51 17.12 4.67
C THR D 391 44.08 16.84 4.25
N LEU D 392 43.85 16.46 3.00
CA LEU D 392 42.52 16.19 2.55
C LEU D 392 41.93 14.91 3.21
N TYR D 393 42.78 13.98 3.63
CA TYR D 393 42.32 12.85 4.40
C TYR D 393 41.72 13.35 5.72
N ASP D 394 42.34 14.38 6.28
CA ASP D 394 41.88 14.95 7.53
C ASP D 394 40.51 15.58 7.40
N LEU D 395 40.36 16.39 6.37
CA LEU D 395 39.14 17.06 6.06
C LEU D 395 38.08 16.01 5.73
N SER D 396 38.45 14.97 4.97
CA SER D 396 37.49 13.90 4.67
C SER D 396 36.99 13.28 5.99
N GLU D 397 37.89 13.05 6.94
CA GLU D 397 37.45 12.49 8.23
C GLU D 397 36.45 13.38 8.96
N ARG D 398 36.74 14.69 9.05
CA ARG D 398 35.80 15.60 9.68
C ARG D 398 34.42 15.53 8.99
N LEU D 399 34.38 15.51 7.66
CA LEU D 399 33.10 15.54 6.97
C LEU D 399 32.31 14.25 7.18
N ARG D 400 33.00 13.11 7.21
CA ARG D 400 32.35 11.88 7.63
C ARG D 400 31.62 12.00 8.98
N LEU D 401 32.18 12.73 9.94
CA LEU D 401 31.51 12.90 11.22
C LEU D 401 30.24 13.69 11.03
N ARG D 402 30.08 14.36 9.92
CA ARG D 402 28.85 15.09 9.76
C ARG D 402 27.92 14.37 8.79
N GLY D 403 28.21 13.10 8.54
CA GLY D 403 27.40 12.29 7.64
C GLY D 403 27.82 12.20 6.17
N TRP D 404 28.89 12.89 5.79
CA TRP D 404 29.21 13.00 4.37
C TRP D 404 30.32 12.07 4.01
N GLN D 405 30.26 11.53 2.82
CA GLN D 405 31.32 10.71 2.33
C GLN D 405 31.96 11.41 1.15
N VAL D 406 33.04 12.12 1.44
CA VAL D 406 33.69 12.86 0.40
C VAL D 406 35.09 12.23 0.30
N PRO D 407 35.36 11.43 -0.76
CA PRO D 407 36.59 10.63 -0.77
C PRO D 407 37.83 11.44 -1.02
N ALA D 408 38.88 11.16 -0.26
CA ALA D 408 40.22 11.62 -0.56
C ALA D 408 41.09 10.40 -0.84
N PHE D 409 41.89 10.48 -1.88
CA PHE D 409 42.66 9.35 -2.38
C PHE D 409 43.83 9.86 -3.21
N THR D 410 44.76 8.96 -3.52
CA THR D 410 45.93 9.28 -4.35
C THR D 410 45.66 8.81 -5.78
N LEU D 411 46.25 9.49 -6.76
CA LEU D 411 46.11 9.05 -8.14
C LEU D 411 46.98 7.83 -8.47
N GLY D 412 46.70 7.18 -9.60
CA GLY D 412 47.61 6.14 -10.14
C GLY D 412 48.91 6.65 -10.77
N GLY D 413 49.61 5.76 -11.47
CA GLY D 413 50.81 6.08 -12.27
C GLY D 413 51.92 6.85 -11.59
N GLU D 414 52.49 7.81 -12.32
CA GLU D 414 53.57 8.63 -11.78
C GLU D 414 53.03 9.75 -10.89
N ALA D 415 51.71 9.87 -10.79
CA ALA D 415 51.05 10.84 -9.91
C ALA D 415 50.61 10.17 -8.61
N THR D 416 51.43 9.21 -8.17
CA THR D 416 51.16 8.41 -6.98
C THR D 416 51.41 9.28 -5.74
N ASP D 417 52.17 10.34 -5.96
CA ASP D 417 52.47 11.30 -4.92
C ASP D 417 51.30 12.23 -4.56
N ILE D 418 50.33 12.36 -5.45
CA ILE D 418 49.27 13.36 -5.33
C ILE D 418 47.99 12.83 -4.70
N VAL D 419 47.50 13.59 -3.71
CA VAL D 419 46.24 13.29 -3.02
C VAL D 419 45.17 14.31 -3.48
N VAL D 420 44.07 13.79 -4.01
CA VAL D 420 42.96 14.63 -4.43
C VAL D 420 41.71 14.38 -3.59
N MET D 421 40.78 15.33 -3.64
CA MET D 421 39.42 15.17 -3.12
C MET D 421 38.46 15.39 -4.27
N ARG D 422 37.52 14.49 -4.45
CA ARG D 422 36.62 14.49 -5.61
C ARG D 422 35.18 14.38 -5.13
N ILE D 423 34.35 15.28 -5.65
CA ILE D 423 32.93 15.28 -5.33
C ILE D 423 32.07 14.91 -6.56
N MET D 424 31.23 13.88 -6.43
CA MET D 424 30.29 13.51 -7.49
C MET D 424 28.93 14.12 -7.25
N CYS D 425 28.45 14.88 -8.23
CA CYS D 425 27.13 15.49 -8.18
C CYS D 425 26.12 14.71 -8.98
N ARG D 426 25.29 13.88 -8.35
CA ARG D 426 24.30 13.12 -9.10
C ARG D 426 22.86 13.58 -8.85
N ARG D 427 21.89 12.91 -9.47
CA ARG D 427 20.50 13.40 -9.38
C ARG D 427 20.04 13.28 -7.95
N GLY D 428 19.36 14.32 -7.47
CA GLY D 428 18.94 14.40 -6.08
C GLY D 428 19.91 15.12 -5.13
N PHE D 429 21.17 15.30 -5.57
CA PHE D 429 22.06 16.19 -4.82
C PHE D 429 21.87 17.64 -5.31
N GLU D 430 20.79 18.26 -4.86
CA GLU D 430 20.40 19.57 -5.33
C GLU D 430 21.05 20.69 -4.56
N MET D 431 20.81 21.92 -5.04
CA MET D 431 21.48 23.14 -4.56
C MET D 431 21.43 23.29 -3.04
N ASP D 432 20.32 22.91 -2.44
CA ASP D 432 20.24 23.01 -0.98
C ASP D 432 21.18 22.09 -0.20
N PHE D 433 21.38 20.85 -0.68
CA PHE D 433 22.24 19.90 -0.01
C PHE D 433 23.66 20.30 -0.26
N ALA D 434 23.91 20.95 -1.40
CA ALA D 434 25.21 21.57 -1.62
C ALA D 434 25.46 22.69 -0.61
N GLU D 435 24.48 23.57 -0.38
CA GLU D 435 24.61 24.61 0.68
C GLU D 435 25.04 23.98 2.00
N LEU D 436 24.45 22.86 2.32
CA LEU D 436 24.61 22.27 3.61
C LEU D 436 25.95 21.59 3.74
N LEU D 437 26.36 20.90 2.68
CA LEU D 437 27.72 20.42 2.58
C LEU D 437 28.68 21.57 2.87
N LEU D 438 28.50 22.70 2.19
CA LEU D 438 29.36 23.84 2.39
C LEU D 438 29.40 24.35 3.82
N GLU D 439 28.26 24.44 4.48
CA GLU D 439 28.28 24.80 5.89
C GLU D 439 29.14 23.82 6.70
N ASP D 440 28.87 22.53 6.56
CA ASP D 440 29.69 21.50 7.15
C ASP D 440 31.16 21.59 6.75
N TYR D 441 31.42 21.79 5.47
CA TYR D 441 32.80 21.98 5.01
C TYR D 441 33.51 23.06 5.85
N LYS D 442 32.90 24.23 5.96
CA LYS D 442 33.43 25.38 6.72
C LYS D 442 33.60 25.08 8.19
N ALA D 443 32.63 24.39 8.76
CA ALA D 443 32.69 24.03 10.15
C ALA D 443 33.88 23.10 10.38
N SER D 444 34.18 22.25 9.38
CA SER D 444 35.28 21.31 9.46
C SER D 444 36.61 22.00 9.42
N LEU D 445 36.72 23.03 8.59
CA LEU D 445 37.95 23.82 8.50
C LEU D 445 38.20 24.50 9.81
N LYS D 446 37.12 24.92 10.44
CA LYS D 446 37.20 25.64 11.68
C LYS D 446 37.72 24.70 12.78
N TYR D 447 37.10 23.52 12.92
CA TYR D 447 37.54 22.57 13.94
C TYR D 447 38.99 22.17 13.70
N LEU D 448 39.36 22.00 12.45
CA LEU D 448 40.73 21.64 12.13
C LEU D 448 41.69 22.69 12.65
N SER D 449 41.35 23.94 12.45
CA SER D 449 42.26 25.00 12.84
C SER D 449 42.24 25.18 14.37
N ASP D 450 41.10 24.91 15.01
CA ASP D 450 41.06 24.94 16.47
C ASP D 450 41.79 23.76 17.13
N HIS D 451 42.22 22.79 16.32
CA HIS D 451 42.77 21.57 16.85
C HIS D 451 43.92 21.08 15.99
N PRO D 452 45.03 21.83 16.00
CA PRO D 452 46.18 21.62 15.10
C PRO D 452 46.76 20.21 15.22
N LYS D 453 46.62 19.62 16.41
CA LYS D 453 47.02 18.23 16.66
C LYS D 453 46.39 17.19 15.68
N LEU D 454 45.25 17.52 15.08
CA LEU D 454 44.57 16.57 14.20
C LEU D 454 45.29 16.29 12.90
N GLN D 455 46.07 17.27 12.44
CA GLN D 455 46.84 17.22 11.17
C GLN D 455 47.66 15.94 10.97
N GLY D 456 47.67 15.40 9.75
CA GLY D 456 48.52 14.27 9.42
C GLY D 456 48.05 12.90 9.93
N ILE D 457 47.04 12.87 10.79
CA ILE D 457 46.63 11.61 11.41
C ILE D 457 45.90 10.62 10.49
N ALA D 458 44.89 11.08 9.76
CA ALA D 458 44.13 10.13 8.92
C ALA D 458 44.97 9.76 7.72
N GLN D 459 45.05 8.48 7.38
CA GLN D 459 45.82 8.07 6.17
C GLN D 459 45.29 6.84 5.41
N GLN D 460 43.97 6.65 5.42
CA GLN D 460 43.38 5.60 4.60
C GLN D 460 42.66 6.25 3.41
N ASN D 461 42.97 5.77 2.21
CA ASN D 461 42.19 6.05 0.99
C ASN D 461 40.72 5.58 1.14
N SER D 462 39.80 6.26 0.44
CA SER D 462 38.39 5.83 0.37
C SER D 462 38.13 5.08 -0.95
N PHE D 463 36.96 4.44 -1.05
CA PHE D 463 36.53 3.77 -2.29
C PHE D 463 36.39 4.80 -3.41
N LYS D 464 37.10 4.56 -4.50
CA LYS D 464 37.17 5.55 -5.56
C LYS D 464 36.56 5.12 -6.90
N HIS D 465 36.13 3.84 -6.98
CA HIS D 465 35.92 3.17 -8.27
C HIS D 465 34.54 3.23 -8.94
N THR D 466 33.53 3.78 -8.27
CA THR D 466 32.20 3.92 -8.89
C THR D 466 31.18 4.43 -7.92
N LYS E 3 21.73 35.26 -17.87
CA LYS E 3 22.56 35.73 -19.02
C LYS E 3 22.83 37.25 -19.02
N LYS E 4 22.10 38.05 -19.82
CA LYS E 4 21.99 39.52 -19.63
C LYS E 4 21.05 39.78 -18.43
N GLN E 5 20.96 38.78 -17.55
CA GLN E 5 19.99 38.68 -16.48
C GLN E 5 20.71 38.49 -15.14
N VAL E 6 21.06 39.58 -14.47
CA VAL E 6 22.05 39.57 -13.39
C VAL E 6 21.72 38.59 -12.28
N THR E 7 22.77 38.05 -11.67
CA THR E 7 22.63 36.94 -10.72
C THR E 7 21.63 37.14 -9.58
N ASP E 8 21.63 38.32 -8.96
CA ASP E 8 20.81 38.57 -7.75
C ASP E 8 19.35 38.90 -8.09
N LEU E 9 19.04 38.82 -9.38
CA LEU E 9 17.68 38.91 -9.92
C LEU E 9 17.09 37.55 -10.43
N ARG E 10 17.84 36.47 -10.31
CA ARG E 10 17.29 35.14 -10.54
C ARG E 10 16.59 34.74 -9.24
N SER E 11 15.36 34.28 -9.35
CA SER E 11 14.69 33.71 -8.19
C SER E 11 14.87 32.20 -8.04
N GLU E 12 14.94 31.48 -9.16
CA GLU E 12 14.86 30.01 -9.16
C GLU E 12 16.00 29.33 -9.92
N LEU E 13 16.31 28.11 -9.52
CA LEU E 13 17.29 27.34 -10.28
C LEU E 13 16.73 25.98 -10.71
N LEU E 14 17.37 25.37 -11.72
CA LEU E 14 17.00 24.01 -12.15
C LEU E 14 17.26 22.92 -11.08
N ASP E 15 16.34 21.97 -10.97
CA ASP E 15 16.37 20.88 -10.02
C ASP E 15 16.38 19.58 -10.81
N SER E 16 17.34 18.67 -10.57
CA SER E 16 17.39 17.40 -11.34
C SER E 16 16.29 16.39 -11.01
N ARG E 17 15.59 16.62 -9.91
CA ARG E 17 14.41 15.86 -9.54
C ARG E 17 13.23 16.24 -10.40
N PHE E 18 12.95 17.53 -10.51
CA PHE E 18 11.71 17.90 -11.15
C PHE E 18 11.88 18.30 -12.58
N GLY E 19 13.08 18.11 -13.12
CA GLY E 19 13.40 18.59 -14.46
C GLY E 19 12.83 19.98 -14.72
N ALA E 20 12.68 20.77 -13.66
CA ALA E 20 12.22 22.15 -13.79
C ALA E 20 12.89 23.11 -12.81
N LYS E 21 12.47 24.37 -12.89
CA LYS E 21 12.97 25.43 -12.02
C LYS E 21 12.31 25.31 -10.65
N SER E 22 13.12 25.36 -9.60
CA SER E 22 12.57 25.19 -8.27
C SER E 22 13.03 26.25 -7.31
N ILE E 23 12.50 26.08 -6.12
CA ILE E 23 12.72 26.93 -4.98
C ILE E 23 13.94 26.36 -4.22
N SER E 24 14.73 27.24 -3.63
CA SER E 24 15.70 26.83 -2.63
C SER E 24 15.02 27.01 -1.29
N THR E 25 14.79 25.92 -0.56
CA THR E 25 14.25 26.03 0.80
C THR E 25 15.12 26.88 1.74
N ILE E 26 16.41 26.98 1.44
CA ILE E 26 17.32 27.67 2.34
C ILE E 26 17.32 29.21 2.12
N ALA E 27 17.16 29.62 0.87
CA ALA E 27 16.97 31.03 0.54
C ALA E 27 15.66 31.55 1.12
N GLU E 28 14.57 30.81 0.87
CA GLU E 28 13.20 31.24 1.17
C GLU E 28 12.76 30.86 2.59
N SER E 29 13.75 30.59 3.43
CA SER E 29 13.51 30.01 4.74
C SER E 29 13.37 31.08 5.81
N LYS E 30 13.59 32.33 5.44
CA LYS E 30 13.57 33.38 6.44
C LYS E 30 12.30 34.16 6.41
N ARG E 31 11.50 33.99 5.36
CA ARG E 31 10.22 34.66 5.25
C ARG E 31 9.20 33.65 4.88
N PHE E 32 7.94 33.93 5.23
CA PHE E 32 6.79 33.09 4.84
C PHE E 32 6.73 32.99 3.34
N PRO E 33 6.70 31.77 2.80
CA PRO E 33 6.68 31.70 1.33
C PRO E 33 5.53 32.53 0.67
N LEU E 34 5.81 33.09 -0.51
CA LEU E 34 4.85 33.90 -1.23
C LEU E 34 3.81 33.14 -2.07
N HIS E 35 4.21 32.01 -2.63
CA HIS E 35 3.45 31.33 -3.68
C HIS E 35 3.08 29.86 -3.38
N GLU E 36 2.10 29.32 -4.12
CA GLU E 36 1.74 27.90 -4.10
C GLU E 36 2.81 27.15 -4.82
N MET E 37 2.86 25.85 -4.60
CA MET E 37 3.77 24.97 -5.30
C MET E 37 2.95 23.72 -5.35
N ARG E 38 3.12 22.87 -6.35
CA ARG E 38 2.27 21.66 -6.42
C ARG E 38 2.48 20.79 -5.20
N ASP E 39 1.38 20.27 -4.64
CA ASP E 39 1.46 19.43 -3.44
C ASP E 39 2.57 18.35 -3.45
N ASP E 40 2.65 17.58 -4.54
CA ASP E 40 3.57 16.45 -4.64
C ASP E 40 5.07 16.85 -4.75
N VAL E 41 5.31 18.08 -5.22
CA VAL E 41 6.65 18.65 -5.25
C VAL E 41 7.07 19.06 -3.82
N ALA E 42 6.23 19.84 -3.12
CA ALA E 42 6.44 20.10 -1.68
C ALA E 42 6.66 18.81 -0.94
N PHE E 43 5.83 17.81 -1.17
CA PHE E 43 6.07 16.53 -0.52
C PHE E 43 7.49 15.99 -0.78
N GLN E 44 7.88 15.89 -2.05
CA GLN E 44 9.20 15.39 -2.36
C GLN E 44 10.36 16.22 -1.80
N ILE E 45 10.26 17.54 -1.86
CA ILE E 45 11.33 18.36 -1.37
C ILE E 45 11.58 17.95 0.09
N ILE E 46 10.50 17.86 0.86
CA ILE E 46 10.60 17.60 2.27
C ILE E 46 11.06 16.17 2.53
N ASN E 47 10.45 15.22 1.80
CA ASN E 47 10.78 13.83 1.97
C ASN E 47 12.26 13.60 1.73
N ASP E 48 12.79 14.26 0.70
CA ASP E 48 14.19 14.14 0.39
C ASP E 48 15.08 14.72 1.51
N GLU E 49 14.69 15.85 2.11
CA GLU E 49 15.58 16.43 3.12
C GLU E 49 15.61 15.50 4.32
N LEU E 50 14.46 14.93 4.67
CA LEU E 50 14.38 14.04 5.81
C LEU E 50 15.34 12.85 5.77
N TYR E 51 15.92 12.53 4.62
CA TYR E 51 16.94 11.47 4.56
C TYR E 51 18.23 11.77 5.34
N LEU E 52 18.52 13.03 5.59
CA LEU E 52 19.67 13.39 6.38
C LEU E 52 19.46 13.17 7.87
N ASP E 53 18.25 12.83 8.27
CA ASP E 53 18.03 12.46 9.67
C ASP E 53 18.61 11.07 9.83
N GLY E 54 19.04 10.73 11.04
CA GLY E 54 19.40 9.34 11.36
C GLY E 54 18.16 8.47 11.55
N ASN E 55 18.33 7.15 11.57
CA ASN E 55 17.22 6.27 11.92
C ASN E 55 17.28 5.76 13.39
N ALA E 56 18.33 6.15 14.11
CA ALA E 56 18.46 5.83 15.55
C ALA E 56 18.73 4.37 15.86
N ARG E 57 18.82 3.51 14.86
CA ARG E 57 19.10 2.11 15.16
C ARG E 57 20.48 1.87 15.76
N GLN E 58 21.44 2.68 15.42
CA GLN E 58 22.73 2.64 16.07
C GLN E 58 22.90 3.72 17.13
N ASN E 59 21.83 4.43 17.49
CA ASN E 59 21.94 5.41 18.55
C ASN E 59 21.78 4.74 19.91
N LEU E 60 22.86 4.62 20.69
CA LEU E 60 22.76 4.03 22.00
C LEU E 60 22.67 5.05 23.12
N ALA E 61 22.25 6.28 22.79
CA ALA E 61 22.14 7.36 23.76
C ALA E 61 20.70 7.60 24.22
N THR E 62 19.73 7.47 23.34
CA THR E 62 18.35 7.75 23.72
C THR E 62 17.63 6.59 24.36
N PHE E 63 16.61 6.95 25.14
CA PHE E 63 15.75 6.04 25.89
C PHE E 63 14.48 5.65 25.11
N CYS E 64 14.04 6.49 24.17
CA CYS E 64 12.71 6.39 23.51
C CYS E 64 12.59 5.31 22.45
N GLN E 65 11.40 4.73 22.32
CA GLN E 65 11.20 3.68 21.33
C GLN E 65 11.66 4.11 19.94
N THR E 66 12.47 3.27 19.32
CA THR E 66 12.94 3.49 17.97
C THR E 66 12.72 2.29 17.06
N TRP E 67 12.00 1.29 17.51
CA TRP E 67 11.78 0.09 16.69
C TRP E 67 10.41 0.17 15.98
N ASP E 68 10.32 -0.27 14.73
CA ASP E 68 9.06 -0.26 13.96
C ASP E 68 8.32 -1.60 13.92
N ASP E 69 7.02 -1.53 14.24
CA ASP E 69 6.04 -2.58 14.14
C ASP E 69 4.95 -2.03 13.24
N GLU E 70 4.55 -2.79 12.24
CA GLU E 70 3.54 -2.34 11.26
C GLU E 70 2.15 -2.08 11.89
N ASN E 71 1.77 -2.89 12.86
CA ASN E 71 0.50 -2.71 13.52
C ASN E 71 0.50 -1.36 14.24
N VAL E 72 1.65 -0.99 14.82
CA VAL E 72 1.75 0.30 15.48
C VAL E 72 1.62 1.44 14.45
N HIS E 73 2.31 1.31 13.31
CA HIS E 73 2.15 2.29 12.24
C HIS E 73 0.71 2.39 11.77
N LYS E 74 -0.03 1.28 11.66
CA LYS E 74 -1.38 1.38 11.16
C LYS E 74 -2.27 2.08 12.16
N LEU E 75 -2.09 1.74 13.44
CA LEU E 75 -2.89 2.36 14.52
C LEU E 75 -2.65 3.88 14.63
N MET E 76 -1.37 4.27 14.64
CA MET E 76 -1.01 5.68 14.59
C MET E 76 -1.66 6.36 13.43
N ASP E 77 -1.59 5.74 12.26
CA ASP E 77 -2.13 6.37 11.06
C ASP E 77 -3.66 6.56 11.07
N LEU E 78 -4.40 5.71 11.78
CA LEU E 78 -5.85 5.81 11.88
C LEU E 78 -6.24 6.97 12.79
N SER E 79 -5.27 7.43 13.58
CA SER E 79 -5.57 8.15 14.80
C SER E 79 -5.11 9.55 14.67
N ILE E 80 -4.59 9.85 13.50
CA ILE E 80 -3.99 11.15 13.23
C ILE E 80 -4.93 12.32 13.56
N ASN E 81 -6.22 12.20 13.34
CA ASN E 81 -7.13 13.26 13.70
C ASN E 81 -7.88 13.02 15.01
N LYS E 82 -7.66 11.87 15.65
CA LYS E 82 -8.42 11.49 16.85
C LYS E 82 -7.96 12.36 18.01
N ASN E 83 -8.83 13.26 18.46
CA ASN E 83 -8.49 14.24 19.50
C ASN E 83 -8.76 13.72 20.92
N TRP E 84 -7.68 13.45 21.64
CA TRP E 84 -7.76 12.90 22.96
C TRP E 84 -8.75 13.66 23.86
N ILE E 85 -8.88 14.95 23.64
CA ILE E 85 -9.68 15.77 24.57
C ILE E 85 -11.15 15.75 24.23
N ASP E 86 -11.49 15.40 23.00
CA ASP E 86 -12.86 15.54 22.55
C ASP E 86 -13.56 14.22 22.84
N LYS E 87 -13.91 14.02 24.10
CA LYS E 87 -14.55 12.78 24.61
C LYS E 87 -15.83 12.43 23.87
N GLU E 88 -16.58 13.47 23.53
CA GLU E 88 -17.83 13.42 22.80
C GLU E 88 -17.69 12.75 21.41
N GLU E 89 -16.71 13.15 20.60
CA GLU E 89 -16.61 12.64 19.22
C GLU E 89 -15.83 11.35 19.12
N TYR E 90 -14.93 11.14 20.08
CA TYR E 90 -14.12 9.95 20.08
C TYR E 90 -14.32 9.14 21.37
N PRO E 91 -15.53 8.59 21.54
CA PRO E 91 -15.77 7.99 22.84
C PRO E 91 -14.96 6.74 23.05
N GLN E 92 -14.65 6.05 21.97
CA GLN E 92 -14.03 4.77 22.13
C GLN E 92 -12.54 4.95 22.49
N SER E 93 -11.86 5.89 21.83
CA SER E 93 -10.54 6.33 22.26
C SER E 93 -10.60 6.79 23.71
N ALA E 94 -11.64 7.49 24.10
CA ALA E 94 -11.69 7.89 25.49
C ALA E 94 -11.79 6.67 26.38
N ALA E 95 -12.58 5.67 25.98
CA ALA E 95 -12.69 4.45 26.74
C ALA E 95 -11.33 3.76 26.84
N ILE E 96 -10.57 3.68 25.76
CA ILE E 96 -9.30 2.96 25.78
C ILE E 96 -8.32 3.67 26.71
N ASP E 97 -8.34 4.99 26.70
CA ASP E 97 -7.53 5.80 27.56
C ASP E 97 -7.77 5.48 29.07
N LEU E 98 -9.02 5.53 29.50
CA LEU E 98 -9.35 5.17 30.86
C LEU E 98 -8.96 3.73 31.17
N ARG E 99 -9.07 2.81 30.22
CA ARG E 99 -8.58 1.46 30.46
C ARG E 99 -7.08 1.43 30.79
N CYS E 100 -6.29 2.24 30.08
CA CYS E 100 -4.86 2.28 30.31
C CYS E 100 -4.50 2.77 31.70
N VAL E 101 -5.15 3.84 32.11
CA VAL E 101 -5.04 4.36 33.46
C VAL E 101 -5.30 3.23 34.45
N ASN E 102 -6.38 2.46 34.32
CA ASN E 102 -6.60 1.37 35.26
C ASN E 102 -5.52 0.32 35.25
N MET E 103 -5.01 0.04 34.05
CA MET E 103 -4.01 -0.99 33.89
C MET E 103 -2.72 -0.57 34.55
N VAL E 104 -2.30 0.67 34.30
CA VAL E 104 -1.05 1.15 34.87
C VAL E 104 -1.13 1.22 36.40
N ALA E 105 -2.19 1.83 36.94
CA ALA E 105 -2.45 1.86 38.38
C ALA E 105 -2.33 0.46 38.96
N ASP E 106 -2.97 -0.52 38.29
CA ASP E 106 -2.93 -1.86 38.82
C ASP E 106 -1.50 -2.41 38.87
N LEU E 107 -0.72 -2.08 37.87
CA LEU E 107 0.66 -2.53 37.74
C LEU E 107 1.50 -2.03 38.92
N TRP E 108 1.17 -0.85 39.42
CA TRP E 108 1.97 -0.19 40.46
C TRP E 108 1.35 -0.35 41.86
N HIS E 109 0.45 -1.33 42.00
CA HIS E 109 -0.17 -1.72 43.27
C HIS E 109 -0.99 -0.59 43.89
N ALA E 110 -1.59 0.24 43.04
CA ALA E 110 -2.52 1.23 43.50
C ALA E 110 -3.61 0.52 44.29
N PRO E 111 -4.02 1.07 45.45
CA PRO E 111 -5.21 0.61 46.12
C PRO E 111 -6.38 0.61 45.15
N ALA E 112 -7.20 -0.45 45.25
CA ALA E 112 -8.32 -0.69 44.35
C ALA E 112 -9.28 0.49 44.41
N PRO E 113 -9.44 1.21 43.28
CA PRO E 113 -10.33 2.39 43.29
C PRO E 113 -11.79 2.01 43.58
N LYS E 114 -12.40 2.71 44.55
CA LYS E 114 -13.75 2.34 45.08
C LYS E 114 -14.89 2.37 44.05
N ASN E 115 -14.78 3.27 43.06
CA ASN E 115 -15.79 3.48 42.01
C ASN E 115 -15.44 2.80 40.66
N GLY E 116 -14.42 1.94 40.65
CA GLY E 116 -14.02 1.22 39.44
C GLY E 116 -12.92 1.89 38.60
N GLN E 117 -12.70 3.19 38.83
CA GLN E 117 -11.82 3.97 37.96
C GLN E 117 -10.71 4.68 38.69
N ALA E 118 -9.48 4.28 38.38
CA ALA E 118 -8.28 4.77 39.01
C ALA E 118 -7.99 6.24 38.71
N VAL E 119 -7.30 6.88 39.64
CA VAL E 119 -7.02 8.32 39.54
C VAL E 119 -5.67 8.61 38.91
N GLY E 120 -5.67 9.12 37.69
CA GLY E 120 -4.43 9.31 36.94
C GLY E 120 -4.72 9.84 35.55
N THR E 121 -3.69 10.12 34.77
CA THR E 121 -3.94 10.59 33.43
C THR E 121 -2.80 10.29 32.51
N ASN E 122 -3.12 10.18 31.24
CA ASN E 122 -2.14 10.14 30.21
C ASN E 122 -1.56 11.52 30.01
N THR E 123 -0.31 11.59 29.58
CA THR E 123 0.34 12.84 29.29
C THR E 123 1.20 12.65 28.08
N ILE E 124 1.75 13.76 27.58
CA ILE E 124 2.61 13.72 26.42
C ILE E 124 3.92 13.02 26.69
N GLY E 125 4.37 12.99 27.94
CA GLY E 125 5.62 12.31 28.34
C GLY E 125 5.91 12.53 29.84
N SER E 126 7.10 12.17 30.29
CA SER E 126 7.36 12.31 31.73
C SER E 126 7.45 13.74 32.20
N SER E 127 7.82 14.63 31.29
CA SER E 127 7.90 16.03 31.64
C SER E 127 6.54 16.56 32.13
N GLU E 128 5.47 16.42 31.35
CA GLU E 128 4.17 16.85 31.85
C GLU E 128 3.71 16.05 33.09
N ALA E 129 3.99 14.76 33.07
CA ALA E 129 3.67 13.89 34.19
C ALA E 129 4.27 14.41 35.53
N CYS E 130 5.56 14.76 35.50
CA CYS E 130 6.25 15.27 36.70
C CYS E 130 5.67 16.58 37.18
N MET E 131 5.47 17.52 36.26
CA MET E 131 4.90 18.80 36.60
C MET E 131 3.60 18.55 37.28
N LEU E 132 2.83 17.58 36.78
CA LEU E 132 1.54 17.29 37.43
C LEU E 132 1.70 16.74 38.85
N GLY E 133 2.56 15.73 39.03
CA GLY E 133 2.88 15.23 40.38
C GLY E 133 3.35 16.39 41.23
N GLY E 134 4.18 17.22 40.63
CA GLY E 134 4.83 18.29 41.34
C GLY E 134 3.83 19.28 41.86
N MET E 135 2.88 19.65 41.01
CA MET E 135 1.87 20.63 41.37
C MET E 135 1.00 20.10 42.45
N ALA E 136 0.58 18.85 42.32
CA ALA E 136 -0.30 18.25 43.30
C ALA E 136 0.40 18.20 44.62
N MET E 137 1.65 17.75 44.65
CA MET E 137 2.47 17.79 45.86
C MET E 137 2.45 19.18 46.50
N LYS E 138 2.90 20.20 45.77
CA LYS E 138 2.81 21.59 46.23
C LYS E 138 1.43 21.97 46.83
N TRP E 139 0.33 21.65 46.12
CA TRP E 139 -0.98 21.95 46.65
C TRP E 139 -1.30 21.22 47.95
N ARG E 140 -0.97 19.93 48.03
CA ARG E 140 -1.28 19.17 49.24
C ARG E 140 -0.55 19.79 50.41
N TRP E 141 0.68 20.20 50.18
CA TRP E 141 1.51 20.83 51.22
C TRP E 141 0.91 22.19 51.61
N ARG E 142 0.66 23.06 50.63
CA ARG E 142 -0.04 24.31 50.88
C ARG E 142 -1.25 24.10 51.73
N LYS E 143 -2.06 23.09 51.39
CA LYS E 143 -3.33 22.94 52.10
C LYS E 143 -3.12 22.62 53.58
N ARG E 144 -2.24 21.66 53.83
CA ARG E 144 -1.91 21.22 55.17
C ARG E 144 -1.41 22.34 56.07
N MET E 145 -0.48 23.15 55.54
CA MET E 145 0.14 24.23 56.29
C MET E 145 -0.83 25.36 56.60
N GLU E 146 -1.79 25.58 55.71
CA GLU E 146 -2.77 26.64 55.89
C GLU E 146 -3.69 26.26 57.00
N ALA E 147 -4.04 24.98 57.01
CA ALA E 147 -4.89 24.46 58.05
C ALA E 147 -4.18 24.53 59.38
N ALA E 148 -2.85 24.56 59.34
CA ALA E 148 -2.03 24.59 60.56
C ALA E 148 -1.63 26.02 60.97
N GLY E 149 -2.02 26.99 60.16
CA GLY E 149 -1.75 28.39 60.45
C GLY E 149 -0.35 28.88 60.12
N LYS E 150 0.37 28.13 59.27
CA LYS E 150 1.79 28.39 58.98
C LYS E 150 2.02 28.99 57.61
N PRO E 151 3.14 29.72 57.43
CA PRO E 151 3.32 30.40 56.15
C PRO E 151 3.56 29.38 55.02
N THR E 152 3.05 29.66 53.83
CA THR E 152 3.25 28.74 52.74
C THR E 152 4.12 29.38 51.68
N ASP E 153 5.03 30.25 52.04
CA ASP E 153 5.72 30.99 51.00
C ASP E 153 7.13 30.51 50.65
N LYS E 154 7.71 29.56 51.39
CA LYS E 154 9.04 29.05 51.01
C LYS E 154 9.12 27.51 50.83
N PRO E 155 8.32 26.91 49.90
CA PRO E 155 8.35 25.47 49.61
C PRO E 155 9.66 24.99 48.99
N ASN E 156 10.13 23.81 49.37
CA ASN E 156 11.31 23.20 48.79
C ASN E 156 11.01 21.74 48.47
N LEU E 157 11.84 21.11 47.66
CA LEU E 157 11.56 19.78 47.14
C LEU E 157 12.92 19.12 47.21
N VAL E 158 12.98 17.94 47.81
CA VAL E 158 14.27 17.32 48.09
C VAL E 158 14.46 16.19 47.12
N CYS E 159 15.58 16.15 46.42
CA CYS E 159 15.75 15.08 45.45
C CYS E 159 17.19 14.78 45.18
N GLY E 160 17.36 13.76 44.36
CA GLY E 160 18.65 13.31 43.90
C GLY E 160 18.96 13.90 42.53
N PRO E 161 19.85 13.21 41.79
CA PRO E 161 20.35 13.67 40.51
C PRO E 161 19.26 13.56 39.43
N VAL E 162 18.32 14.49 39.48
CA VAL E 162 17.08 14.44 38.72
C VAL E 162 17.26 14.86 37.28
N GLN E 163 16.30 14.45 36.46
CA GLN E 163 16.19 14.88 35.07
C GLN E 163 15.84 16.38 35.05
N ILE E 164 16.01 16.99 33.88
CA ILE E 164 15.82 18.40 33.75
C ILE E 164 14.40 18.86 34.02
N CYS E 165 13.42 17.97 33.89
CA CYS E 165 12.03 18.45 34.04
C CYS E 165 11.79 18.99 35.44
N TRP E 166 12.53 18.44 36.40
CA TRP E 166 12.43 18.91 37.77
C TRP E 166 13.11 20.25 37.99
N HIS E 167 14.18 20.56 37.26
CA HIS E 167 14.71 21.91 37.28
C HIS E 167 13.72 22.92 36.70
N LYS E 168 13.00 22.55 35.66
CA LYS E 168 11.98 23.43 35.14
C LYS E 168 10.92 23.62 36.20
N PHE E 169 10.46 22.50 36.75
CA PHE E 169 9.35 22.55 37.70
C PHE E 169 9.69 23.52 38.82
N ALA E 170 10.82 23.28 39.45
CA ALA E 170 11.26 24.13 40.51
C ALA E 170 11.33 25.62 40.06
N ARG E 171 11.90 25.90 38.89
CA ARG E 171 11.86 27.27 38.38
C ARG E 171 10.44 27.81 38.10
N TYR E 172 9.57 27.00 37.51
CA TYR E 172 8.30 27.54 37.06
C TYR E 172 7.35 27.76 38.22
N TRP E 173 7.45 26.92 39.23
CA TRP E 173 6.42 26.94 40.24
C TRP E 173 6.95 27.43 41.57
N ASP E 174 8.11 28.08 41.54
CA ASP E 174 8.68 28.83 42.69
C ASP E 174 8.97 27.95 43.89
N VAL E 175 9.57 26.81 43.63
CA VAL E 175 9.89 25.83 44.63
C VAL E 175 11.42 25.66 44.68
N GLU E 176 12.02 25.77 45.86
CA GLU E 176 13.49 25.70 45.98
C GLU E 176 13.94 24.25 45.82
N LEU E 177 14.87 24.02 44.88
CA LEU E 177 15.29 22.65 44.61
C LEU E 177 16.40 22.27 45.53
N ARG E 178 16.18 21.35 46.45
CA ARG E 178 17.29 20.87 47.24
C ARG E 178 17.84 19.58 46.61
N GLU E 179 18.58 19.75 45.53
CA GLU E 179 19.15 18.61 44.87
C GLU E 179 20.27 18.07 45.76
N ILE E 180 20.18 16.82 46.21
CA ILE E 180 21.32 16.22 46.92
C ILE E 180 22.40 16.04 45.85
N PRO E 181 23.58 16.65 46.02
CA PRO E 181 24.52 16.60 44.93
C PRO E 181 25.18 15.24 44.72
N MET E 182 25.46 14.91 43.45
CA MET E 182 26.31 13.78 43.16
C MET E 182 27.71 14.11 43.63
N ARG E 183 28.47 13.09 44.04
CA ARG E 183 29.90 13.22 44.35
C ARG E 183 30.56 11.82 44.41
N PRO E 184 31.89 11.76 44.20
CA PRO E 184 32.56 10.44 44.02
C PRO E 184 32.23 9.47 45.12
N GLY E 185 31.93 8.23 44.76
CA GLY E 185 31.53 7.26 45.77
C GLY E 185 30.19 7.55 46.47
N GLN E 186 29.52 8.63 46.12
CA GLN E 186 28.12 8.77 46.53
C GLN E 186 27.27 9.50 45.51
N LEU E 187 26.77 8.77 44.54
CA LEU E 187 26.16 9.44 43.41
C LEU E 187 24.68 9.70 43.57
N PHE E 188 24.06 9.06 44.55
CA PHE E 188 22.60 9.00 44.62
C PHE E 188 22.05 9.45 45.96
N MET E 189 20.81 9.92 45.95
CA MET E 189 20.21 10.37 47.17
C MET E 189 20.16 9.21 48.15
N ASP E 190 20.87 9.38 49.26
CA ASP E 190 20.90 8.43 50.38
C ASP E 190 20.04 9.01 51.52
N PRO E 191 19.64 8.14 52.48
CA PRO E 191 18.76 8.58 53.57
C PRO E 191 19.37 9.67 54.42
N LYS E 192 20.64 9.54 54.78
CA LYS E 192 21.20 10.53 55.69
C LYS E 192 21.11 11.91 55.03
N ARG E 193 21.61 12.01 53.80
CA ARG E 193 21.67 13.31 53.16
C ARG E 193 20.29 13.86 52.85
N MET E 194 19.37 12.97 52.44
CA MET E 194 17.98 13.33 52.26
C MET E 194 17.44 14.01 53.49
N ILE E 195 17.66 13.39 54.65
CA ILE E 195 17.05 13.86 55.92
C ILE E 195 17.63 15.20 56.32
N GLU E 196 18.93 15.38 56.13
CA GLU E 196 19.57 16.65 56.47
C GLU E 196 18.91 17.80 55.76
N ALA E 197 18.23 17.48 54.66
CA ALA E 197 17.69 18.46 53.74
C ALA E 197 16.20 18.71 53.96
N CYS E 198 15.54 17.80 54.67
CA CYS E 198 14.11 17.90 54.93
C CYS E 198 13.81 18.85 56.06
N ASP E 199 12.63 19.47 55.96
CA ASP E 199 12.13 20.37 56.98
C ASP E 199 10.66 20.66 56.71
N GLU E 200 10.06 21.48 57.53
CA GLU E 200 8.61 21.76 57.52
C GLU E 200 8.05 22.30 56.20
N ASN E 201 8.94 22.71 55.30
CA ASN E 201 8.57 23.36 54.07
C ASN E 201 8.88 22.45 52.88
N THR E 202 9.25 21.22 53.18
CA THR E 202 9.48 20.26 52.16
C THR E 202 8.14 19.70 51.68
N ILE E 203 7.86 19.86 50.39
CA ILE E 203 6.57 19.50 49.86
C ILE E 203 6.57 18.04 49.51
N GLY E 204 7.76 17.47 49.40
CA GLY E 204 7.89 16.07 49.04
C GLY E 204 9.34 15.70 48.77
N VAL E 205 9.57 14.40 48.67
CA VAL E 205 10.84 13.85 48.26
C VAL E 205 10.63 13.09 46.95
N VAL E 206 11.55 13.25 46.00
CA VAL E 206 11.45 12.59 44.69
C VAL E 206 12.62 11.66 44.37
N PRO E 207 12.44 10.38 44.68
CA PRO E 207 13.45 9.44 44.23
C PRO E 207 13.37 9.25 42.72
N THR E 208 14.50 9.07 42.06
CA THR E 208 14.46 8.77 40.64
C THR E 208 14.66 7.28 40.43
N PHE E 209 13.59 6.60 40.04
CA PHE E 209 13.66 5.18 39.97
C PHE E 209 14.18 4.82 38.59
N GLY E 210 15.47 5.05 38.37
CA GLY E 210 16.11 4.88 37.08
C GLY E 210 16.72 6.21 36.71
N VAL E 211 17.94 6.46 37.20
CA VAL E 211 18.61 7.73 37.00
C VAL E 211 19.09 7.93 35.57
N THR E 212 18.74 9.08 35.00
CA THR E 212 19.06 9.36 33.62
C THR E 212 20.54 9.32 33.36
N TYR E 213 21.35 9.92 34.22
CA TYR E 213 22.78 9.95 33.96
C TYR E 213 23.42 8.57 33.91
N THR E 214 23.02 7.68 34.80
CA THR E 214 23.75 6.45 34.98
C THR E 214 22.93 5.18 34.80
N GLY E 215 21.61 5.25 34.92
CA GLY E 215 20.80 4.05 34.80
C GLY E 215 20.44 3.34 36.06
N ASN E 216 20.93 3.80 37.22
CA ASN E 216 20.70 3.21 38.57
C ASN E 216 19.38 3.57 39.21
N TYR E 217 18.88 2.69 40.05
CA TYR E 217 17.70 3.02 40.79
C TYR E 217 18.12 3.72 42.06
N GLU E 218 17.41 4.81 42.41
CA GLU E 218 17.38 5.26 43.79
C GLU E 218 16.24 4.49 44.46
N PHE E 219 16.54 3.69 45.47
CA PHE E 219 15.56 2.79 46.03
C PHE E 219 14.64 3.45 47.03
N PRO E 220 13.32 3.52 46.72
CA PRO E 220 12.37 4.20 47.63
C PRO E 220 12.32 3.70 49.09
N GLN E 221 12.46 2.41 49.34
CA GLN E 221 12.22 1.94 50.68
C GLN E 221 13.10 2.59 51.79
N PRO E 222 14.43 2.32 51.76
CA PRO E 222 15.27 2.94 52.76
C PRO E 222 14.86 4.40 53.03
N LEU E 223 14.67 5.20 51.97
CA LEU E 223 14.21 6.59 52.09
C LEU E 223 12.87 6.68 52.82
N HIS E 224 11.94 5.76 52.51
CA HIS E 224 10.65 5.66 53.21
C HIS E 224 10.91 5.33 54.68
N ASP E 225 11.80 4.40 54.97
CA ASP E 225 12.17 4.17 56.39
C ASP E 225 12.66 5.40 57.11
N ALA E 226 13.56 6.13 56.48
CA ALA E 226 14.09 7.32 57.09
C ALA E 226 12.99 8.35 57.32
N LEU E 227 12.01 8.44 56.41
CA LEU E 227 10.94 9.43 56.52
C LEU E 227 9.91 9.11 57.61
N ASP E 228 9.71 7.84 57.91
CA ASP E 228 8.88 7.43 59.04
C ASP E 228 9.53 7.83 60.37
N LYS E 229 10.83 7.59 60.52
CA LYS E 229 11.56 7.95 61.72
C LYS E 229 11.53 9.47 61.88
N PHE E 230 11.56 10.16 60.75
CA PHE E 230 11.65 11.62 60.79
C PHE E 230 10.36 12.19 61.32
N GLN E 231 9.25 11.51 61.01
CA GLN E 231 7.95 11.95 61.47
C GLN E 231 7.77 11.70 62.96
N ALA E 232 8.36 10.61 63.43
CA ALA E 232 8.24 10.30 64.84
C ALA E 232 9.15 11.23 65.66
N ASP E 233 10.32 11.61 65.12
CA ASP E 233 11.23 12.55 65.82
C ASP E 233 10.72 13.99 65.83
N THR E 234 10.19 14.47 64.71
CA THR E 234 9.88 15.86 64.56
C THR E 234 8.41 16.16 64.35
N GLY E 235 7.60 15.14 64.04
CA GLY E 235 6.18 15.37 63.79
C GLY E 235 5.83 15.75 62.36
N ILE E 236 6.83 16.13 61.56
CA ILE E 236 6.67 16.46 60.13
C ILE E 236 6.38 15.25 59.21
N ASP E 237 5.29 15.32 58.45
CA ASP E 237 4.85 14.19 57.65
C ASP E 237 5.13 14.49 56.17
N ILE E 238 6.14 13.80 55.62
CA ILE E 238 6.57 14.02 54.24
C ILE E 238 6.13 12.92 53.23
N ASP E 239 5.50 13.35 52.14
CA ASP E 239 5.05 12.47 51.06
C ASP E 239 6.19 12.20 50.08
N MET E 240 6.03 11.20 49.21
CA MET E 240 6.97 10.98 48.13
C MET E 240 6.19 10.96 46.84
N HIS E 241 6.85 11.40 45.75
CA HIS E 241 6.45 11.14 44.38
C HIS E 241 7.62 10.46 43.73
N ILE E 242 7.38 9.34 43.06
CA ILE E 242 8.44 8.57 42.36
C ILE E 242 8.49 8.93 40.89
N ASP E 243 9.65 9.44 40.46
CA ASP E 243 9.92 9.64 39.04
C ASP E 243 10.43 8.34 38.50
N ALA E 244 9.54 7.51 37.98
CA ALA E 244 9.85 6.16 37.46
C ALA E 244 9.78 6.16 35.93
N ALA E 245 10.28 7.24 35.33
CA ALA E 245 10.27 7.48 33.86
C ALA E 245 10.60 6.25 33.12
N SER E 246 11.63 5.56 33.57
CA SER E 246 12.02 4.42 32.83
C SER E 246 11.74 3.20 33.67
N GLY E 247 12.07 3.26 34.96
CA GLY E 247 11.90 2.13 35.87
C GLY E 247 10.48 1.66 36.00
N GLY E 248 9.52 2.52 35.73
CA GLY E 248 8.11 2.22 36.03
C GLY E 248 7.62 1.04 35.22
N PHE E 249 8.26 0.78 34.07
CA PHE E 249 7.88 -0.32 33.18
C PHE E 249 8.89 -1.45 33.07
N LEU E 250 9.84 -1.51 34.00
CA LEU E 250 10.85 -2.57 34.06
C LEU E 250 10.68 -3.36 35.34
N ALA E 251 10.90 -2.72 36.49
CA ALA E 251 10.80 -3.38 37.81
C ALA E 251 9.56 -4.30 37.97
N PRO E 252 8.35 -3.82 37.61
CA PRO E 252 7.18 -4.69 37.83
C PRO E 252 7.28 -6.05 37.16
N PHE E 253 8.05 -6.18 36.10
CA PHE E 253 8.10 -7.47 35.41
C PHE E 253 9.35 -8.29 35.75
N VAL E 254 10.52 -7.66 35.85
CA VAL E 254 11.72 -8.43 36.11
C VAL E 254 12.18 -8.36 37.54
N ALA E 255 11.61 -7.47 38.35
CA ALA E 255 11.99 -7.36 39.78
C ALA E 255 10.78 -7.05 40.68
N PRO E 256 9.79 -7.95 40.72
CA PRO E 256 8.55 -7.64 41.45
C PRO E 256 8.77 -7.35 42.96
N ASP E 257 9.91 -7.74 43.47
CA ASP E 257 10.23 -7.66 44.90
C ASP E 257 10.79 -6.37 45.43
N ILE E 258 11.33 -5.55 44.55
CA ILE E 258 11.75 -4.25 44.92
C ILE E 258 10.46 -3.55 45.31
N VAL E 259 10.41 -3.07 46.55
CA VAL E 259 9.21 -2.37 46.97
C VAL E 259 9.46 -0.87 46.71
N TRP E 260 8.82 -0.33 45.69
CA TRP E 260 9.11 1.04 45.24
C TRP E 260 7.85 1.84 44.98
N ASP E 261 6.71 1.16 45.01
CA ASP E 261 5.55 1.72 44.36
C ASP E 261 4.46 2.05 45.39
N PHE E 262 3.20 1.95 45.02
CA PHE E 262 2.16 2.28 45.93
C PHE E 262 2.06 1.33 47.17
N ARG E 263 2.73 0.19 47.15
CA ARG E 263 2.84 -0.60 48.36
C ARG E 263 3.41 0.24 49.54
N LEU E 264 4.28 1.23 49.24
CA LEU E 264 4.74 2.20 50.28
C LEU E 264 3.75 3.32 50.59
N PRO E 265 3.26 3.40 51.84
CA PRO E 265 2.17 4.40 52.08
C PRO E 265 2.52 5.87 51.78
N ARG E 266 3.78 6.25 51.87
CA ARG E 266 4.09 7.64 51.63
C ARG E 266 4.18 8.01 50.17
N VAL E 267 4.33 7.02 49.30
CA VAL E 267 4.22 7.26 47.86
C VAL E 267 2.77 7.63 47.54
N LYS E 268 2.55 8.90 47.23
CA LYS E 268 1.23 9.41 46.83
C LYS E 268 0.98 9.41 45.31
N SER E 269 2.05 9.39 44.51
CA SER E 269 1.91 9.39 43.05
C SER E 269 3.18 8.95 42.35
N ILE E 270 3.02 8.41 41.15
CA ILE E 270 4.11 7.82 40.39
C ILE E 270 3.97 8.26 38.95
N SER E 271 5.07 8.36 38.24
CA SER E 271 5.00 8.75 36.85
C SER E 271 6.00 7.94 36.05
N ALA E 272 5.72 7.76 34.76
CA ALA E 272 6.57 6.95 33.91
C ALA E 272 6.33 7.38 32.51
N SER E 273 7.28 7.05 31.63
CA SER E 273 7.21 7.35 30.22
C SER E 273 6.72 6.13 29.49
N GLY E 274 5.55 6.19 28.85
CA GLY E 274 5.11 5.10 27.95
C GLY E 274 6.04 4.87 26.75
N HIS E 275 6.67 5.95 26.29
CA HIS E 275 7.45 5.91 25.08
C HIS E 275 8.91 5.59 25.34
N LYS E 276 9.21 5.18 26.57
CA LYS E 276 10.49 4.53 26.84
C LYS E 276 10.20 3.05 27.01
N PHE E 277 10.42 2.46 28.19
CA PHE E 277 10.22 0.98 28.34
C PHE E 277 8.76 0.55 28.36
N GLY E 278 7.84 1.51 28.22
CA GLY E 278 6.42 1.23 28.06
C GLY E 278 6.16 0.69 26.68
N LEU E 279 7.10 0.94 25.79
CA LEU E 279 7.06 0.48 24.40
C LEU E 279 6.06 1.26 23.52
N ALA E 280 5.36 2.27 24.05
CA ALA E 280 4.48 3.09 23.23
C ALA E 280 5.37 3.96 22.33
N PRO E 281 4.85 4.47 21.22
CA PRO E 281 5.66 5.36 20.41
C PRO E 281 5.76 6.80 21.01
N LEU E 282 6.74 7.60 20.53
CA LEU E 282 6.95 8.95 21.04
C LEU E 282 5.69 9.78 21.34
N GLY E 283 5.67 10.34 22.55
CA GLY E 283 4.54 11.14 22.98
C GLY E 283 3.51 10.44 23.87
N CYS E 284 3.94 9.84 24.97
CA CYS E 284 3.00 9.17 25.81
C CYS E 284 3.64 9.06 27.14
N GLY E 285 3.07 9.70 28.17
CA GLY E 285 3.47 9.42 29.55
C GLY E 285 2.31 9.12 30.47
N TRP E 286 2.62 8.69 31.70
CA TRP E 286 1.55 8.35 32.66
C TRP E 286 1.87 8.98 34.00
N VAL E 287 0.84 9.45 34.70
CA VAL E 287 0.97 9.80 36.12
C VAL E 287 -0.22 9.22 36.82
N ILE E 288 0.02 8.62 37.99
CA ILE E 288 -1.03 7.93 38.75
C ILE E 288 -0.96 8.41 40.18
N TRP E 289 -2.13 8.68 40.77
CA TRP E 289 -2.24 9.08 42.17
C TRP E 289 -2.79 7.95 42.97
N ARG E 290 -2.25 7.74 44.17
CA ARG E 290 -2.71 6.70 45.09
C ARG E 290 -4.26 6.58 45.20
N ASP E 291 -4.96 7.72 45.28
CA ASP E 291 -6.41 7.75 45.36
C ASP E 291 -6.97 9.17 45.20
N GLU E 292 -8.30 9.33 45.19
CA GLU E 292 -8.95 10.68 45.16
C GLU E 292 -8.27 11.74 46.01
N GLU E 293 -7.93 11.42 47.25
CA GLU E 293 -7.40 12.40 48.19
C GLU E 293 -6.02 12.91 47.82
N ALA E 294 -5.28 12.12 47.03
CA ALA E 294 -3.91 12.44 46.69
C ALA E 294 -3.86 13.59 45.73
N LEU E 295 -4.96 13.80 45.01
CA LEU E 295 -5.06 14.76 43.91
C LEU E 295 -6.07 15.84 44.27
N PRO E 296 -5.61 16.99 44.80
CA PRO E 296 -6.45 18.14 45.15
C PRO E 296 -7.48 18.55 44.10
N GLN E 297 -8.74 18.73 44.53
CA GLN E 297 -9.81 19.07 43.58
C GLN E 297 -9.59 20.41 42.85
N GLU E 298 -8.85 21.32 43.49
CA GLU E 298 -8.58 22.63 42.91
C GLU E 298 -7.84 22.53 41.54
N LEU E 299 -7.16 21.44 41.31
CA LEU E 299 -6.34 21.33 40.12
C LEU E 299 -7.09 20.69 38.94
N VAL E 300 -8.17 20.00 39.26
CA VAL E 300 -9.06 19.44 38.27
C VAL E 300 -9.98 20.46 37.60
N PHE E 301 -9.95 20.47 36.28
CA PHE E 301 -10.91 21.26 35.55
C PHE E 301 -11.94 20.39 34.89
N ASN E 302 -13.19 20.63 35.24
CA ASN E 302 -14.31 20.00 34.58
C ASN E 302 -14.64 20.72 33.30
N VAL E 303 -14.77 19.95 32.22
CA VAL E 303 -15.26 20.47 30.95
C VAL E 303 -16.69 19.95 30.71
N ASP E 304 -17.54 20.78 30.12
CA ASP E 304 -18.90 20.35 29.75
C ASP E 304 -18.92 19.56 28.43
N TYR E 305 -19.46 18.33 28.47
CA TYR E 305 -19.76 17.61 27.22
CA TYR E 305 -19.69 17.43 27.30
C TYR E 305 -21.17 17.04 27.26
N LEU E 306 -21.65 16.43 26.16
CA LEU E 306 -23.06 15.96 26.11
C LEU E 306 -23.45 14.80 27.03
N GLY E 307 -22.50 13.91 27.35
CA GLY E 307 -22.78 12.76 28.22
C GLY E 307 -22.76 12.96 29.73
N GLY E 308 -22.61 14.22 30.17
CA GLY E 308 -22.26 14.58 31.55
C GLY E 308 -21.00 15.45 31.47
N GLN E 309 -20.24 15.57 32.56
CA GLN E 309 -18.99 16.35 32.49
C GLN E 309 -17.77 15.56 32.99
N ILE E 310 -16.69 15.54 32.20
CA ILE E 310 -15.47 14.88 32.67
C ILE E 310 -14.38 15.90 33.05
N GLY E 311 -13.68 15.64 34.15
CA GLY E 311 -12.67 16.54 34.66
C GLY E 311 -11.27 16.12 34.24
N THR E 312 -10.45 17.10 33.87
CA THR E 312 -9.09 16.85 33.44
C THR E 312 -8.04 17.56 34.27
N PHE E 313 -6.94 16.86 34.52
CA PHE E 313 -5.76 17.49 35.07
C PHE E 313 -4.58 17.38 34.10
N ALA E 314 -4.41 18.36 33.24
CA ALA E 314 -3.39 18.26 32.26
C ALA E 314 -2.99 19.64 31.79
N ILE E 315 -1.73 19.77 31.42
CA ILE E 315 -1.19 20.99 30.94
C ILE E 315 -1.63 21.20 29.54
N ASN E 316 -1.58 20.15 28.71
CA ASN E 316 -2.04 20.20 27.29
C ASN E 316 -3.57 20.07 27.14
N PHE E 317 -4.11 20.49 25.99
CA PHE E 317 -5.54 20.32 25.78
C PHE E 317 -5.74 19.35 24.56
N SER E 318 -5.97 19.91 23.36
CA SER E 318 -6.17 19.11 22.19
C SER E 318 -4.87 18.48 21.84
N ARG E 319 -4.92 17.21 21.48
CA ARG E 319 -3.76 16.48 20.98
C ARG E 319 -4.16 15.06 20.53
N PRO E 320 -3.37 14.43 19.64
CA PRO E 320 -3.69 13.10 19.05
C PRO E 320 -3.81 11.97 20.08
N ALA E 321 -4.77 11.07 19.89
CA ALA E 321 -4.86 9.87 20.76
C ALA E 321 -4.12 8.62 20.23
N GLY E 322 -3.44 8.73 19.09
CA GLY E 322 -2.71 7.62 18.56
C GLY E 322 -1.87 6.88 19.60
N GLN E 323 -1.02 7.60 20.34
CA GLN E 323 -0.09 6.95 21.26
C GLN E 323 -0.77 6.18 22.39
N VAL E 324 -1.92 6.66 22.88
CA VAL E 324 -2.63 5.97 23.93
C VAL E 324 -3.17 4.65 23.39
N ILE E 325 -3.68 4.72 22.15
CA ILE E 325 -4.21 3.59 21.45
C ILE E 325 -3.07 2.60 21.24
N ALA E 326 -1.90 3.09 20.82
CA ALA E 326 -0.74 2.21 20.60
C ALA E 326 -0.27 1.56 21.92
N GLN E 327 -0.35 2.32 23.02
CA GLN E 327 0.12 1.83 24.29
C GLN E 327 -0.79 0.70 24.69
N TYR E 328 -2.08 0.86 24.39
CA TYR E 328 -3.05 -0.15 24.69
C TYR E 328 -2.78 -1.45 23.94
N TYR E 329 -2.38 -1.27 22.69
CA TYR E 329 -1.98 -2.39 21.84
C TYR E 329 -0.84 -3.14 22.50
N GLU E 330 0.16 -2.42 22.98
CA GLU E 330 1.30 -3.08 23.62
C GLU E 330 0.85 -3.82 24.86
N PHE E 331 0.00 -3.19 25.68
CA PHE E 331 -0.49 -3.86 26.91
C PHE E 331 -1.23 -5.15 26.61
N LEU E 332 -2.18 -5.08 25.68
CA LEU E 332 -3.04 -6.19 25.34
C LEU E 332 -2.30 -7.33 24.71
N ARG E 333 -1.33 -7.01 23.86
CA ARG E 333 -0.74 -8.05 23.09
C ARG E 333 0.31 -8.75 23.90
N LEU E 334 0.95 -8.05 24.84
CA LEU E 334 2.07 -8.63 25.63
C LEU E 334 1.63 -9.16 27.01
N GLY E 335 0.85 -8.37 27.73
CA GLY E 335 0.55 -8.66 29.14
C GLY E 335 1.82 -8.84 29.98
N ARG E 336 1.68 -9.42 31.16
CA ARG E 336 2.80 -9.49 32.08
C ARG E 336 3.77 -10.49 31.54
N GLU E 337 3.23 -11.56 30.98
CA GLU E 337 4.06 -12.61 30.40
C GLU E 337 4.94 -12.06 29.25
N GLY E 338 4.34 -11.27 28.37
CA GLY E 338 5.07 -10.68 27.27
C GLY E 338 6.07 -9.64 27.73
N TYR E 339 5.64 -8.71 28.58
CA TYR E 339 6.58 -7.68 29.08
C TYR E 339 7.81 -8.30 29.77
N THR E 340 7.62 -9.37 30.56
CA THR E 340 8.71 -9.97 31.28
C THR E 340 9.73 -10.48 30.29
N LYS E 341 9.25 -11.07 29.19
CA LYS E 341 10.15 -11.62 28.18
C LYS E 341 10.85 -10.53 27.39
N VAL E 342 10.11 -9.48 26.99
CA VAL E 342 10.71 -8.37 26.29
C VAL E 342 11.78 -7.67 27.16
N GLN E 343 11.41 -7.26 28.35
CA GLN E 343 12.39 -6.57 29.19
C GLN E 343 13.59 -7.44 29.51
N ASN E 344 13.40 -8.68 29.91
CA ASN E 344 14.58 -9.57 30.02
C ASN E 344 15.57 -9.60 28.87
N ALA E 345 15.08 -9.59 27.65
CA ALA E 345 15.96 -9.58 26.51
C ALA E 345 16.91 -8.36 26.62
N SER E 346 16.36 -7.20 26.88
CA SER E 346 17.20 -6.01 26.96
C SER E 346 18.22 -6.09 28.13
N TYR E 347 17.79 -6.64 29.28
CA TYR E 347 18.69 -6.85 30.39
C TYR E 347 19.83 -7.83 29.99
N GLN E 348 19.52 -8.85 29.19
CA GLN E 348 20.55 -9.80 28.78
C GLN E 348 21.58 -9.07 27.99
N VAL E 349 21.13 -8.25 27.05
CA VAL E 349 22.05 -7.54 26.18
C VAL E 349 22.96 -6.65 27.01
N ALA E 350 22.38 -5.92 27.96
CA ALA E 350 23.08 -4.99 28.81
C ALA E 350 24.09 -5.71 29.62
N ALA E 351 23.70 -6.86 30.18
CA ALA E 351 24.60 -7.64 31.04
C ALA E 351 25.75 -8.16 30.22
N TYR E 352 25.48 -8.48 28.97
CA TYR E 352 26.50 -9.05 28.14
C TYR E 352 27.55 -8.01 27.77
N LEU E 353 27.09 -6.85 27.31
CA LEU E 353 27.95 -5.70 27.05
C LEU E 353 28.83 -5.33 28.25
N ALA E 354 28.24 -5.29 29.44
CA ALA E 354 29.02 -4.95 30.63
C ALA E 354 30.12 -5.96 30.93
N ASP E 355 29.89 -7.25 30.64
CA ASP E 355 30.90 -8.28 30.94
C ASP E 355 32.05 -8.23 29.96
N GLU E 356 31.73 -7.92 28.70
CA GLU E 356 32.70 -7.87 27.63
C GLU E 356 33.49 -6.58 27.64
N ILE E 357 32.84 -5.46 27.95
CA ILE E 357 33.51 -4.16 27.93
C ILE E 357 34.51 -4.10 29.04
N ALA E 358 34.13 -4.66 30.18
CA ALA E 358 35.04 -4.79 31.32
C ALA E 358 36.38 -5.45 31.02
N LYS E 359 36.44 -6.30 29.98
CA LYS E 359 37.69 -6.99 29.64
C LYS E 359 38.60 -6.20 28.75
N LEU E 360 38.18 -5.03 28.32
CA LEU E 360 38.85 -4.32 27.24
C LEU E 360 39.63 -3.07 27.64
N GLY E 361 39.45 -2.62 28.88
CA GLY E 361 40.15 -1.44 29.37
C GLY E 361 40.09 -1.33 30.91
N PRO E 362 40.71 -0.29 31.48
CA PRO E 362 40.71 -0.11 32.92
C PRO E 362 39.53 0.72 33.32
N TYR E 363 38.38 0.06 33.47
CA TYR E 363 37.12 0.77 33.68
C TYR E 363 36.51 0.48 35.04
N GLU E 364 35.78 1.48 35.55
CA GLU E 364 35.04 1.39 36.78
C GLU E 364 33.57 1.53 36.42
N PHE E 365 32.77 0.53 36.81
CA PHE E 365 31.38 0.48 36.40
C PHE E 365 30.47 1.02 37.47
N ILE E 366 29.76 2.07 37.08
CA ILE E 366 28.72 2.61 37.91
C ILE E 366 27.40 1.85 37.73
N CYS E 367 27.13 1.39 36.51
CA CYS E 367 25.93 0.57 36.21
C CYS E 367 26.22 -0.61 35.29
N THR E 368 25.74 -1.79 35.65
CA THR E 368 26.13 -3.00 34.88
C THR E 368 24.96 -3.76 34.30
N GLY E 369 23.80 -3.11 34.20
CA GLY E 369 22.62 -3.69 33.56
C GLY E 369 21.95 -4.84 34.29
N ARG E 370 22.01 -4.85 35.62
CA ARG E 370 21.37 -5.91 36.41
C ARG E 370 19.99 -5.39 36.75
N PRO E 371 18.97 -6.26 36.70
CA PRO E 371 17.59 -5.88 36.93
C PRO E 371 17.34 -5.43 38.36
N ASP E 372 18.17 -5.90 39.29
CA ASP E 372 17.94 -5.59 40.68
C ASP E 372 18.59 -4.29 41.10
N GLU E 373 19.28 -3.64 40.17
CA GLU E 373 20.04 -2.44 40.44
C GLU E 373 19.57 -1.24 39.64
N GLY E 374 18.85 -1.45 38.56
CA GLY E 374 18.53 -0.34 37.65
C GLY E 374 17.98 -0.83 36.33
N ILE E 375 18.07 0.03 35.31
CA ILE E 375 17.49 -0.18 33.97
C ILE E 375 18.54 -0.81 33.07
N PRO E 376 18.16 -1.26 31.86
CA PRO E 376 19.20 -1.90 31.01
C PRO E 376 20.23 -0.89 30.43
N ALA E 377 21.18 -0.50 31.24
CA ALA E 377 22.16 0.43 30.77
C ALA E 377 23.50 0.03 31.31
N VAL E 378 24.55 0.33 30.56
CA VAL E 378 25.87 0.12 31.07
C VAL E 378 26.49 1.49 31.20
N CYS E 379 26.96 1.86 32.38
CA CYS E 379 27.62 3.15 32.57
C CYS E 379 28.93 2.93 33.29
N PHE E 380 30.01 3.46 32.73
CA PHE E 380 31.35 3.28 33.33
C PHE E 380 32.23 4.52 33.10
N LYS E 381 33.41 4.51 33.71
CA LYS E 381 34.38 5.61 33.60
C LYS E 381 35.77 4.97 33.69
N LEU E 382 36.82 5.70 33.33
CA LEU E 382 38.16 5.16 33.53
C LEU E 382 38.46 5.14 35.02
N LYS E 383 39.18 4.11 35.48
CA LYS E 383 39.66 4.05 36.86
C LYS E 383 40.47 5.29 37.16
N ASP E 384 40.38 5.74 38.39
CA ASP E 384 41.12 6.92 38.78
C ASP E 384 42.59 6.66 38.61
N GLY E 385 43.32 7.67 38.15
CA GLY E 385 44.77 7.63 38.05
C GLY E 385 45.30 6.62 37.05
N GLU E 386 44.47 6.29 36.06
CA GLU E 386 44.81 5.37 35.00
C GLU E 386 44.69 6.10 33.68
N ASP E 387 45.60 5.82 32.75
CA ASP E 387 45.60 6.48 31.43
C ASP E 387 45.87 5.47 30.33
N PRO E 388 44.80 4.97 29.68
CA PRO E 388 44.92 3.89 28.70
C PRO E 388 45.24 4.41 27.30
N GLY E 389 45.45 5.71 27.19
CA GLY E 389 45.99 6.33 25.96
C GLY E 389 44.95 7.08 25.13
N TYR E 390 43.77 7.27 25.70
CA TYR E 390 42.60 7.88 25.07
C TYR E 390 41.66 8.29 26.20
N THR E 391 40.74 9.21 25.94
CA THR E 391 39.65 9.52 26.88
C THR E 391 38.37 8.92 26.35
N LEU E 392 37.33 8.91 27.17
CA LEU E 392 36.09 8.33 26.70
C LEU E 392 35.45 9.24 25.65
N TYR E 393 35.87 10.49 25.57
CA TYR E 393 35.40 11.36 24.46
C TYR E 393 36.04 10.89 23.16
N ASP E 394 37.28 10.41 23.27
CA ASP E 394 38.06 10.00 22.11
C ASP E 394 37.45 8.75 21.51
N LEU E 395 37.13 7.80 22.38
CA LEU E 395 36.59 6.53 21.97
C LEU E 395 35.22 6.74 21.35
N SER E 396 34.44 7.62 21.98
CA SER E 396 33.12 7.97 21.52
C SER E 396 33.19 8.46 20.10
N GLU E 397 34.20 9.27 19.78
CA GLU E 397 34.30 9.88 18.44
C GLU E 397 34.59 8.80 17.41
N ARG E 398 35.55 7.93 17.70
CA ARG E 398 35.90 6.82 16.83
C ARG E 398 34.63 6.03 16.58
N LEU E 399 33.84 5.79 17.62
CA LEU E 399 32.61 5.04 17.41
C LEU E 399 31.67 5.77 16.46
N ARG E 400 31.46 7.07 16.62
CA ARG E 400 30.65 7.78 15.62
C ARG E 400 31.14 7.48 14.18
N LEU E 401 32.44 7.43 13.97
CA LEU E 401 32.88 7.20 12.64
C LEU E 401 32.44 5.84 12.12
N ARG E 402 32.08 4.94 13.02
CA ARG E 402 31.60 3.62 12.59
C ARG E 402 30.08 3.53 12.65
N GLY E 403 29.42 4.67 12.85
CA GLY E 403 27.96 4.78 12.79
C GLY E 403 27.19 4.82 14.12
N TRP E 404 27.86 4.44 15.21
CA TRP E 404 27.23 4.39 16.53
C TRP E 404 27.25 5.73 17.21
N GLN E 405 26.18 6.08 17.90
CA GLN E 405 26.24 7.17 18.84
C GLN E 405 26.27 6.58 20.21
N VAL E 406 27.40 6.70 20.89
CA VAL E 406 27.53 6.26 22.28
C VAL E 406 28.05 7.43 23.09
N PRO E 407 27.22 7.99 23.95
CA PRO E 407 27.53 9.26 24.57
C PRO E 407 28.56 9.16 25.68
N ALA E 408 29.52 10.09 25.67
CA ALA E 408 30.41 10.36 26.81
C ALA E 408 30.10 11.77 27.28
N PHE E 409 29.89 11.95 28.59
CA PHE E 409 29.62 13.26 29.16
C PHE E 409 30.08 13.27 30.60
N THR E 410 29.93 14.42 31.25
CA THR E 410 30.30 14.57 32.65
C THR E 410 29.07 14.59 33.53
N LEU E 411 29.18 14.03 34.73
CA LEU E 411 28.07 14.02 35.66
C LEU E 411 27.80 15.43 36.28
N GLY E 412 26.75 15.56 37.10
CA GLY E 412 26.41 16.81 37.82
C GLY E 412 27.13 17.11 39.14
N GLY E 413 26.61 18.11 39.89
CA GLY E 413 27.03 18.48 41.27
C GLY E 413 28.52 18.56 41.61
N GLU E 414 28.96 17.73 42.57
CA GLU E 414 30.39 17.69 42.92
C GLU E 414 31.19 16.73 42.01
N ALA E 415 30.49 15.87 41.27
CA ALA E 415 31.15 14.88 40.40
C ALA E 415 31.26 15.39 38.95
N THR E 416 31.15 16.71 38.79
CA THR E 416 31.41 17.42 37.52
C THR E 416 32.80 17.14 36.86
N ASP E 417 33.74 16.63 37.65
CA ASP E 417 35.03 16.23 37.12
C ASP E 417 35.04 14.81 36.48
N ILE E 418 33.92 14.07 36.56
CA ILE E 418 33.92 12.66 36.15
C ILE E 418 33.34 12.48 34.76
N VAL E 419 34.10 11.86 33.86
CA VAL E 419 33.62 11.65 32.51
C VAL E 419 33.14 10.23 32.44
N VAL E 420 31.86 10.02 32.15
CA VAL E 420 31.32 8.68 31.95
C VAL E 420 30.94 8.40 30.51
N MET E 421 30.90 7.10 30.20
CA MET E 421 30.20 6.58 29.03
C MET E 421 28.94 5.82 29.49
N ARG E 422 27.87 5.91 28.71
CA ARG E 422 26.58 5.26 29.01
C ARG E 422 26.00 4.60 27.78
N ILE E 423 25.66 3.32 27.84
CA ILE E 423 24.99 2.68 26.72
C ILE E 423 23.56 2.29 27.11
N MET E 424 22.56 2.74 26.34
CA MET E 424 21.18 2.34 26.59
C MET E 424 20.88 1.14 25.76
N CYS E 425 20.29 0.12 26.35
CA CYS E 425 19.81 -1.03 25.60
C CYS E 425 18.31 -1.02 25.55
N ARG E 426 17.76 -0.69 24.38
CA ARG E 426 16.32 -0.66 24.25
C ARG E 426 15.87 -1.65 23.19
N ARG E 427 14.56 -1.73 22.99
CA ARG E 427 14.02 -2.77 22.14
C ARG E 427 14.51 -2.57 20.73
N GLY E 428 14.98 -3.65 20.15
CA GLY E 428 15.52 -3.61 18.81
C GLY E 428 17.02 -3.76 18.82
N PHE E 429 17.67 -3.32 19.90
CA PHE E 429 19.11 -3.52 20.07
C PHE E 429 19.40 -4.91 20.64
N GLU E 430 19.37 -5.88 19.74
CA GLU E 430 19.48 -7.27 20.15
C GLU E 430 20.91 -7.79 20.17
N MET E 431 21.03 -8.98 20.73
CA MET E 431 22.32 -9.58 20.94
C MET E 431 23.25 -9.46 19.72
N ASP E 432 22.77 -9.80 18.51
CA ASP E 432 23.59 -9.68 17.26
C ASP E 432 24.14 -8.29 17.07
N PHE E 433 23.34 -7.28 17.39
CA PHE E 433 23.80 -5.92 17.21
C PHE E 433 24.80 -5.56 18.30
N ALA E 434 24.67 -6.10 19.52
CA ALA E 434 25.71 -5.84 20.52
C ALA E 434 27.02 -6.40 20.01
N GLU E 435 26.97 -7.63 19.49
CA GLU E 435 28.17 -8.28 18.94
C GLU E 435 28.94 -7.33 18.06
N LEU E 436 28.21 -6.66 17.20
CA LEU E 436 28.79 -5.79 16.19
C LEU E 436 29.40 -4.51 16.80
N LEU E 437 28.71 -3.94 17.77
CA LEU E 437 29.21 -2.85 18.56
C LEU E 437 30.53 -3.24 19.20
N LEU E 438 30.60 -4.42 19.81
CA LEU E 438 31.87 -4.88 20.36
C LEU E 438 33.02 -4.97 19.36
N GLU E 439 32.72 -5.21 18.11
CA GLU E 439 33.76 -5.30 17.14
C GLU E 439 34.24 -3.90 16.80
N ASP E 440 33.30 -3.00 16.58
CA ASP E 440 33.65 -1.61 16.37
C ASP E 440 34.38 -1.02 17.57
N TYR E 441 33.95 -1.42 18.75
CA TYR E 441 34.62 -0.97 19.97
C TYR E 441 36.09 -1.45 19.95
N LYS E 442 36.34 -2.76 19.89
CA LYS E 442 37.71 -3.23 19.75
C LYS E 442 38.51 -2.55 18.63
N ALA E 443 37.89 -2.33 17.46
CA ALA E 443 38.58 -1.70 16.33
C ALA E 443 38.95 -0.26 16.69
N SER E 444 38.10 0.39 17.47
CA SER E 444 38.34 1.76 17.81
C SER E 444 39.48 1.83 18.80
N LEU E 445 39.57 0.88 19.72
CA LEU E 445 40.68 0.84 20.64
C LEU E 445 42.02 0.68 19.92
N LYS E 446 42.07 -0.16 18.90
CA LYS E 446 43.33 -0.44 18.24
C LYS E 446 43.76 0.80 17.48
N TYR E 447 42.78 1.50 16.93
CA TYR E 447 43.10 2.63 16.06
C TYR E 447 43.63 3.76 16.92
N LEU E 448 43.04 3.94 18.09
CA LEU E 448 43.53 4.88 19.10
C LEU E 448 44.93 4.54 19.59
N SER E 449 45.20 3.24 19.67
CA SER E 449 46.45 2.74 20.20
C SER E 449 47.56 2.90 19.17
N ASP E 450 47.16 2.86 17.91
CA ASP E 450 48.05 3.13 16.78
C ASP E 450 48.20 4.64 16.49
N HIS E 451 47.31 5.47 17.02
CA HIS E 451 47.38 6.88 16.66
C HIS E 451 47.26 7.74 17.89
N PRO E 452 48.28 7.69 18.75
CA PRO E 452 48.28 8.28 20.10
C PRO E 452 48.05 9.76 20.08
N LYS E 453 48.28 10.41 18.95
CA LYS E 453 48.23 11.87 18.93
C LYS E 453 46.79 12.26 19.10
N LEU E 454 45.89 11.34 18.77
CA LEU E 454 44.45 11.50 18.92
C LEU E 454 43.99 11.75 20.33
N GLN E 455 44.78 11.36 21.35
CA GLN E 455 44.38 11.50 22.78
C GLN E 455 44.09 12.93 23.20
N GLY E 456 42.99 13.16 23.88
CA GLY E 456 42.72 14.50 24.38
C GLY E 456 42.07 15.53 23.46
N ILE E 457 41.96 15.22 22.18
CA ILE E 457 41.44 16.20 21.20
C ILE E 457 39.93 16.46 21.30
N ALA E 458 39.12 15.41 21.39
CA ALA E 458 37.67 15.56 21.46
C ALA E 458 37.32 15.97 22.86
N GLN E 459 36.48 16.98 23.04
CA GLN E 459 36.07 17.36 24.38
C GLN E 459 34.71 18.02 24.51
N GLN E 460 33.82 17.70 23.58
CA GLN E 460 32.44 18.16 23.67
C GLN E 460 31.59 17.03 24.25
N ASN E 461 30.71 17.39 25.17
CA ASN E 461 29.72 16.46 25.72
C ASN E 461 28.70 16.06 24.65
N SER E 462 28.18 14.83 24.72
CA SER E 462 27.06 14.37 23.89
C SER E 462 25.72 14.61 24.57
N PHE E 463 24.63 14.52 23.80
CA PHE E 463 23.28 14.61 24.34
C PHE E 463 23.09 13.52 25.39
N LYS E 464 22.64 13.93 26.56
CA LYS E 464 22.61 13.03 27.70
C LYS E 464 21.25 12.77 28.32
N HIS E 465 20.21 13.52 27.91
CA HIS E 465 18.99 13.67 28.77
C HIS E 465 17.83 12.74 28.48
N THR E 466 17.89 11.98 27.36
CA THR E 466 16.79 11.07 26.98
C THR E 466 16.95 10.52 25.59
N GLU F 12 -19.06 -21.29 27.25
CA GLU F 12 -17.74 -21.37 26.58
C GLU F 12 -17.58 -20.36 25.38
N LEU F 13 -17.68 -19.06 25.67
CA LEU F 13 -17.83 -17.99 24.67
C LEU F 13 -16.77 -17.90 23.55
N LEU F 14 -17.23 -17.80 22.30
CA LEU F 14 -16.37 -17.65 21.11
C LEU F 14 -16.46 -16.27 20.45
N ASP F 15 -15.50 -15.94 19.57
CA ASP F 15 -15.53 -14.72 18.71
C ASP F 15 -15.83 -15.05 17.21
N SER F 16 -16.74 -14.31 16.57
CA SER F 16 -17.17 -14.68 15.21
C SER F 16 -16.17 -14.23 14.18
N ARG F 17 -15.32 -13.29 14.58
CA ARG F 17 -14.23 -12.79 13.76
C ARG F 17 -13.11 -13.79 13.62
N PHE F 18 -12.79 -14.51 14.70
CA PHE F 18 -11.57 -15.30 14.73
C PHE F 18 -11.80 -16.78 14.78
N GLY F 19 -13.06 -17.16 14.83
CA GLY F 19 -13.43 -18.55 15.03
C GLY F 19 -12.72 -19.17 16.22
N ALA F 20 -12.53 -18.36 17.27
CA ALA F 20 -11.73 -18.79 18.43
C ALA F 20 -12.36 -18.42 19.75
N LYS F 21 -11.82 -18.97 20.84
CA LYS F 21 -12.21 -18.57 22.18
C LYS F 21 -12.08 -17.05 22.33
N SER F 22 -13.11 -16.45 22.94
CA SER F 22 -13.32 -15.00 22.99
C SER F 22 -12.47 -14.31 24.02
N ILE F 23 -11.93 -13.17 23.61
CA ILE F 23 -11.27 -12.25 24.54
C ILE F 23 -12.08 -10.98 24.67
N SER F 24 -12.54 -10.70 25.89
CA SER F 24 -13.21 -9.43 26.21
C SER F 24 -12.20 -8.33 26.64
N THR F 25 -12.19 -7.19 25.94
CA THR F 25 -11.42 -6.03 26.39
C THR F 25 -12.06 -5.37 27.59
N ILE F 26 -13.36 -5.62 27.80
CA ILE F 26 -14.12 -4.98 28.88
C ILE F 26 -13.86 -5.65 30.23
N ALA F 27 -13.98 -6.98 30.31
CA ALA F 27 -13.44 -7.73 31.46
C ALA F 27 -11.90 -7.87 31.27
N GLU F 28 -11.14 -7.80 32.36
CA GLU F 28 -9.66 -7.72 32.24
C GLU F 28 -9.20 -6.34 31.68
N SER F 29 -10.12 -5.38 31.66
CA SER F 29 -9.80 -3.97 31.47
C SER F 29 -9.63 -3.32 32.83
N LYS F 30 -9.53 -4.15 33.85
CA LYS F 30 -9.67 -3.68 35.18
C LYS F 30 -8.30 -3.75 35.78
N ARG F 31 -7.57 -4.82 35.46
CA ARG F 31 -6.19 -5.01 35.90
C ARG F 31 -5.27 -5.12 34.69
N PHE F 32 -3.97 -5.23 34.92
CA PHE F 32 -3.01 -5.40 33.82
C PHE F 32 -3.14 -6.82 33.24
N PRO F 33 -3.20 -6.98 31.90
CA PRO F 33 -3.42 -8.36 31.43
C PRO F 33 -2.25 -9.30 31.77
N LEU F 34 -2.56 -10.60 31.92
CA LEU F 34 -1.56 -11.60 32.35
C LEU F 34 -0.79 -12.21 31.21
N HIS F 35 -1.49 -12.54 30.13
CA HIS F 35 -0.93 -13.37 29.07
C HIS F 35 -0.65 -12.64 27.75
N GLU F 36 0.18 -13.23 26.91
CA GLU F 36 0.32 -12.80 25.52
C GLU F 36 -0.93 -13.17 24.73
N MET F 37 -1.05 -12.56 23.57
CA MET F 37 -2.15 -12.74 22.66
C MET F 37 -1.46 -12.42 21.34
N ARG F 38 -1.93 -13.01 20.25
CA ARG F 38 -1.29 -12.83 18.94
C ARG F 38 -1.38 -11.38 18.55
N ASP F 39 -0.28 -10.87 17.99
CA ASP F 39 -0.17 -9.45 17.64
C ASP F 39 -1.29 -9.03 16.75
N ASP F 40 -1.64 -9.86 15.77
CA ASP F 40 -2.64 -9.46 14.79
C ASP F 40 -4.07 -9.48 15.35
N VAL F 41 -4.30 -10.30 16.37
CA VAL F 41 -5.61 -10.36 16.97
C VAL F 41 -5.81 -9.10 17.83
N ALA F 42 -4.77 -8.77 18.61
CA ALA F 42 -4.77 -7.49 19.35
C ALA F 42 -5.11 -6.31 18.46
N PHE F 43 -4.54 -6.28 17.25
CA PHE F 43 -4.74 -5.20 16.32
C PHE F 43 -6.16 -5.21 15.74
N GLN F 44 -6.60 -6.38 15.32
CA GLN F 44 -8.01 -6.46 14.90
C GLN F 44 -8.99 -5.99 16.01
N ILE F 45 -8.74 -6.41 17.25
CA ILE F 45 -9.65 -6.05 18.35
C ILE F 45 -9.77 -4.54 18.53
N ILE F 46 -8.61 -3.90 18.68
CA ILE F 46 -8.53 -2.48 18.83
C ILE F 46 -9.06 -1.79 17.59
N ASN F 47 -8.66 -2.28 16.42
CA ASN F 47 -9.14 -1.71 15.16
C ASN F 47 -10.66 -1.68 15.10
N ASP F 48 -11.30 -2.82 15.34
CA ASP F 48 -12.76 -2.90 15.39
C ASP F 48 -13.40 -1.94 16.41
N GLU F 49 -12.78 -1.72 17.57
CA GLU F 49 -13.37 -0.79 18.54
C GLU F 49 -13.35 0.59 18.00
N LEU F 50 -12.29 0.94 17.28
CA LEU F 50 -12.17 2.30 16.77
C LEU F 50 -13.26 2.72 15.78
N TYR F 51 -13.90 1.77 15.08
CA TYR F 51 -15.08 2.16 14.28
C TYR F 51 -16.19 2.90 15.05
N LEU F 52 -16.24 2.77 16.38
CA LEU F 52 -17.23 3.46 17.18
C LEU F 52 -16.94 4.93 17.42
N ASP F 53 -15.73 5.40 17.12
CA ASP F 53 -15.43 6.83 17.16
C ASP F 53 -16.09 7.43 15.94
N GLY F 54 -16.43 8.72 16.03
CA GLY F 54 -16.90 9.48 14.88
C GLY F 54 -15.74 9.84 13.96
N ASN F 55 -16.09 10.26 12.74
CA ASN F 55 -15.07 10.73 11.81
C ASN F 55 -14.96 12.26 11.75
N ALA F 56 -15.80 12.95 12.53
CA ALA F 56 -15.82 14.41 12.71
C ALA F 56 -16.14 15.29 11.49
N ARG F 57 -16.36 14.68 10.34
CA ARG F 57 -16.67 15.43 9.15
C ARG F 57 -18.01 16.20 9.25
N GLN F 58 -18.95 15.67 10.05
CA GLN F 58 -20.19 16.37 10.31
C GLN F 58 -20.12 17.05 11.68
N ASN F 59 -18.94 17.06 12.28
CA ASN F 59 -18.79 17.78 13.50
C ASN F 59 -18.47 19.25 13.24
N LEU F 60 -19.43 20.11 13.55
CA LEU F 60 -19.25 21.54 13.37
C LEU F 60 -18.92 22.26 14.68
N ALA F 61 -18.50 21.49 15.68
CA ALA F 61 -18.20 22.09 16.96
C ALA F 61 -16.72 22.27 17.11
N THR F 62 -15.92 21.65 16.26
CA THR F 62 -14.46 21.63 16.49
C THR F 62 -13.67 22.56 15.56
N PHE F 63 -12.56 23.06 16.09
CA PHE F 63 -11.65 23.93 15.37
C PHE F 63 -10.55 23.16 14.67
N CYS F 64 -10.29 21.94 15.12
CA CYS F 64 -9.07 21.22 14.77
C CYS F 64 -9.16 20.53 13.44
N GLN F 65 -8.02 20.46 12.76
CA GLN F 65 -8.05 19.90 11.44
C GLN F 65 -8.66 18.54 11.50
N THR F 66 -9.60 18.28 10.61
CA THR F 66 -10.22 16.96 10.51
C THR F 66 -10.13 16.40 9.09
N TRP F 67 -9.57 17.12 8.14
CA TRP F 67 -9.55 16.74 6.71
C TRP F 67 -8.31 15.89 6.45
N ASP F 68 -8.36 14.89 5.56
CA ASP F 68 -7.23 14.01 5.27
C ASP F 68 -6.51 14.29 3.95
N ASP F 69 -5.18 14.32 3.99
CA ASP F 69 -4.37 14.53 2.79
C ASP F 69 -3.28 13.44 2.77
N GLU F 70 -3.23 12.67 1.71
CA GLU F 70 -2.30 11.56 1.64
C GLU F 70 -0.86 11.98 1.93
N ASN F 71 -0.47 13.19 1.54
CA ASN F 71 0.92 13.61 1.80
C ASN F 71 1.14 13.82 3.30
N VAL F 72 0.23 14.50 3.95
CA VAL F 72 0.33 14.57 5.38
C VAL F 72 0.38 13.15 6.02
N HIS F 73 -0.50 12.22 5.64
CA HIS F 73 -0.37 10.84 6.18
C HIS F 73 1.04 10.24 6.03
N LYS F 74 1.67 10.41 4.87
CA LYS F 74 3.03 9.89 4.67
C LYS F 74 4.12 10.58 5.53
N LEU F 75 4.01 11.90 5.68
CA LEU F 75 4.95 12.65 6.47
C LEU F 75 4.80 12.24 7.92
N MET F 76 3.55 12.18 8.44
CA MET F 76 3.37 11.69 9.83
C MET F 76 3.97 10.31 9.96
N ASP F 77 3.69 9.43 9.01
CA ASP F 77 4.16 8.06 9.13
C ASP F 77 5.67 7.96 9.16
N LEU F 78 6.36 8.76 8.36
CA LEU F 78 7.83 8.73 8.34
C LEU F 78 8.44 9.19 9.66
N SER F 79 7.66 9.98 10.40
CA SER F 79 8.20 10.71 11.55
C SER F 79 7.83 10.09 12.87
N ILE F 80 7.14 8.95 12.83
CA ILE F 80 6.61 8.34 14.04
C ILE F 80 7.64 8.33 15.17
N ASN F 81 8.90 8.11 14.82
CA ASN F 81 9.98 8.03 15.82
C ASN F 81 10.91 9.23 15.92
N LYS F 82 10.68 10.23 15.06
CA LYS F 82 11.54 11.39 14.99
C LYS F 82 11.34 12.24 16.25
N ASN F 83 12.38 12.36 17.10
CA ASN F 83 12.21 13.06 18.37
C ASN F 83 12.55 14.55 18.28
N TRP F 84 11.54 15.39 18.37
CA TRP F 84 11.74 16.83 18.33
C TRP F 84 12.90 17.32 19.21
N ILE F 85 13.12 16.71 20.37
CA ILE F 85 14.11 17.22 21.33
C ILE F 85 15.52 16.78 20.99
N ASP F 86 15.66 15.80 20.11
CA ASP F 86 16.95 15.21 19.81
C ASP F 86 17.61 15.80 18.57
N LYS F 87 18.15 16.99 18.79
CA LYS F 87 18.80 17.78 17.75
C LYS F 87 19.97 17.05 17.07
N GLU F 88 20.72 16.30 17.86
CA GLU F 88 21.84 15.50 17.43
C GLU F 88 21.42 14.40 16.44
N GLU F 89 20.41 13.58 16.76
CA GLU F 89 20.08 12.47 15.87
C GLU F 89 19.21 12.84 14.67
N TYR F 90 18.30 13.80 14.86
CA TYR F 90 17.45 14.23 13.77
C TYR F 90 17.72 15.70 13.48
N PRO F 91 18.91 16.02 12.90
CA PRO F 91 19.31 17.41 12.66
C PRO F 91 18.48 18.06 11.54
N GLN F 92 17.91 17.28 10.64
CA GLN F 92 17.16 17.93 9.60
C GLN F 92 15.74 18.26 10.05
N SER F 93 15.17 17.44 10.93
CA SER F 93 13.91 17.78 11.57
C SER F 93 14.12 19.06 12.38
N ALA F 94 15.31 19.18 13.00
CA ALA F 94 15.65 20.38 13.77
C ALA F 94 15.63 21.61 12.86
N ALA F 95 16.32 21.49 11.73
CA ALA F 95 16.39 22.57 10.78
C ALA F 95 14.98 22.98 10.32
N ILE F 96 14.14 22.02 9.95
CA ILE F 96 12.80 22.38 9.57
C ILE F 96 12.03 23.11 10.69
N ASP F 97 12.21 22.66 11.94
CA ASP F 97 11.56 23.33 13.11
C ASP F 97 11.93 24.83 13.20
N LEU F 98 13.22 25.17 13.12
CA LEU F 98 13.62 26.55 13.13
C LEU F 98 13.06 27.34 11.93
N ARG F 99 12.98 26.69 10.76
CA ARG F 99 12.44 27.40 9.60
C ARG F 99 11.05 27.86 9.88
N CYS F 100 10.25 27.04 10.55
CA CYS F 100 8.89 27.40 10.80
C CYS F 100 8.82 28.50 11.83
N VAL F 101 9.82 28.56 12.70
CA VAL F 101 9.75 29.49 13.78
C VAL F 101 9.98 30.82 13.16
N ASN F 102 10.90 30.89 12.20
CA ASN F 102 11.15 32.14 11.47
C ASN F 102 9.97 32.59 10.66
N MET F 103 9.36 31.63 9.97
CA MET F 103 8.25 31.88 9.09
C MET F 103 7.04 32.42 9.85
N VAL F 104 6.72 31.79 10.97
CA VAL F 104 5.63 32.29 11.79
C VAL F 104 5.94 33.71 12.31
N ALA F 105 7.18 33.90 12.78
CA ALA F 105 7.60 35.16 13.34
C ALA F 105 7.41 36.17 12.24
N ASP F 106 7.85 35.85 11.04
CA ASP F 106 7.72 36.77 9.92
C ASP F 106 6.26 37.13 9.58
N LEU F 107 5.41 36.12 9.59
CA LEU F 107 4.02 36.26 9.27
C LEU F 107 3.41 37.30 10.21
N TRP F 108 3.91 37.33 11.45
CA TRP F 108 3.37 38.20 12.51
C TRP F 108 4.12 39.53 12.68
N HIS F 109 5.04 39.82 11.76
CA HIS F 109 5.74 41.11 11.69
C HIS F 109 6.70 41.31 12.84
N ALA F 110 7.18 40.20 13.40
CA ALA F 110 8.21 40.25 14.44
C ALA F 110 9.35 41.06 13.90
N PRO F 111 10.00 41.88 14.74
CA PRO F 111 11.16 42.63 14.27
C PRO F 111 12.21 41.68 13.70
N ALA F 112 13.00 42.17 12.74
CA ALA F 112 14.09 41.38 12.17
C ALA F 112 15.00 40.95 13.31
N PRO F 113 15.27 39.63 13.41
CA PRO F 113 16.21 39.08 14.41
C PRO F 113 17.66 39.37 14.08
N LYS F 114 18.45 39.73 15.10
CA LYS F 114 19.86 40.09 14.94
C LYS F 114 20.74 38.96 14.34
N ASN F 115 20.65 37.77 14.96
CA ASN F 115 21.38 36.54 14.58
C ASN F 115 20.73 35.67 13.47
N GLY F 116 19.63 36.14 12.87
CA GLY F 116 18.94 35.42 11.80
C GLY F 116 18.00 34.32 12.30
N GLN F 117 17.68 34.34 13.59
CA GLN F 117 16.77 33.33 14.19
C GLN F 117 15.75 33.96 15.17
N ALA F 118 14.46 33.86 14.84
CA ALA F 118 13.43 34.47 15.66
C ALA F 118 13.27 33.73 16.99
N VAL F 119 12.86 34.45 18.01
CA VAL F 119 12.78 33.85 19.33
C VAL F 119 11.43 33.21 19.51
N GLY F 120 11.39 31.89 19.59
CA GLY F 120 10.08 31.24 19.62
C GLY F 120 10.11 29.72 19.68
N THR F 121 8.95 29.12 19.89
CA THR F 121 8.95 27.69 20.01
C THR F 121 7.70 27.09 19.45
N ASN F 122 7.89 25.90 18.93
CA ASN F 122 6.82 25.01 18.62
C ASN F 122 6.30 24.48 19.92
N THR F 123 5.00 24.18 19.97
CA THR F 123 4.40 23.55 21.11
C THR F 123 3.40 22.48 20.66
N ILE F 124 2.84 21.74 21.62
CA ILE F 124 1.89 20.72 21.31
C ILE F 124 0.55 21.35 20.89
N GLY F 125 0.29 22.57 21.37
CA GLY F 125 -0.94 23.29 21.08
C GLY F 125 -0.90 24.67 21.69
N SER F 126 -2.00 25.42 21.58
CA SER F 126 -2.07 26.75 22.18
C SER F 126 -1.99 26.71 23.70
N SER F 127 -2.52 25.65 24.29
CA SER F 127 -2.48 25.49 25.74
C SER F 127 -1.04 25.70 26.29
N GLU F 128 -0.06 24.95 25.82
CA GLU F 128 1.31 25.15 26.27
C GLU F 128 1.81 26.53 25.84
N ALA F 129 1.53 26.93 24.60
CA ALA F 129 1.92 28.23 24.11
C ALA F 129 1.45 29.36 25.03
N CYS F 130 0.19 29.31 25.45
CA CYS F 130 -0.33 30.30 26.38
C CYS F 130 0.39 30.26 27.73
N MET F 131 0.59 29.06 28.27
CA MET F 131 1.36 28.94 29.50
C MET F 131 2.70 29.62 29.36
N LEU F 132 3.42 29.31 28.27
CA LEU F 132 4.76 29.84 28.09
C LEU F 132 4.75 31.36 28.02
N GLY F 133 3.75 31.91 27.33
CA GLY F 133 3.61 33.34 27.27
C GLY F 133 3.30 33.88 28.65
N GLY F 134 2.45 33.16 29.38
CA GLY F 134 1.95 33.61 30.66
C GLY F 134 3.09 33.62 31.66
N MET F 135 3.92 32.58 31.62
CA MET F 135 5.05 32.53 32.50
C MET F 135 5.99 33.70 32.20
N ALA F 136 6.31 33.93 30.92
CA ALA F 136 7.23 35.01 30.56
C ALA F 136 6.73 36.40 31.02
N MET F 137 5.41 36.64 30.89
CA MET F 137 4.78 37.88 31.39
C MET F 137 5.00 38.03 32.88
N LYS F 138 4.64 36.97 33.60
CA LYS F 138 4.83 36.95 35.02
C LYS F 138 6.28 37.27 35.34
N TRP F 139 7.22 36.61 34.68
CA TRP F 139 8.63 36.86 34.96
C TRP F 139 9.08 38.28 34.62
N ARG F 140 8.64 38.82 33.49
CA ARG F 140 9.06 40.17 33.12
C ARG F 140 8.53 41.16 34.15
N TRP F 141 7.24 41.03 34.50
CA TRP F 141 6.59 41.83 35.55
C TRP F 141 7.27 41.71 36.88
N ARG F 142 7.47 40.47 37.33
CA ARG F 142 8.26 40.18 38.54
C ARG F 142 9.55 40.98 38.58
N LYS F 143 10.38 40.88 37.55
CA LYS F 143 11.71 41.50 37.57
C LYS F 143 11.69 43.03 37.62
N ARG F 144 10.81 43.65 36.84
CA ARG F 144 10.60 45.10 36.87
C ARG F 144 10.23 45.57 38.30
N MET F 145 9.40 44.81 39.02
CA MET F 145 8.94 45.22 40.36
C MET F 145 10.03 45.02 41.41
N GLU F 146 10.90 44.04 41.21
CA GLU F 146 11.99 43.87 42.15
C GLU F 146 12.98 45.00 41.97
N ALA F 147 13.22 45.44 40.74
CA ALA F 147 14.03 46.66 40.49
C ALA F 147 13.54 47.85 41.33
N ALA F 148 12.24 48.07 41.37
CA ALA F 148 11.65 49.24 42.00
C ALA F 148 11.25 48.98 43.46
N GLY F 149 11.76 47.90 44.04
CA GLY F 149 11.56 47.57 45.47
C GLY F 149 10.12 47.37 45.89
N LYS F 150 9.29 46.96 44.93
CA LYS F 150 7.87 46.73 45.13
C LYS F 150 7.57 45.26 45.45
N PRO F 151 6.42 44.99 46.08
CA PRO F 151 6.13 43.59 46.35
C PRO F 151 5.53 42.87 45.15
N THR F 152 5.82 41.58 45.07
CA THR F 152 5.60 40.75 43.89
C THR F 152 4.65 39.58 44.18
N ASP F 153 3.90 39.67 45.27
CA ASP F 153 3.13 38.54 45.79
C ASP F 153 1.65 38.46 45.38
N LYS F 154 1.16 39.49 44.68
CA LYS F 154 -0.23 39.59 44.25
C LYS F 154 -0.45 39.96 42.73
N PRO F 155 0.17 39.20 41.80
CA PRO F 155 0.02 39.46 40.38
C PRO F 155 -1.39 39.21 39.85
N ASN F 156 -1.82 40.01 38.89
CA ASN F 156 -3.07 39.74 38.23
C ASN F 156 -2.92 39.80 36.73
N LEU F 157 -3.89 39.23 36.05
CA LEU F 157 -3.87 39.11 34.62
C LEU F 157 -5.23 39.63 34.16
N VAL F 158 -5.24 40.51 33.17
CA VAL F 158 -6.49 41.10 32.75
C VAL F 158 -6.86 40.53 31.40
N CYS F 159 -8.11 40.13 31.24
CA CYS F 159 -8.52 39.58 29.99
C CYS F 159 -10.03 39.61 29.82
N GLY F 160 -10.49 39.32 28.60
CA GLY F 160 -11.91 39.04 28.29
C GLY F 160 -12.28 37.56 28.37
N PRO F 161 -13.31 37.13 27.61
CA PRO F 161 -13.78 35.75 27.76
C PRO F 161 -12.80 34.75 27.14
N VAL F 162 -11.78 34.34 27.92
CA VAL F 162 -10.65 33.52 27.45
C VAL F 162 -10.94 32.02 27.44
N GLN F 163 -10.12 31.28 26.70
CA GLN F 163 -10.14 29.81 26.70
C GLN F 163 -9.67 29.27 28.06
N ILE F 164 -10.03 28.02 28.35
CA ILE F 164 -9.79 27.43 29.67
C ILE F 164 -8.30 27.39 30.02
N CYS F 165 -7.45 27.40 29.01
CA CYS F 165 -6.03 27.34 29.24
C CYS F 165 -5.60 28.52 30.08
N TRP F 166 -6.33 29.62 29.99
CA TRP F 166 -6.00 30.81 30.80
C TRP F 166 -6.52 30.71 32.22
N HIS F 167 -7.62 29.99 32.40
CA HIS F 167 -8.11 29.66 33.70
C HIS F 167 -7.15 28.75 34.41
N LYS F 168 -6.59 27.79 33.67
CA LYS F 168 -5.61 26.89 34.23
C LYS F 168 -4.31 27.63 34.54
N PHE F 169 -3.83 28.45 33.60
CA PHE F 169 -2.66 29.28 33.86
C PHE F 169 -2.77 30.05 35.18
N ALA F 170 -3.85 30.81 35.37
CA ALA F 170 -4.12 31.51 36.62
C ALA F 170 -4.02 30.55 37.84
N ARG F 171 -4.81 29.48 37.86
CA ARG F 171 -4.74 28.52 38.94
C ARG F 171 -3.34 27.99 39.20
N TYR F 172 -2.67 27.51 38.16
CA TYR F 172 -1.44 26.77 38.35
C TYR F 172 -0.28 27.64 38.83
N TRP F 173 -0.31 28.93 38.44
CA TRP F 173 0.82 29.82 38.66
C TRP F 173 0.51 30.90 39.67
N ASP F 174 -0.62 30.78 40.34
CA ASP F 174 -1.01 31.70 41.41
C ASP F 174 -1.07 33.13 40.93
N VAL F 175 -1.89 33.38 39.93
CA VAL F 175 -2.13 34.70 39.38
C VAL F 175 -3.64 34.97 39.44
N GLU F 176 -4.05 36.17 39.85
CA GLU F 176 -5.46 36.55 39.92
C GLU F 176 -5.94 36.80 38.50
N LEU F 177 -6.96 36.05 38.09
CA LEU F 177 -7.55 36.21 36.77
C LEU F 177 -8.64 37.25 36.84
N ARG F 178 -8.37 38.47 36.40
CA ARG F 178 -9.41 39.47 36.30
C ARG F 178 -10.07 39.40 34.95
N GLU F 179 -11.03 38.51 34.80
CA GLU F 179 -11.73 38.25 33.55
C GLU F 179 -12.80 39.30 33.44
N ILE F 180 -12.74 40.19 32.45
CA ILE F 180 -13.86 41.11 32.16
C ILE F 180 -15.09 40.28 31.71
N PRO F 181 -16.18 40.29 32.49
CA PRO F 181 -17.27 39.37 32.15
C PRO F 181 -18.02 39.64 30.85
N MET F 182 -18.49 38.58 30.22
CA MET F 182 -19.46 38.71 29.15
C MET F 182 -20.76 39.33 29.66
N ARG F 183 -21.38 40.21 28.87
CA ARG F 183 -22.68 40.70 29.26
C ARG F 183 -23.47 41.22 28.07
N PRO F 184 -24.80 41.01 28.09
CA PRO F 184 -25.58 41.34 26.89
C PRO F 184 -25.20 42.72 26.39
N GLY F 185 -25.01 42.85 25.09
CA GLY F 185 -24.68 44.16 24.55
C GLY F 185 -23.21 44.53 24.72
N GLN F 186 -22.48 43.76 25.53
CA GLN F 186 -21.03 43.91 25.61
C GLN F 186 -20.31 42.61 25.83
N LEU F 187 -20.08 41.89 24.75
CA LEU F 187 -19.70 40.51 24.91
C LEU F 187 -18.21 40.29 25.15
N PHE F 188 -17.41 41.34 24.97
CA PHE F 188 -15.96 41.23 24.88
C PHE F 188 -15.24 42.30 25.71
N MET F 189 -13.94 42.12 25.92
CA MET F 189 -13.14 43.09 26.65
C MET F 189 -12.95 44.36 25.85
N ASP F 190 -13.64 45.41 26.30
CA ASP F 190 -13.58 46.72 25.66
C ASP F 190 -12.51 47.52 26.41
N PRO F 191 -11.94 48.57 25.76
CA PRO F 191 -10.91 49.39 26.42
C PRO F 191 -11.32 49.99 27.77
N LYS F 192 -12.59 50.33 27.95
CA LYS F 192 -12.99 50.99 29.20
C LYS F 192 -12.94 50.05 30.42
N ARG F 193 -13.45 48.83 30.29
CA ARG F 193 -13.51 47.93 31.44
C ARG F 193 -12.18 47.28 31.67
N MET F 194 -11.44 47.12 30.60
CA MET F 194 -10.07 46.69 30.71
C MET F 194 -9.33 47.65 31.67
N ILE F 195 -9.43 48.96 31.40
CA ILE F 195 -8.66 49.95 32.12
C ILE F 195 -9.05 49.96 33.61
N GLU F 196 -10.35 49.87 33.90
CA GLU F 196 -10.79 49.76 35.27
C GLU F 196 -10.14 48.59 36.05
N ALA F 197 -9.74 47.53 35.37
CA ALA F 197 -9.10 46.40 36.01
C ALA F 197 -7.54 46.44 36.01
N CYS F 198 -6.92 47.46 35.44
CA CYS F 198 -5.46 47.50 35.44
C CYS F 198 -4.86 48.23 36.64
N ASP F 199 -3.80 47.69 37.20
CA ASP F 199 -3.11 48.36 38.29
C ASP F 199 -1.64 47.92 38.29
N GLU F 200 -0.82 48.43 39.21
CA GLU F 200 0.59 48.07 39.21
C GLU F 200 0.86 46.57 39.39
N ASN F 201 -0.16 45.78 39.64
CA ASN F 201 0.06 44.34 39.78
C ASN F 201 -0.33 43.53 38.54
N THR F 202 -0.89 44.21 37.54
CA THR F 202 -1.28 43.59 36.29
C THR F 202 -0.05 43.16 35.51
N ILE F 203 0.13 41.87 35.30
CA ILE F 203 1.34 41.39 34.64
C ILE F 203 1.27 41.54 33.12
N GLY F 204 0.05 41.72 32.60
CA GLY F 204 -0.19 41.95 31.20
C GLY F 204 -1.69 41.89 30.90
N VAL F 205 -2.03 42.23 29.66
CA VAL F 205 -3.43 42.11 29.20
C VAL F 205 -3.46 41.06 28.09
N VAL F 206 -4.46 40.17 28.09
CA VAL F 206 -4.52 39.15 27.05
C VAL F 206 -5.79 39.25 26.23
N PRO F 207 -5.70 39.91 25.07
CA PRO F 207 -6.84 39.89 24.18
C PRO F 207 -6.84 38.59 23.40
N THR F 208 -8.01 37.97 23.30
CA THR F 208 -8.21 36.79 22.49
C THR F 208 -8.56 37.18 21.09
N PHE F 209 -7.67 36.87 20.15
CA PHE F 209 -7.89 37.22 18.75
C PHE F 209 -8.73 36.14 18.06
N GLY F 210 -9.98 36.03 18.48
CA GLY F 210 -10.88 35.04 17.92
C GLY F 210 -11.37 34.20 19.07
N VAL F 211 -12.42 34.72 19.70
CA VAL F 211 -12.98 34.21 20.92
C VAL F 211 -13.59 32.84 20.69
N THR F 212 -13.27 31.89 21.55
CA THR F 212 -13.71 30.49 21.36
C THR F 212 -15.20 30.40 21.30
N TYR F 213 -15.87 31.17 22.14
CA TYR F 213 -17.33 31.04 22.31
C TYR F 213 -18.14 31.55 21.14
N THR F 214 -17.64 32.53 20.42
CA THR F 214 -18.50 33.25 19.48
C THR F 214 -17.89 33.34 18.08
N GLY F 215 -16.57 33.33 18.05
CA GLY F 215 -15.86 33.60 16.82
C GLY F 215 -15.36 35.02 16.60
N ASN F 216 -15.70 35.97 17.48
CA ASN F 216 -15.36 37.38 17.25
C ASN F 216 -13.96 37.71 17.67
N TYR F 217 -13.35 38.68 17.03
CA TYR F 217 -12.06 39.12 17.45
C TYR F 217 -12.19 40.20 18.50
N GLU F 218 -11.39 40.12 19.55
CA GLU F 218 -11.06 41.29 20.34
C GLU F 218 -9.87 42.02 19.67
N PHE F 219 -10.08 43.25 19.22
CA PHE F 219 -9.11 43.91 18.38
C PHE F 219 -8.08 44.52 19.30
N PRO F 220 -6.82 44.08 19.19
CA PRO F 220 -5.78 44.59 20.07
C PRO F 220 -5.51 46.07 19.93
N GLN F 221 -5.80 46.69 18.77
CA GLN F 221 -5.35 48.08 18.60
C GLN F 221 -6.05 49.09 19.50
N PRO F 222 -7.39 49.07 19.56
CA PRO F 222 -7.97 50.06 20.47
C PRO F 222 -7.57 49.79 21.91
N LEU F 223 -7.35 48.52 22.26
CA LEU F 223 -6.84 48.21 23.59
C LEU F 223 -5.48 48.86 23.82
N HIS F 224 -4.57 48.70 22.85
CA HIS F 224 -3.26 49.33 22.87
C HIS F 224 -3.33 50.86 23.05
N ASP F 225 -4.28 51.53 22.42
CA ASP F 225 -4.35 52.98 22.62
C ASP F 225 -4.69 53.33 24.03
N ALA F 226 -5.67 52.63 24.59
CA ALA F 226 -6.02 52.73 26.00
C ALA F 226 -4.82 52.41 26.94
N LEU F 227 -4.03 51.37 26.66
CA LEU F 227 -2.82 51.14 27.48
C LEU F 227 -1.77 52.26 27.41
N ASP F 228 -1.55 52.82 26.22
CA ASP F 228 -0.70 54.01 26.06
C ASP F 228 -1.13 55.24 26.86
N LYS F 229 -2.43 55.54 26.85
CA LYS F 229 -2.97 56.69 27.59
C LYS F 229 -2.89 56.42 29.10
N PHE F 230 -2.99 55.15 29.47
CA PHE F 230 -2.87 54.72 30.85
C PHE F 230 -1.44 54.91 31.36
N GLN F 231 -0.46 54.74 30.48
CA GLN F 231 0.91 54.97 30.90
C GLN F 231 1.22 56.44 31.03
N ALA F 232 0.58 57.25 30.22
CA ALA F 232 0.89 58.66 30.23
C ALA F 232 0.25 59.24 31.47
N ASP F 233 -0.90 58.69 31.87
CA ASP F 233 -1.62 59.15 33.06
C ASP F 233 -1.05 58.65 34.36
N THR F 234 -0.45 57.46 34.37
CA THR F 234 -0.03 56.89 35.64
C THR F 234 1.37 56.35 35.69
N GLY F 235 2.06 56.27 34.54
CA GLY F 235 3.42 55.74 34.50
C GLY F 235 3.48 54.22 34.54
N ILE F 236 2.31 53.56 34.64
CA ILE F 236 2.23 52.10 34.61
C ILE F 236 2.34 51.57 33.17
N ASP F 237 3.34 50.73 32.95
CA ASP F 237 3.64 50.23 31.60
C ASP F 237 3.16 48.80 31.44
N ILE F 238 2.07 48.58 30.71
CA ILE F 238 1.47 47.25 30.63
C ILE F 238 1.63 46.61 29.24
N ASP F 239 2.05 45.34 29.25
CA ASP F 239 2.41 44.55 28.07
C ASP F 239 1.23 43.76 27.65
N MET F 240 1.20 43.39 26.38
CA MET F 240 0.18 42.45 25.93
C MET F 240 0.78 41.15 25.38
N HIS F 241 -0.05 40.12 25.44
CA HIS F 241 0.21 38.88 24.77
C HIS F 241 -1.04 38.55 23.97
N ILE F 242 -0.93 38.33 22.67
CA ILE F 242 -2.12 37.93 21.92
C ILE F 242 -2.38 36.41 21.91
N ASP F 243 -3.53 36.01 22.44
CA ASP F 243 -3.95 34.65 22.24
C ASP F 243 -4.61 34.65 20.87
N ALA F 244 -3.87 34.21 19.86
CA ALA F 244 -4.40 34.22 18.51
C ALA F 244 -4.64 32.80 18.06
N ALA F 245 -5.07 31.95 18.99
CA ALA F 245 -5.25 30.50 18.73
C ALA F 245 -5.76 30.25 17.34
N SER F 246 -6.80 30.97 16.97
CA SER F 246 -7.35 30.77 15.68
C SER F 246 -7.06 31.96 14.75
N GLY F 247 -7.13 33.20 15.23
CA GLY F 247 -6.90 34.35 14.37
C GLY F 247 -5.51 34.44 13.78
N GLY F 248 -4.53 33.93 14.51
CA GLY F 248 -3.14 33.95 14.08
C GLY F 248 -2.88 33.47 12.65
N PHE F 249 -3.72 32.57 12.14
CA PHE F 249 -3.57 32.04 10.78
C PHE F 249 -4.71 32.44 9.83
N LEU F 250 -5.53 33.41 10.25
CA LEU F 250 -6.60 33.99 9.40
C LEU F 250 -6.26 35.37 8.97
N ALA F 251 -6.27 36.29 9.92
CA ALA F 251 -5.99 37.71 9.59
C ALA F 251 -4.77 38.04 8.72
N PRO F 252 -3.61 37.34 8.87
CA PRO F 252 -2.50 37.73 8.01
C PRO F 252 -2.77 37.55 6.51
N PHE F 253 -3.67 36.64 6.17
CA PHE F 253 -3.91 36.38 4.76
C PHE F 253 -5.11 37.16 4.21
N VAL F 254 -6.23 37.17 4.93
CA VAL F 254 -7.45 37.77 4.39
C VAL F 254 -7.73 39.20 4.85
N ALA F 255 -7.01 39.71 5.83
CA ALA F 255 -7.25 41.09 6.29
C ALA F 255 -5.95 41.68 6.87
N PRO F 256 -4.92 41.80 5.99
CA PRO F 256 -3.59 42.27 6.41
C PRO F 256 -3.61 43.69 6.99
N ASP F 257 -4.66 44.47 6.74
CA ASP F 257 -4.86 45.77 7.42
C ASP F 257 -5.17 45.69 8.93
N ILE F 258 -5.77 44.61 9.44
CA ILE F 258 -6.04 44.61 10.85
C ILE F 258 -4.69 44.65 11.58
N VAL F 259 -4.46 45.69 12.38
CA VAL F 259 -3.19 45.77 13.11
C VAL F 259 -3.33 45.12 14.47
N TRP F 260 -2.82 43.91 14.63
CA TRP F 260 -3.05 43.17 15.87
C TRP F 260 -1.77 42.51 16.43
N ASP F 261 -0.70 42.55 15.66
CA ASP F 261 0.42 41.67 15.91
C ASP F 261 1.59 42.46 16.44
N PHE F 262 2.82 42.04 16.13
CA PHE F 262 4.01 42.80 16.60
C PHE F 262 4.19 44.20 16.02
N ARG F 263 3.37 44.57 15.04
CA ARG F 263 3.35 45.96 14.56
C ARG F 263 3.07 46.92 15.71
N LEU F 264 2.56 46.36 16.81
CA LEU F 264 2.17 47.10 18.01
C LEU F 264 3.24 46.94 19.11
N PRO F 265 3.87 48.03 19.54
CA PRO F 265 5.00 47.90 20.47
C PRO F 265 4.69 47.13 21.77
N ARG F 266 3.46 47.14 22.25
CA ARG F 266 3.26 46.52 23.54
C ARG F 266 3.14 45.01 23.45
N VAL F 267 2.95 44.50 22.25
CA VAL F 267 2.75 43.09 22.05
C VAL F 267 4.12 42.46 22.15
N LYS F 268 4.31 41.69 23.20
CA LYS F 268 5.60 41.16 23.50
C LYS F 268 5.68 39.70 23.08
N SER F 269 4.53 39.06 22.88
CA SER F 269 4.47 37.67 22.43
C SER F 269 3.09 37.33 21.90
N ILE F 270 3.04 36.47 20.90
CA ILE F 270 1.77 35.99 20.30
C ILE F 270 1.78 34.47 20.28
N SER F 271 0.62 33.85 20.38
CA SER F 271 0.59 32.39 20.33
C SER F 271 -0.55 31.97 19.40
N ALA F 272 -0.46 30.81 18.76
CA ALA F 272 -1.62 30.35 17.95
C ALA F 272 -1.59 28.85 17.84
N SER F 273 -2.60 28.27 17.21
CA SER F 273 -2.68 26.84 16.94
C SER F 273 -2.34 26.47 15.49
N GLY F 274 -1.28 25.69 15.30
CA GLY F 274 -0.99 25.11 13.98
C GLY F 274 -2.10 24.16 13.54
N HIS F 275 -2.69 23.44 14.50
CA HIS F 275 -3.70 22.45 14.16
C HIS F 275 -5.12 22.99 14.14
N LYS F 276 -5.25 24.31 14.18
CA LYS F 276 -6.51 24.91 13.77
C LYS F 276 -6.33 25.48 12.38
N PHE F 277 -6.49 26.78 12.20
CA PHE F 277 -6.37 27.35 10.87
C PHE F 277 -4.95 27.39 10.30
N GLY F 278 -3.97 26.91 11.05
CA GLY F 278 -2.63 26.73 10.53
C GLY F 278 -2.61 25.53 9.62
N LEU F 279 -3.60 24.65 9.74
CA LEU F 279 -3.74 23.50 8.85
C LEU F 279 -2.80 22.31 9.16
N ALA F 280 -2.05 22.38 10.27
CA ALA F 280 -1.21 21.26 10.68
C ALA F 280 -2.07 20.18 11.28
N PRO F 281 -1.61 18.92 11.29
CA PRO F 281 -2.45 17.94 11.97
C PRO F 281 -2.40 18.14 13.48
N LEU F 282 -3.31 17.52 14.25
CA LEU F 282 -3.33 17.65 15.72
C LEU F 282 -1.96 17.55 16.42
N GLY F 283 -1.72 18.46 17.37
CA GLY F 283 -0.53 18.41 18.18
C GLY F 283 0.49 19.36 17.65
N CYS F 284 0.08 20.59 17.32
CA CYS F 284 1.02 21.62 16.91
C CYS F 284 0.59 23.04 17.27
N GLY F 285 1.37 23.70 18.13
CA GLY F 285 1.16 25.11 18.50
C GLY F 285 2.40 25.95 18.29
N TRP F 286 2.28 27.27 18.35
CA TRP F 286 3.41 28.18 18.16
C TRP F 286 3.29 29.31 19.14
N VAL F 287 4.42 29.66 19.73
CA VAL F 287 4.54 30.89 20.44
C VAL F 287 5.82 31.58 19.99
N ILE F 288 5.70 32.87 19.74
CA ILE F 288 6.78 33.72 19.28
C ILE F 288 6.88 34.92 20.23
N TRP F 289 8.12 35.28 20.60
CA TRP F 289 8.44 36.52 21.32
C TRP F 289 8.98 37.59 20.38
N ARG F 290 8.76 38.85 20.74
CA ARG F 290 9.13 40.00 19.88
C ARG F 290 10.63 40.06 19.69
N ASP F 291 11.39 39.71 20.72
CA ASP F 291 12.85 39.69 20.65
C ASP F 291 13.42 39.03 21.89
N GLU F 292 14.73 38.91 22.01
CA GLU F 292 15.35 38.21 23.14
C GLU F 292 15.00 38.87 24.46
N GLU F 293 14.73 40.17 24.45
CA GLU F 293 14.41 40.81 25.71
C GLU F 293 13.02 40.44 26.21
N ALA F 294 12.13 40.04 25.31
CA ALA F 294 10.82 39.59 25.75
C ALA F 294 10.83 38.23 26.51
N LEU F 295 11.86 37.41 26.34
CA LEU F 295 11.90 36.07 26.97
C LEU F 295 13.00 35.98 28.05
N PRO F 296 12.66 36.10 29.35
CA PRO F 296 13.61 36.11 30.46
C PRO F 296 14.54 34.91 30.42
N GLN F 297 15.85 35.10 30.58
CA GLN F 297 16.78 33.98 30.48
C GLN F 297 16.52 32.90 31.53
N GLU F 298 16.08 33.29 32.71
CA GLU F 298 15.76 32.37 33.80
C GLU F 298 14.81 31.22 33.35
N LEU F 299 14.05 31.44 32.29
CA LEU F 299 13.10 30.45 31.83
C LEU F 299 13.67 29.53 30.72
N VAL F 300 14.85 29.86 30.22
CA VAL F 300 15.52 29.08 29.17
C VAL F 300 16.43 28.03 29.79
N PHE F 301 16.41 26.81 29.27
CA PHE F 301 17.30 25.80 29.81
C PHE F 301 18.23 25.27 28.77
N ASN F 302 19.51 25.20 29.11
CA ASN F 302 20.55 24.70 28.20
C ASN F 302 20.72 23.20 28.34
N VAL F 303 20.58 22.53 27.20
CA VAL F 303 20.94 21.13 27.06
C VAL F 303 22.20 21.06 26.19
N ASP F 304 23.16 20.21 26.59
CA ASP F 304 24.35 19.93 25.78
C ASP F 304 24.03 18.94 24.68
N TYR F 305 24.59 19.20 23.49
CA TYR F 305 24.53 18.31 22.33
C TYR F 305 25.95 18.20 21.81
N LEU F 306 26.21 17.36 20.80
CA LEU F 306 27.50 17.45 20.10
C LEU F 306 27.68 18.80 19.34
N GLY F 307 26.61 19.32 18.75
CA GLY F 307 26.71 20.51 17.90
C GLY F 307 27.10 21.83 18.58
N GLY F 308 27.24 21.80 19.90
CA GLY F 308 27.24 23.00 20.76
C GLY F 308 26.17 22.83 21.84
N GLN F 309 25.58 23.92 22.32
CA GLN F 309 24.43 23.79 23.23
C GLN F 309 23.23 24.58 22.77
N ILE F 310 22.04 24.05 23.01
CA ILE F 310 20.83 24.70 22.50
C ILE F 310 19.80 24.84 23.63
N GLY F 311 19.30 26.07 23.80
CA GLY F 311 18.34 26.43 24.82
C GLY F 311 16.93 26.01 24.46
N THR F 312 16.21 25.40 25.39
CA THR F 312 14.78 25.15 25.24
C THR F 312 13.93 25.90 26.27
N PHE F 313 12.89 26.58 25.80
CA PHE F 313 11.83 26.95 26.70
C PHE F 313 10.56 26.25 26.28
N ALA F 314 10.25 25.12 26.92
CA ALA F 314 9.09 24.34 26.52
C ALA F 314 8.69 23.47 27.67
N ILE F 315 7.38 23.30 27.82
CA ILE F 315 6.91 22.48 28.92
C ILE F 315 7.33 21.04 28.67
N ASN F 316 6.95 20.45 27.52
CA ASN F 316 7.32 19.07 27.16
C ASN F 316 8.76 18.93 26.72
N PHE F 317 9.31 17.72 26.86
CA PHE F 317 10.68 17.43 26.43
C PHE F 317 10.66 16.47 25.21
N SER F 318 10.78 15.16 25.41
CA SER F 318 10.63 14.25 24.27
C SER F 318 9.24 14.35 23.64
N ARG F 319 9.16 14.39 22.31
CA ARG F 319 7.88 14.20 21.56
C ARG F 319 8.06 14.14 20.05
N PRO F 320 7.04 13.69 19.30
CA PRO F 320 7.22 13.49 17.86
C PRO F 320 7.41 14.77 17.02
N ALA F 321 8.15 14.70 15.94
CA ALA F 321 8.42 15.88 15.13
C ALA F 321 7.53 15.93 13.91
N GLY F 322 6.69 14.91 13.70
CA GLY F 322 5.85 14.84 12.53
C GLY F 322 4.98 16.08 12.33
N GLN F 323 4.38 16.58 13.39
CA GLN F 323 3.48 17.72 13.22
C GLN F 323 4.19 18.99 12.76
N VAL F 324 5.42 19.20 13.20
CA VAL F 324 6.17 20.32 12.72
C VAL F 324 6.47 20.11 11.26
N ILE F 325 6.84 18.89 10.90
CA ILE F 325 7.18 18.62 9.51
C ILE F 325 5.93 18.87 8.63
N ALA F 326 4.78 18.35 9.04
CA ALA F 326 3.55 18.55 8.31
C ALA F 326 3.24 20.05 8.23
N GLN F 327 3.48 20.79 9.32
CA GLN F 327 3.20 22.23 9.30
C GLN F 327 4.00 22.89 8.16
N TYR F 328 5.26 22.48 8.04
CA TYR F 328 6.13 23.00 7.02
C TYR F 328 5.59 22.65 5.63
N TYR F 329 5.01 21.47 5.49
CA TYR F 329 4.51 21.01 4.20
C TYR F 329 3.41 21.95 3.74
N GLU F 330 2.46 22.23 4.63
CA GLU F 330 1.41 23.20 4.39
C GLU F 330 2.02 24.54 4.09
N PHE F 331 2.97 25.01 4.89
CA PHE F 331 3.57 26.32 4.62
C PHE F 331 4.11 26.40 3.18
N LEU F 332 5.06 25.50 2.85
CA LEU F 332 5.69 25.36 1.54
C LEU F 332 4.72 25.29 0.39
N ARG F 333 3.77 24.39 0.49
CA ARG F 333 2.90 24.12 -0.63
C ARG F 333 1.92 25.27 -0.85
N LEU F 334 1.58 26.03 0.21
CA LEU F 334 0.55 27.10 0.10
C LEU F 334 1.12 28.49 -0.11
N GLY F 335 2.08 28.89 0.71
CA GLY F 335 2.50 30.29 0.73
C GLY F 335 1.35 31.23 1.07
N ARG F 336 1.57 32.52 0.91
CA ARG F 336 0.50 33.47 1.19
C ARG F 336 -0.62 33.29 0.21
N GLU F 337 -0.28 32.98 -1.03
CA GLU F 337 -1.28 32.97 -2.06
C GLU F 337 -2.28 31.83 -1.78
N GLY F 338 -1.76 30.67 -1.36
CA GLY F 338 -2.59 29.51 -1.12
C GLY F 338 -3.41 29.66 0.14
N TYR F 339 -2.78 30.13 1.21
CA TYR F 339 -3.49 30.30 2.46
C TYR F 339 -4.63 31.29 2.23
N THR F 340 -4.41 32.35 1.46
CA THR F 340 -5.44 33.34 1.27
C THR F 340 -6.67 32.69 0.66
N LYS F 341 -6.40 31.82 -0.32
CA LYS F 341 -7.44 31.12 -1.06
C LYS F 341 -8.17 30.11 -0.16
N VAL F 342 -7.42 29.28 0.55
CA VAL F 342 -8.04 28.36 1.50
C VAL F 342 -8.92 29.11 2.54
N GLN F 343 -8.34 30.06 3.26
CA GLN F 343 -9.07 30.74 4.30
C GLN F 343 -10.29 31.47 3.74
N ASN F 344 -10.17 32.01 2.53
CA ASN F 344 -11.33 32.67 1.89
C ASN F 344 -12.48 31.71 1.66
N ALA F 345 -12.13 30.47 1.33
CA ALA F 345 -13.14 29.51 0.99
C ALA F 345 -13.97 29.24 2.25
N SER F 346 -13.32 29.23 3.40
CA SER F 346 -14.04 28.97 4.65
C SER F 346 -14.90 30.12 5.06
N TYR F 347 -14.42 31.35 4.91
CA TYR F 347 -15.24 32.53 5.13
C TYR F 347 -16.44 32.60 4.21
N GLN F 348 -16.31 32.10 2.98
CA GLN F 348 -17.46 32.16 2.06
C GLN F 348 -18.57 31.25 2.58
N VAL F 349 -18.22 30.03 3.02
CA VAL F 349 -19.17 29.09 3.57
C VAL F 349 -19.88 29.66 4.79
N ALA F 350 -19.12 30.26 5.69
CA ALA F 350 -19.69 30.83 6.88
C ALA F 350 -20.65 31.96 6.51
N ALA F 351 -20.22 32.82 5.59
CA ALA F 351 -21.05 33.97 5.21
C ALA F 351 -22.34 33.46 4.64
N TYR F 352 -22.29 32.36 3.92
CA TYR F 352 -23.47 31.88 3.24
C TYR F 352 -24.46 31.31 4.26
N LEU F 353 -23.97 30.43 5.14
CA LEU F 353 -24.79 29.90 6.23
C LEU F 353 -25.44 30.98 7.07
N ALA F 354 -24.71 32.04 7.38
CA ALA F 354 -25.28 33.14 8.09
C ALA F 354 -26.45 33.78 7.32
N ASP F 355 -26.28 34.06 6.02
CA ASP F 355 -27.40 34.62 5.22
C ASP F 355 -28.54 33.65 5.12
N GLU F 356 -28.25 32.35 4.99
CA GLU F 356 -29.33 31.41 4.82
C GLU F 356 -30.07 31.13 6.11
N ILE F 357 -29.32 30.94 7.19
CA ILE F 357 -29.93 30.70 8.50
C ILE F 357 -30.81 31.88 8.94
N ALA F 358 -30.42 33.12 8.62
CA ALA F 358 -31.19 34.28 9.08
C ALA F 358 -32.62 34.20 8.59
N LYS F 359 -32.83 33.54 7.47
CA LYS F 359 -34.15 33.50 6.84
C LYS F 359 -35.09 32.50 7.46
N LEU F 360 -34.61 31.68 8.38
CA LEU F 360 -35.39 30.52 8.84
C LEU F 360 -36.01 30.69 10.23
N GLY F 361 -35.64 31.75 10.95
CA GLY F 361 -36.21 32.00 12.25
C GLY F 361 -35.80 33.35 12.82
N PRO F 362 -36.32 33.68 14.03
CA PRO F 362 -36.13 34.97 14.69
C PRO F 362 -34.80 34.97 15.49
N TYR F 363 -33.70 35.08 14.76
CA TYR F 363 -32.36 34.98 15.32
C TYR F 363 -31.64 36.33 15.37
N GLU F 364 -30.75 36.47 16.34
CA GLU F 364 -29.91 37.62 16.54
C GLU F 364 -28.50 37.08 16.35
N PHE F 365 -27.73 37.66 15.43
CA PHE F 365 -26.40 37.13 15.11
C PHE F 365 -25.29 37.81 15.90
N ILE F 366 -24.47 37.03 16.57
CA ILE F 366 -23.34 37.55 17.30
C ILE F 366 -22.14 37.55 16.41
N CYS F 367 -22.13 36.62 15.46
CA CYS F 367 -21.03 36.52 14.50
C CYS F 367 -21.56 35.97 13.21
N THR F 368 -21.18 36.62 12.12
CA THR F 368 -21.72 36.30 10.80
C THR F 368 -20.61 35.92 9.83
N GLY F 369 -19.45 35.51 10.34
CA GLY F 369 -18.41 34.97 9.48
C GLY F 369 -17.78 35.99 8.55
N ARG F 370 -17.58 37.21 9.04
CA ARG F 370 -16.98 38.24 8.22
C ARG F 370 -15.46 38.31 8.50
N PRO F 371 -14.63 38.49 7.47
CA PRO F 371 -13.20 38.35 7.73
C PRO F 371 -12.66 39.49 8.57
N ASP F 372 -13.42 40.58 8.59
CA ASP F 372 -13.02 41.79 9.28
C ASP F 372 -13.50 41.85 10.73
N GLU F 373 -14.21 40.81 11.18
CA GLU F 373 -14.81 40.77 12.51
C GLU F 373 -14.45 39.58 13.35
N GLY F 374 -13.76 38.62 12.77
CA GLY F 374 -13.56 37.34 13.41
C GLY F 374 -13.22 36.21 12.46
N ILE F 375 -13.39 34.99 12.96
CA ILE F 375 -13.00 33.74 12.29
C ILE F 375 -14.17 33.19 11.49
N PRO F 376 -13.98 32.11 10.72
CA PRO F 376 -15.12 31.66 9.88
C PRO F 376 -16.16 30.96 10.74
N ALA F 377 -17.00 31.72 11.41
CA ALA F 377 -17.96 31.10 12.28
C ALA F 377 -19.28 31.81 12.16
N VAL F 378 -20.34 31.10 12.45
CA VAL F 378 -21.62 31.72 12.58
C VAL F 378 -22.11 31.39 13.98
N CYS F 379 -22.51 32.42 14.70
CA CYS F 379 -22.96 32.26 16.06
C CYS F 379 -24.17 33.17 16.25
N PHE F 380 -25.30 32.58 16.63
CA PHE F 380 -26.52 33.31 16.84
C PHE F 380 -27.32 32.79 18.05
N LYS F 381 -28.40 33.50 18.37
CA LYS F 381 -29.28 33.18 19.51
C LYS F 381 -30.71 33.53 19.13
N LEU F 382 -31.70 33.02 19.86
CA LEU F 382 -33.07 33.50 19.62
C LEU F 382 -33.20 34.99 19.99
N LYS F 383 -34.01 35.70 19.22
CA LYS F 383 -34.34 37.05 19.61
C LYS F 383 -35.05 37.08 20.97
N ASP F 384 -34.69 38.08 21.77
CA ASP F 384 -35.30 38.24 23.07
C ASP F 384 -36.80 38.20 22.94
N GLY F 385 -37.45 37.44 23.82
CA GLY F 385 -38.90 37.47 23.96
C GLY F 385 -39.60 37.00 22.69
N GLU F 386 -38.87 36.17 21.96
CA GLU F 386 -39.42 35.57 20.77
C GLU F 386 -39.56 34.07 21.04
N ASP F 387 -40.75 33.51 20.87
CA ASP F 387 -40.90 32.05 21.05
C ASP F 387 -41.35 31.29 19.80
N PRO F 388 -40.38 30.77 19.06
CA PRO F 388 -40.71 30.14 17.80
C PRO F 388 -41.11 28.67 17.95
N GLY F 389 -41.20 28.15 19.17
CA GLY F 389 -41.63 26.76 19.38
C GLY F 389 -40.52 25.74 19.63
N TYR F 390 -39.29 26.22 19.81
CA TYR F 390 -38.13 25.39 20.12
C TYR F 390 -37.05 26.25 20.77
N THR F 391 -36.21 25.61 21.56
CA THR F 391 -34.99 26.19 21.99
C THR F 391 -33.88 25.67 21.07
N LEU F 392 -32.78 26.40 20.98
CA LEU F 392 -31.71 25.91 20.15
C LEU F 392 -31.24 24.54 20.62
N TYR F 393 -31.46 24.19 21.89
CA TYR F 393 -31.05 22.84 22.37
C TYR F 393 -31.83 21.78 21.61
N ASP F 394 -33.15 22.00 21.56
CA ASP F 394 -34.06 21.20 20.79
C ASP F 394 -33.62 21.09 19.36
N LEU F 395 -33.31 22.22 18.75
CA LEU F 395 -32.88 22.17 17.39
C LEU F 395 -31.55 21.39 17.26
N SER F 396 -30.67 21.49 18.25
CA SER F 396 -29.39 20.81 18.21
C SER F 396 -29.50 19.29 18.26
N GLU F 397 -30.53 18.79 18.95
CA GLU F 397 -30.76 17.36 19.10
C GLU F 397 -31.37 16.73 17.86
N ARG F 398 -32.31 17.44 17.22
CA ARG F 398 -32.87 17.06 15.92
C ARG F 398 -31.76 16.95 14.91
N LEU F 399 -30.78 17.83 14.97
CA LEU F 399 -29.68 17.75 14.01
C LEU F 399 -28.74 16.56 14.30
N ARG F 400 -28.44 16.27 15.58
CA ARG F 400 -27.67 15.05 15.92
C ARG F 400 -28.29 13.79 15.31
N LEU F 401 -29.61 13.76 15.23
CA LEU F 401 -30.28 12.67 14.53
C LEU F 401 -29.95 12.60 13.05
N ARG F 402 -29.62 13.72 12.43
CA ARG F 402 -29.27 13.70 11.01
C ARG F 402 -27.74 13.61 10.79
N GLY F 403 -27.00 13.39 11.88
CA GLY F 403 -25.53 13.24 11.84
C GLY F 403 -24.69 14.43 12.27
N TRP F 404 -25.27 15.61 12.37
CA TRP F 404 -24.49 16.79 12.67
C TRP F 404 -24.37 17.03 14.13
N GLN F 405 -23.20 17.50 14.53
CA GLN F 405 -23.03 17.98 15.87
C GLN F 405 -22.86 19.48 15.75
N VAL F 406 -23.95 20.19 16.04
CA VAL F 406 -23.96 21.63 16.03
C VAL F 406 -24.22 22.06 17.46
N PRO F 407 -23.20 22.52 18.15
CA PRO F 407 -23.30 22.83 19.60
C PRO F 407 -24.25 23.97 19.96
N ALA F 408 -25.03 23.74 21.00
CA ALA F 408 -25.80 24.81 21.61
C ALA F 408 -25.33 24.86 23.04
N PHE F 409 -25.07 26.08 23.54
CA PHE F 409 -24.49 26.27 24.86
C PHE F 409 -24.76 27.66 25.40
N THR F 410 -24.58 27.82 26.70
CA THR F 410 -24.78 29.10 27.34
C THR F 410 -23.41 29.79 27.42
N LEU F 411 -23.42 31.12 27.37
CA LEU F 411 -22.20 31.92 27.50
C LEU F 411 -21.77 32.07 28.98
N GLY F 412 -20.63 32.72 29.24
CA GLY F 412 -20.16 32.97 30.62
C GLY F 412 -20.61 34.28 31.32
N GLY F 413 -20.01 34.51 32.49
CA GLY F 413 -20.18 35.74 33.27
C GLY F 413 -21.60 36.25 33.48
N GLU F 414 -21.87 37.46 33.01
CA GLU F 414 -23.20 38.01 33.19
C GLU F 414 -24.22 37.48 32.13
N ALA F 415 -23.71 36.91 31.02
CA ALA F 415 -24.58 36.38 29.96
C ALA F 415 -24.83 34.87 30.10
N THR F 416 -24.54 34.37 31.29
CA THR F 416 -24.87 33.04 31.78
C THR F 416 -26.28 32.57 31.36
N ASP F 417 -27.14 33.54 31.14
CA ASP F 417 -28.53 33.31 30.86
C ASP F 417 -28.77 33.00 29.39
N ILE F 418 -27.87 33.44 28.51
CA ILE F 418 -28.02 33.32 27.04
C ILE F 418 -27.52 31.98 26.43
N VAL F 419 -28.32 31.47 25.50
CA VAL F 419 -28.08 30.19 24.87
C VAL F 419 -27.83 30.55 23.43
N VAL F 420 -26.69 30.12 22.91
CA VAL F 420 -26.35 30.31 21.50
C VAL F 420 -26.10 29.00 20.78
N MET F 421 -26.13 29.10 19.46
CA MET F 421 -25.66 28.06 18.56
C MET F 421 -24.46 28.64 17.84
N ARG F 422 -23.39 27.84 17.73
CA ARG F 422 -22.17 28.23 17.03
C ARG F 422 -21.78 27.18 15.98
N ILE F 423 -21.36 27.60 14.80
CA ILE F 423 -21.03 26.68 13.74
C ILE F 423 -19.62 27.01 13.32
N MET F 424 -18.67 26.08 13.44
CA MET F 424 -17.28 26.32 12.97
C MET F 424 -17.10 25.80 11.59
N CYS F 425 -16.71 26.66 10.66
CA CYS F 425 -16.48 26.24 9.28
C CYS F 425 -15.01 25.97 9.06
N ARG F 426 -14.58 24.71 9.05
CA ARG F 426 -13.15 24.51 8.84
C ARG F 426 -12.88 23.84 7.51
N ARG F 427 -11.61 23.68 7.17
CA ARG F 427 -11.25 23.11 5.87
C ARG F 427 -11.89 21.70 5.72
N GLY F 428 -12.60 21.49 4.61
CA GLY F 428 -13.27 20.22 4.36
C GLY F 428 -14.78 20.40 4.38
N PHE F 429 -15.25 21.39 5.14
CA PHE F 429 -16.67 21.66 5.19
C PHE F 429 -17.00 22.65 4.08
N GLU F 430 -17.14 22.13 2.87
CA GLU F 430 -17.29 22.98 1.70
C GLU F 430 -18.72 23.38 1.43
N MET F 431 -18.91 24.22 0.41
CA MET F 431 -20.23 24.72 0.02
C MET F 431 -21.27 23.60 -0.10
N ASP F 432 -20.93 22.49 -0.74
CA ASP F 432 -21.88 21.36 -0.83
C ASP F 432 -22.38 20.88 0.51
N PHE F 433 -21.47 20.75 1.47
CA PHE F 433 -21.84 20.23 2.74
C PHE F 433 -22.67 21.25 3.46
N ALA F 434 -22.32 22.52 3.33
CA ALA F 434 -23.16 23.58 3.85
C ALA F 434 -24.57 23.40 3.31
N GLU F 435 -24.73 23.10 2.01
CA GLU F 435 -26.05 22.98 1.38
C GLU F 435 -26.90 21.94 2.07
N LEU F 436 -26.24 20.83 2.35
CA LEU F 436 -26.87 19.71 2.98
C LEU F 436 -27.32 20.00 4.41
N LEU F 437 -26.43 20.58 5.22
CA LEU F 437 -26.77 21.02 6.57
C LEU F 437 -28.08 21.80 6.54
N LEU F 438 -28.17 22.74 5.60
CA LEU F 438 -29.33 23.63 5.51
C LEU F 438 -30.58 22.80 5.24
N GLU F 439 -30.45 21.78 4.39
CA GLU F 439 -31.59 20.90 4.17
C GLU F 439 -32.02 20.16 5.45
N ASP F 440 -31.06 19.63 6.19
CA ASP F 440 -31.33 19.03 7.47
C ASP F 440 -31.83 20.04 8.48
N TYR F 441 -31.35 21.27 8.37
CA TYR F 441 -31.80 22.32 9.26
C TYR F 441 -33.31 22.61 8.99
N LYS F 442 -33.68 22.81 7.73
CA LYS F 442 -35.09 22.98 7.36
C LYS F 442 -35.95 21.81 7.81
N ALA F 443 -35.61 20.59 7.40
CA ALA F 443 -36.36 19.43 7.87
C ALA F 443 -36.51 19.41 9.40
N SER F 444 -35.49 19.86 10.13
CA SER F 444 -35.58 19.84 11.59
C SER F 444 -36.62 20.83 12.09
N LEU F 445 -36.62 22.05 11.59
CA LEU F 445 -37.64 23.00 11.99
C LEU F 445 -39.04 22.42 11.77
N LYS F 446 -39.22 21.76 10.63
CA LYS F 446 -40.52 21.30 10.25
C LYS F 446 -40.94 20.18 11.22
N TYR F 447 -39.97 19.37 11.65
CA TYR F 447 -40.28 18.33 12.62
C TYR F 447 -40.76 18.90 13.95
N LEU F 448 -40.05 19.89 14.47
CA LEU F 448 -40.38 20.55 15.74
C LEU F 448 -41.67 21.28 15.63
N SER F 449 -41.90 21.92 14.50
CA SER F 449 -43.17 22.57 14.31
C SER F 449 -44.30 21.54 14.42
N ASP F 450 -44.09 20.35 13.84
CA ASP F 450 -45.12 19.32 13.78
C ASP F 450 -45.29 18.56 15.07
N HIS F 451 -44.32 18.66 15.95
CA HIS F 451 -44.42 17.99 17.24
C HIS F 451 -44.06 19.04 18.28
N PRO F 452 -45.03 19.88 18.64
CA PRO F 452 -44.79 20.96 19.59
C PRO F 452 -44.42 20.41 20.97
N LYS F 453 -44.80 19.16 21.25
CA LYS F 453 -44.48 18.48 22.52
C LYS F 453 -43.00 18.47 22.84
N LEU F 454 -42.16 18.51 21.82
CA LEU F 454 -40.71 18.39 21.98
C LEU F 454 -40.05 19.62 22.59
N GLN F 455 -40.70 20.77 22.46
CA GLN F 455 -40.21 22.04 23.00
C GLN F 455 -39.88 21.97 24.47
N GLY F 456 -38.64 22.33 24.80
CA GLY F 456 -38.28 22.59 26.19
C GLY F 456 -37.58 21.41 26.84
N ILE F 457 -37.75 20.22 26.25
CA ILE F 457 -37.21 19.01 26.83
C ILE F 457 -35.68 19.04 26.95
N ALA F 458 -34.97 19.15 25.83
CA ALA F 458 -33.49 19.07 25.82
C ALA F 458 -32.81 20.24 26.53
N GLN F 459 -31.78 19.96 27.32
CA GLN F 459 -31.06 21.02 28.05
C GLN F 459 -29.61 20.79 28.53
N GLN F 460 -28.87 19.90 27.85
CA GLN F 460 -27.45 19.72 28.16
C GLN F 460 -26.58 20.50 27.16
N ASN F 461 -25.64 21.26 27.71
CA ASN F 461 -24.66 22.05 26.93
C ASN F 461 -23.73 21.11 26.20
N SER F 462 -23.47 21.39 24.92
CA SER F 462 -22.48 20.66 24.15
C SER F 462 -21.09 21.14 24.51
N PHE F 463 -20.10 20.31 24.19
CA PHE F 463 -18.67 20.63 24.28
C PHE F 463 -18.49 21.91 23.52
N LYS F 464 -17.98 22.92 24.22
CA LYS F 464 -17.71 24.21 23.60
C LYS F 464 -16.23 24.61 23.40
N HIS F 465 -15.30 23.84 23.93
CA HIS F 465 -13.97 24.41 24.10
C HIS F 465 -12.96 24.31 22.98
N THR F 466 -13.16 23.41 22.01
CA THR F 466 -12.20 23.32 20.93
C THR F 466 -12.53 22.30 19.87
N1 PMP G . -35.76 -13.82 1.77
C2 PMP G . -35.66 -13.46 3.10
C2A PMP G . -36.20 -14.32 4.21
C3 PMP G . -34.81 -12.43 3.46
O3 PMP G . -34.52 -12.26 4.81
C4 PMP G . -34.30 -11.61 2.44
C4A PMP G . -33.60 -10.36 2.82
N4A PMP G . -34.48 -9.71 3.75
C5 PMP G . -34.50 -11.92 1.09
C6 PMP G . -35.24 -13.05 0.76
C5A PMP G . -33.95 -11.05 -0.05
O4P PMP G . -32.53 -11.11 -0.03
P PMP G . -31.49 -10.28 -0.93
O1P PMP G . -30.19 -11.05 -0.63
O2P PMP G . -31.48 -8.86 -0.40
O3P PMP G . -31.93 -10.18 -2.38
XE XE H . -28.34 -24.05 -13.73
N1 PMP I . -28.65 -6.01 -24.97
C2 PMP I . -27.68 -5.89 -25.97
C2A PMP I . -28.00 -5.20 -27.26
C3 PMP I . -26.39 -6.27 -25.68
O3 PMP I . -25.37 -6.04 -26.57
C4 PMP I . -26.11 -6.91 -24.49
C4A PMP I . -24.75 -7.57 -24.46
N4A PMP I . -24.91 -8.37 -23.25
C5 PMP I . -27.06 -6.93 -23.43
C6 PMP I . -28.30 -6.34 -23.68
C5A PMP I . -26.87 -7.57 -22.04
O4P PMP I . -26.22 -6.69 -21.12
P PMP I . -25.41 -7.13 -19.78
O1P PMP I . -24.74 -5.87 -19.33
O2P PMP I . -24.34 -8.14 -20.07
O3P PMP I . -26.38 -7.67 -18.73
XE XE J . -38.18 3.29 -10.37
N1 PMP K . 24.25 -24.22 -16.94
C2 PMP K . 23.20 -25.12 -17.03
C2A PMP K . 23.43 -26.60 -16.99
C3 PMP K . 21.92 -24.64 -17.27
O3 PMP K . 20.88 -25.50 -17.49
C4 PMP K . 21.71 -23.27 -17.33
C4A PMP K . 20.27 -22.81 -17.48
N4A PMP K . 20.23 -22.83 -18.93
C5 PMP K . 22.79 -22.38 -17.33
C6 PMP K . 24.08 -22.91 -17.26
C5A PMP K . 22.63 -20.86 -17.42
O4P PMP K . 22.18 -20.27 -16.21
P PMP K . 21.77 -18.72 -16.07
O1P PMP K . 21.57 -18.54 -14.60
O2P PMP K . 20.45 -18.47 -16.78
O3P PMP K . 22.85 -17.87 -16.65
XE XE L . 36.53 -14.80 -4.78
N1 PMP M . 34.19 2.32 -16.95
C2 PMP M . 34.43 3.54 -16.31
C2A PMP M . 35.21 4.68 -16.94
C3 PMP M . 33.91 3.77 -15.05
O3 PMP M . 34.12 4.98 -14.43
C4 PMP M . 33.18 2.77 -14.43
C4A PMP M . 32.60 3.09 -13.09
N4A PMP M . 33.82 2.87 -12.35
C5 PMP M . 33.04 1.51 -15.00
C6 PMP M . 33.61 1.29 -16.27
C5A PMP M . 32.30 0.39 -14.27
O4P PMP M . 30.89 0.54 -14.48
P PMP M . 29.80 -0.42 -13.82
O1P PMP M . 28.52 0.24 -14.25
O2P PMP M . 30.12 -0.34 -12.35
O3P PMP M . 29.87 -1.87 -14.26
XE XE N . 24.15 -8.03 -30.42
N1 PMP O . 12.43 11.93 34.21
C2 PMP O . 13.53 11.10 34.09
C2A PMP O . 13.97 10.21 35.22
C3 PMP O . 14.02 10.80 32.83
O3 PMP O . 14.89 9.74 32.66
C4 PMP O . 13.65 11.63 31.78
C4A PMP O . 14.50 11.55 30.52
N4A PMP O . 13.36 11.30 29.66
C5 PMP O . 12.52 12.49 31.90
C6 PMP O . 12.00 12.68 33.17
C5A PMP O . 11.90 13.26 30.73
O4P PMP O . 10.82 12.58 30.10
P PMP O . 10.22 12.90 28.63
O1P PMP O . 9.44 11.64 28.42
O2P PMP O . 11.31 13.03 27.60
O3P PMP O . 9.31 14.14 28.61
XE XE P . -7.22 13.30 36.48
N1 PMP Q . -6.98 29.63 23.19
C2 PMP Q . -8.01 29.77 22.26
C2A PMP Q . -8.55 31.10 21.79
C3 PMP Q . -8.66 28.63 21.80
O3 PMP Q . -9.76 28.80 20.96
C4 PMP Q . -8.20 27.35 22.17
C4A PMP Q . -8.94 26.15 21.65
N4A PMP Q . -10.28 26.23 22.16
C5 PMP Q . -7.09 27.20 23.02
C6 PMP Q . -6.48 28.38 23.49
C5A PMP Q . -6.56 25.81 23.43
O4P PMP Q . -5.80 25.26 22.35
P PMP Q . -5.21 23.77 22.16
O1P PMP Q . -4.58 23.84 20.78
O2P PMP Q . -6.30 22.75 22.22
O3P PMP Q . -4.25 23.46 23.27
XE XE R . 13.21 29.33 23.18
#